data_4CPG
#
_entry.id   4CPG
#
_cell.length_a   1.000
_cell.length_b   1.000
_cell.length_c   1.000
_cell.angle_alpha   90.00
_cell.angle_beta   90.00
_cell.angle_gamma   90.00
#
_symmetry.space_group_name_H-M   'P 1'
#
_entity_poly.entity_id   1
_entity_poly.type   'polypeptide(L)'
_entity_poly.pdbx_seq_one_letter_code
;MAHHHHHHVDDDDKMDNKKRLAYAIIQFLHDQLRHGGLSSDAQESLEVAIQCLETAFGVTVEDSDLALPQTLPEIFEAAA
TGK
;
_entity_poly.pdbx_strand_id   A,B
#
# COMPACT_ATOMS: atom_id res chain seq x y z
N MET A 15 16.76 -7.01 -1.00
CA MET A 15 16.41 -6.28 0.23
C MET A 15 14.90 -6.16 0.36
N ASP A 16 14.41 -6.14 1.59
CA ASP A 16 12.98 -6.08 1.84
C ASP A 16 12.48 -4.65 1.76
N ASN A 17 12.34 -4.15 0.55
CA ASN A 17 11.80 -2.81 0.32
C ASN A 17 10.32 -2.80 0.65
N LYS A 18 9.73 -3.99 0.64
CA LYS A 18 8.31 -4.16 0.87
C LYS A 18 7.92 -3.72 2.28
N LYS A 19 8.87 -3.80 3.21
CA LYS A 19 8.64 -3.29 4.57
C LYS A 19 8.48 -1.78 4.51
N ARG A 20 9.43 -1.16 3.84
CA ARG A 20 9.46 0.29 3.70
C ARG A 20 8.23 0.75 2.95
N LEU A 21 7.83 -0.03 1.95
CA LEU A 21 6.61 0.21 1.21
C LEU A 21 5.42 0.30 2.17
N ALA A 22 5.24 -0.74 2.98
CA ALA A 22 4.15 -0.80 3.91
C ALA A 22 4.20 0.33 4.93
N TYR A 23 5.34 0.48 5.58
CA TYR A 23 5.46 1.43 6.67
C TYR A 23 5.36 2.88 6.19
N ALA A 24 5.96 3.18 5.05
CA ALA A 24 5.88 4.54 4.50
C ALA A 24 4.45 4.88 4.14
N ILE A 25 3.72 3.88 3.65
CA ILE A 25 2.30 4.03 3.37
C ILE A 25 1.53 4.17 4.69
N ILE A 26 1.93 3.40 5.70
CA ILE A 26 1.38 3.51 7.04
C ILE A 26 1.46 4.95 7.56
N GLN A 27 2.62 5.57 7.40
CA GLN A 27 2.85 6.93 7.87
C GLN A 27 1.95 7.93 7.15
N PHE A 28 1.96 7.85 5.82
CA PHE A 28 1.17 8.77 5.00
C PHE A 28 -0.32 8.58 5.28
N LEU A 29 -0.76 7.33 5.32
CA LEU A 29 -2.16 7.00 5.58
C LEU A 29 -2.56 7.39 7.00
N HIS A 30 -1.62 7.31 7.93
CA HIS A 30 -1.85 7.72 9.31
C HIS A 30 -2.30 9.18 9.37
N ASP A 31 -1.52 10.05 8.76
CA ASP A 31 -1.80 11.48 8.79
C ASP A 31 -2.88 11.85 7.78
N GLN A 32 -3.03 11.02 6.75
CA GLN A 32 -4.11 11.20 5.79
C GLN A 32 -5.44 10.93 6.47
N LEU A 33 -5.42 9.94 7.37
CA LEU A 33 -6.57 9.59 8.18
C LEU A 33 -6.95 10.77 9.06
N ARG A 34 -5.94 11.35 9.70
CA ARG A 34 -6.12 12.49 10.57
C ARG A 34 -6.62 13.70 9.79
N HIS A 35 -6.08 13.89 8.59
CA HIS A 35 -6.44 15.02 7.75
C HIS A 35 -7.84 14.84 7.16
N GLY A 36 -8.29 13.59 7.09
CA GLY A 36 -9.62 13.30 6.58
C GLY A 36 -9.66 13.31 5.08
N GLY A 37 -8.61 12.78 4.45
CA GLY A 37 -8.54 12.74 3.00
C GLY A 37 -9.67 11.94 2.38
N LEU A 38 -9.90 10.75 2.92
CA LEU A 38 -10.98 9.90 2.42
C LEU A 38 -12.28 10.24 3.14
N SER A 39 -13.32 9.48 2.85
CA SER A 39 -14.61 9.65 3.52
C SER A 39 -14.61 8.90 4.86
N SER A 40 -15.66 9.06 5.66
CA SER A 40 -15.70 8.50 7.00
C SER A 40 -15.50 6.98 6.99
N ASP A 41 -16.37 6.27 6.29
CA ASP A 41 -16.32 4.81 6.26
C ASP A 41 -15.01 4.35 5.62
N ALA A 42 -14.57 5.09 4.62
CA ALA A 42 -13.31 4.82 3.95
C ALA A 42 -12.14 4.93 4.92
N GLN A 43 -12.12 6.04 5.67
CA GLN A 43 -11.11 6.28 6.70
C GLN A 43 -11.07 5.16 7.72
N GLU A 44 -12.21 4.92 8.35
CA GLU A 44 -12.36 3.84 9.32
C GLU A 44 -11.82 2.51 8.78
N SER A 45 -12.19 2.17 7.56
CA SER A 45 -11.71 0.93 6.93
C SER A 45 -10.20 1.04 6.66
N LEU A 46 -9.77 2.24 6.29
CA LEU A 46 -8.38 2.53 6.00
C LEU A 46 -7.52 2.37 7.25
N GLU A 47 -8.07 2.79 8.39
CA GLU A 47 -7.39 2.64 9.68
C GLU A 47 -7.14 1.16 9.96
N VAL A 48 -8.14 0.34 9.68
CA VAL A 48 -8.01 -1.10 9.82
C VAL A 48 -6.94 -1.62 8.87
N ALA A 49 -6.97 -1.11 7.64
CA ALA A 49 -5.99 -1.48 6.62
C ALA A 49 -4.57 -1.21 7.09
N ILE A 50 -4.36 -0.05 7.70
CA ILE A 50 -3.06 0.33 8.24
C ILE A 50 -2.53 -0.73 9.21
N GLN A 51 -3.34 -1.04 10.21
CA GLN A 51 -2.95 -1.98 11.26
C GLN A 51 -2.79 -3.40 10.70
N CYS A 52 -3.53 -3.70 9.64
CA CYS A 52 -3.40 -4.98 8.98
C CYS A 52 -2.12 -5.03 8.16
N LEU A 53 -1.82 -3.94 7.44
CA LEU A 53 -0.59 -3.86 6.65
C LEU A 53 0.64 -3.98 7.55
N GLU A 54 0.57 -3.34 8.72
CA GLU A 54 1.63 -3.43 9.71
C GLU A 54 1.91 -4.89 10.08
N THR A 55 0.84 -5.61 10.36
CA THR A 55 0.94 -7.01 10.76
C THR A 55 1.25 -7.92 9.57
N ALA A 56 0.76 -7.52 8.40
CA ALA A 56 0.93 -8.28 7.17
C ALA A 56 2.40 -8.39 6.78
N PHE A 57 3.04 -7.25 6.57
CA PHE A 57 4.42 -7.22 6.16
C PHE A 57 5.35 -7.49 7.34
N GLY A 58 4.76 -7.56 8.54
CA GLY A 58 5.53 -7.78 9.74
C GLY A 58 6.41 -6.60 10.08
N VAL A 59 5.95 -5.41 9.74
CA VAL A 59 6.72 -4.20 9.94
C VAL A 59 6.36 -3.54 11.26
N THR A 60 7.21 -2.65 11.72
CA THR A 60 7.00 -1.95 12.97
C THR A 60 7.47 -0.50 12.86
N VAL A 61 7.49 0.21 13.97
CA VAL A 61 8.01 1.56 13.99
C VAL A 61 9.55 1.54 13.91
N GLU A 62 10.12 0.34 13.98
CA GLU A 62 11.55 0.18 13.75
C GLU A 62 11.87 0.54 12.31
N ASP A 63 10.87 0.40 11.46
CA ASP A 63 10.98 0.78 10.06
C ASP A 63 10.98 2.31 9.92
N SER A 64 10.68 2.99 11.03
CA SER A 64 10.78 4.45 11.07
C SER A 64 12.24 4.83 11.32
N ASP A 65 12.93 4.00 12.08
CA ASP A 65 14.36 4.20 12.32
C ASP A 65 15.13 4.10 11.00
N LEU A 66 14.67 3.22 10.11
CA LEU A 66 15.29 3.08 8.81
C LEU A 66 14.42 3.72 7.72
N ALA A 67 13.60 4.69 8.13
CA ALA A 67 12.72 5.38 7.20
C ALA A 67 13.51 6.10 6.12
N LEU A 68 12.96 6.13 4.93
CA LEU A 68 13.58 6.81 3.80
C LEU A 68 13.34 8.31 3.89
N PRO A 69 14.27 9.13 3.37
CA PRO A 69 14.21 10.60 3.44
C PRO A 69 12.81 11.17 3.22
N GLN A 70 12.17 10.74 2.13
CA GLN A 70 10.82 11.16 1.84
C GLN A 70 9.90 9.95 1.93
N THR A 71 8.63 10.19 2.20
CA THR A 71 7.66 9.11 2.23
C THR A 71 7.40 8.62 0.83
N LEU A 72 7.29 7.31 0.71
CA LEU A 72 7.21 6.65 -0.59
C LEU A 72 5.97 7.03 -1.40
N PRO A 73 4.79 7.22 -0.77
CA PRO A 73 3.61 7.77 -1.47
C PRO A 73 3.94 8.98 -2.34
N GLU A 74 4.85 9.84 -1.87
CA GLU A 74 5.29 10.99 -2.66
C GLU A 74 5.97 10.54 -3.94
N ILE A 75 6.89 9.59 -3.80
CA ILE A 75 7.56 8.99 -4.94
C ILE A 75 6.54 8.35 -5.88
N PHE A 76 5.52 7.74 -5.29
CA PHE A 76 4.48 7.07 -6.06
C PHE A 76 3.68 8.08 -6.88
N GLU A 77 3.45 9.26 -6.32
CA GLU A 77 2.74 10.31 -7.02
C GLU A 77 3.54 10.81 -8.22
N ALA A 78 4.84 10.57 -8.19
CA ALA A 78 5.70 10.91 -9.31
C ALA A 78 5.82 9.73 -10.28
N ALA A 79 6.33 8.61 -9.79
CA ALA A 79 6.66 7.46 -10.62
C ALA A 79 5.44 6.73 -11.15
N ALA A 80 4.42 6.57 -10.31
CA ALA A 80 3.24 5.79 -10.69
C ALA A 80 2.31 6.59 -11.58
N THR A 81 2.29 7.91 -11.39
CA THR A 81 1.48 8.78 -12.21
C THR A 81 2.15 9.06 -13.55
N GLY A 82 3.47 9.03 -13.55
CA GLY A 82 4.23 9.27 -14.76
C GLY A 82 5.23 8.17 -15.04
N LYS A 83 4.85 7.25 -15.91
CA LYS A 83 5.71 6.14 -16.28
C LYS A 83 5.61 5.87 -17.78
N MET B 15 -4.61 14.04 -10.68
CA MET B 15 -5.22 12.73 -10.97
C MET B 15 -5.10 11.81 -9.78
N ASP B 16 -6.08 10.94 -9.60
CA ASP B 16 -6.11 10.04 -8.45
C ASP B 16 -5.25 8.82 -8.72
N ASN B 17 -3.93 9.00 -8.60
CA ASN B 17 -3.00 7.89 -8.76
C ASN B 17 -3.11 6.96 -7.56
N LYS B 18 -3.65 7.50 -6.48
CA LYS B 18 -3.79 6.77 -5.23
C LYS B 18 -4.71 5.57 -5.39
N LYS B 19 -5.64 5.65 -6.34
CA LYS B 19 -6.50 4.51 -6.64
C LYS B 19 -5.66 3.40 -7.24
N ARG B 20 -4.87 3.77 -8.22
CA ARG B 20 -4.00 2.84 -8.93
C ARG B 20 -3.00 2.25 -7.96
N LEU B 21 -2.51 3.09 -7.05
CA LEU B 21 -1.63 2.67 -5.98
C LEU B 21 -2.27 1.52 -5.20
N ALA B 22 -3.47 1.76 -4.71
CA ALA B 22 -4.19 0.77 -3.92
C ALA B 22 -4.45 -0.49 -4.71
N TYR B 23 -5.06 -0.34 -5.88
CA TYR B 23 -5.51 -1.48 -6.66
C TYR B 23 -4.33 -2.31 -7.18
N ALA B 24 -3.27 -1.65 -7.62
CA ALA B 24 -2.10 -2.38 -8.12
C ALA B 24 -1.46 -3.17 -6.99
N ILE B 25 -1.48 -2.60 -5.79
CA ILE B 25 -1.02 -3.29 -4.61
C ILE B 25 -1.98 -4.44 -4.27
N ILE B 26 -3.28 -4.19 -4.43
CA ILE B 26 -4.30 -5.22 -4.26
C ILE B 26 -4.00 -6.44 -5.14
N GLN B 27 -3.67 -6.20 -6.41
CA GLN B 27 -3.39 -7.27 -7.35
C GLN B 27 -2.16 -8.07 -6.94
N PHE B 28 -1.08 -7.36 -6.65
CA PHE B 28 0.18 -8.01 -6.27
C PHE B 28 0.01 -8.78 -4.96
N LEU B 29 -0.64 -8.14 -3.99
CA LEU B 29 -0.87 -8.76 -2.69
C LEU B 29 -1.83 -9.94 -2.81
N HIS B 30 -2.77 -9.86 -3.75
CA HIS B 30 -3.70 -10.96 -4.02
C HIS B 30 -2.93 -12.24 -4.36
N ASP B 31 -2.06 -12.14 -5.33
CA ASP B 31 -1.32 -13.30 -5.79
C ASP B 31 -0.14 -13.62 -4.86
N GLN B 32 0.31 -12.61 -4.13
CA GLN B 32 1.34 -12.81 -3.11
C GLN B 32 0.75 -13.65 -1.98
N LEU B 33 -0.51 -13.38 -1.69
CA LEU B 33 -1.26 -14.13 -0.69
C LEU B 33 -1.35 -15.58 -1.11
N ARG B 34 -1.70 -15.79 -2.38
CA ARG B 34 -1.83 -17.12 -2.95
C ARG B 34 -0.48 -17.83 -2.97
N HIS B 35 0.57 -17.09 -3.29
CA HIS B 35 1.91 -17.65 -3.37
C HIS B 35 2.47 -17.96 -1.99
N GLY B 36 1.92 -17.29 -0.98
CA GLY B 36 2.34 -17.51 0.39
C GLY B 36 3.64 -16.79 0.72
N GLY B 37 3.77 -15.57 0.19
CA GLY B 37 4.98 -14.80 0.43
C GLY B 37 5.21 -14.52 1.90
N LEU B 38 4.17 -14.05 2.58
CA LEU B 38 4.25 -13.78 4.01
C LEU B 38 3.97 -15.04 4.81
N SER B 39 3.93 -14.90 6.13
CA SER B 39 3.59 -16.01 7.00
C SER B 39 2.06 -16.14 7.12
N SER B 40 1.59 -17.19 7.78
CA SER B 40 0.16 -17.48 7.84
C SER B 40 -0.64 -16.31 8.40
N ASP B 41 -0.33 -15.91 9.63
CA ASP B 41 -1.06 -14.84 10.30
C ASP B 41 -0.90 -13.54 9.54
N ALA B 42 0.29 -13.33 8.99
CA ALA B 42 0.58 -12.16 8.19
C ALA B 42 -0.31 -12.12 6.94
N GLN B 43 -0.37 -13.25 6.24
CA GLN B 43 -1.23 -13.41 5.07
C GLN B 43 -2.68 -13.10 5.40
N GLU B 44 -3.21 -13.83 6.35
CA GLU B 44 -4.58 -13.63 6.83
C GLU B 44 -4.88 -12.16 7.12
N SER B 45 -3.97 -11.50 7.84
CA SER B 45 -4.14 -10.08 8.14
C SER B 45 -4.01 -9.25 6.86
N LEU B 46 -3.12 -9.69 5.99
CA LEU B 46 -2.88 -9.04 4.71
C LEU B 46 -4.12 -9.10 3.81
N GLU B 47 -4.81 -10.23 3.87
CA GLU B 47 -6.04 -10.41 3.13
C GLU B 47 -7.08 -9.39 3.58
N VAL B 48 -7.16 -9.19 4.88
CA VAL B 48 -8.04 -8.18 5.45
C VAL B 48 -7.61 -6.80 4.97
N ALA B 49 -6.31 -6.57 4.98
CA ALA B 49 -5.74 -5.30 4.53
C ALA B 49 -6.15 -5.00 3.09
N ILE B 50 -6.09 -6.00 2.24
CA ILE B 50 -6.49 -5.85 0.84
C ILE B 50 -7.92 -5.32 0.72
N GLN B 51 -8.84 -6.01 1.38
CA GLN B 51 -10.25 -5.67 1.30
C GLN B 51 -10.54 -4.32 1.96
N CYS B 52 -9.72 -3.97 2.94
CA CYS B 52 -9.83 -2.67 3.59
C CYS B 52 -9.29 -1.58 2.68
N LEU B 53 -8.17 -1.84 2.02
CA LEU B 53 -7.58 -0.86 1.08
C LEU B 53 -8.54 -0.59 -0.07
N GLU B 54 -9.19 -1.65 -0.54
CA GLU B 54 -10.19 -1.54 -1.60
C GLU B 54 -11.29 -0.55 -1.19
N THR B 55 -11.79 -0.73 0.02
CA THR B 55 -12.86 0.10 0.54
C THR B 55 -12.35 1.49 0.95
N ALA B 56 -11.10 1.52 1.40
CA ALA B 56 -10.48 2.76 1.86
C ALA B 56 -10.35 3.78 0.74
N PHE B 57 -9.66 3.41 -0.32
CA PHE B 57 -9.45 4.31 -1.44
C PHE B 57 -10.69 4.39 -2.32
N GLY B 58 -11.67 3.54 -2.02
CA GLY B 58 -12.90 3.50 -2.79
C GLY B 58 -12.67 2.95 -4.18
N VAL B 59 -11.71 2.05 -4.30
CA VAL B 59 -11.34 1.50 -5.60
C VAL B 59 -12.07 0.20 -5.85
N THR B 60 -12.10 -0.20 -7.11
CA THR B 60 -12.78 -1.42 -7.52
C THR B 60 -11.98 -2.15 -8.60
N VAL B 61 -12.55 -3.18 -9.17
CA VAL B 61 -11.91 -3.88 -10.29
C VAL B 61 -12.03 -3.03 -11.57
N GLU B 62 -12.77 -1.93 -11.48
CA GLU B 62 -12.82 -0.97 -12.58
C GLU B 62 -11.44 -0.35 -12.74
N ASP B 63 -10.68 -0.34 -11.66
CA ASP B 63 -9.31 0.14 -11.68
C ASP B 63 -8.41 -0.86 -12.40
N SER B 64 -8.95 -2.05 -12.69
CA SER B 64 -8.25 -3.04 -13.50
C SER B 64 -8.41 -2.68 -14.96
N ASP B 65 -9.57 -2.11 -15.29
CA ASP B 65 -9.82 -1.63 -16.65
C ASP B 65 -8.84 -0.52 -17.02
N LEU B 66 -8.50 0.30 -16.03
CA LEU B 66 -7.53 1.37 -16.23
C LEU B 66 -6.18 1.00 -15.61
N ALA B 67 -5.93 -0.29 -15.45
CA ALA B 67 -4.69 -0.78 -14.86
C ALA B 67 -3.48 -0.35 -15.68
N LEU B 68 -2.39 -0.06 -15.00
CA LEU B 68 -1.16 0.34 -15.66
C LEU B 68 -0.42 -0.89 -16.18
N PRO B 69 0.34 -0.72 -17.29
CA PRO B 69 1.05 -1.82 -17.97
C PRO B 69 1.69 -2.83 -17.01
N GLN B 70 2.44 -2.32 -16.05
CA GLN B 70 3.06 -3.16 -15.04
C GLN B 70 2.46 -2.85 -13.69
N THR B 71 2.50 -3.80 -12.79
CA THR B 71 2.00 -3.54 -11.45
C THR B 71 2.97 -2.61 -10.73
N LEU B 72 2.41 -1.72 -9.93
CA LEU B 72 3.16 -0.66 -9.31
C LEU B 72 4.19 -1.17 -8.28
N PRO B 73 3.89 -2.21 -7.49
CA PRO B 73 4.89 -2.85 -6.62
C PRO B 73 6.22 -3.10 -7.33
N GLU B 74 6.17 -3.47 -8.62
CA GLU B 74 7.38 -3.67 -9.41
C GLU B 74 8.17 -2.37 -9.51
N ILE B 75 7.45 -1.30 -9.86
CA ILE B 75 8.04 0.03 -9.92
C ILE B 75 8.61 0.42 -8.56
N PHE B 76 7.90 0.02 -7.50
CA PHE B 76 8.33 0.35 -6.14
C PHE B 76 9.63 -0.36 -5.80
N GLU B 77 9.79 -1.58 -6.30
CA GLU B 77 11.02 -2.35 -6.06
C GLU B 77 12.20 -1.68 -6.75
N ALA B 78 11.91 -0.89 -7.77
CA ALA B 78 12.94 -0.11 -8.44
C ALA B 78 13.15 1.25 -7.78
N ALA B 79 12.08 2.05 -7.75
CA ALA B 79 12.16 3.44 -7.32
C ALA B 79 12.36 3.59 -5.82
N ALA B 80 11.68 2.76 -5.04
CA ALA B 80 11.72 2.89 -3.58
C ALA B 80 13.00 2.29 -3.01
N THR B 81 13.52 1.27 -3.68
CA THR B 81 14.75 0.64 -3.25
C THR B 81 15.96 1.45 -3.71
N GLY B 82 15.80 2.16 -4.81
CA GLY B 82 16.88 2.97 -5.35
C GLY B 82 16.43 4.39 -5.60
N LYS B 83 16.74 5.27 -4.66
CA LYS B 83 16.38 6.67 -4.79
C LYS B 83 17.52 7.55 -4.30
N MET A 15 15.92 -9.43 -1.88
CA MET A 15 15.68 -8.10 -1.29
C MET A 15 14.19 -7.88 -1.06
N ASP A 16 13.82 -7.56 0.17
CA ASP A 16 12.43 -7.35 0.51
C ASP A 16 12.19 -5.90 0.91
N ASN A 17 12.11 -5.03 -0.09
CA ASN A 17 11.84 -3.60 0.15
C ASN A 17 10.35 -3.41 0.41
N LYS A 18 9.61 -4.50 0.29
CA LYS A 18 8.16 -4.50 0.50
C LYS A 18 7.81 -3.99 1.90
N LYS A 19 8.72 -4.19 2.84
CA LYS A 19 8.53 -3.72 4.21
C LYS A 19 8.46 -2.19 4.26
N ARG A 20 9.41 -1.54 3.58
CA ARG A 20 9.46 -0.08 3.55
C ARG A 20 8.25 0.46 2.83
N LEU A 21 7.74 -0.33 1.90
CA LEU A 21 6.51 -0.01 1.18
C LEU A 21 5.35 0.13 2.17
N ALA A 22 5.13 -0.92 2.96
CA ALA A 22 4.05 -0.92 3.94
C ALA A 22 4.25 0.17 4.98
N TYR A 23 5.48 0.29 5.46
CA TYR A 23 5.83 1.31 6.44
C TYR A 23 5.41 2.70 5.98
N ALA A 24 5.80 3.05 4.77
CA ALA A 24 5.52 4.39 4.23
C ALA A 24 4.02 4.59 4.04
N ILE A 25 3.34 3.52 3.70
CA ILE A 25 1.89 3.54 3.56
C ILE A 25 1.25 3.83 4.91
N ILE A 26 1.73 3.13 5.95
CA ILE A 26 1.29 3.39 7.32
C ILE A 26 1.48 4.86 7.67
N GLN A 27 2.63 5.40 7.33
CA GLN A 27 2.98 6.78 7.63
C GLN A 27 2.05 7.77 6.94
N PHE A 28 1.91 7.65 5.63
CA PHE A 28 1.10 8.59 4.86
C PHE A 28 -0.37 8.45 5.21
N LEU A 29 -0.86 7.23 5.22
CA LEU A 29 -2.25 6.95 5.53
C LEU A 29 -2.61 7.45 6.93
N HIS A 30 -1.64 7.39 7.85
CA HIS A 30 -1.84 7.91 9.21
C HIS A 30 -2.26 9.38 9.16
N ASP A 31 -1.43 10.21 8.55
CA ASP A 31 -1.67 11.65 8.50
C ASP A 31 -2.84 11.98 7.59
N GLN A 32 -2.91 11.30 6.45
CA GLN A 32 -4.02 11.49 5.52
C GLN A 32 -5.35 11.19 6.19
N LEU A 33 -5.34 10.18 7.04
CA LEU A 33 -6.54 9.74 7.74
C LEU A 33 -7.01 10.84 8.69
N ARG A 34 -6.08 11.42 9.41
CA ARG A 34 -6.41 12.45 10.39
C ARG A 34 -6.60 13.81 9.72
N HIS A 35 -6.40 13.85 8.41
CA HIS A 35 -6.66 15.06 7.64
C HIS A 35 -8.02 14.97 6.95
N GLY A 36 -8.65 13.80 7.08
CA GLY A 36 -9.94 13.58 6.45
C GLY A 36 -9.82 13.46 4.95
N GLY A 37 -8.76 12.81 4.48
CA GLY A 37 -8.53 12.65 3.06
C GLY A 37 -9.67 11.95 2.36
N LEU A 38 -10.01 10.76 2.84
CA LEU A 38 -11.10 9.98 2.25
C LEU A 38 -12.42 10.28 2.96
N SER A 39 -13.49 9.59 2.56
CA SER A 39 -14.81 9.79 3.17
C SER A 39 -14.86 9.16 4.56
N SER A 40 -16.00 9.25 5.22
CA SER A 40 -16.14 8.78 6.60
C SER A 40 -15.95 7.26 6.68
N ASP A 41 -16.72 6.52 5.89
CA ASP A 41 -16.65 5.05 5.87
C ASP A 41 -15.25 4.61 5.47
N ALA A 42 -14.70 5.28 4.48
CA ALA A 42 -13.37 4.99 3.97
C ALA A 42 -12.31 5.32 5.00
N GLN A 43 -12.56 6.37 5.77
CA GLN A 43 -11.67 6.81 6.83
C GLN A 43 -11.45 5.70 7.85
N GLU A 44 -12.55 5.13 8.33
CA GLU A 44 -12.50 4.06 9.30
C GLU A 44 -11.74 2.87 8.74
N SER A 45 -11.84 2.69 7.43
CA SER A 45 -11.25 1.54 6.75
C SER A 45 -9.73 1.68 6.65
N LEU A 46 -9.22 2.90 6.46
CA LEU A 46 -7.77 3.12 6.43
C LEU A 46 -7.16 2.73 7.77
N GLU A 47 -7.80 3.18 8.83
CA GLU A 47 -7.35 2.91 10.19
C GLU A 47 -7.14 1.40 10.40
N VAL A 48 -8.12 0.62 9.97
CA VAL A 48 -8.05 -0.83 10.07
C VAL A 48 -6.96 -1.36 9.14
N ALA A 49 -6.93 -0.83 7.91
CA ALA A 49 -5.96 -1.25 6.91
C ALA A 49 -4.53 -1.04 7.39
N ILE A 50 -4.29 0.06 8.09
CA ILE A 50 -2.96 0.37 8.62
C ILE A 50 -2.48 -0.76 9.52
N GLN A 51 -3.26 -1.10 10.52
CA GLN A 51 -2.91 -2.19 11.44
C GLN A 51 -2.81 -3.53 10.72
N CYS A 52 -3.65 -3.73 9.71
CA CYS A 52 -3.62 -4.95 8.93
C CYS A 52 -2.31 -5.06 8.14
N LEU A 53 -1.94 -4.00 7.44
CA LEU A 53 -0.71 -3.99 6.65
C LEU A 53 0.51 -4.15 7.56
N GLU A 54 0.48 -3.47 8.70
CA GLU A 54 1.56 -3.54 9.67
C GLU A 54 1.80 -4.98 10.09
N THR A 55 0.73 -5.65 10.52
CA THR A 55 0.81 -7.03 10.97
C THR A 55 1.12 -7.98 9.82
N ALA A 56 0.65 -7.63 8.63
CA ALA A 56 0.80 -8.49 7.46
C ALA A 56 2.21 -8.49 6.92
N PHE A 57 2.84 -7.34 6.85
CA PHE A 57 4.20 -7.26 6.38
C PHE A 57 5.19 -7.56 7.49
N GLY A 58 4.72 -7.44 8.73
CA GLY A 58 5.55 -7.71 9.88
C GLY A 58 6.49 -6.56 10.18
N VAL A 59 6.03 -5.35 9.90
CA VAL A 59 6.86 -4.17 10.06
C VAL A 59 6.40 -3.33 11.22
N THR A 60 7.30 -2.50 11.73
CA THR A 60 7.01 -1.60 12.83
C THR A 60 7.70 -0.26 12.61
N VAL A 61 7.70 0.61 13.61
CA VAL A 61 8.38 1.89 13.53
C VAL A 61 9.90 1.69 13.36
N GLU A 62 10.38 0.48 13.64
CA GLU A 62 11.77 0.15 13.44
C GLU A 62 12.13 0.26 11.96
N ASP A 63 11.12 0.13 11.11
CA ASP A 63 11.31 0.30 9.67
C ASP A 63 11.55 1.77 9.35
N SER A 64 11.08 2.64 10.25
CA SER A 64 11.28 4.07 10.13
C SER A 64 12.74 4.41 10.41
N ASP A 65 13.38 3.57 11.21
CA ASP A 65 14.81 3.71 11.46
C ASP A 65 15.60 3.47 10.18
N LEU A 66 15.17 2.46 9.42
CA LEU A 66 15.81 2.14 8.15
C LEU A 66 15.07 2.79 6.98
N ALA A 67 14.38 3.90 7.27
CA ALA A 67 13.58 4.60 6.26
C ALA A 67 14.45 5.14 5.13
N LEU A 68 13.82 5.40 4.01
CA LEU A 68 14.52 5.87 2.82
C LEU A 68 14.67 7.39 2.86
N PRO A 69 15.65 7.93 2.09
CA PRO A 69 15.91 9.38 2.05
C PRO A 69 14.64 10.22 1.96
N GLN A 70 13.77 9.86 1.02
CA GLN A 70 12.50 10.56 0.85
C GLN A 70 11.36 9.64 1.24
N THR A 71 10.15 10.20 1.28
CA THR A 71 8.98 9.40 1.57
C THR A 71 8.51 8.68 0.31
N LEU A 72 8.03 7.46 0.50
CA LEU A 72 7.56 6.65 -0.61
C LEU A 72 6.27 7.21 -1.21
N PRO A 73 5.29 7.66 -0.40
CA PRO A 73 4.12 8.39 -0.89
C PRO A 73 4.48 9.42 -1.95
N GLU A 74 5.57 10.15 -1.72
CA GLU A 74 6.03 11.16 -2.66
C GLU A 74 6.45 10.52 -3.98
N ILE A 75 7.17 9.41 -3.90
CA ILE A 75 7.57 8.66 -5.09
C ILE A 75 6.33 8.12 -5.80
N PHE A 76 5.34 7.74 -5.02
CA PHE A 76 4.11 7.18 -5.56
C PHE A 76 3.33 8.21 -6.36
N GLU A 77 3.51 9.47 -6.02
CA GLU A 77 2.84 10.55 -6.74
C GLU A 77 3.64 10.93 -7.99
N ALA A 78 4.94 10.73 -7.94
CA ALA A 78 5.82 11.10 -9.05
C ALA A 78 5.97 9.97 -10.07
N ALA A 79 6.52 8.84 -9.62
CA ALA A 79 6.81 7.73 -10.52
C ALA A 79 5.62 6.81 -10.67
N ALA A 80 4.98 6.50 -9.55
CA ALA A 80 3.87 5.54 -9.56
C ALA A 80 2.61 6.12 -10.18
N THR A 81 2.64 7.39 -10.56
CA THR A 81 1.52 7.99 -11.23
C THR A 81 1.47 7.55 -12.69
N GLY A 82 2.56 6.96 -13.15
CA GLY A 82 2.62 6.47 -14.52
C GLY A 82 3.85 5.63 -14.76
N LYS A 83 4.94 6.28 -15.11
CA LYS A 83 6.20 5.59 -15.37
C LYS A 83 7.33 6.42 -14.80
N MET B 15 -5.01 15.74 -8.58
CA MET B 15 -4.79 14.40 -9.15
C MET B 15 -4.71 13.36 -8.03
N ASP B 16 -5.56 12.35 -8.10
CA ASP B 16 -5.57 11.31 -7.08
C ASP B 16 -5.14 9.97 -7.66
N ASN B 17 -3.84 9.80 -7.84
CA ASN B 17 -3.27 8.56 -8.35
C ASN B 17 -3.24 7.52 -7.24
N LYS B 18 -3.60 7.97 -6.04
CA LYS B 18 -3.63 7.12 -4.85
C LYS B 18 -4.52 5.89 -5.07
N LYS B 19 -5.52 6.04 -5.92
CA LYS B 19 -6.41 4.94 -6.26
C LYS B 19 -5.65 3.80 -6.96
N ARG B 20 -4.85 4.16 -7.95
CA ARG B 20 -4.07 3.19 -8.71
C ARG B 20 -3.05 2.53 -7.80
N LEU B 21 -2.61 3.29 -6.80
CA LEU B 21 -1.71 2.79 -5.78
C LEU B 21 -2.36 1.60 -5.05
N ALA B 22 -3.54 1.84 -4.50
CA ALA B 22 -4.25 0.79 -3.77
C ALA B 22 -4.60 -0.38 -4.67
N TYR B 23 -5.08 -0.07 -5.87
CA TYR B 23 -5.42 -1.09 -6.85
C TYR B 23 -4.26 -2.05 -7.09
N ALA B 24 -3.09 -1.50 -7.36
CA ALA B 24 -1.92 -2.31 -7.66
C ALA B 24 -1.49 -3.13 -6.46
N ILE B 25 -1.67 -2.56 -5.28
CA ILE B 25 -1.39 -3.26 -4.04
C ILE B 25 -2.32 -4.46 -3.90
N ILE B 26 -3.61 -4.24 -4.16
CA ILE B 26 -4.60 -5.31 -4.19
C ILE B 26 -4.16 -6.43 -5.12
N GLN B 27 -3.70 -6.03 -6.30
CA GLN B 27 -3.29 -6.97 -7.34
C GLN B 27 -2.09 -7.81 -6.90
N PHE B 28 -1.02 -7.15 -6.47
CA PHE B 28 0.21 -7.85 -6.10
C PHE B 28 0.00 -8.68 -4.85
N LEU B 29 -0.59 -8.06 -3.83
CA LEU B 29 -0.85 -8.75 -2.57
C LEU B 29 -1.74 -9.97 -2.78
N HIS B 30 -2.65 -9.89 -3.74
CA HIS B 30 -3.52 -11.02 -4.10
C HIS B 30 -2.68 -12.26 -4.45
N ASP B 31 -1.81 -12.10 -5.45
CA ASP B 31 -1.02 -13.21 -5.94
C ASP B 31 0.06 -13.59 -4.93
N GLN B 32 0.68 -12.60 -4.31
CA GLN B 32 1.71 -12.84 -3.29
C GLN B 32 1.12 -13.65 -2.15
N LEU B 33 -0.13 -13.35 -1.81
CA LEU B 33 -0.81 -14.01 -0.72
C LEU B 33 -1.00 -15.48 -1.02
N ARG B 34 -1.42 -15.77 -2.24
CA ARG B 34 -1.68 -17.14 -2.66
C ARG B 34 -0.39 -17.87 -3.03
N HIS B 35 0.72 -17.14 -2.98
CA HIS B 35 2.04 -17.75 -3.20
C HIS B 35 2.71 -18.04 -1.87
N GLY B 36 2.07 -17.61 -0.78
CA GLY B 36 2.63 -17.81 0.54
C GLY B 36 3.83 -16.93 0.79
N GLY B 37 3.77 -15.70 0.30
CA GLY B 37 4.88 -14.77 0.46
C GLY B 37 5.23 -14.51 1.91
N LEU B 38 4.24 -14.10 2.68
CA LEU B 38 4.45 -13.82 4.10
C LEU B 38 4.14 -15.05 4.94
N SER B 39 4.24 -14.92 6.26
CA SER B 39 3.97 -16.03 7.17
C SER B 39 2.47 -16.31 7.26
N SER B 40 2.08 -17.30 8.06
CA SER B 40 0.68 -17.70 8.14
C SER B 40 -0.20 -16.59 8.71
N ASP B 41 0.18 -16.08 9.88
CA ASP B 41 -0.58 -15.01 10.53
C ASP B 41 -0.61 -13.78 9.63
N ALA B 42 0.53 -13.48 9.03
CA ALA B 42 0.67 -12.34 8.15
C ALA B 42 -0.16 -12.54 6.87
N GLN B 43 -0.25 -13.79 6.43
CA GLN B 43 -1.02 -14.15 5.25
C GLN B 43 -2.48 -13.76 5.44
N GLU B 44 -3.06 -14.17 6.55
CA GLU B 44 -4.45 -13.87 6.85
C GLU B 44 -4.67 -12.36 6.89
N SER B 45 -3.64 -11.64 7.31
CA SER B 45 -3.72 -10.20 7.50
C SER B 45 -3.73 -9.46 6.17
N LEU B 46 -2.98 -9.96 5.17
CA LEU B 46 -3.01 -9.35 3.83
C LEU B 46 -4.40 -9.43 3.25
N GLU B 47 -5.01 -10.59 3.37
CA GLU B 47 -6.35 -10.84 2.85
C GLU B 47 -7.33 -9.78 3.38
N VAL B 48 -7.26 -9.54 4.68
CA VAL B 48 -8.11 -8.52 5.31
C VAL B 48 -7.70 -7.13 4.81
N ALA B 49 -6.40 -6.88 4.76
CA ALA B 49 -5.87 -5.59 4.34
C ALA B 49 -6.32 -5.23 2.92
N ILE B 50 -6.37 -6.23 2.05
CA ILE B 50 -6.80 -6.03 0.67
C ILE B 50 -8.21 -5.42 0.63
N GLN B 51 -9.15 -6.09 1.29
CA GLN B 51 -10.53 -5.60 1.33
C GLN B 51 -10.61 -4.25 2.04
N CYS B 52 -9.77 -4.06 3.05
CA CYS B 52 -9.74 -2.79 3.78
C CYS B 52 -9.28 -1.65 2.88
N LEU B 53 -8.17 -1.86 2.17
CA LEU B 53 -7.64 -0.84 1.27
C LEU B 53 -8.61 -0.55 0.14
N GLU B 54 -9.22 -1.60 -0.39
CA GLU B 54 -10.21 -1.47 -1.45
C GLU B 54 -11.34 -0.55 -1.04
N THR B 55 -11.93 -0.84 0.11
CA THR B 55 -13.05 -0.06 0.64
C THR B 55 -12.59 1.34 1.06
N ALA B 56 -11.34 1.44 1.52
CA ALA B 56 -10.81 2.68 2.04
C ALA B 56 -10.52 3.69 0.93
N PHE B 57 -9.92 3.23 -0.15
CA PHE B 57 -9.62 4.11 -1.26
C PHE B 57 -10.83 4.28 -2.16
N GLY B 58 -11.77 3.35 -2.05
CA GLY B 58 -12.97 3.40 -2.84
C GLY B 58 -12.74 2.93 -4.27
N VAL B 59 -11.82 1.99 -4.41
CA VAL B 59 -11.43 1.51 -5.73
C VAL B 59 -11.94 0.10 -5.98
N THR B 60 -12.04 -0.27 -7.25
CA THR B 60 -12.47 -1.59 -7.65
C THR B 60 -11.66 -2.05 -8.86
N VAL B 61 -12.06 -3.17 -9.46
CA VAL B 61 -11.40 -3.68 -10.66
C VAL B 61 -11.54 -2.68 -11.82
N GLU B 62 -12.45 -1.72 -11.69
CA GLU B 62 -12.59 -0.67 -12.68
C GLU B 62 -11.32 0.17 -12.76
N ASP B 63 -10.55 0.16 -11.67
CA ASP B 63 -9.27 0.86 -11.63
C ASP B 63 -8.27 0.10 -12.51
N SER B 64 -8.53 -1.19 -12.70
CA SER B 64 -7.70 -2.03 -13.55
C SER B 64 -7.92 -1.65 -15.01
N ASP B 65 -9.11 -1.13 -15.30
CA ASP B 65 -9.40 -0.62 -16.63
C ASP B 65 -8.52 0.59 -16.93
N LEU B 66 -8.35 1.44 -15.93
CA LEU B 66 -7.51 2.62 -16.07
C LEU B 66 -6.10 2.37 -15.54
N ALA B 67 -5.70 1.09 -15.55
CA ALA B 67 -4.39 0.69 -15.02
C ALA B 67 -3.25 1.33 -15.81
N LEU B 68 -2.08 1.36 -15.18
CA LEU B 68 -0.91 1.98 -15.78
C LEU B 68 -0.17 0.97 -16.66
N PRO B 69 0.64 1.47 -17.61
CA PRO B 69 1.40 0.61 -18.54
C PRO B 69 2.06 -0.59 -17.85
N GLN B 70 2.75 -0.32 -16.76
CA GLN B 70 3.40 -1.38 -15.99
C GLN B 70 2.72 -1.53 -14.64
N THR B 71 3.10 -2.54 -13.90
CA THR B 71 2.57 -2.73 -12.57
C THR B 71 3.31 -1.84 -11.59
N LEU B 72 2.58 -1.35 -10.60
CA LEU B 72 3.14 -0.47 -9.59
C LEU B 72 4.09 -1.22 -8.66
N PRO B 73 3.73 -2.44 -8.20
CA PRO B 73 4.66 -3.31 -7.47
C PRO B 73 6.06 -3.33 -8.08
N GLU B 74 6.11 -3.38 -9.40
CA GLU B 74 7.38 -3.40 -10.11
C GLU B 74 8.13 -2.08 -9.90
N ILE B 75 7.40 -0.97 -9.99
CA ILE B 75 7.98 0.35 -9.73
C ILE B 75 8.44 0.43 -8.28
N PHE B 76 7.69 -0.20 -7.39
CA PHE B 76 7.98 -0.17 -5.96
C PHE B 76 9.29 -0.89 -5.66
N GLU B 77 9.64 -1.86 -6.50
CA GLU B 77 10.88 -2.60 -6.32
C GLU B 77 12.05 -1.84 -6.93
N ALA B 78 11.77 -1.06 -7.97
CA ALA B 78 12.80 -0.32 -8.68
C ALA B 78 13.06 1.05 -8.05
N ALA B 79 12.05 1.91 -8.06
CA ALA B 79 12.20 3.28 -7.59
C ALA B 79 11.99 3.39 -6.10
N ALA B 80 10.94 2.74 -5.61
CA ALA B 80 10.55 2.83 -4.20
C ALA B 80 11.55 2.12 -3.29
N THR B 81 12.48 1.38 -3.87
CA THR B 81 13.50 0.71 -3.08
C THR B 81 14.51 1.73 -2.54
N GLY B 82 14.49 2.93 -3.09
CA GLY B 82 15.39 3.97 -2.65
C GLY B 82 15.02 5.32 -3.22
N LYS B 83 15.54 5.60 -4.41
CA LYS B 83 15.27 6.86 -5.09
C LYS B 83 15.11 6.59 -6.58
N MET A 15 18.28 -4.80 0.51
CA MET A 15 17.31 -4.18 1.43
C MET A 15 15.89 -4.42 0.93
N ASP A 16 15.02 -4.85 1.83
CA ASP A 16 13.64 -5.16 1.47
C ASP A 16 12.83 -3.89 1.35
N ASN A 17 12.37 -3.61 0.14
CA ASN A 17 11.52 -2.45 -0.10
C ASN A 17 10.11 -2.71 0.39
N LYS A 18 9.74 -3.99 0.45
CA LYS A 18 8.42 -4.41 0.90
C LYS A 18 8.06 -3.78 2.25
N LYS A 19 8.99 -3.83 3.19
CA LYS A 19 8.74 -3.33 4.54
C LYS A 19 8.65 -1.79 4.55
N ARG A 20 9.55 -1.14 3.82
CA ARG A 20 9.54 0.31 3.73
C ARG A 20 8.27 0.79 3.03
N LEU A 21 7.81 0.00 2.08
CA LEU A 21 6.55 0.26 1.38
C LEU A 21 5.40 0.33 2.37
N ALA A 22 5.31 -0.68 3.23
CA ALA A 22 4.27 -0.74 4.24
C ALA A 22 4.38 0.45 5.19
N TYR A 23 5.58 0.67 5.70
CA TYR A 23 5.84 1.75 6.64
C TYR A 23 5.41 3.10 6.07
N ALA A 24 5.82 3.37 4.84
CA ALA A 24 5.50 4.63 4.19
C ALA A 24 4.01 4.86 4.10
N ILE A 25 3.30 3.80 3.74
CA ILE A 25 1.85 3.85 3.64
C ILE A 25 1.23 4.00 5.02
N ILE A 26 1.82 3.35 6.01
CA ILE A 26 1.40 3.50 7.41
C ILE A 26 1.45 4.96 7.84
N GLN A 27 2.58 5.61 7.59
CA GLN A 27 2.78 7.00 8.02
C GLN A 27 1.92 7.97 7.22
N PHE A 28 1.78 7.70 5.93
CA PHE A 28 0.99 8.58 5.08
C PHE A 28 -0.49 8.46 5.42
N LEU A 29 -0.98 7.24 5.51
CA LEU A 29 -2.38 7.00 5.84
C LEU A 29 -2.67 7.44 7.27
N HIS A 30 -1.64 7.49 8.09
CA HIS A 30 -1.74 8.03 9.46
C HIS A 30 -2.24 9.47 9.43
N ASP A 31 -1.53 10.31 8.69
CA ASP A 31 -1.86 11.73 8.61
C ASP A 31 -3.06 11.96 7.71
N GLN A 32 -3.12 11.22 6.61
CA GLN A 32 -4.24 11.29 5.68
C GLN A 32 -5.54 10.91 6.39
N LEU A 33 -5.42 10.04 7.39
CA LEU A 33 -6.56 9.62 8.20
C LEU A 33 -7.11 10.80 8.97
N ARG A 34 -6.22 11.51 9.65
CA ARG A 34 -6.61 12.64 10.47
C ARG A 34 -7.03 13.84 9.62
N HIS A 35 -6.53 13.90 8.39
CA HIS A 35 -6.86 15.00 7.49
C HIS A 35 -8.16 14.75 6.74
N GLY A 36 -8.66 13.51 6.83
CA GLY A 36 -9.87 13.14 6.13
C GLY A 36 -9.67 13.08 4.64
N GLY A 37 -8.55 12.48 4.23
CA GLY A 37 -8.19 12.41 2.83
C GLY A 37 -9.25 11.74 1.97
N LEU A 38 -9.77 10.61 2.43
CA LEU A 38 -10.79 9.88 1.67
C LEU A 38 -12.19 10.17 2.19
N SER A 39 -12.78 9.20 2.88
CA SER A 39 -14.15 9.33 3.38
C SER A 39 -14.26 8.70 4.77
N SER A 40 -15.48 8.69 5.32
CA SER A 40 -15.71 8.19 6.67
C SER A 40 -15.45 6.68 6.74
N ASP A 41 -16.12 5.92 5.89
CA ASP A 41 -15.94 4.46 5.86
C ASP A 41 -14.52 4.11 5.45
N ALA A 42 -13.90 4.99 4.68
CA ALA A 42 -12.53 4.81 4.26
C ALA A 42 -11.57 5.01 5.42
N GLN A 43 -11.91 5.94 6.30
CA GLN A 43 -11.09 6.25 7.47
C GLN A 43 -10.89 5.03 8.34
N GLU A 44 -11.98 4.50 8.87
CA GLU A 44 -11.94 3.28 9.67
C GLU A 44 -11.23 2.15 8.91
N SER A 45 -11.41 2.11 7.60
CA SER A 45 -10.76 1.10 6.78
C SER A 45 -9.24 1.31 6.74
N LEU A 46 -8.80 2.58 6.68
CA LEU A 46 -7.37 2.88 6.69
C LEU A 46 -6.75 2.40 8.00
N GLU A 47 -7.39 2.74 9.10
CA GLU A 47 -6.87 2.39 10.43
C GLU A 47 -6.69 0.88 10.55
N VAL A 48 -7.67 0.12 10.10
CA VAL A 48 -7.58 -1.34 10.11
C VAL A 48 -6.48 -1.82 9.15
N ALA A 49 -6.47 -1.25 7.96
CA ALA A 49 -5.48 -1.62 6.94
C ALA A 49 -4.06 -1.36 7.44
N ILE A 50 -3.86 -0.22 8.11
CA ILE A 50 -2.56 0.12 8.68
C ILE A 50 -2.07 -0.97 9.61
N GLN A 51 -2.95 -1.41 10.51
CA GLN A 51 -2.60 -2.44 11.47
C GLN A 51 -2.38 -3.78 10.77
N CYS A 52 -3.20 -4.06 9.75
CA CYS A 52 -3.08 -5.29 9.00
C CYS A 52 -1.76 -5.35 8.25
N LEU A 53 -1.41 -4.26 7.57
CA LEU A 53 -0.16 -4.21 6.81
C LEU A 53 1.04 -4.24 7.73
N GLU A 54 0.87 -3.69 8.93
CA GLU A 54 1.91 -3.71 9.95
C GLU A 54 2.29 -5.16 10.28
N THR A 55 1.30 -5.95 10.65
CA THR A 55 1.52 -7.36 10.98
C THR A 55 1.87 -8.16 9.73
N ALA A 56 1.35 -7.72 8.58
CA ALA A 56 1.56 -8.40 7.32
C ALA A 56 3.05 -8.46 6.96
N PHE A 57 3.65 -7.30 6.79
CA PHE A 57 5.05 -7.23 6.41
C PHE A 57 5.96 -7.45 7.62
N GLY A 58 5.35 -7.41 8.80
CA GLY A 58 6.09 -7.56 10.03
C GLY A 58 6.89 -6.32 10.34
N VAL A 59 6.30 -5.16 10.07
CA VAL A 59 7.00 -3.90 10.22
C VAL A 59 6.60 -3.20 11.50
N THR A 60 7.49 -2.34 11.97
CA THR A 60 7.23 -1.55 13.16
C THR A 60 7.80 -0.14 12.98
N VAL A 61 7.82 0.65 14.03
CA VAL A 61 8.39 1.99 13.98
C VAL A 61 9.91 1.92 13.79
N GLU A 62 10.47 0.72 13.92
CA GLU A 62 11.89 0.52 13.66
C GLU A 62 12.21 0.85 12.21
N ASP A 63 11.21 0.68 11.35
CA ASP A 63 11.36 1.01 9.93
C ASP A 63 11.47 2.52 9.77
N SER A 64 10.94 3.24 10.76
CA SER A 64 11.01 4.71 10.76
C SER A 64 12.43 5.16 11.01
N ASP A 65 13.17 4.39 11.78
CA ASP A 65 14.59 4.68 12.03
C ASP A 65 15.41 4.49 10.77
N LEU A 66 14.95 3.59 9.90
CA LEU A 66 15.62 3.37 8.62
C LEU A 66 14.80 3.97 7.47
N ALA A 67 13.95 4.94 7.80
CA ALA A 67 13.04 5.54 6.85
C ALA A 67 13.78 6.24 5.71
N LEU A 68 13.18 6.17 4.52
CA LEU A 68 13.70 6.86 3.36
C LEU A 68 13.44 8.37 3.50
N PRO A 69 14.25 9.20 2.82
CA PRO A 69 14.22 10.66 2.96
C PRO A 69 12.80 11.25 2.95
N GLN A 70 12.00 10.83 1.98
CA GLN A 70 10.65 11.35 1.83
C GLN A 70 9.63 10.23 1.94
N THR A 71 8.37 10.60 2.05
CA THR A 71 7.29 9.63 2.05
C THR A 71 7.15 9.01 0.66
N LEU A 72 6.91 7.70 0.64
CA LEU A 72 6.92 6.96 -0.60
C LEU A 72 5.64 7.08 -1.43
N PRO A 73 4.43 7.19 -0.82
CA PRO A 73 3.21 7.48 -1.60
C PRO A 73 3.39 8.65 -2.56
N GLU A 74 4.16 9.65 -2.14
CA GLU A 74 4.47 10.80 -2.99
C GLU A 74 5.35 10.36 -4.16
N ILE A 75 6.35 9.53 -3.86
CA ILE A 75 7.19 8.93 -4.90
C ILE A 75 6.32 8.13 -5.86
N PHE A 76 5.35 7.41 -5.32
CA PHE A 76 4.48 6.58 -6.10
C PHE A 76 3.68 7.42 -7.11
N GLU A 77 3.18 8.56 -6.65
CA GLU A 77 2.43 9.45 -7.52
C GLU A 77 3.28 9.95 -8.69
N ALA A 78 4.59 10.00 -8.48
CA ALA A 78 5.51 10.46 -9.50
C ALA A 78 5.95 9.32 -10.41
N ALA A 79 6.38 8.21 -9.81
CA ALA A 79 6.98 7.11 -10.56
C ALA A 79 5.94 6.17 -11.15
N ALA A 80 4.95 5.80 -10.34
CA ALA A 80 4.00 4.76 -10.70
C ALA A 80 3.18 5.15 -11.92
N THR A 81 2.36 6.18 -11.78
CA THR A 81 1.50 6.61 -12.88
C THR A 81 2.26 7.58 -13.79
N GLY A 82 3.53 7.78 -13.51
CA GLY A 82 4.34 8.69 -14.31
C GLY A 82 4.81 8.05 -15.60
N LYS A 83 4.84 6.73 -15.63
CA LYS A 83 5.27 6.01 -16.82
C LYS A 83 4.07 5.46 -17.56
N MET B 15 -4.86 12.58 -13.24
CA MET B 15 -5.21 11.20 -12.89
C MET B 15 -4.77 10.88 -11.48
N ASP B 16 -5.66 10.28 -10.70
CA ASP B 16 -5.36 9.96 -9.30
C ASP B 16 -4.51 8.71 -9.21
N ASN B 17 -3.29 8.86 -8.73
CA ASN B 17 -2.39 7.74 -8.55
C ASN B 17 -2.80 6.94 -7.31
N LYS B 18 -3.47 7.63 -6.38
CA LYS B 18 -3.92 7.01 -5.13
C LYS B 18 -4.71 5.72 -5.39
N LYS B 19 -5.63 5.77 -6.34
CA LYS B 19 -6.49 4.64 -6.63
C LYS B 19 -5.71 3.50 -7.31
N ARG B 20 -4.85 3.87 -8.27
CA ARG B 20 -4.02 2.89 -8.96
C ARG B 20 -3.03 2.24 -7.98
N LEU B 21 -2.59 3.02 -7.01
CA LEU B 21 -1.73 2.53 -5.95
C LEU B 21 -2.42 1.40 -5.20
N ALA B 22 -3.65 1.65 -4.78
CA ALA B 22 -4.43 0.65 -4.06
C ALA B 22 -4.64 -0.58 -4.92
N TYR B 23 -5.09 -0.37 -6.15
CA TYR B 23 -5.36 -1.45 -7.08
C TYR B 23 -4.14 -2.34 -7.27
N ALA B 24 -3.00 -1.73 -7.52
CA ALA B 24 -1.75 -2.45 -7.75
C ALA B 24 -1.40 -3.34 -6.57
N ILE B 25 -1.57 -2.79 -5.38
CA ILE B 25 -1.29 -3.53 -4.16
C ILE B 25 -2.33 -4.63 -3.97
N ILE B 26 -3.57 -4.36 -4.35
CA ILE B 26 -4.64 -5.35 -4.32
C ILE B 26 -4.26 -6.57 -5.17
N GLN B 27 -3.83 -6.32 -6.40
CA GLN B 27 -3.51 -7.39 -7.33
C GLN B 27 -2.23 -8.12 -6.93
N PHE B 28 -1.25 -7.39 -6.44
CA PHE B 28 0.01 -8.00 -6.04
C PHE B 28 -0.18 -8.85 -4.80
N LEU B 29 -0.84 -8.29 -3.79
CA LEU B 29 -1.09 -9.01 -2.55
C LEU B 29 -2.05 -10.17 -2.79
N HIS B 30 -2.84 -10.07 -3.85
CA HIS B 30 -3.71 -11.16 -4.29
C HIS B 30 -2.89 -12.43 -4.57
N ASP B 31 -1.91 -12.28 -5.45
CA ASP B 31 -1.08 -13.42 -5.85
C ASP B 31 -0.06 -13.75 -4.78
N GLN B 32 0.50 -12.73 -4.15
CA GLN B 32 1.45 -12.90 -3.06
C GLN B 32 0.78 -13.66 -1.90
N LEU B 33 -0.52 -13.47 -1.76
CA LEU B 33 -1.30 -14.16 -0.75
C LEU B 33 -1.28 -15.66 -1.01
N ARG B 34 -1.60 -16.03 -2.25
CA ARG B 34 -1.67 -17.43 -2.63
C ARG B 34 -0.29 -18.06 -2.69
N HIS B 35 0.73 -17.24 -2.92
CA HIS B 35 2.10 -17.74 -3.01
C HIS B 35 2.75 -17.87 -1.64
N GLY B 36 2.09 -17.30 -0.63
CA GLY B 36 2.63 -17.34 0.72
C GLY B 36 3.84 -16.44 0.87
N GLY B 37 3.76 -15.25 0.29
CA GLY B 37 4.88 -14.34 0.29
C GLY B 37 5.38 -13.99 1.68
N LEU B 38 4.46 -13.70 2.59
CA LEU B 38 4.85 -13.35 3.95
C LEU B 38 4.70 -14.53 4.91
N SER B 39 3.68 -14.48 5.76
CA SER B 39 3.47 -15.52 6.75
C SER B 39 1.98 -15.83 6.90
N SER B 40 1.65 -16.72 7.82
CA SER B 40 0.26 -17.15 8.02
C SER B 40 -0.60 -15.99 8.52
N ASP B 41 -0.20 -15.39 9.64
CA ASP B 41 -0.94 -14.26 10.21
C ASP B 41 -0.93 -13.08 9.25
N ALA B 42 0.10 -13.01 8.44
CA ALA B 42 0.23 -11.96 7.45
C ALA B 42 -0.76 -12.17 6.32
N GLN B 43 -0.99 -13.43 5.97
CA GLN B 43 -1.91 -13.79 4.90
C GLN B 43 -3.31 -13.25 5.17
N GLU B 44 -3.91 -13.71 6.26
CA GLU B 44 -5.22 -13.22 6.67
C GLU B 44 -5.25 -11.70 6.78
N SER B 45 -4.12 -11.12 7.20
CA SER B 45 -4.01 -9.66 7.29
C SER B 45 -4.05 -9.01 5.91
N LEU B 46 -3.39 -9.63 4.92
CA LEU B 46 -3.40 -9.12 3.56
C LEU B 46 -4.81 -9.10 3.02
N GLU B 47 -5.52 -10.21 3.19
CA GLU B 47 -6.88 -10.35 2.68
C GLU B 47 -7.78 -9.25 3.23
N VAL B 48 -7.67 -9.01 4.53
CA VAL B 48 -8.44 -7.95 5.17
C VAL B 48 -8.00 -6.58 4.67
N ALA B 49 -6.69 -6.38 4.58
CA ALA B 49 -6.12 -5.11 4.13
C ALA B 49 -6.57 -4.80 2.70
N ILE B 50 -6.57 -5.81 1.84
CA ILE B 50 -7.01 -5.67 0.46
C ILE B 50 -8.43 -5.10 0.42
N GLN B 51 -9.32 -5.69 1.20
CA GLN B 51 -10.71 -5.26 1.24
C GLN B 51 -10.82 -3.86 1.85
N CYS B 52 -10.02 -3.60 2.86
CA CYS B 52 -10.02 -2.29 3.53
C CYS B 52 -9.56 -1.20 2.57
N LEU B 53 -8.45 -1.45 1.86
CA LEU B 53 -7.91 -0.47 0.93
C LEU B 53 -8.86 -0.28 -0.26
N GLU B 54 -9.57 -1.35 -0.61
CA GLU B 54 -10.56 -1.28 -1.68
C GLU B 54 -11.63 -0.24 -1.35
N THR B 55 -12.24 -0.38 -0.19
CA THR B 55 -13.27 0.56 0.25
C THR B 55 -12.64 1.92 0.59
N ALA B 56 -11.40 1.90 1.04
CA ALA B 56 -10.69 3.11 1.43
C ALA B 56 -10.58 4.09 0.28
N PHE B 57 -9.90 3.68 -0.79
CA PHE B 57 -9.70 4.55 -1.93
C PHE B 57 -10.93 4.57 -2.82
N GLY B 58 -11.86 3.65 -2.55
CA GLY B 58 -13.06 3.55 -3.34
C GLY B 58 -12.78 2.94 -4.70
N VAL B 59 -11.89 1.95 -4.71
CA VAL B 59 -11.44 1.36 -5.95
C VAL B 59 -12.12 0.02 -6.21
N THR B 60 -12.18 -0.35 -7.48
CA THR B 60 -12.76 -1.61 -7.88
C THR B 60 -11.94 -2.22 -9.01
N VAL B 61 -12.43 -3.28 -9.62
CA VAL B 61 -11.76 -3.90 -10.76
C VAL B 61 -11.81 -2.98 -11.98
N GLU B 62 -12.58 -1.91 -11.89
CA GLU B 62 -12.63 -0.90 -12.94
C GLU B 62 -11.25 -0.25 -13.10
N ASP B 63 -10.49 -0.23 -12.00
CA ASP B 63 -9.14 0.31 -12.03
C ASP B 63 -8.24 -0.62 -12.82
N SER B 64 -8.65 -1.88 -12.94
CA SER B 64 -7.91 -2.86 -13.70
C SER B 64 -8.03 -2.57 -15.20
N ASP B 65 -9.18 -2.03 -15.58
CA ASP B 65 -9.39 -1.62 -16.97
C ASP B 65 -8.49 -0.44 -17.33
N LEU B 66 -8.17 0.38 -16.34
CA LEU B 66 -7.26 1.51 -16.56
C LEU B 66 -5.89 1.23 -15.93
N ALA B 67 -5.59 -0.05 -15.76
CA ALA B 67 -4.36 -0.48 -15.10
C ALA B 67 -3.12 -0.04 -15.85
N LEU B 68 -2.08 0.29 -15.09
CA LEU B 68 -0.80 0.63 -15.65
C LEU B 68 -0.11 -0.61 -16.20
N PRO B 69 0.81 -0.45 -17.17
CA PRO B 69 1.45 -1.57 -17.89
C PRO B 69 1.91 -2.70 -16.97
N GLN B 70 2.61 -2.35 -15.91
CA GLN B 70 3.14 -3.35 -14.99
C GLN B 70 2.59 -3.14 -13.60
N THR B 71 2.82 -4.11 -12.71
CA THR B 71 2.42 -3.97 -11.34
C THR B 71 3.30 -2.92 -10.66
N LEU B 72 2.69 -2.15 -9.77
CA LEU B 72 3.36 -1.00 -9.18
C LEU B 72 4.27 -1.36 -8.00
N PRO B 73 3.94 -2.35 -7.14
CA PRO B 73 4.88 -2.81 -6.11
C PRO B 73 6.28 -3.07 -6.66
N GLU B 74 6.35 -3.57 -7.90
CA GLU B 74 7.63 -3.80 -8.56
C GLU B 74 8.31 -2.47 -8.86
N ILE B 75 7.53 -1.51 -9.35
CA ILE B 75 8.01 -0.14 -9.56
C ILE B 75 8.50 0.45 -8.25
N PHE B 76 7.77 0.17 -7.18
CA PHE B 76 8.11 0.69 -5.87
C PHE B 76 9.48 0.19 -5.44
N GLU B 77 9.74 -1.10 -5.66
CA GLU B 77 11.01 -1.69 -5.28
C GLU B 77 12.17 -1.03 -6.04
N ALA B 78 11.88 -0.49 -7.21
CA ALA B 78 12.89 0.17 -8.03
C ALA B 78 13.03 1.65 -7.66
N ALA B 79 11.90 2.35 -7.59
CA ALA B 79 11.91 3.79 -7.42
C ALA B 79 12.03 4.20 -5.95
N ALA B 80 11.27 3.55 -5.10
CA ALA B 80 11.14 3.97 -3.71
C ALA B 80 12.46 3.86 -2.95
N THR B 81 12.97 2.65 -2.80
CA THR B 81 14.22 2.44 -2.08
C THR B 81 15.41 2.60 -3.03
N GLY B 82 15.14 2.99 -4.26
CA GLY B 82 16.19 3.16 -5.24
C GLY B 82 16.91 4.48 -5.08
N LYS B 83 16.26 5.44 -4.45
CA LYS B 83 16.85 6.75 -4.24
C LYS B 83 17.34 6.88 -2.80
N MET A 15 18.14 -5.35 0.01
CA MET A 15 17.10 -4.85 0.93
C MET A 15 15.72 -5.00 0.31
N ASP A 16 14.72 -5.26 1.12
CA ASP A 16 13.36 -5.37 0.65
C ASP A 16 12.69 -4.01 0.67
N ASN A 17 12.06 -3.67 -0.43
CA ASN A 17 11.36 -2.40 -0.57
C ASN A 17 9.98 -2.45 0.05
N LYS A 18 9.34 -3.60 -0.07
CA LYS A 18 7.94 -3.74 0.29
C LYS A 18 7.69 -3.45 1.77
N LYS A 19 8.64 -3.79 2.63
CA LYS A 19 8.53 -3.48 4.05
C LYS A 19 8.54 -1.96 4.27
N ARG A 20 9.37 -1.24 3.52
CA ARG A 20 9.42 0.21 3.62
C ARG A 20 8.19 0.82 2.96
N LEU A 21 7.74 0.15 1.91
CA LEU A 21 6.49 0.48 1.23
C LEU A 21 5.34 0.50 2.24
N ALA A 22 5.25 -0.56 3.03
CA ALA A 22 4.24 -0.67 4.06
C ALA A 22 4.32 0.50 5.03
N TYR A 23 5.51 0.72 5.58
CA TYR A 23 5.72 1.80 6.53
C TYR A 23 5.30 3.14 5.97
N ALA A 24 5.67 3.40 4.73
CA ALA A 24 5.35 4.66 4.07
C ALA A 24 3.84 4.86 4.01
N ILE A 25 3.14 3.79 3.68
CA ILE A 25 1.68 3.81 3.60
C ILE A 25 1.08 3.94 5.00
N ILE A 26 1.71 3.27 5.98
CA ILE A 26 1.33 3.40 7.37
C ILE A 26 1.34 4.87 7.81
N GLN A 27 2.43 5.57 7.50
CA GLN A 27 2.58 6.97 7.86
C GLN A 27 1.62 7.86 7.08
N PHE A 28 1.61 7.71 5.77
CA PHE A 28 0.79 8.55 4.90
C PHE A 28 -0.69 8.39 5.23
N LEU A 29 -1.14 7.15 5.33
CA LEU A 29 -2.53 6.87 5.65
C LEU A 29 -2.87 7.26 7.09
N HIS A 30 -1.87 7.23 7.97
CA HIS A 30 -2.08 7.64 9.36
C HIS A 30 -2.37 9.12 9.43
N ASP A 31 -1.55 9.92 8.76
CA ASP A 31 -1.74 11.37 8.73
C ASP A 31 -2.99 11.73 7.94
N GLN A 32 -3.14 11.07 6.79
CA GLN A 32 -4.30 11.29 5.93
C GLN A 32 -5.59 10.90 6.67
N LEU A 33 -5.46 9.96 7.58
CA LEU A 33 -6.57 9.51 8.41
C LEU A 33 -7.08 10.67 9.26
N ARG A 34 -6.15 11.29 9.99
CA ARG A 34 -6.49 12.39 10.88
C ARG A 34 -6.90 13.61 10.07
N HIS A 35 -6.34 13.75 8.88
CA HIS A 35 -6.62 14.90 8.02
C HIS A 35 -7.99 14.75 7.36
N GLY A 36 -8.45 13.52 7.22
CA GLY A 36 -9.76 13.26 6.63
C GLY A 36 -9.70 13.18 5.12
N GLY A 37 -8.64 12.56 4.61
CA GLY A 37 -8.42 12.49 3.18
C GLY A 37 -9.51 11.74 2.43
N LEU A 38 -9.95 10.62 2.98
CA LEU A 38 -10.96 9.80 2.33
C LEU A 38 -12.33 9.98 3.00
N SER A 39 -13.31 9.19 2.58
CA SER A 39 -14.66 9.28 3.12
C SER A 39 -14.74 8.59 4.50
N SER A 40 -15.96 8.47 5.02
CA SER A 40 -16.17 7.97 6.38
C SER A 40 -15.79 6.49 6.51
N ASP A 41 -16.43 5.63 5.72
CA ASP A 41 -16.15 4.19 5.75
C ASP A 41 -14.70 3.95 5.34
N ALA A 42 -14.25 4.76 4.40
CA ALA A 42 -12.89 4.68 3.90
C ALA A 42 -11.89 5.00 5.00
N GLN A 43 -12.25 5.96 5.86
CA GLN A 43 -11.43 6.36 6.98
C GLN A 43 -11.21 5.17 7.92
N GLU A 44 -12.33 4.55 8.30
CA GLU A 44 -12.28 3.37 9.16
C GLU A 44 -11.43 2.27 8.53
N SER A 45 -11.53 2.15 7.22
CA SER A 45 -10.80 1.13 6.48
C SER A 45 -9.30 1.37 6.51
N LEU A 46 -8.88 2.63 6.56
CA LEU A 46 -7.45 2.95 6.59
C LEU A 46 -6.81 2.38 7.84
N GLU A 47 -7.39 2.70 8.99
CA GLU A 47 -6.83 2.28 10.27
C GLU A 47 -6.64 0.76 10.31
N VAL A 48 -7.65 0.04 9.86
CA VAL A 48 -7.60 -1.42 9.81
C VAL A 48 -6.48 -1.88 8.89
N ALA A 49 -6.42 -1.29 7.69
CA ALA A 49 -5.41 -1.64 6.71
C ALA A 49 -4.00 -1.37 7.23
N ILE A 50 -3.83 -0.24 7.91
CA ILE A 50 -2.54 0.12 8.49
C ILE A 50 -2.04 -0.97 9.42
N GLN A 51 -2.90 -1.40 10.35
CA GLN A 51 -2.53 -2.41 11.32
C GLN A 51 -2.25 -3.74 10.63
N CYS A 52 -3.02 -4.04 9.59
CA CYS A 52 -2.88 -5.28 8.86
C CYS A 52 -1.56 -5.31 8.07
N LEU A 53 -1.27 -4.23 7.35
CA LEU A 53 -0.04 -4.16 6.57
C LEU A 53 1.19 -4.16 7.47
N GLU A 54 1.05 -3.52 8.63
CA GLU A 54 2.12 -3.52 9.63
C GLU A 54 2.46 -4.96 10.02
N THR A 55 1.44 -5.73 10.37
CA THR A 55 1.60 -7.12 10.75
C THR A 55 2.05 -7.97 9.56
N ALA A 56 1.56 -7.60 8.38
CA ALA A 56 1.81 -8.36 7.16
C ALA A 56 3.30 -8.41 6.82
N PHE A 57 3.88 -7.26 6.55
CA PHE A 57 5.27 -7.20 6.12
C PHE A 57 6.22 -7.37 7.31
N GLY A 58 5.64 -7.50 8.51
CA GLY A 58 6.43 -7.66 9.70
C GLY A 58 7.17 -6.40 10.07
N VAL A 59 6.55 -5.27 9.81
CA VAL A 59 7.17 -3.98 10.06
C VAL A 59 6.68 -3.37 11.36
N THR A 60 7.51 -2.55 11.95
CA THR A 60 7.19 -1.88 13.20
C THR A 60 7.63 -0.43 13.14
N VAL A 61 7.59 0.28 14.26
CA VAL A 61 8.09 1.66 14.30
C VAL A 61 9.61 1.68 14.15
N GLU A 62 10.23 0.51 14.27
CA GLU A 62 11.65 0.37 13.98
C GLU A 62 11.91 0.69 12.51
N ASP A 63 10.91 0.38 11.68
CA ASP A 63 10.99 0.67 10.26
C ASP A 63 10.77 2.16 10.02
N SER A 64 10.41 2.88 11.07
CA SER A 64 10.32 4.34 11.00
C SER A 64 11.71 4.93 11.16
N ASP A 65 12.58 4.22 11.87
CA ASP A 65 13.97 4.63 12.01
C ASP A 65 14.68 4.56 10.66
N LEU A 66 14.41 3.50 9.91
CA LEU A 66 15.01 3.35 8.58
C LEU A 66 14.13 3.97 7.50
N ALA A 67 13.38 5.00 7.88
CA ALA A 67 12.49 5.72 6.96
C ALA A 67 13.28 6.39 5.84
N LEU A 68 12.59 6.71 4.76
CA LEU A 68 13.19 7.40 3.64
C LEU A 68 12.92 8.90 3.73
N PRO A 69 13.73 9.73 3.04
CA PRO A 69 13.64 11.20 3.11
C PRO A 69 12.22 11.75 3.08
N GLN A 70 11.43 11.29 2.11
CA GLN A 70 10.06 11.75 1.97
C GLN A 70 9.10 10.57 2.01
N THR A 71 7.81 10.84 1.95
CA THR A 71 6.81 9.79 1.90
C THR A 71 6.88 9.09 0.55
N LEU A 72 6.69 7.78 0.57
CA LEU A 72 6.81 6.99 -0.65
C LEU A 72 5.58 7.12 -1.54
N PRO A 73 4.34 7.26 -1.00
CA PRO A 73 3.19 7.63 -1.83
C PRO A 73 3.47 8.83 -2.74
N GLU A 74 4.34 9.73 -2.29
CA GLU A 74 4.74 10.87 -3.11
C GLU A 74 5.71 10.43 -4.21
N ILE A 75 6.55 9.45 -3.88
CA ILE A 75 7.41 8.81 -4.87
C ILE A 75 6.54 8.11 -5.91
N PHE A 76 5.49 7.47 -5.41
CA PHE A 76 4.60 6.70 -6.26
C PHE A 76 3.86 7.61 -7.23
N GLU A 77 3.33 8.73 -6.75
CA GLU A 77 2.60 9.66 -7.60
C GLU A 77 3.52 10.24 -8.68
N ALA A 78 4.82 10.18 -8.45
CA ALA A 78 5.79 10.60 -9.45
C ALA A 78 6.14 9.46 -10.40
N ALA A 79 6.74 8.40 -9.86
CA ALA A 79 7.25 7.29 -10.66
C ALA A 79 6.11 6.44 -11.24
N ALA A 80 5.19 6.05 -10.39
CA ALA A 80 4.13 5.13 -10.77
C ALA A 80 3.09 5.80 -11.67
N THR A 81 3.17 7.12 -11.77
CA THR A 81 2.33 7.86 -12.69
C THR A 81 3.11 8.21 -13.95
N GLY A 82 4.43 8.15 -13.85
CA GLY A 82 5.29 8.56 -14.94
C GLY A 82 5.64 7.40 -15.86
N LYS A 83 4.65 6.62 -16.25
CA LYS A 83 4.84 5.52 -17.17
C LYS A 83 3.53 5.19 -17.86
N MET B 15 -4.74 13.13 -12.74
CA MET B 15 -5.14 11.78 -12.28
C MET B 15 -4.54 11.49 -10.92
N ASP B 16 -5.26 10.76 -10.10
CA ASP B 16 -4.76 10.36 -8.79
C ASP B 16 -4.00 9.05 -8.90
N ASN B 17 -2.83 9.02 -8.31
CA ASN B 17 -1.98 7.84 -8.34
C ASN B 17 -2.38 6.86 -7.25
N LYS B 18 -2.82 7.39 -6.11
CA LYS B 18 -3.04 6.58 -4.93
C LYS B 18 -4.12 5.52 -5.14
N LYS B 19 -5.13 5.83 -5.95
CA LYS B 19 -6.15 4.85 -6.28
C LYS B 19 -5.56 3.69 -7.08
N ARG B 20 -4.65 3.99 -7.99
CA ARG B 20 -3.99 2.94 -8.78
C ARG B 20 -2.98 2.21 -7.90
N LEU B 21 -2.38 2.97 -6.99
CA LEU B 21 -1.50 2.42 -5.96
C LEU B 21 -2.22 1.32 -5.20
N ALA B 22 -3.43 1.62 -4.73
CA ALA B 22 -4.26 0.67 -4.03
C ALA B 22 -4.48 -0.58 -4.86
N TYR B 23 -4.96 -0.39 -6.07
CA TYR B 23 -5.25 -1.51 -6.98
C TYR B 23 -4.03 -2.39 -7.17
N ALA B 24 -2.88 -1.77 -7.37
CA ALA B 24 -1.63 -2.49 -7.60
C ALA B 24 -1.31 -3.39 -6.40
N ILE B 25 -1.51 -2.84 -5.22
CA ILE B 25 -1.28 -3.57 -3.98
C ILE B 25 -2.34 -4.66 -3.81
N ILE B 26 -3.57 -4.35 -4.20
CA ILE B 26 -4.66 -5.32 -4.21
C ILE B 26 -4.26 -6.55 -5.02
N GLN B 27 -3.77 -6.33 -6.23
CA GLN B 27 -3.37 -7.42 -7.11
C GLN B 27 -2.15 -8.15 -6.58
N PHE B 28 -1.10 -7.40 -6.26
CA PHE B 28 0.16 -7.99 -5.82
C PHE B 28 -0.05 -8.81 -4.55
N LEU B 29 -0.73 -8.23 -3.57
CA LEU B 29 -0.99 -8.92 -2.31
C LEU B 29 -1.97 -10.06 -2.49
N HIS B 30 -2.83 -9.95 -3.49
CA HIS B 30 -3.79 -11.02 -3.78
C HIS B 30 -3.06 -12.27 -4.28
N ASP B 31 -2.17 -12.06 -5.25
CA ASP B 31 -1.37 -13.16 -5.80
C ASP B 31 -0.37 -13.66 -4.76
N GLN B 32 0.28 -12.73 -4.08
CA GLN B 32 1.24 -13.06 -3.04
C GLN B 32 0.56 -13.81 -1.90
N LEU B 33 -0.73 -13.53 -1.71
CA LEU B 33 -1.53 -14.20 -0.71
C LEU B 33 -1.61 -15.69 -1.02
N ARG B 34 -2.00 -16.00 -2.25
CA ARG B 34 -2.15 -17.39 -2.67
C ARG B 34 -0.79 -18.06 -2.78
N HIS B 35 0.23 -17.28 -3.09
CA HIS B 35 1.58 -17.81 -3.26
C HIS B 35 2.22 -18.10 -1.90
N GLY B 36 1.75 -17.40 -0.87
CA GLY B 36 2.26 -17.61 0.48
C GLY B 36 3.50 -16.78 0.75
N GLY B 37 3.49 -15.54 0.27
CA GLY B 37 4.65 -14.68 0.39
C GLY B 37 5.02 -14.35 1.83
N LEU B 38 4.01 -14.07 2.65
CA LEU B 38 4.26 -13.70 4.04
C LEU B 38 3.93 -14.86 4.98
N SER B 39 3.99 -14.60 6.28
CA SER B 39 3.72 -15.63 7.27
C SER B 39 2.21 -15.88 7.42
N SER B 40 1.82 -16.67 8.42
CA SER B 40 0.43 -17.09 8.58
C SER B 40 -0.48 -15.92 8.96
N ASP B 41 -0.19 -15.27 10.09
CA ASP B 41 -1.00 -14.13 10.54
C ASP B 41 -0.92 -13.01 9.53
N ALA B 42 0.25 -12.88 8.92
CA ALA B 42 0.49 -11.88 7.90
C ALA B 42 -0.38 -12.13 6.67
N GLN B 43 -0.57 -13.41 6.35
CA GLN B 43 -1.42 -13.81 5.23
C GLN B 43 -2.85 -13.32 5.46
N GLU B 44 -3.39 -13.65 6.64
CA GLU B 44 -4.73 -13.23 7.02
C GLU B 44 -4.85 -11.71 6.96
N SER B 45 -3.78 -11.03 7.36
CA SER B 45 -3.76 -9.57 7.38
C SER B 45 -3.82 -8.97 5.98
N LEU B 46 -3.25 -9.67 4.99
CA LEU B 46 -3.27 -9.18 3.62
C LEU B 46 -4.70 -9.05 3.11
N GLU B 47 -5.45 -10.14 3.22
CA GLU B 47 -6.82 -10.18 2.71
C GLU B 47 -7.66 -9.05 3.29
N VAL B 48 -7.53 -8.85 4.60
CA VAL B 48 -8.25 -7.77 5.28
C VAL B 48 -7.83 -6.42 4.73
N ALA B 49 -6.52 -6.21 4.63
CA ALA B 49 -5.96 -4.96 4.13
C ALA B 49 -6.43 -4.67 2.70
N ILE B 50 -6.43 -5.70 1.87
CA ILE B 50 -6.88 -5.58 0.49
C ILE B 50 -8.29 -5.01 0.42
N GLN B 51 -9.20 -5.61 1.17
CA GLN B 51 -10.59 -5.19 1.18
C GLN B 51 -10.72 -3.77 1.73
N CYS B 52 -9.91 -3.47 2.74
CA CYS B 52 -9.94 -2.15 3.36
C CYS B 52 -9.44 -1.07 2.41
N LEU B 53 -8.30 -1.31 1.76
CA LEU B 53 -7.73 -0.35 0.84
C LEU B 53 -8.63 -0.15 -0.37
N GLU B 54 -9.27 -1.23 -0.80
CA GLU B 54 -10.24 -1.17 -1.88
C GLU B 54 -11.34 -0.18 -1.54
N THR B 55 -11.92 -0.35 -0.37
CA THR B 55 -12.99 0.52 0.11
C THR B 55 -12.46 1.93 0.37
N ALA B 56 -11.22 2.01 0.83
CA ALA B 56 -10.60 3.27 1.23
C ALA B 56 -10.50 4.24 0.06
N PHE B 57 -9.73 3.87 -0.95
CA PHE B 57 -9.49 4.77 -2.08
C PHE B 57 -10.69 4.78 -3.02
N GLY B 58 -11.71 3.98 -2.70
CA GLY B 58 -12.90 3.93 -3.52
C GLY B 58 -12.63 3.24 -4.84
N VAL B 59 -11.76 2.24 -4.82
CA VAL B 59 -11.38 1.56 -6.03
C VAL B 59 -12.12 0.23 -6.16
N THR B 60 -12.29 -0.20 -7.40
CA THR B 60 -12.97 -1.45 -7.70
C THR B 60 -12.21 -2.20 -8.78
N VAL B 61 -12.79 -3.28 -9.31
CA VAL B 61 -12.18 -4.00 -10.40
C VAL B 61 -12.20 -3.16 -11.68
N GLU B 62 -12.97 -2.08 -11.65
CA GLU B 62 -12.95 -1.09 -12.74
C GLU B 62 -11.57 -0.46 -12.82
N ASP B 63 -10.91 -0.36 -11.67
CA ASP B 63 -9.56 0.17 -11.61
C ASP B 63 -8.56 -0.86 -12.11
N SER B 64 -9.04 -2.07 -12.36
CA SER B 64 -8.24 -3.09 -12.98
C SER B 64 -8.20 -2.86 -14.49
N ASP B 65 -9.27 -2.28 -15.00
CA ASP B 65 -9.32 -1.92 -16.42
C ASP B 65 -8.29 -0.84 -16.73
N LEU B 66 -8.17 0.14 -15.84
CA LEU B 66 -7.19 1.21 -16.01
C LEU B 66 -5.84 0.85 -15.38
N ALA B 67 -5.56 -0.44 -15.30
CA ALA B 67 -4.32 -0.95 -14.74
C ALA B 67 -3.11 -0.47 -15.52
N LEU B 68 -1.94 -0.53 -14.89
CA LEU B 68 -0.70 -0.14 -15.52
C LEU B 68 0.03 -1.38 -16.05
N PRO B 69 0.95 -1.20 -17.01
CA PRO B 69 1.66 -2.31 -17.68
C PRO B 69 2.13 -3.41 -16.73
N GLN B 70 2.79 -3.03 -15.65
CA GLN B 70 3.31 -3.99 -14.70
C GLN B 70 2.77 -3.68 -13.31
N THR B 71 3.10 -4.52 -12.33
CA THR B 71 2.69 -4.26 -10.97
C THR B 71 3.47 -3.07 -10.43
N LEU B 72 2.80 -2.27 -9.60
CA LEU B 72 3.42 -1.06 -9.08
C LEU B 72 4.38 -1.35 -7.93
N PRO B 73 4.13 -2.35 -7.06
CA PRO B 73 5.14 -2.80 -6.10
C PRO B 73 6.50 -3.04 -6.76
N GLU B 74 6.50 -3.44 -8.02
CA GLU B 74 7.74 -3.64 -8.77
C GLU B 74 8.34 -2.28 -9.16
N ILE B 75 7.47 -1.33 -9.45
CA ILE B 75 7.89 0.05 -9.69
C ILE B 75 8.49 0.61 -8.40
N PHE B 76 7.87 0.27 -7.29
CA PHE B 76 8.28 0.75 -5.99
C PHE B 76 9.66 0.21 -5.62
N GLU B 77 9.88 -1.08 -5.83
CA GLU B 77 11.15 -1.68 -5.50
C GLU B 77 12.28 -1.10 -6.36
N ALA B 78 11.92 -0.49 -7.48
CA ALA B 78 12.87 0.20 -8.31
C ALA B 78 13.05 1.66 -7.86
N ALA B 79 11.98 2.44 -7.96
CA ALA B 79 12.04 3.88 -7.68
C ALA B 79 12.22 4.17 -6.20
N ALA B 80 11.39 3.55 -5.38
CA ALA B 80 11.35 3.83 -3.95
C ALA B 80 12.58 3.26 -3.24
N THR B 81 13.33 2.42 -3.92
CA THR B 81 14.59 1.92 -3.40
C THR B 81 15.75 2.70 -4.00
N GLY B 82 15.49 3.38 -5.11
CA GLY B 82 16.54 4.07 -5.82
C GLY B 82 16.69 5.52 -5.38
N LYS B 83 16.71 5.74 -4.07
CA LYS B 83 16.91 7.07 -3.52
C LYS B 83 17.46 6.96 -2.11
N MET A 15 17.55 -3.98 1.48
CA MET A 15 16.63 -4.69 0.55
C MET A 15 15.18 -4.58 1.03
N ASP A 16 14.93 -3.71 2.00
CA ASP A 16 13.62 -3.62 2.62
C ASP A 16 12.68 -2.74 1.81
N ASN A 17 12.19 -3.28 0.71
CA ASN A 17 11.23 -2.56 -0.13
C ASN A 17 9.81 -2.79 0.38
N LYS A 18 9.49 -4.03 0.72
CA LYS A 18 8.16 -4.38 1.18
C LYS A 18 7.87 -3.72 2.53
N LYS A 19 8.86 -3.77 3.42
CA LYS A 19 8.74 -3.21 4.75
C LYS A 19 8.43 -1.73 4.70
N ARG A 20 9.31 -0.99 4.04
CA ARG A 20 9.23 0.46 4.03
C ARG A 20 8.08 0.94 3.15
N LEU A 21 7.61 0.06 2.27
CA LEU A 21 6.39 0.32 1.51
C LEU A 21 5.23 0.52 2.46
N ALA A 22 5.11 -0.42 3.40
CA ALA A 22 4.06 -0.35 4.40
C ALA A 22 4.26 0.86 5.28
N TYR A 23 5.47 1.04 5.80
CA TYR A 23 5.77 2.15 6.70
C TYR A 23 5.37 3.49 6.08
N ALA A 24 5.78 3.71 4.84
CA ALA A 24 5.55 4.99 4.18
C ALA A 24 4.07 5.23 3.94
N ILE A 25 3.38 4.18 3.52
CA ILE A 25 1.94 4.27 3.30
C ILE A 25 1.20 4.48 4.62
N ILE A 26 1.62 3.76 5.65
CA ILE A 26 1.04 3.92 6.98
C ILE A 26 1.17 5.36 7.46
N GLN A 27 2.38 5.90 7.38
CA GLN A 27 2.65 7.26 7.85
C GLN A 27 1.85 8.29 7.07
N PHE A 28 1.86 8.17 5.74
CA PHE A 28 1.13 9.09 4.88
C PHE A 28 -0.37 8.99 5.14
N LEU A 29 -0.88 7.77 5.20
CA LEU A 29 -2.30 7.53 5.42
C LEU A 29 -2.70 7.84 6.85
N HIS A 30 -1.75 7.83 7.77
CA HIS A 30 -2.03 8.18 9.17
C HIS A 30 -2.30 9.67 9.28
N ASP A 31 -1.44 10.48 8.66
CA ASP A 31 -1.62 11.93 8.64
C ASP A 31 -2.89 12.28 7.88
N GLN A 32 -3.07 11.64 6.73
CA GLN A 32 -4.27 11.82 5.93
C GLN A 32 -5.52 11.41 6.70
N LEU A 33 -5.40 10.35 7.50
CA LEU A 33 -6.51 9.86 8.30
C LEU A 33 -6.92 10.91 9.32
N ARG A 34 -5.94 11.45 10.02
CA ARG A 34 -6.17 12.50 11.00
C ARG A 34 -6.72 13.75 10.31
N HIS A 35 -6.29 13.97 9.07
CA HIS A 35 -6.70 15.13 8.29
C HIS A 35 -8.11 14.96 7.73
N GLY A 36 -8.55 13.71 7.63
CA GLY A 36 -9.86 13.43 7.09
C GLY A 36 -9.87 13.49 5.57
N GLY A 37 -8.85 12.93 4.95
CA GLY A 37 -8.72 12.97 3.50
C GLY A 37 -9.79 12.17 2.79
N LEU A 38 -9.79 10.86 3.01
CA LEU A 38 -10.75 9.98 2.35
C LEU A 38 -12.11 10.02 3.06
N SER A 39 -13.05 9.23 2.57
CA SER A 39 -14.41 9.21 3.11
C SER A 39 -14.44 8.58 4.50
N SER A 40 -15.60 8.60 5.14
CA SER A 40 -15.74 8.09 6.51
C SER A 40 -15.39 6.60 6.58
N ASP A 41 -16.07 5.80 5.77
CA ASP A 41 -15.84 4.35 5.73
C ASP A 41 -14.41 4.05 5.35
N ALA A 42 -13.89 4.81 4.38
CA ALA A 42 -12.52 4.68 3.94
C ALA A 42 -11.55 4.89 5.10
N GLN A 43 -11.80 5.96 5.85
CA GLN A 43 -11.00 6.29 7.03
C GLN A 43 -10.92 5.11 7.99
N GLU A 44 -12.09 4.69 8.46
CA GLU A 44 -12.21 3.52 9.34
C GLU A 44 -11.45 2.32 8.77
N SER A 45 -11.59 2.10 7.48
CA SER A 45 -10.96 0.97 6.81
C SER A 45 -9.44 1.10 6.79
N LEU A 46 -8.94 2.33 6.67
CA LEU A 46 -7.49 2.56 6.64
C LEU A 46 -6.88 2.18 7.97
N GLU A 47 -7.56 2.51 9.06
CA GLU A 47 -7.09 2.17 10.40
C GLU A 47 -6.90 0.65 10.50
N VAL A 48 -7.82 -0.09 9.92
CA VAL A 48 -7.72 -1.55 9.90
C VAL A 48 -6.58 -1.99 9.01
N ALA A 49 -6.53 -1.44 7.80
CA ALA A 49 -5.51 -1.78 6.81
C ALA A 49 -4.11 -1.50 7.34
N ILE A 50 -3.97 -0.38 8.06
CA ILE A 50 -2.70 0.01 8.66
C ILE A 50 -2.17 -1.10 9.57
N GLN A 51 -2.98 -1.51 10.53
CA GLN A 51 -2.58 -2.56 11.48
C GLN A 51 -2.35 -3.89 10.76
N CYS A 52 -3.13 -4.13 9.71
CA CYS A 52 -2.98 -5.35 8.92
C CYS A 52 -1.64 -5.37 8.20
N LEU A 53 -1.34 -4.30 7.47
CA LEU A 53 -0.07 -4.20 6.75
C LEU A 53 1.10 -4.15 7.74
N GLU A 54 0.89 -3.45 8.85
CA GLU A 54 1.86 -3.36 9.92
C GLU A 54 2.26 -4.75 10.40
N THR A 55 1.27 -5.56 10.74
CA THR A 55 1.51 -6.91 11.21
C THR A 55 2.01 -7.81 10.07
N ALA A 56 1.59 -7.51 8.86
CA ALA A 56 1.92 -8.32 7.69
C ALA A 56 3.41 -8.31 7.40
N PHE A 57 3.94 -7.14 7.09
CA PHE A 57 5.34 -7.01 6.70
C PHE A 57 6.26 -7.13 7.91
N GLY A 58 5.67 -7.07 9.09
CA GLY A 58 6.45 -7.13 10.31
C GLY A 58 7.07 -5.80 10.64
N VAL A 59 6.40 -4.73 10.22
CA VAL A 59 6.90 -3.38 10.45
C VAL A 59 6.12 -2.73 11.57
N THR A 60 6.75 -1.80 12.26
CA THR A 60 6.10 -1.02 13.31
C THR A 60 6.60 0.41 13.27
N VAL A 61 6.28 1.20 14.29
CA VAL A 61 6.72 2.59 14.34
C VAL A 61 8.25 2.72 14.24
N GLU A 62 8.97 1.68 14.67
CA GLU A 62 10.43 1.69 14.59
C GLU A 62 10.89 1.69 13.12
N ASP A 63 10.02 1.19 12.24
CA ASP A 63 10.33 1.15 10.82
C ASP A 63 10.16 2.56 10.25
N SER A 64 9.46 3.41 10.99
CA SER A 64 9.33 4.81 10.64
C SER A 64 10.56 5.57 11.11
N ASP A 65 11.28 4.99 12.05
CA ASP A 65 12.53 5.59 12.52
C ASP A 65 13.65 5.37 11.51
N LEU A 66 13.55 4.30 10.72
CA LEU A 66 14.47 4.09 9.61
C LEU A 66 13.93 4.78 8.36
N ALA A 67 13.22 5.89 8.59
CA ALA A 67 12.58 6.68 7.54
C ALA A 67 13.50 6.97 6.36
N LEU A 68 12.90 7.11 5.19
CA LEU A 68 13.64 7.40 3.98
C LEU A 68 13.61 8.90 3.69
N PRO A 69 14.67 9.43 3.05
CA PRO A 69 14.75 10.84 2.66
C PRO A 69 13.44 11.37 2.09
N GLN A 70 12.92 10.65 1.11
CA GLN A 70 11.68 11.01 0.45
C GLN A 70 10.56 10.12 0.95
N THR A 71 9.35 10.63 0.97
CA THR A 71 8.20 9.82 1.26
C THR A 71 7.80 9.04 0.01
N LEU A 72 7.43 7.79 0.20
CA LEU A 72 7.27 6.87 -0.91
C LEU A 72 5.94 7.03 -1.66
N PRO A 73 4.80 7.32 -0.97
CA PRO A 73 3.57 7.68 -1.67
C PRO A 73 3.76 8.91 -2.57
N GLU A 74 4.65 9.81 -2.17
CA GLU A 74 4.99 10.97 -2.98
C GLU A 74 5.75 10.54 -4.22
N ILE A 75 6.75 9.69 -4.02
CA ILE A 75 7.45 9.04 -5.13
C ILE A 75 6.46 8.35 -6.04
N PHE A 76 5.49 7.69 -5.43
CA PHE A 76 4.47 6.97 -6.14
C PHE A 76 3.66 7.90 -7.04
N GLU A 77 3.42 9.12 -6.56
CA GLU A 77 2.65 10.10 -7.33
C GLU A 77 3.40 10.51 -8.59
N ALA A 78 4.72 10.42 -8.56
CA ALA A 78 5.53 10.74 -9.72
C ALA A 78 5.73 9.52 -10.61
N ALA A 79 6.05 8.39 -9.98
CA ALA A 79 6.36 7.17 -10.71
C ALA A 79 5.12 6.52 -11.30
N ALA A 80 4.10 6.34 -10.47
CA ALA A 80 2.92 5.56 -10.84
C ALA A 80 2.01 6.29 -11.83
N THR A 81 2.30 7.56 -12.07
CA THR A 81 1.54 8.32 -13.06
C THR A 81 2.22 8.28 -14.42
N GLY A 82 3.29 7.49 -14.50
CA GLY A 82 4.02 7.34 -15.74
C GLY A 82 4.81 6.05 -15.76
N LYS A 83 6.11 6.16 -15.98
CA LYS A 83 6.99 5.00 -15.96
C LYS A 83 8.44 5.44 -15.82
N MET B 15 -5.21 11.13 -13.20
CA MET B 15 -4.69 11.61 -11.89
C MET B 15 -4.89 10.54 -10.81
N ASP B 16 -5.24 9.33 -11.22
CA ASP B 16 -5.58 8.29 -10.25
C ASP B 16 -4.32 7.60 -9.75
N ASN B 17 -3.62 8.26 -8.85
CA ASN B 17 -2.45 7.67 -8.22
C ASN B 17 -2.84 6.83 -7.01
N LYS B 18 -3.74 7.38 -6.19
CA LYS B 18 -4.17 6.70 -4.97
C LYS B 18 -4.95 5.43 -5.31
N LYS B 19 -5.82 5.53 -6.30
CA LYS B 19 -6.65 4.42 -6.73
C LYS B 19 -5.80 3.25 -7.19
N ARG B 20 -4.96 3.51 -8.18
CA ARG B 20 -4.19 2.47 -8.82
C ARG B 20 -3.08 1.97 -7.91
N LEU B 21 -2.73 2.78 -6.90
CA LEU B 21 -1.81 2.34 -5.86
C LEU B 21 -2.40 1.13 -5.15
N ALA B 22 -3.66 1.26 -4.75
CA ALA B 22 -4.37 0.18 -4.10
C ALA B 22 -4.51 -1.01 -5.03
N TYR B 23 -4.99 -0.75 -6.25
CA TYR B 23 -5.21 -1.82 -7.23
C TYR B 23 -3.95 -2.67 -7.43
N ALA B 24 -2.83 -2.00 -7.64
CA ALA B 24 -1.58 -2.68 -7.96
C ALA B 24 -1.10 -3.49 -6.77
N ILE B 25 -1.20 -2.92 -5.58
CA ILE B 25 -0.80 -3.62 -4.37
C ILE B 25 -1.74 -4.79 -4.10
N ILE B 26 -3.04 -4.57 -4.30
CA ILE B 26 -4.02 -5.65 -4.13
C ILE B 26 -3.70 -6.83 -5.05
N GLN B 27 -3.49 -6.54 -6.33
CA GLN B 27 -3.21 -7.58 -7.31
C GLN B 27 -1.92 -8.33 -6.99
N PHE B 28 -0.87 -7.58 -6.68
CA PHE B 28 0.42 -8.18 -6.35
C PHE B 28 0.31 -9.02 -5.08
N LEU B 29 -0.32 -8.45 -4.06
CA LEU B 29 -0.47 -9.13 -2.78
C LEU B 29 -1.48 -10.27 -2.87
N HIS B 30 -2.38 -10.21 -3.85
CA HIS B 30 -3.34 -11.29 -4.06
C HIS B 30 -2.63 -12.53 -4.58
N ASP B 31 -1.78 -12.35 -5.59
CA ASP B 31 -1.01 -13.45 -6.15
C ASP B 31 -0.04 -13.98 -5.10
N GLN B 32 0.62 -13.06 -4.40
CA GLN B 32 1.53 -13.41 -3.32
C GLN B 32 0.78 -14.15 -2.20
N LEU B 33 -0.45 -13.74 -1.94
CA LEU B 33 -1.26 -14.37 -0.90
C LEU B 33 -1.54 -15.82 -1.27
N ARG B 34 -1.96 -16.03 -2.51
CA ARG B 34 -2.21 -17.36 -3.02
C ARG B 34 -0.92 -18.18 -3.04
N HIS B 35 0.19 -17.50 -3.27
CA HIS B 35 1.49 -18.14 -3.35
C HIS B 35 2.04 -18.47 -1.96
N GLY B 36 1.53 -17.77 -0.95
CA GLY B 36 1.98 -18.00 0.41
C GLY B 36 3.30 -17.30 0.69
N GLY B 37 3.42 -16.06 0.20
CA GLY B 37 4.67 -15.33 0.35
C GLY B 37 4.97 -14.96 1.79
N LEU B 38 4.10 -14.16 2.39
CA LEU B 38 4.31 -13.72 3.77
C LEU B 38 3.87 -14.80 4.77
N SER B 39 3.99 -14.49 6.06
CA SER B 39 3.66 -15.44 7.11
C SER B 39 2.15 -15.71 7.19
N SER B 40 1.75 -16.65 8.04
CA SER B 40 0.34 -17.02 8.15
C SER B 40 -0.53 -15.84 8.57
N ASP B 41 -0.18 -15.22 9.69
CA ASP B 41 -0.93 -14.08 10.22
C ASP B 41 -0.90 -12.93 9.22
N ALA B 42 0.25 -12.73 8.60
CA ALA B 42 0.41 -11.70 7.58
C ALA B 42 -0.57 -11.93 6.43
N GLN B 43 -0.63 -13.17 5.97
CA GLN B 43 -1.55 -13.56 4.91
C GLN B 43 -2.98 -13.17 5.23
N GLU B 44 -3.47 -13.71 6.33
CA GLU B 44 -4.80 -13.39 6.85
C GLU B 44 -5.04 -11.88 6.91
N SER B 45 -4.02 -11.15 7.38
CA SER B 45 -4.11 -9.72 7.53
C SER B 45 -4.19 -9.01 6.18
N LEU B 46 -3.51 -9.54 5.17
CA LEU B 46 -3.53 -8.94 3.84
C LEU B 46 -4.91 -9.02 3.24
N GLU B 47 -5.59 -10.14 3.46
CA GLU B 47 -6.95 -10.31 2.97
C GLU B 47 -7.85 -9.21 3.52
N VAL B 48 -7.64 -8.87 4.79
CA VAL B 48 -8.39 -7.80 5.43
C VAL B 48 -7.98 -6.45 4.86
N ALA B 49 -6.67 -6.22 4.77
CA ALA B 49 -6.13 -4.97 4.26
C ALA B 49 -6.58 -4.70 2.83
N ILE B 50 -6.63 -5.76 2.02
CA ILE B 50 -7.07 -5.67 0.64
C ILE B 50 -8.48 -5.08 0.56
N GLN B 51 -9.43 -5.68 1.27
CA GLN B 51 -10.80 -5.20 1.26
C GLN B 51 -10.91 -3.80 1.86
N CYS B 52 -10.05 -3.52 2.84
CA CYS B 52 -10.03 -2.21 3.47
C CYS B 52 -9.58 -1.14 2.48
N LEU B 53 -8.44 -1.37 1.82
CA LEU B 53 -7.92 -0.42 0.84
C LEU B 53 -8.85 -0.34 -0.36
N GLU B 54 -9.41 -1.48 -0.74
CA GLU B 54 -10.38 -1.58 -1.81
C GLU B 54 -11.54 -0.63 -1.57
N THR B 55 -12.14 -0.75 -0.38
CA THR B 55 -13.28 0.10 -0.01
C THR B 55 -12.83 1.54 0.22
N ALA B 56 -11.59 1.71 0.68
CA ALA B 56 -11.06 3.02 1.01
C ALA B 56 -10.96 3.94 -0.21
N PHE B 57 -10.15 3.54 -1.18
CA PHE B 57 -9.90 4.37 -2.34
C PHE B 57 -11.09 4.33 -3.30
N GLY B 58 -12.00 3.41 -3.06
CA GLY B 58 -13.15 3.25 -3.93
C GLY B 58 -12.81 2.47 -5.18
N VAL B 59 -11.82 1.59 -5.05
CA VAL B 59 -11.38 0.78 -6.18
C VAL B 59 -11.91 -0.63 -6.05
N THR B 60 -12.09 -1.28 -7.19
CA THR B 60 -12.52 -2.68 -7.23
C THR B 60 -11.79 -3.40 -8.36
N VAL B 61 -12.20 -4.63 -8.65
CA VAL B 61 -11.57 -5.40 -9.72
C VAL B 61 -11.59 -4.65 -11.06
N GLU B 62 -12.56 -3.76 -11.25
CA GLU B 62 -12.65 -2.97 -12.47
C GLU B 62 -11.46 -2.01 -12.58
N ASP B 63 -10.88 -1.67 -11.43
CA ASP B 63 -9.71 -0.80 -11.40
C ASP B 63 -8.48 -1.59 -11.84
N SER B 64 -8.61 -2.90 -11.80
CA SER B 64 -7.57 -3.78 -12.31
C SER B 64 -7.70 -3.91 -13.82
N ASP B 65 -8.88 -3.58 -14.33
CA ASP B 65 -9.10 -3.59 -15.78
C ASP B 65 -8.47 -2.36 -16.42
N LEU B 66 -8.35 -1.29 -15.66
CA LEU B 66 -7.62 -0.11 -16.12
C LEU B 66 -6.13 -0.24 -15.79
N ALA B 67 -5.69 -1.51 -15.74
CA ALA B 67 -4.32 -1.88 -15.39
C ALA B 67 -3.26 -1.03 -16.10
N LEU B 68 -2.14 -0.86 -15.43
CA LEU B 68 -1.04 -0.08 -15.97
C LEU B 68 0.00 -0.99 -16.62
N PRO B 69 0.69 -0.51 -17.66
CA PRO B 69 1.74 -1.27 -18.35
C PRO B 69 2.65 -2.02 -17.39
N GLN B 70 3.16 -1.31 -16.40
CA GLN B 70 4.05 -1.89 -15.41
C GLN B 70 3.28 -2.09 -14.11
N THR B 71 3.67 -3.10 -13.34
CA THR B 71 3.11 -3.24 -12.01
C THR B 71 3.81 -2.27 -11.08
N LEU B 72 3.05 -1.72 -10.15
CA LEU B 72 3.53 -0.61 -9.35
C LEU B 72 4.38 -1.04 -8.16
N PRO B 73 4.08 -2.17 -7.47
CA PRO B 73 5.00 -2.72 -6.47
C PRO B 73 6.37 -3.03 -7.06
N GLU B 74 6.39 -3.40 -8.35
CA GLU B 74 7.66 -3.64 -9.05
C GLU B 74 8.40 -2.32 -9.24
N ILE B 75 7.67 -1.31 -9.71
CA ILE B 75 8.20 0.05 -9.77
C ILE B 75 8.74 0.46 -8.41
N PHE B 76 7.98 0.12 -7.39
CA PHE B 76 8.33 0.46 -6.02
C PHE B 76 9.66 -0.18 -5.64
N GLU B 77 9.91 -1.39 -6.11
CA GLU B 77 11.15 -2.09 -5.80
C GLU B 77 12.35 -1.37 -6.39
N ALA B 78 12.14 -0.65 -7.48
CA ALA B 78 13.20 0.12 -8.09
C ALA B 78 13.29 1.52 -7.49
N ALA B 79 12.15 2.16 -7.32
CA ALA B 79 12.10 3.54 -6.84
C ALA B 79 12.40 3.64 -5.36
N ALA B 80 11.71 2.84 -4.56
CA ALA B 80 11.75 2.95 -3.10
C ALA B 80 13.08 2.48 -2.52
N THR B 81 13.90 1.83 -3.32
CA THR B 81 15.21 1.39 -2.87
C THR B 81 16.27 2.45 -3.17
N GLY B 82 15.82 3.59 -3.67
CA GLY B 82 16.71 4.68 -3.98
C GLY B 82 15.98 6.01 -4.00
N LYS B 83 16.08 6.71 -5.12
CA LYS B 83 15.37 7.96 -5.31
C LYS B 83 15.33 8.34 -6.78
N MET A 15 17.48 -7.75 -0.05
CA MET A 15 16.71 -7.03 0.99
C MET A 15 15.28 -6.84 0.55
N ASP A 16 14.34 -7.12 1.45
CA ASP A 16 12.92 -6.98 1.15
C ASP A 16 12.51 -5.52 1.20
N ASN A 17 12.30 -4.93 0.04
CA ASN A 17 11.81 -3.56 -0.02
C ASN A 17 10.32 -3.53 0.31
N LYS A 18 9.71 -4.71 0.27
CA LYS A 18 8.29 -4.86 0.56
C LYS A 18 7.95 -4.35 1.96
N LYS A 19 8.86 -4.57 2.90
CA LYS A 19 8.65 -4.13 4.27
C LYS A 19 8.73 -2.61 4.37
N ARG A 20 9.64 -2.01 3.63
CA ARG A 20 9.80 -0.56 3.62
C ARG A 20 8.64 0.08 2.85
N LEU A 21 8.03 -0.71 1.99
CA LEU A 21 6.81 -0.31 1.31
C LEU A 21 5.71 -0.07 2.33
N ALA A 22 5.68 -0.92 3.34
CA ALA A 22 4.65 -0.86 4.37
C ALA A 22 4.74 0.42 5.18
N TYR A 23 5.91 0.69 5.75
CA TYR A 23 6.07 1.82 6.66
C TYR A 23 5.69 3.13 5.96
N ALA A 24 6.08 3.25 4.70
CA ALA A 24 5.83 4.45 3.93
C ALA A 24 4.33 4.66 3.74
N ILE A 25 3.62 3.57 3.52
CA ILE A 25 2.18 3.60 3.36
C ILE A 25 1.51 3.90 4.70
N ILE A 26 1.99 3.25 5.75
CA ILE A 26 1.50 3.46 7.10
C ILE A 26 1.62 4.93 7.48
N GLN A 27 2.81 5.50 7.24
CA GLN A 27 3.10 6.88 7.56
C GLN A 27 2.14 7.83 6.85
N PHE A 28 1.90 7.58 5.58
CA PHE A 28 1.03 8.42 4.78
C PHE A 28 -0.43 8.26 5.18
N LEU A 29 -0.89 7.01 5.18
CA LEU A 29 -2.28 6.71 5.54
C LEU A 29 -2.60 7.18 6.96
N HIS A 30 -1.60 7.16 7.83
CA HIS A 30 -1.74 7.67 9.19
C HIS A 30 -2.22 9.12 9.18
N ASP A 31 -1.46 9.97 8.51
CA ASP A 31 -1.76 11.39 8.47
C ASP A 31 -2.94 11.67 7.56
N GLN A 32 -3.06 10.90 6.49
CA GLN A 32 -4.20 11.00 5.58
C GLN A 32 -5.50 10.70 6.32
N LEU A 33 -5.46 9.69 7.19
CA LEU A 33 -6.60 9.33 8.02
C LEU A 33 -6.96 10.49 8.94
N ARG A 34 -5.94 11.07 9.56
CA ARG A 34 -6.14 12.15 10.51
C ARG A 34 -6.67 13.41 9.81
N HIS A 35 -6.42 13.52 8.52
CA HIS A 35 -6.84 14.69 7.76
C HIS A 35 -8.18 14.45 7.08
N GLY A 36 -8.71 13.24 7.23
CA GLY A 36 -9.98 12.89 6.63
C GLY A 36 -9.94 12.93 5.12
N GLY A 37 -8.84 12.42 4.55
CA GLY A 37 -8.66 12.45 3.11
C GLY A 37 -9.77 11.71 2.35
N LEU A 38 -10.06 10.49 2.79
CA LEU A 38 -11.09 9.69 2.14
C LEU A 38 -12.44 9.89 2.83
N SER A 39 -13.45 9.14 2.37
CA SER A 39 -14.80 9.23 2.93
C SER A 39 -14.86 8.67 4.35
N SER A 40 -16.04 8.63 4.94
CA SER A 40 -16.22 8.22 6.33
C SER A 40 -15.80 6.76 6.56
N ASP A 41 -16.50 5.83 5.94
CA ASP A 41 -16.19 4.41 6.07
C ASP A 41 -14.82 4.10 5.48
N ALA A 42 -14.46 4.84 4.44
CA ALA A 42 -13.16 4.71 3.82
C ALA A 42 -12.05 5.04 4.81
N GLN A 43 -12.30 6.03 5.65
CA GLN A 43 -11.39 6.41 6.73
C GLN A 43 -11.19 5.24 7.68
N GLU A 44 -12.30 4.76 8.23
CA GLU A 44 -12.30 3.58 9.09
C GLU A 44 -11.48 2.45 8.48
N SER A 45 -11.62 2.28 7.16
CA SER A 45 -10.92 1.23 6.43
C SER A 45 -9.39 1.45 6.44
N LEU A 46 -8.97 2.72 6.50
CA LEU A 46 -7.55 3.03 6.53
C LEU A 46 -6.89 2.44 7.76
N GLU A 47 -7.47 2.75 8.92
CA GLU A 47 -6.92 2.32 10.20
C GLU A 47 -6.75 0.81 10.24
N VAL A 48 -7.78 0.09 9.79
CA VAL A 48 -7.74 -1.37 9.77
C VAL A 48 -6.62 -1.85 8.86
N ALA A 49 -6.55 -1.29 7.66
CA ALA A 49 -5.53 -1.67 6.69
C ALA A 49 -4.13 -1.38 7.22
N ILE A 50 -3.97 -0.23 7.86
CA ILE A 50 -2.70 0.16 8.46
C ILE A 50 -2.22 -0.91 9.43
N GLN A 51 -3.10 -1.31 10.35
CA GLN A 51 -2.76 -2.30 11.36
C GLN A 51 -2.43 -3.64 10.71
N CYS A 52 -3.22 -4.00 9.71
CA CYS A 52 -3.05 -5.26 9.00
C CYS A 52 -1.72 -5.31 8.26
N LEU A 53 -1.43 -4.28 7.47
CA LEU A 53 -0.20 -4.24 6.68
C LEU A 53 1.03 -4.17 7.58
N GLU A 54 0.90 -3.46 8.70
CA GLU A 54 1.97 -3.37 9.67
C GLU A 54 2.38 -4.76 10.13
N THR A 55 1.38 -5.51 10.59
CA THR A 55 1.60 -6.88 11.06
C THR A 55 1.97 -7.81 9.90
N ALA A 56 1.41 -7.54 8.73
CA ALA A 56 1.64 -8.36 7.55
C ALA A 56 3.11 -8.41 7.18
N PHE A 57 3.72 -7.26 6.99
CA PHE A 57 5.12 -7.20 6.61
C PHE A 57 6.04 -7.37 7.82
N GLY A 58 5.43 -7.41 9.00
CA GLY A 58 6.20 -7.57 10.22
C GLY A 58 6.99 -6.33 10.56
N VAL A 59 6.44 -5.18 10.20
CA VAL A 59 7.14 -3.91 10.39
C VAL A 59 6.56 -3.13 11.56
N THR A 60 7.32 -2.16 12.03
CA THR A 60 6.88 -1.28 13.10
C THR A 60 7.36 0.13 12.79
N VAL A 61 7.25 1.03 13.77
CA VAL A 61 7.79 2.38 13.60
C VAL A 61 9.30 2.32 13.40
N GLU A 62 9.90 1.20 13.83
CA GLU A 62 11.33 0.96 13.68
C GLU A 62 11.72 0.87 12.21
N ASP A 63 10.75 0.51 11.36
CA ASP A 63 10.99 0.43 9.92
C ASP A 63 11.07 1.84 9.34
N SER A 64 10.47 2.78 10.05
CA SER A 64 10.52 4.17 9.67
C SER A 64 11.85 4.78 10.14
N ASP A 65 12.52 4.08 11.05
CA ASP A 65 13.86 4.47 11.49
C ASP A 65 14.87 4.20 10.38
N LEU A 66 14.71 3.06 9.71
CA LEU A 66 15.57 2.71 8.58
C LEU A 66 15.01 3.28 7.28
N ALA A 67 14.34 4.41 7.42
CA ALA A 67 13.65 5.09 6.32
C ALA A 67 14.52 5.28 5.09
N LEU A 68 13.86 5.34 3.95
CA LEU A 68 14.51 5.56 2.66
C LEU A 68 14.76 7.05 2.44
N PRO A 69 15.59 7.43 1.43
CA PRO A 69 15.86 8.82 1.07
C PRO A 69 14.61 9.70 1.14
N GLN A 70 13.53 9.23 0.54
CA GLN A 70 12.25 9.91 0.63
C GLN A 70 11.17 8.88 0.89
N THR A 71 10.08 9.30 1.52
CA THR A 71 8.96 8.41 1.75
C THR A 71 8.26 8.09 0.44
N LEU A 72 7.81 6.86 0.31
CA LEU A 72 7.32 6.32 -0.95
C LEU A 72 6.00 6.97 -1.41
N PRO A 73 5.10 7.43 -0.51
CA PRO A 73 3.92 8.23 -0.89
C PRO A 73 4.18 9.21 -2.05
N GLU A 74 5.30 9.93 -1.99
CA GLU A 74 5.64 10.87 -3.05
C GLU A 74 6.09 10.12 -4.31
N ILE A 75 6.82 9.03 -4.11
CA ILE A 75 7.22 8.16 -5.22
C ILE A 75 5.98 7.64 -5.95
N PHE A 76 4.95 7.33 -5.16
CA PHE A 76 3.70 6.81 -5.71
C PHE A 76 3.08 7.82 -6.67
N GLU A 77 3.10 9.09 -6.31
CA GLU A 77 2.48 10.12 -7.13
C GLU A 77 3.40 10.52 -8.28
N ALA A 78 4.70 10.33 -8.10
CA ALA A 78 5.70 10.77 -9.06
C ALA A 78 5.98 9.71 -10.13
N ALA A 79 6.52 8.58 -9.70
CA ALA A 79 7.00 7.57 -10.64
C ALA A 79 5.85 6.86 -11.35
N ALA A 80 4.70 6.80 -10.70
CA ALA A 80 3.55 6.10 -11.24
C ALA A 80 2.88 6.91 -12.35
N THR A 81 3.13 8.21 -12.37
CA THR A 81 2.52 9.07 -13.37
C THR A 81 3.49 9.33 -14.53
N GLY A 82 4.53 8.52 -14.60
CA GLY A 82 5.49 8.64 -15.67
C GLY A 82 6.89 8.23 -15.23
N LYS A 83 7.47 7.30 -15.97
CA LYS A 83 8.83 6.86 -15.68
C LYS A 83 9.83 7.86 -16.23
N MET B 15 -5.85 14.47 -11.05
CA MET B 15 -6.28 13.06 -10.96
C MET B 15 -5.66 12.40 -9.74
N ASP B 16 -6.47 11.68 -8.97
CA ASP B 16 -5.98 11.00 -7.79
C ASP B 16 -5.23 9.74 -8.15
N ASN B 17 -3.91 9.78 -8.04
CA ASN B 17 -3.10 8.60 -8.30
C ASN B 17 -3.20 7.65 -7.11
N LYS B 18 -3.72 8.18 -6.00
CA LYS B 18 -3.89 7.41 -4.77
C LYS B 18 -4.78 6.20 -5.00
N LYS B 19 -5.79 6.36 -5.85
CA LYS B 19 -6.70 5.26 -6.14
C LYS B 19 -6.00 4.18 -6.97
N ARG B 20 -5.16 4.60 -7.90
CA ARG B 20 -4.42 3.66 -8.75
C ARG B 20 -3.31 3.01 -7.94
N LEU B 21 -2.92 3.67 -6.86
CA LEU B 21 -2.01 3.10 -5.89
C LEU B 21 -2.63 1.85 -5.27
N ALA B 22 -3.92 1.93 -5.01
CA ALA B 22 -4.65 0.85 -4.37
C ALA B 22 -4.69 -0.39 -5.24
N TYR B 23 -5.17 -0.26 -6.47
CA TYR B 23 -5.37 -1.42 -7.33
C TYR B 23 -4.06 -2.19 -7.52
N ALA B 24 -2.97 -1.45 -7.67
CA ALA B 24 -1.67 -2.05 -7.90
C ALA B 24 -1.23 -2.88 -6.69
N ILE B 25 -1.53 -2.37 -5.51
CA ILE B 25 -1.23 -3.06 -4.27
C ILE B 25 -2.13 -4.27 -4.11
N ILE B 26 -3.42 -4.08 -4.39
CA ILE B 26 -4.40 -5.15 -4.34
C ILE B 26 -3.98 -6.31 -5.25
N GLN B 27 -3.61 -5.96 -6.48
CA GLN B 27 -3.20 -6.95 -7.47
C GLN B 27 -2.00 -7.76 -6.99
N PHE B 28 -1.03 -7.07 -6.40
CA PHE B 28 0.20 -7.72 -5.93
C PHE B 28 -0.08 -8.55 -4.69
N LEU B 29 -0.68 -7.93 -3.69
CA LEU B 29 -0.99 -8.61 -2.43
C LEU B 29 -1.91 -9.80 -2.65
N HIS B 30 -2.78 -9.70 -3.67
CA HIS B 30 -3.65 -10.81 -4.05
C HIS B 30 -2.84 -12.06 -4.36
N ASP B 31 -1.91 -11.94 -5.29
CA ASP B 31 -1.11 -13.06 -5.73
C ASP B 31 -0.06 -13.43 -4.68
N GLN B 32 0.46 -12.41 -4.00
CA GLN B 32 1.40 -12.62 -2.91
C GLN B 32 0.76 -13.45 -1.80
N LEU B 33 -0.50 -13.15 -1.51
CA LEU B 33 -1.27 -13.89 -0.52
C LEU B 33 -1.41 -15.34 -0.95
N ARG B 34 -1.75 -15.53 -2.22
CA ARG B 34 -1.98 -16.86 -2.77
C ARG B 34 -0.68 -17.67 -2.80
N HIS B 35 0.45 -16.98 -2.82
CA HIS B 35 1.75 -17.64 -2.89
C HIS B 35 2.34 -17.84 -1.50
N GLY B 36 1.64 -17.34 -0.49
CA GLY B 36 2.11 -17.45 0.88
C GLY B 36 3.40 -16.71 1.11
N GLY B 37 3.51 -15.51 0.54
CA GLY B 37 4.73 -14.73 0.65
C GLY B 37 5.11 -14.40 2.08
N LEU B 38 4.15 -13.93 2.86
CA LEU B 38 4.39 -13.57 4.25
C LEU B 38 4.05 -14.74 5.18
N SER B 39 4.16 -14.51 6.48
CA SER B 39 3.89 -15.55 7.47
C SER B 39 2.38 -15.88 7.53
N SER B 40 2.00 -16.75 8.44
CA SER B 40 0.63 -17.24 8.53
C SER B 40 -0.38 -16.13 8.84
N ASP B 41 -0.25 -15.52 10.02
CA ASP B 41 -1.13 -14.43 10.43
C ASP B 41 -0.94 -13.21 9.52
N ALA B 42 0.29 -13.04 9.06
CA ALA B 42 0.61 -11.97 8.13
C ALA B 42 -0.19 -12.12 6.83
N GLN B 43 -0.35 -13.35 6.40
CA GLN B 43 -1.18 -13.67 5.24
C GLN B 43 -2.61 -13.24 5.46
N GLU B 44 -3.21 -13.74 6.53
CA GLU B 44 -4.55 -13.33 6.95
C GLU B 44 -4.69 -11.82 6.93
N SER B 45 -3.66 -11.11 7.37
CA SER B 45 -3.65 -9.67 7.43
C SER B 45 -3.71 -9.04 6.03
N LEU B 46 -3.16 -9.74 5.03
CA LEU B 46 -3.16 -9.23 3.67
C LEU B 46 -4.58 -9.09 3.16
N GLU B 47 -5.35 -10.17 3.28
CA GLU B 47 -6.72 -10.21 2.77
C GLU B 47 -7.56 -9.08 3.37
N VAL B 48 -7.43 -8.91 4.68
CA VAL B 48 -8.16 -7.84 5.38
C VAL B 48 -7.78 -6.48 4.82
N ALA B 49 -6.47 -6.24 4.72
CA ALA B 49 -5.94 -4.97 4.23
C ALA B 49 -6.40 -4.72 2.80
N ILE B 50 -6.37 -5.76 1.97
CA ILE B 50 -6.81 -5.66 0.58
C ILE B 50 -8.25 -5.15 0.51
N GLN B 51 -9.13 -5.78 1.28
CA GLN B 51 -10.54 -5.40 1.29
C GLN B 51 -10.71 -3.98 1.79
N CYS B 52 -9.97 -3.64 2.83
CA CYS B 52 -10.04 -2.32 3.44
C CYS B 52 -9.58 -1.23 2.48
N LEU B 53 -8.40 -1.42 1.88
CA LEU B 53 -7.85 -0.42 0.97
C LEU B 53 -8.71 -0.28 -0.29
N GLU B 54 -9.27 -1.39 -0.74
CA GLU B 54 -10.16 -1.39 -1.89
C GLU B 54 -11.33 -0.43 -1.62
N THR B 55 -11.99 -0.63 -0.50
CA THR B 55 -13.12 0.20 -0.11
C THR B 55 -12.66 1.61 0.26
N ALA B 56 -11.46 1.71 0.83
CA ALA B 56 -10.91 2.98 1.26
C ALA B 56 -10.79 3.97 0.10
N PHE B 57 -10.10 3.56 -0.95
CA PHE B 57 -9.90 4.43 -2.09
C PHE B 57 -11.10 4.43 -3.01
N GLY B 58 -12.07 3.57 -2.71
CA GLY B 58 -13.26 3.47 -3.51
C GLY B 58 -13.00 2.83 -4.86
N VAL B 59 -12.04 1.93 -4.89
CA VAL B 59 -11.62 1.30 -6.14
C VAL B 59 -12.15 -0.12 -6.25
N THR B 60 -12.13 -0.64 -7.47
CA THR B 60 -12.54 -2.00 -7.75
C THR B 60 -11.59 -2.60 -8.79
N VAL B 61 -11.93 -3.77 -9.30
CA VAL B 61 -11.16 -4.36 -10.40
C VAL B 61 -11.17 -3.42 -11.61
N GLU B 62 -12.18 -2.55 -11.65
CA GLU B 62 -12.34 -1.57 -12.73
C GLU B 62 -11.17 -0.58 -12.72
N ASP B 63 -10.54 -0.41 -11.57
CA ASP B 63 -9.39 0.49 -11.46
C ASP B 63 -8.18 -0.18 -12.11
N SER B 64 -8.22 -1.50 -12.18
CA SER B 64 -7.18 -2.26 -12.85
C SER B 64 -7.41 -2.22 -14.36
N ASP B 65 -8.62 -1.84 -14.76
CA ASP B 65 -8.93 -1.64 -16.18
C ASP B 65 -8.25 -0.38 -16.70
N LEU B 66 -8.24 0.66 -15.87
CA LEU B 66 -7.56 1.92 -16.21
C LEU B 66 -6.10 1.87 -15.79
N ALA B 67 -5.56 0.65 -15.77
CA ALA B 67 -4.20 0.36 -15.32
C ALA B 67 -3.15 1.29 -15.92
N LEU B 68 -2.07 1.47 -15.16
CA LEU B 68 -0.95 2.28 -15.58
C LEU B 68 -0.01 1.47 -16.47
N PRO B 69 0.94 2.13 -17.17
CA PRO B 69 1.94 1.47 -18.02
C PRO B 69 2.47 0.17 -17.41
N GLN B 70 2.86 0.24 -16.14
CA GLN B 70 3.28 -0.93 -15.40
C GLN B 70 2.63 -0.90 -14.02
N THR B 71 2.44 -2.06 -13.43
CA THR B 71 1.89 -2.12 -12.09
C THR B 71 2.93 -1.61 -11.09
N LEU B 72 2.43 -0.93 -10.07
CA LEU B 72 3.28 -0.21 -9.14
C LEU B 72 4.16 -1.09 -8.25
N PRO B 73 3.72 -2.33 -7.89
CA PRO B 73 4.59 -3.31 -7.21
C PRO B 73 6.05 -3.29 -7.69
N GLU B 74 6.25 -3.24 -9.00
CA GLU B 74 7.61 -3.20 -9.54
C GLU B 74 8.23 -1.82 -9.32
N ILE B 75 7.42 -0.78 -9.44
CA ILE B 75 7.86 0.58 -9.15
C ILE B 75 8.35 0.66 -7.70
N PHE B 76 7.64 -0.04 -6.82
CA PHE B 76 7.97 -0.04 -5.41
C PHE B 76 9.38 -0.60 -5.19
N GLU B 77 9.72 -1.66 -5.90
CA GLU B 77 11.02 -2.29 -5.72
C GLU B 77 12.11 -1.53 -6.48
N ALA B 78 11.71 -0.82 -7.53
CA ALA B 78 12.65 -0.15 -8.40
C ALA B 78 12.98 1.26 -7.91
N ALA B 79 11.97 2.13 -7.90
CA ALA B 79 12.19 3.55 -7.63
C ALA B 79 12.55 3.81 -6.17
N ALA B 80 12.09 2.93 -5.30
CA ALA B 80 12.31 3.09 -3.87
C ALA B 80 13.74 2.73 -3.48
N THR B 81 14.41 1.96 -4.33
CA THR B 81 15.77 1.53 -4.04
C THR B 81 16.78 2.42 -4.77
N GLY B 82 16.31 3.57 -5.24
CA GLY B 82 17.18 4.51 -5.92
C GLY B 82 16.44 5.29 -6.98
N LYS B 83 16.53 6.61 -6.89
CA LYS B 83 15.91 7.48 -7.87
C LYS B 83 16.79 7.58 -9.11
N MET A 15 18.39 -5.57 1.14
CA MET A 15 17.42 -4.76 1.91
C MET A 15 16.02 -4.95 1.35
N ASP A 16 15.14 -5.53 2.15
CA ASP A 16 13.76 -5.76 1.72
C ASP A 16 12.99 -4.46 1.67
N ASN A 17 12.36 -4.20 0.54
CA ASN A 17 11.58 -2.98 0.38
C ASN A 17 10.18 -3.18 0.93
N LYS A 18 9.82 -4.44 1.16
CA LYS A 18 8.47 -4.81 1.57
C LYS A 18 8.09 -4.09 2.86
N LYS A 19 8.96 -4.13 3.85
CA LYS A 19 8.72 -3.47 5.12
C LYS A 19 8.60 -1.96 4.95
N ARG A 20 9.54 -1.37 4.21
CA ARG A 20 9.58 0.07 3.99
C ARG A 20 8.35 0.51 3.21
N LEU A 21 7.91 -0.33 2.31
CA LEU A 21 6.71 -0.10 1.53
C LEU A 21 5.51 0.08 2.46
N ALA A 22 5.35 -0.87 3.38
CA ALA A 22 4.25 -0.83 4.33
C ALA A 22 4.39 0.37 5.26
N TYR A 23 5.59 0.55 5.80
CA TYR A 23 5.88 1.63 6.74
C TYR A 23 5.46 2.99 6.18
N ALA A 24 5.95 3.31 4.99
CA ALA A 24 5.69 4.60 4.40
C ALA A 24 4.20 4.82 4.14
N ILE A 25 3.53 3.74 3.77
CA ILE A 25 2.08 3.79 3.55
C ILE A 25 1.35 3.97 4.89
N ILE A 26 1.85 3.29 5.92
CA ILE A 26 1.31 3.42 7.28
C ILE A 26 1.31 4.89 7.73
N GLN A 27 2.47 5.51 7.68
CA GLN A 27 2.63 6.89 8.15
C GLN A 27 1.79 7.86 7.33
N PHE A 28 1.83 7.72 6.01
CA PHE A 28 1.11 8.61 5.12
C PHE A 28 -0.40 8.47 5.32
N LEU A 29 -0.87 7.23 5.36
CA LEU A 29 -2.30 6.98 5.55
C LEU A 29 -2.74 7.47 6.93
N HIS A 30 -1.87 7.31 7.91
CA HIS A 30 -2.15 7.78 9.26
C HIS A 30 -2.46 9.28 9.27
N ASP A 31 -1.60 10.07 8.64
CA ASP A 31 -1.80 11.51 8.55
C ASP A 31 -2.94 11.83 7.59
N GLN A 32 -3.06 11.02 6.54
CA GLN A 32 -4.11 11.21 5.54
C GLN A 32 -5.49 11.11 6.19
N LEU A 33 -5.63 10.20 7.15
CA LEU A 33 -6.87 10.03 7.88
C LEU A 33 -7.15 11.26 8.72
N ARG A 34 -6.12 11.75 9.39
CA ARG A 34 -6.25 12.91 10.26
C ARG A 34 -6.53 14.18 9.45
N HIS A 35 -6.07 14.18 8.20
CA HIS A 35 -6.28 15.33 7.32
C HIS A 35 -7.59 15.18 6.54
N GLY A 36 -8.26 14.06 6.74
CA GLY A 36 -9.53 13.81 6.07
C GLY A 36 -9.38 13.63 4.57
N GLY A 37 -8.33 12.93 4.17
CA GLY A 37 -8.10 12.70 2.75
C GLY A 37 -9.18 11.85 2.10
N LEU A 38 -9.67 10.86 2.85
CA LEU A 38 -10.73 9.99 2.36
C LEU A 38 -12.03 10.31 3.10
N SER A 39 -13.11 9.61 2.73
CA SER A 39 -14.39 9.79 3.38
C SER A 39 -14.38 9.12 4.76
N SER A 40 -15.49 9.19 5.49
CA SER A 40 -15.53 8.71 6.87
C SER A 40 -15.28 7.20 6.94
N ASP A 41 -16.12 6.42 6.26
CA ASP A 41 -15.99 4.97 6.26
C ASP A 41 -14.65 4.54 5.65
N ALA A 42 -14.25 5.26 4.62
CA ALA A 42 -12.98 5.01 3.96
C ALA A 42 -11.82 5.27 4.93
N GLN A 43 -11.97 6.31 5.75
CA GLN A 43 -10.98 6.66 6.74
C GLN A 43 -10.79 5.51 7.72
N GLU A 44 -11.90 4.98 8.21
CA GLU A 44 -11.87 3.86 9.15
C GLU A 44 -11.24 2.64 8.50
N SER A 45 -11.57 2.43 7.23
CA SER A 45 -11.07 1.29 6.48
C SER A 45 -9.54 1.35 6.33
N LEU A 46 -9.00 2.54 6.07
CA LEU A 46 -7.56 2.72 5.96
C LEU A 46 -6.88 2.35 7.26
N GLU A 47 -7.46 2.78 8.37
CA GLU A 47 -6.88 2.53 9.68
C GLU A 47 -6.80 1.03 9.96
N VAL A 48 -7.84 0.30 9.61
CA VAL A 48 -7.85 -1.14 9.75
C VAL A 48 -6.80 -1.76 8.85
N ALA A 49 -6.69 -1.23 7.63
CA ALA A 49 -5.70 -1.68 6.67
C ALA A 49 -4.29 -1.46 7.20
N ILE A 50 -4.07 -0.31 7.82
CA ILE A 50 -2.78 0.03 8.43
C ILE A 50 -2.36 -1.05 9.42
N GLN A 51 -3.25 -1.37 10.34
CA GLN A 51 -2.97 -2.36 11.37
C GLN A 51 -2.71 -3.74 10.76
N CYS A 52 -3.45 -4.04 9.70
CA CYS A 52 -3.29 -5.30 9.00
C CYS A 52 -1.94 -5.37 8.29
N LEU A 53 -1.59 -4.30 7.57
CA LEU A 53 -0.31 -4.23 6.87
C LEU A 53 0.84 -4.27 7.87
N GLU A 54 0.66 -3.56 8.98
CA GLU A 54 1.64 -3.52 10.05
C GLU A 54 1.91 -4.93 10.59
N THR A 55 0.84 -5.63 10.92
CA THR A 55 0.95 -6.99 11.44
C THR A 55 1.44 -7.96 10.36
N ALA A 56 1.10 -7.66 9.11
CA ALA A 56 1.47 -8.51 7.99
C ALA A 56 2.97 -8.47 7.71
N PHE A 57 3.48 -7.29 7.39
CA PHE A 57 4.88 -7.13 7.04
C PHE A 57 5.77 -7.23 8.28
N GLY A 58 5.13 -7.17 9.45
CA GLY A 58 5.87 -7.23 10.70
C GLY A 58 6.64 -5.96 10.95
N VAL A 59 6.06 -4.84 10.55
CA VAL A 59 6.74 -3.56 10.64
C VAL A 59 6.23 -2.76 11.83
N THR A 60 7.10 -1.89 12.34
CA THR A 60 6.75 -1.04 13.46
C THR A 60 7.33 0.35 13.24
N VAL A 61 7.30 1.19 14.25
CA VAL A 61 7.92 2.52 14.17
C VAL A 61 9.45 2.39 14.06
N GLU A 62 9.95 1.19 14.34
CA GLU A 62 11.38 0.90 14.17
C GLU A 62 11.77 1.01 12.69
N ASP A 63 10.79 0.85 11.82
CA ASP A 63 11.01 0.99 10.40
C ASP A 63 11.20 2.46 10.06
N SER A 64 10.75 3.33 10.96
CA SER A 64 10.95 4.77 10.81
C SER A 64 12.39 5.12 11.17
N ASP A 65 12.99 4.31 12.03
CA ASP A 65 14.40 4.47 12.37
C ASP A 65 15.26 4.24 11.11
N LEU A 66 14.84 3.28 10.30
CA LEU A 66 15.55 2.97 9.06
C LEU A 66 14.86 3.60 7.85
N ALA A 67 14.04 4.62 8.10
CA ALA A 67 13.26 5.28 7.06
C ALA A 67 14.11 5.80 5.92
N LEU A 68 13.58 5.72 4.71
CA LEU A 68 14.26 6.24 3.53
C LEU A 68 14.18 7.76 3.49
N PRO A 69 15.09 8.42 2.74
CA PRO A 69 15.14 9.89 2.68
C PRO A 69 13.76 10.54 2.51
N GLN A 70 12.98 10.02 1.59
CA GLN A 70 11.65 10.54 1.34
C GLN A 70 10.62 9.43 1.54
N THR A 71 9.39 9.81 1.80
CA THR A 71 8.31 8.86 1.92
C THR A 71 7.89 8.35 0.55
N LEU A 72 7.60 7.06 0.49
CA LEU A 72 7.29 6.39 -0.76
C LEU A 72 5.98 6.88 -1.39
N PRO A 73 4.89 7.09 -0.62
CA PRO A 73 3.63 7.64 -1.15
C PRO A 73 3.82 8.85 -2.06
N GLU A 74 4.81 9.69 -1.77
CA GLU A 74 5.09 10.84 -2.62
C GLU A 74 5.66 10.37 -3.96
N ILE A 75 6.59 9.42 -3.89
CA ILE A 75 7.12 8.76 -5.08
C ILE A 75 5.98 8.10 -5.84
N PHE A 76 5.07 7.52 -5.08
CA PHE A 76 3.90 6.85 -5.67
C PHE A 76 3.06 7.85 -6.43
N GLU A 77 3.02 9.09 -5.97
CA GLU A 77 2.26 10.13 -6.65
C GLU A 77 2.97 10.61 -7.90
N ALA A 78 4.25 10.28 -8.02
CA ALA A 78 5.00 10.57 -9.23
C ALA A 78 4.91 9.41 -10.22
N ALA A 79 4.87 8.19 -9.70
CA ALA A 79 4.86 6.99 -10.53
C ALA A 79 3.44 6.51 -10.85
N ALA A 80 2.62 6.36 -9.82
CA ALA A 80 1.30 5.77 -9.95
C ALA A 80 0.33 6.70 -10.68
N THR A 81 0.73 7.95 -10.89
CA THR A 81 -0.06 8.88 -11.68
C THR A 81 0.02 8.54 -13.17
N GLY A 82 1.04 7.77 -13.52
CA GLY A 82 1.22 7.37 -14.90
C GLY A 82 2.68 7.47 -15.31
N LYS A 83 3.31 6.32 -15.51
CA LYS A 83 4.69 6.28 -15.96
C LYS A 83 4.72 6.16 -17.48
N MET B 15 -5.81 12.85 -13.09
CA MET B 15 -5.95 11.41 -12.81
C MET B 15 -5.42 11.09 -11.42
N ASP B 16 -6.30 10.66 -10.53
CA ASP B 16 -5.92 10.31 -9.17
C ASP B 16 -5.12 9.03 -9.15
N ASN B 17 -3.95 9.07 -8.53
CA ASN B 17 -3.10 7.88 -8.43
C ASN B 17 -3.52 7.04 -7.24
N LYS B 18 -4.33 7.62 -6.38
CA LYS B 18 -4.72 6.97 -5.13
C LYS B 18 -5.40 5.64 -5.39
N LYS B 19 -6.36 5.64 -6.30
CA LYS B 19 -7.08 4.42 -6.67
C LYS B 19 -6.14 3.39 -7.29
N ARG B 20 -5.30 3.83 -8.23
CA ARG B 20 -4.39 2.94 -8.92
C ARG B 20 -3.36 2.37 -7.95
N LEU B 21 -2.97 3.19 -6.99
CA LEU B 21 -2.07 2.78 -5.94
C LEU B 21 -2.64 1.59 -5.19
N ALA B 22 -3.89 1.72 -4.75
CA ALA B 22 -4.56 0.65 -4.03
C ALA B 22 -4.74 -0.57 -4.91
N TYR B 23 -5.25 -0.34 -6.13
CA TYR B 23 -5.52 -1.41 -7.07
C TYR B 23 -4.30 -2.31 -7.29
N ALA B 24 -3.17 -1.69 -7.62
CA ALA B 24 -1.97 -2.44 -7.93
C ALA B 24 -1.49 -3.23 -6.73
N ILE B 25 -1.65 -2.66 -5.54
CA ILE B 25 -1.28 -3.33 -4.32
C ILE B 25 -2.25 -4.48 -4.03
N ILE B 26 -3.53 -4.25 -4.32
CA ILE B 26 -4.56 -5.30 -4.19
C ILE B 26 -4.19 -6.54 -4.99
N GLN B 27 -3.95 -6.36 -6.28
CA GLN B 27 -3.66 -7.48 -7.18
C GLN B 27 -2.36 -8.19 -6.80
N PHE B 28 -1.33 -7.41 -6.50
CA PHE B 28 -0.03 -7.98 -6.17
C PHE B 28 -0.09 -8.75 -4.84
N LEU B 29 -0.72 -8.15 -3.84
CA LEU B 29 -0.87 -8.80 -2.55
C LEU B 29 -1.73 -10.05 -2.67
N HIS B 30 -2.74 -9.98 -3.53
CA HIS B 30 -3.63 -11.12 -3.78
C HIS B 30 -2.82 -12.33 -4.25
N ASP B 31 -1.97 -12.13 -5.26
CA ASP B 31 -1.14 -13.20 -5.77
C ASP B 31 -0.03 -13.55 -4.78
N GLN B 32 0.46 -12.52 -4.08
CA GLN B 32 1.52 -12.71 -3.10
C GLN B 32 1.07 -13.67 -1.99
N LEU B 33 -0.20 -13.57 -1.62
CA LEU B 33 -0.77 -14.46 -0.61
C LEU B 33 -0.83 -15.88 -1.14
N ARG B 34 -1.26 -16.02 -2.39
CA ARG B 34 -1.37 -17.33 -3.02
C ARG B 34 -0.01 -17.95 -3.25
N HIS B 35 1.01 -17.11 -3.40
CA HIS B 35 2.38 -17.59 -3.62
C HIS B 35 3.10 -17.79 -2.28
N GLY B 36 2.42 -17.44 -1.20
CA GLY B 36 3.00 -17.59 0.13
C GLY B 36 4.16 -16.66 0.37
N GLY B 37 4.03 -15.42 -0.08
CA GLY B 37 5.09 -14.44 0.09
C GLY B 37 5.31 -14.08 1.55
N LEU B 38 4.23 -14.02 2.31
CA LEU B 38 4.32 -13.72 3.74
C LEU B 38 3.99 -14.98 4.54
N SER B 39 4.07 -14.86 5.87
CA SER B 39 3.74 -15.97 6.75
C SER B 39 2.22 -16.17 6.81
N SER B 40 1.76 -17.16 7.57
CA SER B 40 0.33 -17.52 7.59
C SER B 40 -0.53 -16.38 8.11
N ASP B 41 -0.26 -15.92 9.32
CA ASP B 41 -1.02 -14.83 9.93
C ASP B 41 -0.87 -13.55 9.12
N ALA B 42 0.33 -13.33 8.62
CA ALA B 42 0.62 -12.17 7.78
C ALA B 42 -0.19 -12.22 6.50
N GLN B 43 -0.33 -13.43 5.96
CA GLN B 43 -1.11 -13.67 4.76
C GLN B 43 -2.55 -13.24 4.97
N GLU B 44 -3.12 -13.68 6.09
CA GLU B 44 -4.49 -13.35 6.43
C GLU B 44 -4.63 -11.83 6.61
N SER B 45 -3.64 -11.24 7.25
CA SER B 45 -3.64 -9.81 7.53
C SER B 45 -3.65 -9.00 6.23
N LEU B 46 -2.87 -9.42 5.24
CA LEU B 46 -2.84 -8.74 3.95
C LEU B 46 -4.22 -8.78 3.30
N GLU B 47 -4.88 -9.92 3.36
CA GLU B 47 -6.18 -10.09 2.75
C GLU B 47 -7.20 -9.14 3.36
N VAL B 48 -7.16 -8.99 4.68
CA VAL B 48 -8.02 -8.05 5.37
C VAL B 48 -7.69 -6.62 4.95
N ALA B 49 -6.39 -6.35 4.83
CA ALA B 49 -5.91 -5.05 4.39
C ALA B 49 -6.40 -4.74 2.99
N ILE B 50 -6.36 -5.74 2.11
CA ILE B 50 -6.84 -5.60 0.74
C ILE B 50 -8.28 -5.11 0.72
N GLN B 51 -9.14 -5.80 1.48
CA GLN B 51 -10.56 -5.47 1.51
C GLN B 51 -10.77 -4.07 2.09
N CYS B 52 -9.94 -3.72 3.06
CA CYS B 52 -10.02 -2.41 3.69
C CYS B 52 -9.60 -1.31 2.71
N LEU B 53 -8.48 -1.52 2.03
CA LEU B 53 -7.98 -0.56 1.04
C LEU B 53 -8.97 -0.44 -0.11
N GLU B 54 -9.53 -1.58 -0.52
CA GLU B 54 -10.54 -1.62 -1.58
C GLU B 54 -11.73 -0.76 -1.21
N THR B 55 -12.27 -0.98 -0.02
CA THR B 55 -13.41 -0.24 0.46
C THR B 55 -13.06 1.24 0.72
N ALA B 56 -11.81 1.46 1.10
CA ALA B 56 -11.33 2.80 1.42
C ALA B 56 -11.23 3.68 0.18
N PHE B 57 -10.40 3.28 -0.77
CA PHE B 57 -10.18 4.06 -1.97
C PHE B 57 -11.37 3.99 -2.90
N GLY B 58 -12.27 3.04 -2.63
CA GLY B 58 -13.45 2.85 -3.46
C GLY B 58 -13.09 2.24 -4.79
N VAL B 59 -12.11 1.35 -4.77
CA VAL B 59 -11.60 0.75 -5.99
C VAL B 59 -12.15 -0.65 -6.19
N THR B 60 -12.23 -1.07 -7.44
CA THR B 60 -12.70 -2.38 -7.79
C THR B 60 -11.86 -2.94 -8.94
N VAL B 61 -12.27 -4.07 -9.50
CA VAL B 61 -11.58 -4.62 -10.66
C VAL B 61 -11.73 -3.69 -11.88
N GLU B 62 -12.65 -2.73 -11.77
CA GLU B 62 -12.80 -1.71 -12.80
C GLU B 62 -11.54 -0.86 -12.91
N ASP B 63 -10.77 -0.83 -11.83
CA ASP B 63 -9.51 -0.10 -11.82
C ASP B 63 -8.48 -0.87 -12.64
N SER B 64 -8.75 -2.15 -12.86
CA SER B 64 -7.91 -2.98 -13.70
C SER B 64 -8.19 -2.67 -15.17
N ASP B 65 -9.40 -2.22 -15.44
CA ASP B 65 -9.75 -1.75 -16.79
C ASP B 65 -8.90 -0.54 -17.16
N LEU B 66 -8.65 0.32 -16.18
CA LEU B 66 -7.84 1.52 -16.39
C LEU B 66 -6.41 1.30 -15.88
N ALA B 67 -6.01 0.03 -15.74
CA ALA B 67 -4.70 -0.32 -15.19
C ALA B 67 -3.56 0.33 -15.97
N LEU B 68 -2.52 0.69 -15.25
CA LEU B 68 -1.33 1.28 -15.84
C LEU B 68 -0.49 0.18 -16.52
N PRO B 69 0.39 0.55 -17.47
CA PRO B 69 1.20 -0.42 -18.23
C PRO B 69 1.82 -1.49 -17.36
N GLN B 70 2.43 -1.09 -16.25
CA GLN B 70 3.05 -2.03 -15.34
C GLN B 70 2.42 -1.88 -13.96
N THR B 71 2.53 -2.91 -13.15
CA THR B 71 2.04 -2.85 -11.79
C THR B 71 3.00 -2.02 -10.93
N LEU B 72 2.41 -1.27 -10.01
CA LEU B 72 3.17 -0.35 -9.18
C LEU B 72 4.10 -1.05 -8.20
N PRO B 73 3.66 -2.14 -7.52
CA PRO B 73 4.54 -2.91 -6.62
C PRO B 73 5.91 -3.22 -7.20
N GLU B 74 5.99 -3.44 -8.52
CA GLU B 74 7.27 -3.68 -9.17
C GLU B 74 8.10 -2.40 -9.16
N ILE B 75 7.46 -1.28 -9.50
CA ILE B 75 8.08 0.04 -9.38
C ILE B 75 8.51 0.28 -7.95
N PHE B 76 7.66 -0.15 -7.02
CA PHE B 76 7.93 0.00 -5.61
C PHE B 76 9.19 -0.76 -5.23
N GLU B 77 9.44 -1.88 -5.90
CA GLU B 77 10.63 -2.66 -5.63
C GLU B 77 11.87 -2.01 -6.23
N ALA B 78 11.67 -1.08 -7.15
CA ALA B 78 12.76 -0.29 -7.70
C ALA B 78 13.02 0.95 -6.85
N ALA B 79 11.95 1.53 -6.32
CA ALA B 79 12.04 2.78 -5.56
C ALA B 79 12.23 2.54 -4.06
N ALA B 80 11.35 1.72 -3.48
CA ALA B 80 11.30 1.50 -2.03
C ALA B 80 12.51 0.72 -1.52
N THR B 81 13.27 0.15 -2.45
CA THR B 81 14.51 -0.53 -2.09
C THR B 81 15.59 0.48 -1.70
N GLY B 82 15.39 1.72 -2.12
CA GLY B 82 16.34 2.77 -1.82
C GLY B 82 16.58 3.66 -3.02
N LYS B 83 16.10 4.90 -2.96
CA LYS B 83 16.30 5.86 -4.02
C LYS B 83 17.54 6.70 -3.71
N MET A 15 17.07 -3.81 3.62
CA MET A 15 17.12 -3.53 2.18
C MET A 15 15.84 -3.99 1.49
N ASP A 16 14.93 -4.56 2.28
CA ASP A 16 13.65 -5.05 1.76
C ASP A 16 12.69 -3.88 1.55
N ASN A 17 12.28 -3.69 0.31
CA ASN A 17 11.36 -2.60 -0.02
C ASN A 17 9.93 -2.92 0.40
N LYS A 18 9.61 -4.21 0.45
CA LYS A 18 8.25 -4.65 0.73
C LYS A 18 7.76 -4.14 2.08
N LYS A 19 8.51 -4.43 3.14
CA LYS A 19 8.13 -3.97 4.47
C LYS A 19 8.31 -2.46 4.61
N ARG A 20 9.17 -1.88 3.77
CA ARG A 20 9.40 -0.44 3.81
C ARG A 20 8.25 0.29 3.16
N LEU A 21 7.67 -0.32 2.13
CA LEU A 21 6.54 0.26 1.44
C LEU A 21 5.34 0.30 2.38
N ALA A 22 5.23 -0.70 3.22
CA ALA A 22 4.12 -0.81 4.16
C ALA A 22 4.06 0.37 5.13
N TYR A 23 5.12 0.54 5.92
CA TYR A 23 5.11 1.57 6.97
C TYR A 23 5.05 2.95 6.34
N ALA A 24 5.68 3.11 5.19
CA ALA A 24 5.66 4.37 4.47
C ALA A 24 4.25 4.75 4.07
N ILE A 25 3.49 3.77 3.59
CA ILE A 25 2.09 3.98 3.26
C ILE A 25 1.29 4.21 4.55
N ILE A 26 1.61 3.43 5.58
CA ILE A 26 0.95 3.57 6.88
C ILE A 26 1.05 5.00 7.42
N GLN A 27 2.28 5.50 7.53
CA GLN A 27 2.51 6.83 8.10
C GLN A 27 1.81 7.90 7.28
N PHE A 28 1.88 7.77 5.96
CA PHE A 28 1.23 8.72 5.07
C PHE A 28 -0.28 8.63 5.21
N LEU A 29 -0.81 7.41 5.25
CA LEU A 29 -2.23 7.19 5.39
C LEU A 29 -2.73 7.65 6.74
N HIS A 30 -1.85 7.64 7.75
CA HIS A 30 -2.20 8.12 9.08
C HIS A 30 -2.35 9.64 9.06
N ASP A 31 -1.40 10.32 8.43
CA ASP A 31 -1.46 11.76 8.29
C ASP A 31 -2.65 12.15 7.41
N GLN A 32 -2.79 11.43 6.31
CA GLN A 32 -3.91 11.58 5.40
C GLN A 32 -5.24 11.31 6.09
N LEU A 33 -5.22 10.39 7.05
CA LEU A 33 -6.40 10.03 7.82
C LEU A 33 -6.85 11.23 8.64
N ARG A 34 -5.91 11.83 9.36
CA ARG A 34 -6.22 12.98 10.19
C ARG A 34 -6.55 14.21 9.34
N HIS A 35 -6.04 14.22 8.11
CA HIS A 35 -6.33 15.32 7.19
C HIS A 35 -7.65 15.10 6.47
N GLY A 36 -8.29 13.96 6.74
CA GLY A 36 -9.58 13.66 6.16
C GLY A 36 -9.52 13.54 4.65
N GLY A 37 -8.46 12.92 4.14
CA GLY A 37 -8.31 12.75 2.71
C GLY A 37 -9.43 11.91 2.11
N LEU A 38 -9.72 10.78 2.75
CA LEU A 38 -10.77 9.89 2.31
C LEU A 38 -12.07 10.22 3.02
N SER A 39 -13.15 9.52 2.66
CA SER A 39 -14.44 9.72 3.30
C SER A 39 -14.45 9.08 4.69
N SER A 40 -15.53 9.29 5.45
CA SER A 40 -15.59 8.85 6.84
C SER A 40 -15.38 7.34 6.96
N ASP A 41 -16.17 6.57 6.21
CA ASP A 41 -16.09 5.11 6.25
C ASP A 41 -14.74 4.64 5.73
N ALA A 42 -14.26 5.31 4.69
CA ALA A 42 -12.96 4.99 4.11
C ALA A 42 -11.83 5.27 5.12
N GLN A 43 -11.99 6.34 5.89
CA GLN A 43 -11.05 6.68 6.94
C GLN A 43 -10.93 5.55 7.94
N GLU A 44 -12.06 5.20 8.55
CA GLU A 44 -12.14 4.05 9.45
C GLU A 44 -11.47 2.82 8.84
N SER A 45 -11.75 2.59 7.57
CA SER A 45 -11.21 1.44 6.85
C SER A 45 -9.68 1.51 6.73
N LEU A 46 -9.14 2.73 6.60
CA LEU A 46 -7.70 2.91 6.51
C LEU A 46 -7.02 2.45 7.79
N GLU A 47 -7.56 2.86 8.93
CA GLU A 47 -6.97 2.53 10.22
C GLU A 47 -6.94 1.02 10.42
N VAL A 48 -8.01 0.35 9.99
CA VAL A 48 -8.08 -1.10 10.05
C VAL A 48 -7.00 -1.72 9.15
N ALA A 49 -6.92 -1.23 7.92
CA ALA A 49 -5.94 -1.71 6.96
C ALA A 49 -4.52 -1.44 7.45
N ILE A 50 -4.33 -0.29 8.07
CA ILE A 50 -3.03 0.11 8.62
C ILE A 50 -2.49 -0.94 9.58
N GLN A 51 -3.30 -1.31 10.57
CA GLN A 51 -2.88 -2.30 11.56
C GLN A 51 -2.67 -3.66 10.92
N CYS A 52 -3.48 -3.97 9.91
CA CYS A 52 -3.35 -5.23 9.19
C CYS A 52 -2.03 -5.28 8.41
N LEU A 53 -1.74 -4.21 7.67
CA LEU A 53 -0.50 -4.12 6.89
C LEU A 53 0.70 -4.13 7.82
N GLU A 54 0.59 -3.39 8.92
CA GLU A 54 1.64 -3.28 9.92
C GLU A 54 2.02 -4.68 10.43
N THR A 55 1.01 -5.42 10.88
CA THR A 55 1.22 -6.75 11.42
C THR A 55 1.66 -7.72 10.33
N ALA A 56 1.15 -7.52 9.13
CA ALA A 56 1.44 -8.41 8.01
C ALA A 56 2.91 -8.39 7.63
N PHE A 57 3.42 -7.19 7.33
CA PHE A 57 4.81 -7.05 6.91
C PHE A 57 5.77 -7.14 8.10
N GLY A 58 5.21 -7.24 9.30
CA GLY A 58 6.02 -7.35 10.49
C GLY A 58 6.69 -6.05 10.86
N VAL A 59 6.09 -4.95 10.43
CA VAL A 59 6.65 -3.63 10.67
C VAL A 59 5.98 -2.98 11.85
N THR A 60 6.64 -2.00 12.43
CA THR A 60 6.09 -1.22 13.53
C THR A 60 6.46 0.25 13.39
N VAL A 61 6.21 1.03 14.42
CA VAL A 61 6.62 2.43 14.43
C VAL A 61 8.15 2.55 14.40
N GLU A 62 8.83 1.48 14.79
CA GLU A 62 10.28 1.43 14.73
C GLU A 62 10.75 1.53 13.27
N ASP A 63 10.00 0.89 12.39
CA ASP A 63 10.29 0.94 10.97
C ASP A 63 10.06 2.33 10.43
N SER A 64 9.23 3.10 11.14
CA SER A 64 8.97 4.48 10.77
C SER A 64 10.21 5.33 11.09
N ASP A 65 11.01 4.88 12.04
CA ASP A 65 12.25 5.57 12.38
C ASP A 65 13.25 5.45 11.25
N LEU A 66 13.27 4.29 10.60
CA LEU A 66 14.17 4.06 9.47
C LEU A 66 13.54 4.60 8.17
N ALA A 67 12.72 5.64 8.31
CA ALA A 67 12.03 6.27 7.18
C ALA A 67 12.98 6.64 6.05
N LEU A 68 12.49 6.49 4.82
CA LEU A 68 13.26 6.81 3.63
C LEU A 68 13.21 8.32 3.35
N PRO A 69 14.15 8.84 2.54
CA PRO A 69 14.26 10.29 2.26
C PRO A 69 12.93 10.93 1.91
N GLN A 70 12.21 10.34 0.97
CA GLN A 70 10.90 10.86 0.59
C GLN A 70 9.82 9.83 0.90
N THR A 71 8.58 10.29 0.99
CA THR A 71 7.47 9.41 1.25
C THR A 71 7.17 8.58 0.00
N LEU A 72 6.80 7.34 0.22
CA LEU A 72 6.65 6.38 -0.86
C LEU A 72 5.35 6.57 -1.64
N PRO A 73 4.22 6.92 -0.99
CA PRO A 73 3.02 7.34 -1.73
C PRO A 73 3.33 8.47 -2.71
N GLU A 74 4.31 9.31 -2.35
CA GLU A 74 4.76 10.39 -3.21
C GLU A 74 5.61 9.82 -4.36
N ILE A 75 6.37 8.76 -4.05
CA ILE A 75 7.04 7.97 -5.07
C ILE A 75 6.04 7.50 -6.11
N PHE A 76 4.94 6.94 -5.62
CA PHE A 76 3.89 6.43 -6.49
C PHE A 76 3.28 7.54 -7.33
N GLU A 77 2.95 8.67 -6.71
CA GLU A 77 2.37 9.78 -7.43
C GLU A 77 3.32 10.30 -8.52
N ALA A 78 4.61 10.01 -8.36
CA ALA A 78 5.60 10.41 -9.35
C ALA A 78 5.78 9.32 -10.41
N ALA A 79 6.28 8.16 -10.00
CA ALA A 79 6.64 7.10 -10.92
C ALA A 79 5.41 6.33 -11.40
N ALA A 80 4.56 5.97 -10.46
CA ALA A 80 3.43 5.08 -10.73
C ALA A 80 2.25 5.82 -11.33
N THR A 81 2.37 7.12 -11.50
CA THR A 81 1.25 7.94 -11.95
C THR A 81 0.88 7.67 -13.42
N GLY A 82 1.64 6.81 -14.10
CA GLY A 82 1.28 6.47 -15.46
C GLY A 82 2.41 5.85 -16.27
N LYS A 83 3.05 4.84 -15.72
CA LYS A 83 4.10 4.11 -16.43
C LYS A 83 4.52 2.87 -15.66
N MET B 15 -6.89 9.71 -13.31
CA MET B 15 -5.52 10.26 -13.21
C MET B 15 -5.05 10.25 -11.75
N ASP B 16 -5.91 9.79 -10.86
CA ASP B 16 -5.58 9.73 -9.44
C ASP B 16 -4.69 8.52 -9.15
N ASN B 17 -3.49 8.77 -8.66
CA ASN B 17 -2.55 7.70 -8.35
C ASN B 17 -2.94 6.98 -7.07
N LYS B 18 -3.60 7.70 -6.17
CA LYS B 18 -3.92 7.17 -4.85
C LYS B 18 -4.75 5.88 -4.95
N LYS B 19 -5.87 5.96 -5.64
CA LYS B 19 -6.72 4.78 -5.79
C LYS B 19 -6.09 3.75 -6.72
N ARG B 20 -5.18 4.20 -7.58
CA ARG B 20 -4.49 3.30 -8.48
C ARG B 20 -3.43 2.50 -7.74
N LEU B 21 -2.81 3.14 -6.76
CA LEU B 21 -1.80 2.50 -5.95
C LEU B 21 -2.44 1.37 -5.13
N ALA B 22 -3.67 1.61 -4.71
CA ALA B 22 -4.39 0.65 -3.88
C ALA B 22 -4.61 -0.67 -4.62
N TYR B 23 -5.31 -0.65 -5.74
CA TYR B 23 -5.66 -1.88 -6.45
C TYR B 23 -4.41 -2.59 -6.95
N ALA B 24 -3.42 -1.79 -7.34
CA ALA B 24 -2.16 -2.33 -7.81
C ALA B 24 -1.46 -3.14 -6.71
N ILE B 25 -1.48 -2.60 -5.51
CA ILE B 25 -0.95 -3.32 -4.35
C ILE B 25 -1.83 -4.52 -4.04
N ILE B 26 -3.14 -4.32 -4.11
CA ILE B 26 -4.10 -5.39 -3.88
C ILE B 26 -3.84 -6.60 -4.77
N GLN B 27 -3.80 -6.38 -6.08
CA GLN B 27 -3.62 -7.47 -7.04
C GLN B 27 -2.29 -8.18 -6.81
N PHE B 28 -1.26 -7.40 -6.56
CA PHE B 28 0.07 -7.96 -6.31
C PHE B 28 0.06 -8.77 -5.00
N LEU B 29 -0.55 -8.19 -3.97
CA LEU B 29 -0.63 -8.85 -2.67
C LEU B 29 -1.49 -10.09 -2.74
N HIS B 30 -2.43 -10.12 -3.67
CA HIS B 30 -3.28 -11.29 -3.86
C HIS B 30 -2.46 -12.43 -4.48
N ASP B 31 -1.68 -12.11 -5.50
CA ASP B 31 -0.80 -13.07 -6.13
C ASP B 31 0.27 -13.53 -5.16
N GLN B 32 0.83 -12.56 -4.46
CA GLN B 32 1.82 -12.79 -3.41
C GLN B 32 1.23 -13.63 -2.27
N LEU B 33 -0.06 -13.44 -2.03
CA LEU B 33 -0.78 -14.19 -1.00
C LEU B 33 -0.80 -15.66 -1.35
N ARG B 34 -1.20 -15.95 -2.59
CA ARG B 34 -1.28 -17.33 -3.06
C ARG B 34 0.11 -17.94 -3.21
N HIS B 35 1.11 -17.08 -3.42
CA HIS B 35 2.49 -17.54 -3.54
C HIS B 35 3.13 -17.73 -2.17
N GLY B 36 2.38 -17.38 -1.12
CA GLY B 36 2.86 -17.55 0.23
C GLY B 36 4.07 -16.70 0.54
N GLY B 37 4.07 -15.47 0.04
CA GLY B 37 5.18 -14.57 0.27
C GLY B 37 5.37 -14.25 1.74
N LEU B 38 4.27 -13.94 2.41
CA LEU B 38 4.31 -13.64 3.83
C LEU B 38 4.01 -14.90 4.65
N SER B 39 4.07 -14.78 5.97
CA SER B 39 3.77 -15.91 6.85
C SER B 39 2.26 -16.15 6.91
N SER B 40 1.84 -17.22 7.56
CA SER B 40 0.43 -17.62 7.56
C SER B 40 -0.47 -16.52 8.12
N ASP B 41 -0.14 -16.03 9.31
CA ASP B 41 -0.94 -14.98 9.95
C ASP B 41 -0.89 -13.69 9.13
N ALA B 42 0.28 -13.40 8.60
CA ALA B 42 0.48 -12.23 7.75
C ALA B 42 -0.35 -12.33 6.48
N GLN B 43 -0.43 -13.54 5.94
CA GLN B 43 -1.25 -13.82 4.77
C GLN B 43 -2.70 -13.45 5.04
N GLU B 44 -3.28 -14.08 6.05
CA GLU B 44 -4.63 -13.77 6.52
C GLU B 44 -4.81 -12.26 6.66
N SER B 45 -3.82 -11.61 7.26
CA SER B 45 -3.86 -10.18 7.51
C SER B 45 -3.89 -9.39 6.19
N LEU B 46 -3.22 -9.90 5.17
CA LEU B 46 -3.20 -9.23 3.86
C LEU B 46 -4.59 -9.19 3.27
N GLU B 47 -5.30 -10.31 3.31
CA GLU B 47 -6.63 -10.41 2.72
C GLU B 47 -7.58 -9.43 3.41
N VAL B 48 -7.44 -9.30 4.72
CA VAL B 48 -8.25 -8.35 5.48
C VAL B 48 -7.91 -6.92 5.04
N ALA B 49 -6.62 -6.62 4.97
CA ALA B 49 -6.16 -5.30 4.55
C ALA B 49 -6.60 -4.99 3.12
N ILE B 50 -6.54 -6.01 2.27
CA ILE B 50 -6.94 -5.89 0.88
C ILE B 50 -8.35 -5.34 0.75
N GLN B 51 -9.30 -5.99 1.43
CA GLN B 51 -10.70 -5.57 1.37
C GLN B 51 -10.88 -4.19 1.99
N CYS B 52 -10.10 -3.89 3.01
CA CYS B 52 -10.15 -2.59 3.66
C CYS B 52 -9.66 -1.50 2.72
N LEU B 53 -8.51 -1.72 2.09
CA LEU B 53 -7.93 -0.77 1.14
C LEU B 53 -8.86 -0.60 -0.07
N GLU B 54 -9.40 -1.72 -0.53
CA GLU B 54 -10.30 -1.73 -1.67
C GLU B 54 -11.50 -0.82 -1.41
N THR B 55 -12.15 -1.04 -0.27
CA THR B 55 -13.32 -0.27 0.11
C THR B 55 -12.95 1.18 0.43
N ALA B 56 -11.76 1.37 0.98
CA ALA B 56 -11.30 2.69 1.40
C ALA B 56 -11.13 3.63 0.19
N PHE B 57 -10.32 3.20 -0.76
CA PHE B 57 -10.03 4.01 -1.93
C PHE B 57 -11.19 4.00 -2.93
N GLY B 58 -12.20 3.18 -2.64
CA GLY B 58 -13.37 3.10 -3.49
C GLY B 58 -13.08 2.35 -4.78
N VAL B 59 -12.08 1.48 -4.72
CA VAL B 59 -11.66 0.73 -5.90
C VAL B 59 -12.25 -0.67 -5.88
N THR B 60 -12.31 -1.29 -7.04
CA THR B 60 -12.79 -2.65 -7.16
C THR B 60 -11.96 -3.41 -8.18
N VAL B 61 -12.38 -4.62 -8.53
CA VAL B 61 -11.71 -5.39 -9.57
C VAL B 61 -11.80 -4.67 -10.93
N GLU B 62 -12.75 -3.76 -11.06
CA GLU B 62 -12.89 -2.94 -12.26
C GLU B 62 -11.65 -2.04 -12.42
N ASP B 63 -11.15 -1.54 -11.30
CA ASP B 63 -9.95 -0.73 -11.31
C ASP B 63 -8.74 -1.57 -11.68
N SER B 64 -8.86 -2.88 -11.49
CA SER B 64 -7.80 -3.79 -11.89
C SER B 64 -7.77 -3.92 -13.41
N ASP B 65 -8.90 -3.66 -14.05
CA ASP B 65 -8.97 -3.67 -15.52
C ASP B 65 -8.17 -2.50 -16.09
N LEU B 66 -8.23 -1.36 -15.40
CA LEU B 66 -7.47 -0.18 -15.83
C LEU B 66 -6.01 -0.24 -15.33
N ALA B 67 -5.52 -1.46 -15.15
CA ALA B 67 -4.16 -1.71 -14.67
C ALA B 67 -3.11 -0.92 -15.44
N LEU B 68 -2.09 -0.46 -14.72
CA LEU B 68 -1.00 0.30 -15.30
C LEU B 68 0.03 -0.63 -15.95
N PRO B 69 0.89 -0.12 -16.85
CA PRO B 69 1.86 -0.95 -17.60
C PRO B 69 2.63 -1.92 -16.72
N GLN B 70 3.19 -1.41 -15.63
CA GLN B 70 3.94 -2.25 -14.71
C GLN B 70 3.26 -2.26 -13.36
N THR B 71 3.55 -3.26 -12.54
CA THR B 71 2.99 -3.34 -11.21
C THR B 71 3.65 -2.29 -10.32
N LEU B 72 2.86 -1.74 -9.42
CA LEU B 72 3.30 -0.62 -8.61
C LEU B 72 4.20 -1.04 -7.44
N PRO B 73 3.95 -2.18 -6.78
CA PRO B 73 4.94 -2.73 -5.83
C PRO B 73 6.31 -2.88 -6.47
N GLU B 74 6.33 -3.14 -7.78
CA GLU B 74 7.58 -3.23 -8.53
C GLU B 74 8.17 -1.84 -8.75
N ILE B 75 7.28 -0.86 -8.93
CA ILE B 75 7.66 0.56 -8.93
C ILE B 75 8.41 0.88 -7.64
N PHE B 76 7.83 0.46 -6.53
CA PHE B 76 8.40 0.70 -5.22
C PHE B 76 9.76 0.01 -5.08
N GLU B 77 9.85 -1.25 -5.48
CA GLU B 77 11.11 -1.97 -5.39
C GLU B 77 12.19 -1.30 -6.24
N ALA B 78 11.78 -0.53 -7.23
CA ALA B 78 12.70 0.20 -8.07
C ALA B 78 13.04 1.58 -7.50
N ALA B 79 12.04 2.44 -7.42
CA ALA B 79 12.24 3.84 -7.02
C ALA B 79 12.38 3.97 -5.51
N ALA B 80 11.48 3.33 -4.80
CA ALA B 80 11.35 3.49 -3.35
C ALA B 80 12.41 2.69 -2.60
N THR B 81 13.18 1.88 -3.30
CA THR B 81 14.10 0.95 -2.66
C THR B 81 15.26 1.68 -1.95
N GLY B 82 15.32 3.01 -2.04
CA GLY B 82 16.33 3.73 -1.29
C GLY B 82 16.57 5.14 -1.80
N LYS B 83 15.50 5.92 -1.95
CA LYS B 83 15.63 7.32 -2.35
C LYS B 83 14.29 8.03 -2.24
N MET A 15 17.65 -5.68 -0.57
CA MET A 15 16.76 -5.22 0.53
C MET A 15 15.31 -5.27 0.08
N ASP A 16 14.44 -5.78 0.95
CA ASP A 16 13.02 -5.89 0.63
C ASP A 16 12.35 -4.53 0.69
N ASN A 17 11.86 -4.07 -0.44
CA ASN A 17 11.14 -2.80 -0.48
C ASN A 17 9.70 -3.01 -0.04
N LYS A 18 9.32 -4.27 0.16
CA LYS A 18 7.96 -4.60 0.57
C LYS A 18 7.65 -4.00 1.94
N LYS A 19 8.57 -4.16 2.89
CA LYS A 19 8.39 -3.59 4.22
C LYS A 19 8.39 -2.08 4.15
N ARG A 20 9.21 -1.54 3.24
CA ARG A 20 9.35 -0.10 3.10
C ARG A 20 8.09 0.48 2.50
N LEU A 21 7.52 -0.28 1.57
CA LEU A 21 6.22 0.04 1.00
C LEU A 21 5.16 0.17 2.11
N ALA A 22 5.16 -0.80 3.01
CA ALA A 22 4.18 -0.84 4.09
C ALA A 22 4.27 0.37 5.01
N TYR A 23 5.43 0.56 5.66
CA TYR A 23 5.57 1.59 6.68
C TYR A 23 5.38 2.98 6.09
N ALA A 24 5.89 3.17 4.87
CA ALA A 24 5.79 4.47 4.20
C ALA A 24 4.34 4.82 3.92
N ILE A 25 3.57 3.81 3.55
CA ILE A 25 2.13 3.98 3.39
C ILE A 25 1.50 4.34 4.72
N ILE A 26 1.90 3.63 5.77
CA ILE A 26 1.41 3.91 7.11
C ILE A 26 1.66 5.36 7.50
N GLN A 27 2.88 5.85 7.24
CA GLN A 27 3.25 7.22 7.61
C GLN A 27 2.28 8.23 6.99
N PHE A 28 2.09 8.12 5.67
CA PHE A 28 1.22 9.04 4.95
C PHE A 28 -0.24 8.81 5.30
N LEU A 29 -0.67 7.55 5.28
CA LEU A 29 -2.07 7.22 5.52
C LEU A 29 -2.48 7.56 6.94
N HIS A 30 -1.55 7.52 7.88
CA HIS A 30 -1.83 7.91 9.26
C HIS A 30 -2.13 9.41 9.33
N ASP A 31 -1.34 10.20 8.63
CA ASP A 31 -1.56 11.65 8.55
C ASP A 31 -2.84 11.93 7.81
N GLN A 32 -3.01 11.25 6.68
CA GLN A 32 -4.21 11.37 5.86
C GLN A 32 -5.46 11.00 6.65
N LEU A 33 -5.34 9.98 7.49
CA LEU A 33 -6.45 9.51 8.31
C LEU A 33 -6.88 10.61 9.28
N ARG A 34 -5.89 11.21 9.92
CA ARG A 34 -6.15 12.30 10.86
C ARG A 34 -6.64 13.54 10.12
N HIS A 35 -6.13 13.74 8.91
CA HIS A 35 -6.46 14.90 8.11
C HIS A 35 -7.87 14.81 7.54
N GLY A 36 -8.28 13.60 7.19
CA GLY A 36 -9.59 13.39 6.62
C GLY A 36 -9.56 13.30 5.10
N GLY A 37 -8.57 12.55 4.59
CA GLY A 37 -8.41 12.42 3.15
C GLY A 37 -9.58 11.71 2.48
N LEU A 38 -9.75 10.44 2.80
CA LEU A 38 -10.82 9.64 2.20
C LEU A 38 -12.14 9.88 2.94
N SER A 39 -13.17 9.13 2.56
CA SER A 39 -14.50 9.29 3.13
C SER A 39 -14.61 8.67 4.52
N SER A 40 -15.77 8.82 5.14
CA SER A 40 -16.00 8.33 6.50
C SER A 40 -15.78 6.82 6.62
N ASP A 41 -16.62 6.04 5.92
CA ASP A 41 -16.52 4.58 5.94
C ASP A 41 -15.17 4.13 5.39
N ALA A 42 -14.65 4.89 4.45
CA ALA A 42 -13.35 4.62 3.87
C ALA A 42 -12.26 4.73 4.93
N GLN A 43 -12.24 5.85 5.64
CA GLN A 43 -11.25 6.12 6.69
C GLN A 43 -11.15 5.01 7.71
N GLU A 44 -12.26 4.73 8.39
CA GLU A 44 -12.28 3.68 9.41
C GLU A 44 -11.76 2.34 8.88
N SER A 45 -12.21 1.97 7.68
CA SER A 45 -11.73 0.74 7.04
C SER A 45 -10.24 0.86 6.71
N LEU A 46 -9.84 2.07 6.36
CA LEU A 46 -8.48 2.38 5.99
C LEU A 46 -7.57 2.32 7.21
N GLU A 47 -8.09 2.72 8.36
CA GLU A 47 -7.34 2.66 9.60
C GLU A 47 -7.07 1.20 9.97
N VAL A 48 -8.06 0.36 9.73
CA VAL A 48 -7.92 -1.07 9.93
C VAL A 48 -6.84 -1.62 9.00
N ALA A 49 -6.87 -1.15 7.75
CA ALA A 49 -5.88 -1.54 6.75
C ALA A 49 -4.46 -1.24 7.22
N ILE A 50 -4.30 -0.08 7.86
CA ILE A 50 -2.99 0.34 8.37
C ILE A 50 -2.40 -0.72 9.31
N GLN A 51 -3.18 -1.12 10.30
CA GLN A 51 -2.73 -2.11 11.28
C GLN A 51 -2.61 -3.50 10.66
N CYS A 52 -3.40 -3.75 9.62
CA CYS A 52 -3.33 -5.02 8.92
C CYS A 52 -2.03 -5.12 8.11
N LEU A 53 -1.70 -4.04 7.39
CA LEU A 53 -0.44 -3.97 6.65
C LEU A 53 0.72 -4.02 7.63
N GLU A 54 0.56 -3.29 8.73
CA GLU A 54 1.52 -3.26 9.82
C GLU A 54 1.88 -4.69 10.25
N THR A 55 0.86 -5.46 10.60
CA THR A 55 1.03 -6.82 11.07
C THR A 55 1.50 -7.74 9.95
N ALA A 56 1.02 -7.48 8.74
CA ALA A 56 1.31 -8.33 7.59
C ALA A 56 2.79 -8.33 7.24
N PHE A 57 3.34 -7.15 6.99
CA PHE A 57 4.72 -7.03 6.59
C PHE A 57 5.66 -7.14 7.77
N GLY A 58 5.08 -7.19 8.97
CA GLY A 58 5.88 -7.27 10.17
C GLY A 58 6.61 -5.97 10.45
N VAL A 59 5.99 -4.86 10.06
CA VAL A 59 6.62 -3.57 10.21
C VAL A 59 6.01 -2.80 11.37
N THR A 60 6.82 -1.98 12.00
CA THR A 60 6.39 -1.14 13.11
C THR A 60 6.98 0.25 12.99
N VAL A 61 6.86 1.05 14.05
CA VAL A 61 7.48 2.37 14.07
C VAL A 61 9.01 2.24 13.96
N GLU A 62 9.53 1.07 14.30
CA GLU A 62 10.96 0.78 14.13
C GLU A 62 11.31 0.83 12.64
N ASP A 63 10.45 0.25 11.82
CA ASP A 63 10.63 0.26 10.37
C ASP A 63 10.34 1.65 9.83
N SER A 64 9.68 2.46 10.65
CA SER A 64 9.42 3.85 10.29
C SER A 64 10.61 4.72 10.69
N ASP A 65 11.51 4.15 11.48
CA ASP A 65 12.72 4.85 11.90
C ASP A 65 13.78 4.77 10.80
N LEU A 66 13.77 3.67 10.06
CA LEU A 66 14.66 3.51 8.92
C LEU A 66 14.11 4.25 7.69
N ALA A 67 13.35 5.31 7.97
CA ALA A 67 12.66 6.09 6.95
C ALA A 67 13.59 6.51 5.82
N LEU A 68 13.09 6.32 4.61
CA LEU A 68 13.81 6.71 3.40
C LEU A 68 13.78 8.23 3.23
N PRO A 69 14.71 8.80 2.46
CA PRO A 69 14.82 10.25 2.24
C PRO A 69 13.47 10.94 2.07
N GLN A 70 12.62 10.36 1.23
CA GLN A 70 11.29 10.90 1.00
C GLN A 70 10.25 9.81 1.18
N THR A 71 9.04 10.20 1.54
CA THR A 71 7.96 9.24 1.70
C THR A 71 7.58 8.64 0.35
N LEU A 72 7.31 7.35 0.38
CA LEU A 72 7.12 6.56 -0.84
C LEU A 72 5.81 6.86 -1.57
N PRO A 73 4.69 7.15 -0.88
CA PRO A 73 3.47 7.62 -1.55
C PRO A 73 3.74 8.78 -2.52
N GLU A 74 4.74 9.60 -2.21
CA GLU A 74 5.14 10.71 -3.08
C GLU A 74 5.88 10.17 -4.30
N ILE A 75 6.72 9.16 -4.07
CA ILE A 75 7.41 8.46 -5.16
C ILE A 75 6.40 7.96 -6.18
N PHE A 76 5.36 7.33 -5.67
CA PHE A 76 4.30 6.81 -6.51
C PHE A 76 3.56 7.93 -7.23
N GLU A 77 3.33 9.03 -6.53
CA GLU A 77 2.64 10.17 -7.12
C GLU A 77 3.45 10.72 -8.29
N ALA A 78 4.77 10.56 -8.23
CA ALA A 78 5.66 11.04 -9.28
C ALA A 78 5.86 10.00 -10.39
N ALA A 79 6.23 8.79 -9.98
CA ALA A 79 6.64 7.76 -10.92
C ALA A 79 5.48 6.91 -11.41
N ALA A 80 4.61 6.52 -10.50
CA ALA A 80 3.58 5.53 -10.79
C ALA A 80 2.47 6.09 -11.67
N THR A 81 2.47 7.40 -11.89
CA THR A 81 1.45 8.05 -12.69
C THR A 81 1.60 7.74 -14.18
N GLY A 82 2.59 6.91 -14.53
CA GLY A 82 2.78 6.53 -15.91
C GLY A 82 4.11 5.85 -16.15
N LYS A 83 4.18 5.04 -17.21
CA LYS A 83 5.41 4.32 -17.59
C LYS A 83 5.74 3.21 -16.58
N MET B 15 -4.36 13.36 -12.11
CA MET B 15 -4.96 12.03 -11.80
C MET B 15 -4.45 11.54 -10.45
N ASP B 16 -5.36 11.04 -9.63
CA ASP B 16 -5.00 10.54 -8.31
C ASP B 16 -4.27 9.21 -8.42
N ASN B 17 -3.01 9.19 -8.01
CA ASN B 17 -2.25 7.95 -8.02
C ASN B 17 -2.58 7.13 -6.78
N LYS B 18 -3.36 7.72 -5.87
CA LYS B 18 -3.73 7.06 -4.64
C LYS B 18 -4.55 5.80 -4.93
N LYS B 19 -5.53 5.91 -5.81
CA LYS B 19 -6.35 4.76 -6.19
C LYS B 19 -5.51 3.74 -6.93
N ARG B 20 -4.55 4.22 -7.71
CA ARG B 20 -3.70 3.37 -8.50
C ARG B 20 -2.75 2.61 -7.60
N LEU B 21 -2.29 3.29 -6.56
CA LEU B 21 -1.50 2.69 -5.50
C LEU B 21 -2.26 1.51 -4.90
N ALA B 22 -3.53 1.73 -4.59
CA ALA B 22 -4.36 0.73 -3.93
C ALA B 22 -4.53 -0.52 -4.78
N TYR B 23 -5.10 -0.38 -5.99
CA TYR B 23 -5.45 -1.54 -6.80
C TYR B 23 -4.20 -2.31 -7.21
N ALA B 24 -3.13 -1.59 -7.51
CA ALA B 24 -1.88 -2.21 -7.94
C ALA B 24 -1.31 -3.06 -6.82
N ILE B 25 -1.44 -2.58 -5.60
CA ILE B 25 -1.05 -3.35 -4.42
C ILE B 25 -1.92 -4.58 -4.31
N ILE B 26 -3.22 -4.40 -4.52
CA ILE B 26 -4.17 -5.51 -4.49
C ILE B 26 -3.77 -6.60 -5.49
N GLN B 27 -3.43 -6.19 -6.71
CA GLN B 27 -3.07 -7.13 -7.76
C GLN B 27 -1.91 -8.03 -7.33
N PHE B 28 -0.84 -7.41 -6.86
CA PHE B 28 0.34 -8.13 -6.43
C PHE B 28 0.08 -8.91 -5.15
N LEU B 29 -0.50 -8.24 -4.16
CA LEU B 29 -0.73 -8.85 -2.86
C LEU B 29 -1.72 -10.00 -2.94
N HIS B 30 -2.63 -9.96 -3.90
CA HIS B 30 -3.57 -11.05 -4.10
C HIS B 30 -2.82 -12.30 -4.59
N ASP B 31 -1.90 -12.08 -5.54
CA ASP B 31 -1.07 -13.17 -6.04
C ASP B 31 -0.14 -13.67 -4.94
N GLN B 32 0.47 -12.73 -4.24
CA GLN B 32 1.36 -13.03 -3.13
C GLN B 32 0.63 -13.80 -2.04
N LEU B 33 -0.62 -13.43 -1.79
CA LEU B 33 -1.44 -14.09 -0.77
C LEU B 33 -1.64 -15.55 -1.14
N ARG B 34 -1.98 -15.78 -2.41
CA ARG B 34 -2.19 -17.14 -2.90
C ARG B 34 -0.86 -17.89 -2.94
N HIS B 35 0.20 -17.18 -3.26
CA HIS B 35 1.53 -17.77 -3.38
C HIS B 35 2.11 -18.15 -2.02
N GLY B 36 1.83 -17.33 -1.02
CA GLY B 36 2.35 -17.58 0.32
C GLY B 36 3.57 -16.74 0.62
N GLY B 37 3.53 -15.47 0.24
CA GLY B 37 4.66 -14.59 0.44
C GLY B 37 4.99 -14.37 1.91
N LEU B 38 4.08 -13.72 2.62
CA LEU B 38 4.28 -13.43 4.04
C LEU B 38 3.93 -14.63 4.91
N SER B 39 3.97 -14.45 6.21
CA SER B 39 3.72 -15.54 7.16
C SER B 39 2.22 -15.84 7.29
N SER B 40 1.89 -16.84 8.10
CA SER B 40 0.51 -17.29 8.26
C SER B 40 -0.40 -16.17 8.80
N ASP B 41 -0.11 -15.72 10.02
CA ASP B 41 -0.89 -14.65 10.64
C ASP B 41 -0.81 -13.37 9.83
N ALA B 42 0.33 -13.16 9.20
CA ALA B 42 0.54 -12.02 8.33
C ALA B 42 -0.43 -12.05 7.15
N GLN B 43 -0.44 -13.19 6.45
CA GLN B 43 -1.29 -13.39 5.27
C GLN B 43 -2.75 -13.07 5.54
N GLU B 44 -3.36 -13.77 6.48
CA GLU B 44 -4.76 -13.55 6.82
C GLU B 44 -5.05 -12.08 7.14
N SER B 45 -4.19 -11.46 7.93
CA SER B 45 -4.34 -10.03 8.25
C SER B 45 -4.16 -9.20 6.99
N LEU B 46 -3.27 -9.66 6.12
CA LEU B 46 -2.95 -8.98 4.89
C LEU B 46 -4.11 -9.08 3.90
N GLU B 47 -4.82 -10.20 3.92
CA GLU B 47 -5.99 -10.38 3.08
C GLU B 47 -7.09 -9.40 3.50
N VAL B 48 -7.21 -9.20 4.81
CA VAL B 48 -8.14 -8.22 5.34
C VAL B 48 -7.74 -6.83 4.87
N ALA B 49 -6.44 -6.55 4.90
CA ALA B 49 -5.90 -5.27 4.45
C ALA B 49 -6.30 -5.00 3.00
N ILE B 50 -6.25 -6.03 2.17
CA ILE B 50 -6.61 -5.90 0.76
C ILE B 50 -8.01 -5.32 0.60
N GLN B 51 -8.98 -5.93 1.26
CA GLN B 51 -10.38 -5.48 1.18
C GLN B 51 -10.58 -4.15 1.89
N CYS B 52 -9.75 -3.87 2.88
CA CYS B 52 -9.83 -2.59 3.57
C CYS B 52 -9.33 -1.46 2.67
N LEU B 53 -8.19 -1.69 2.00
CA LEU B 53 -7.67 -0.72 1.04
C LEU B 53 -8.64 -0.57 -0.12
N GLU B 54 -9.17 -1.70 -0.55
CA GLU B 54 -10.20 -1.77 -1.58
C GLU B 54 -11.34 -0.80 -1.28
N THR B 55 -11.91 -0.96 -0.09
CA THR B 55 -13.04 -0.14 0.34
C THR B 55 -12.62 1.30 0.62
N ALA B 56 -11.41 1.46 1.12
CA ALA B 56 -10.90 2.78 1.51
C ALA B 56 -10.76 3.72 0.32
N PHE B 57 -10.01 3.29 -0.68
CA PHE B 57 -9.74 4.13 -1.84
C PHE B 57 -10.91 4.08 -2.81
N GLY B 58 -11.89 3.25 -2.53
CA GLY B 58 -13.03 3.11 -3.39
C GLY B 58 -12.68 2.45 -4.70
N VAL B 59 -11.71 1.53 -4.65
CA VAL B 59 -11.22 0.87 -5.85
C VAL B 59 -11.75 -0.55 -5.93
N THR B 60 -11.95 -1.01 -7.14
CA THR B 60 -12.42 -2.36 -7.40
C THR B 60 -11.66 -2.97 -8.57
N VAL B 61 -12.12 -4.12 -9.05
CA VAL B 61 -11.53 -4.74 -10.23
C VAL B 61 -11.67 -3.81 -11.45
N GLU B 62 -12.61 -2.87 -11.38
CA GLU B 62 -12.76 -1.86 -12.41
C GLU B 62 -11.53 -0.98 -12.46
N ASP B 63 -11.03 -0.62 -11.29
CA ASP B 63 -9.82 0.18 -11.17
C ASP B 63 -8.61 -0.67 -11.49
N SER B 64 -8.80 -1.98 -11.50
CA SER B 64 -7.77 -2.91 -11.88
C SER B 64 -7.78 -3.11 -13.40
N ASP B 65 -8.84 -2.64 -14.03
CA ASP B 65 -8.95 -2.70 -15.48
C ASP B 65 -8.19 -1.57 -16.13
N LEU B 66 -8.13 -0.43 -15.44
CA LEU B 66 -7.33 0.71 -15.91
C LEU B 66 -5.85 0.50 -15.58
N ALA B 67 -5.46 -0.77 -15.49
CA ALA B 67 -4.11 -1.17 -15.09
C ALA B 67 -3.03 -0.42 -15.87
N LEU B 68 -2.05 0.06 -15.12
CA LEU B 68 -0.91 0.74 -15.69
C LEU B 68 0.03 -0.25 -16.38
N PRO B 69 0.88 0.22 -17.31
CA PRO B 69 1.80 -0.64 -18.07
C PRO B 69 2.46 -1.74 -17.22
N GLN B 70 2.96 -1.36 -16.06
CA GLN B 70 3.57 -2.32 -15.15
C GLN B 70 2.97 -2.18 -13.77
N THR B 71 3.01 -3.24 -12.98
CA THR B 71 2.48 -3.19 -11.65
C THR B 71 3.35 -2.29 -10.77
N LEU B 72 2.70 -1.57 -9.89
CA LEU B 72 3.33 -0.52 -9.12
C LEU B 72 4.25 -1.03 -8.02
N PRO B 73 3.94 -2.16 -7.34
CA PRO B 73 4.89 -2.78 -6.40
C PRO B 73 6.28 -2.98 -7.01
N GLU B 74 6.33 -3.19 -8.33
CA GLU B 74 7.60 -3.33 -9.04
C GLU B 74 8.28 -1.97 -9.18
N ILE B 75 7.47 -0.94 -9.44
CA ILE B 75 7.96 0.44 -9.47
C ILE B 75 8.68 0.77 -8.18
N PHE B 76 8.03 0.43 -7.08
CA PHE B 76 8.58 0.66 -5.75
C PHE B 76 9.86 -0.16 -5.54
N GLU B 77 9.86 -1.39 -6.02
CA GLU B 77 11.01 -2.26 -5.89
C GLU B 77 12.22 -1.64 -6.62
N ALA B 78 11.94 -0.89 -7.68
CA ALA B 78 12.98 -0.24 -8.47
C ALA B 78 13.35 1.13 -7.91
N ALA B 79 12.34 1.98 -7.70
CA ALA B 79 12.56 3.38 -7.36
C ALA B 79 12.67 3.61 -5.87
N ALA B 80 11.78 2.99 -5.12
CA ALA B 80 11.63 3.29 -3.69
C ALA B 80 12.79 2.78 -2.85
N THR B 81 13.63 1.95 -3.45
CA THR B 81 14.77 1.37 -2.75
C THR B 81 15.86 2.41 -2.45
N GLY B 82 15.63 3.66 -2.82
CA GLY B 82 16.58 4.71 -2.53
C GLY B 82 16.29 5.99 -3.29
N LYS B 83 16.75 7.12 -2.75
CA LYS B 83 16.57 8.45 -3.36
C LYS B 83 15.11 8.89 -3.29
N MET A 15 18.00 -5.77 2.22
CA MET A 15 17.05 -4.64 2.12
C MET A 15 15.71 -5.12 1.59
N ASP A 16 14.65 -4.84 2.35
CA ASP A 16 13.31 -5.28 1.98
C ASP A 16 12.47 -4.13 1.45
N ASN A 17 11.86 -4.36 0.30
CA ASN A 17 10.97 -3.38 -0.32
C ASN A 17 9.58 -3.45 0.30
N LYS A 18 9.10 -4.67 0.51
CA LYS A 18 7.72 -4.89 0.94
C LYS A 18 7.45 -4.25 2.29
N LYS A 19 8.32 -4.47 3.26
CA LYS A 19 8.13 -3.91 4.60
C LYS A 19 8.28 -2.39 4.59
N ARG A 20 9.09 -1.87 3.67
CA ARG A 20 9.27 -0.43 3.57
C ARG A 20 8.06 0.21 2.92
N LEU A 21 7.48 -0.50 1.96
CA LEU A 21 6.26 -0.08 1.31
C LEU A 21 5.13 0.08 2.33
N ALA A 22 5.02 -0.91 3.21
CA ALA A 22 3.96 -0.95 4.21
C ALA A 22 3.94 0.28 5.10
N TYR A 23 4.99 0.45 5.91
CA TYR A 23 5.02 1.51 6.91
C TYR A 23 4.97 2.88 6.25
N ALA A 24 5.57 2.96 5.07
CA ALA A 24 5.63 4.21 4.31
C ALA A 24 4.24 4.70 3.96
N ILE A 25 3.40 3.77 3.53
CA ILE A 25 2.02 4.08 3.23
C ILE A 25 1.27 4.42 4.51
N ILE A 26 1.62 3.72 5.60
CA ILE A 26 1.07 4.05 6.90
C ILE A 26 1.40 5.49 7.28
N GLN A 27 2.61 5.93 6.94
CA GLN A 27 3.05 7.30 7.21
C GLN A 27 2.07 8.30 6.62
N PHE A 28 1.78 8.12 5.35
CA PHE A 28 0.87 9.02 4.64
C PHE A 28 -0.55 8.83 5.14
N LEU A 29 -0.99 7.59 5.23
CA LEU A 29 -2.35 7.28 5.67
C LEU A 29 -2.62 7.78 7.08
N HIS A 30 -1.58 7.81 7.91
CA HIS A 30 -1.69 8.34 9.27
C HIS A 30 -2.12 9.81 9.24
N ASP A 31 -1.34 10.63 8.56
CA ASP A 31 -1.61 12.06 8.49
C ASP A 31 -2.84 12.33 7.63
N GLN A 32 -3.00 11.52 6.60
CA GLN A 32 -4.16 11.62 5.71
C GLN A 32 -5.44 11.30 6.47
N LEU A 33 -5.32 10.40 7.45
CA LEU A 33 -6.44 10.01 8.29
C LEU A 33 -6.94 11.22 9.07
N ARG A 34 -6.02 11.85 9.78
CA ARG A 34 -6.35 13.01 10.61
C ARG A 34 -6.72 14.22 9.73
N HIS A 35 -6.21 14.24 8.51
CA HIS A 35 -6.45 15.35 7.61
C HIS A 35 -7.78 15.19 6.88
N GLY A 36 -8.33 13.99 6.93
CA GLY A 36 -9.60 13.72 6.30
C GLY A 36 -9.49 13.55 4.80
N GLY A 37 -8.46 12.83 4.37
CA GLY A 37 -8.23 12.63 2.95
C GLY A 37 -9.35 11.86 2.27
N LEU A 38 -9.82 10.79 2.90
CA LEU A 38 -10.86 9.96 2.33
C LEU A 38 -12.21 10.30 2.95
N SER A 39 -13.25 9.55 2.58
CA SER A 39 -14.58 9.75 3.11
C SER A 39 -14.69 9.25 4.56
N SER A 40 -15.88 9.32 5.14
CA SER A 40 -16.07 8.96 6.54
C SER A 40 -15.76 7.49 6.81
N ASP A 41 -16.49 6.60 6.15
CA ASP A 41 -16.29 5.16 6.32
C ASP A 41 -14.93 4.73 5.78
N ALA A 42 -14.54 5.36 4.69
CA ALA A 42 -13.25 5.10 4.08
C ALA A 42 -12.10 5.44 5.03
N GLN A 43 -12.28 6.54 5.76
CA GLN A 43 -11.30 6.97 6.76
C GLN A 43 -11.12 5.89 7.82
N GLU A 44 -12.22 5.44 8.41
CA GLU A 44 -12.17 4.41 9.44
C GLU A 44 -11.49 3.15 8.91
N SER A 45 -11.70 2.88 7.63
CA SER A 45 -11.15 1.70 7.00
C SER A 45 -9.63 1.80 6.85
N LEU A 46 -9.10 3.03 6.76
CA LEU A 46 -7.66 3.22 6.68
C LEU A 46 -7.00 2.72 7.96
N GLU A 47 -7.54 3.15 9.08
CA GLU A 47 -6.99 2.79 10.39
C GLU A 47 -6.95 1.27 10.55
N VAL A 48 -8.02 0.61 10.14
CA VAL A 48 -8.09 -0.84 10.19
C VAL A 48 -7.02 -1.45 9.29
N ALA A 49 -6.95 -0.96 8.06
CA ALA A 49 -5.99 -1.45 7.07
C ALA A 49 -4.56 -1.24 7.54
N ILE A 50 -4.32 -0.11 8.22
CA ILE A 50 -3.02 0.19 8.79
C ILE A 50 -2.57 -0.94 9.72
N GLN A 51 -3.43 -1.30 10.66
CA GLN A 51 -3.11 -2.34 11.63
C GLN A 51 -2.95 -3.69 10.94
N CYS A 52 -3.76 -3.91 9.91
CA CYS A 52 -3.71 -5.15 9.15
C CYS A 52 -2.39 -5.27 8.40
N LEU A 53 -2.02 -4.25 7.64
CA LEU A 53 -0.78 -4.27 6.87
C LEU A 53 0.43 -4.25 7.78
N GLU A 54 0.32 -3.54 8.89
CA GLU A 54 1.40 -3.49 9.86
C GLU A 54 1.73 -4.91 10.35
N THR A 55 0.69 -5.63 10.73
CA THR A 55 0.83 -6.99 11.22
C THR A 55 1.16 -7.95 10.08
N ALA A 56 0.73 -7.62 8.88
CA ALA A 56 0.91 -8.47 7.71
C ALA A 56 2.36 -8.44 7.20
N PHE A 57 2.86 -7.25 6.90
CA PHE A 57 4.21 -7.10 6.39
C PHE A 57 5.24 -7.33 7.49
N GLY A 58 4.77 -7.33 8.74
CA GLY A 58 5.64 -7.53 9.87
C GLY A 58 6.39 -6.27 10.23
N VAL A 59 5.72 -5.14 10.07
CA VAL A 59 6.32 -3.85 10.36
C VAL A 59 5.73 -3.27 11.62
N THR A 60 6.41 -2.30 12.19
CA THR A 60 5.95 -1.62 13.38
C THR A 60 6.29 -0.13 13.31
N VAL A 61 6.06 0.59 14.40
CA VAL A 61 6.45 1.99 14.48
C VAL A 61 7.98 2.12 14.48
N GLU A 62 8.67 1.03 14.80
CA GLU A 62 10.12 0.99 14.72
C GLU A 62 10.55 1.04 13.25
N ASP A 63 9.81 0.35 12.41
CA ASP A 63 10.03 0.39 10.98
C ASP A 63 9.61 1.74 10.42
N SER A 64 8.78 2.43 11.18
CA SER A 64 8.37 3.79 10.87
C SER A 64 9.50 4.76 11.22
N ASP A 65 10.38 4.34 12.13
CA ASP A 65 11.50 5.16 12.55
C ASP A 65 12.56 5.24 11.46
N LEU A 66 12.72 4.15 10.73
CA LEU A 66 13.69 4.11 9.61
C LEU A 66 13.11 4.73 8.34
N ALA A 67 12.16 5.65 8.53
CA ALA A 67 11.44 6.29 7.43
C ALA A 67 12.37 6.88 6.37
N LEU A 68 12.05 6.60 5.12
CA LEU A 68 12.80 7.14 4.00
C LEU A 68 12.60 8.65 3.90
N PRO A 69 13.63 9.39 3.47
CA PRO A 69 13.55 10.85 3.29
C PRO A 69 12.40 11.26 2.38
N GLN A 70 12.32 10.62 1.23
CA GLN A 70 11.32 10.92 0.24
C GLN A 70 9.96 10.35 0.67
N THR A 71 8.90 11.10 0.42
CA THR A 71 7.57 10.61 0.68
C THR A 71 7.16 9.61 -0.40
N LEU A 72 6.58 8.49 0.03
CA LEU A 72 6.42 7.34 -0.84
C LEU A 72 5.22 7.44 -1.76
N PRO A 73 4.00 7.76 -1.27
CA PRO A 73 2.86 8.00 -2.17
C PRO A 73 3.16 9.12 -3.17
N GLU A 74 4.02 10.07 -2.79
CA GLU A 74 4.44 11.14 -3.68
C GLU A 74 5.36 10.57 -4.77
N ILE A 75 6.31 9.74 -4.36
CA ILE A 75 7.17 9.03 -5.31
C ILE A 75 6.31 8.20 -6.26
N PHE A 76 5.27 7.61 -5.68
CA PHE A 76 4.34 6.80 -6.45
C PHE A 76 3.62 7.65 -7.49
N GLU A 77 3.41 8.93 -7.18
CA GLU A 77 2.80 9.87 -8.11
C GLU A 77 3.73 10.12 -9.30
N ALA A 78 5.02 10.29 -9.00
CA ALA A 78 5.99 10.62 -10.02
C ALA A 78 6.32 9.40 -10.90
N ALA A 79 6.66 8.30 -10.26
CA ALA A 79 7.07 7.10 -10.99
C ALA A 79 5.87 6.32 -11.52
N ALA A 80 5.07 5.81 -10.59
CA ALA A 80 4.00 4.88 -10.93
C ALA A 80 2.85 5.59 -11.64
N THR A 81 2.59 6.83 -11.26
CA THR A 81 1.51 7.59 -11.83
C THR A 81 2.02 8.47 -12.97
N GLY A 82 3.33 8.54 -13.11
CA GLY A 82 3.93 9.37 -14.14
C GLY A 82 4.20 8.60 -15.42
N LYS A 83 4.58 7.34 -15.27
CA LYS A 83 4.82 6.49 -16.41
C LYS A 83 3.52 5.87 -16.89
N MET B 15 -6.82 12.25 -12.85
CA MET B 15 -6.03 11.03 -12.59
C MET B 15 -5.70 10.92 -11.10
N ASP B 16 -6.08 9.81 -10.50
CA ASP B 16 -5.84 9.60 -9.07
C ASP B 16 -4.71 8.63 -8.83
N ASN B 17 -3.79 9.04 -7.97
CA ASN B 17 -2.66 8.20 -7.58
C ASN B 17 -3.07 7.23 -6.48
N LYS B 18 -3.83 7.71 -5.52
CA LYS B 18 -4.17 6.94 -4.32
C LYS B 18 -4.95 5.69 -4.66
N LYS B 19 -5.98 5.83 -5.48
CA LYS B 19 -6.81 4.68 -5.84
C LYS B 19 -6.05 3.70 -6.73
N ARG B 20 -5.07 4.21 -7.49
CA ARG B 20 -4.27 3.34 -8.33
C ARG B 20 -3.25 2.58 -7.49
N LEU B 21 -2.74 3.26 -6.48
CA LEU B 21 -1.84 2.64 -5.51
C LEU B 21 -2.50 1.45 -4.83
N ALA B 22 -3.75 1.65 -4.41
CA ALA B 22 -4.50 0.63 -3.69
C ALA B 22 -4.62 -0.68 -4.45
N TYR B 23 -5.33 -0.65 -5.58
CA TYR B 23 -5.64 -1.86 -6.32
C TYR B 23 -4.36 -2.52 -6.82
N ALA B 24 -3.38 -1.69 -7.15
CA ALA B 24 -2.10 -2.17 -7.67
C ALA B 24 -1.40 -3.05 -6.66
N ILE B 25 -1.42 -2.62 -5.41
CA ILE B 25 -0.85 -3.41 -4.33
C ILE B 25 -1.69 -4.66 -4.11
N ILE B 26 -3.01 -4.53 -4.27
CA ILE B 26 -3.89 -5.68 -4.21
C ILE B 26 -3.50 -6.71 -5.28
N GLN B 27 -3.12 -6.22 -6.47
CA GLN B 27 -2.68 -7.09 -7.56
C GLN B 27 -1.56 -8.00 -7.10
N PHE B 28 -0.54 -7.40 -6.52
CA PHE B 28 0.62 -8.14 -6.05
C PHE B 28 0.26 -9.01 -4.86
N LEU B 29 -0.43 -8.41 -3.89
CA LEU B 29 -0.81 -9.11 -2.67
C LEU B 29 -1.72 -10.29 -2.96
N HIS B 30 -2.52 -10.19 -4.01
CA HIS B 30 -3.39 -11.28 -4.45
C HIS B 30 -2.56 -12.51 -4.79
N ASP B 31 -1.63 -12.35 -5.73
CA ASP B 31 -0.81 -13.46 -6.20
C ASP B 31 0.20 -13.86 -5.12
N GLN B 32 0.68 -12.87 -4.38
CA GLN B 32 1.59 -13.10 -3.27
C GLN B 32 0.92 -13.91 -2.18
N LEU B 33 -0.38 -13.71 -2.02
CA LEU B 33 -1.18 -14.42 -1.04
C LEU B 33 -1.17 -15.91 -1.36
N ARG B 34 -1.53 -16.23 -2.59
CA ARG B 34 -1.60 -17.62 -3.04
C ARG B 34 -0.20 -18.22 -3.15
N HIS B 35 0.80 -17.37 -3.36
CA HIS B 35 2.16 -17.83 -3.54
C HIS B 35 2.84 -18.06 -2.18
N GLY B 36 2.23 -17.51 -1.14
CA GLY B 36 2.77 -17.68 0.20
C GLY B 36 3.95 -16.76 0.48
N GLY B 37 3.83 -15.52 0.04
CA GLY B 37 4.90 -14.55 0.21
C GLY B 37 5.21 -14.27 1.68
N LEU B 38 4.17 -14.06 2.47
CA LEU B 38 4.33 -13.75 3.89
C LEU B 38 4.12 -15.00 4.74
N SER B 39 4.17 -14.82 6.05
CA SER B 39 3.97 -15.92 6.99
C SER B 39 2.49 -16.33 7.05
N SER B 40 2.16 -17.27 7.91
CA SER B 40 0.80 -17.81 7.99
C SER B 40 -0.21 -16.74 8.40
N ASP B 41 -0.04 -16.18 9.59
CA ASP B 41 -0.95 -15.16 10.09
C ASP B 41 -0.86 -13.90 9.25
N ALA B 42 0.35 -13.59 8.81
CA ALA B 42 0.60 -12.43 7.96
C ALA B 42 -0.16 -12.55 6.65
N GLN B 43 -0.20 -13.76 6.12
CA GLN B 43 -0.92 -14.06 4.88
C GLN B 43 -2.40 -13.72 5.05
N GLU B 44 -3.01 -14.27 6.08
CA GLU B 44 -4.43 -14.03 6.35
C GLU B 44 -4.71 -12.54 6.51
N SER B 45 -3.73 -11.83 7.05
CA SER B 45 -3.87 -10.41 7.30
C SER B 45 -3.86 -9.61 5.98
N LEU B 46 -3.20 -10.16 4.96
CA LEU B 46 -3.19 -9.51 3.65
C LEU B 46 -4.60 -9.44 3.09
N GLU B 47 -5.29 -10.59 3.12
CA GLU B 47 -6.63 -10.68 2.57
C GLU B 47 -7.57 -9.69 3.26
N VAL B 48 -7.44 -9.58 4.58
CA VAL B 48 -8.22 -8.61 5.34
C VAL B 48 -7.89 -7.19 4.90
N ALA B 49 -6.60 -6.89 4.84
CA ALA B 49 -6.12 -5.57 4.45
C ALA B 49 -6.57 -5.21 3.05
N ILE B 50 -6.58 -6.21 2.16
CA ILE B 50 -7.06 -6.02 0.79
C ILE B 50 -8.46 -5.45 0.78
N GLN B 51 -9.36 -6.11 1.51
CA GLN B 51 -10.76 -5.69 1.57
C GLN B 51 -10.88 -4.33 2.24
N CYS B 52 -10.03 -4.09 3.24
CA CYS B 52 -10.04 -2.83 3.94
C CYS B 52 -9.61 -1.68 3.03
N LEU B 53 -8.47 -1.84 2.35
CA LEU B 53 -7.96 -0.79 1.46
C LEU B 53 -8.86 -0.62 0.25
N GLU B 54 -9.42 -1.73 -0.23
CA GLU B 54 -10.34 -1.69 -1.35
C GLU B 54 -11.52 -0.77 -1.03
N THR B 55 -12.11 -0.98 0.13
CA THR B 55 -13.24 -0.20 0.59
C THR B 55 -12.80 1.21 1.00
N ALA B 56 -11.56 1.34 1.43
CA ALA B 56 -11.04 2.61 1.92
C ALA B 56 -10.74 3.57 0.78
N PHE B 57 -9.92 3.16 -0.18
CA PHE B 57 -9.56 4.00 -1.29
C PHE B 57 -10.72 4.14 -2.27
N GLY B 58 -11.73 3.30 -2.10
CA GLY B 58 -12.89 3.34 -2.97
C GLY B 58 -12.62 2.66 -4.29
N VAL B 59 -11.83 1.61 -4.26
CA VAL B 59 -11.47 0.87 -5.46
C VAL B 59 -12.19 -0.48 -5.48
N THR B 60 -12.24 -1.07 -6.65
CA THR B 60 -12.85 -2.37 -6.82
C THR B 60 -12.06 -3.21 -7.82
N VAL B 61 -12.59 -4.36 -8.19
CA VAL B 61 -11.97 -5.18 -9.23
C VAL B 61 -12.08 -4.48 -10.60
N GLU B 62 -12.98 -3.52 -10.69
CA GLU B 62 -13.09 -2.69 -11.90
C GLU B 62 -11.85 -1.80 -12.01
N ASP B 63 -11.42 -1.28 -10.87
CA ASP B 63 -10.21 -0.48 -10.80
C ASP B 63 -9.00 -1.37 -11.01
N SER B 64 -9.19 -2.67 -10.79
CA SER B 64 -8.19 -3.68 -11.06
C SER B 64 -8.10 -3.94 -12.56
N ASP B 65 -9.18 -3.64 -13.26
CA ASP B 65 -9.24 -3.85 -14.70
C ASP B 65 -8.38 -2.81 -15.43
N LEU B 66 -8.34 -1.61 -14.89
CA LEU B 66 -7.53 -0.53 -15.48
C LEU B 66 -6.06 -0.64 -15.05
N ALA B 67 -5.64 -1.87 -14.73
CA ALA B 67 -4.30 -2.15 -14.24
C ALA B 67 -3.19 -1.57 -15.11
N LEU B 68 -2.25 -0.91 -14.46
CA LEU B 68 -1.08 -0.34 -15.14
C LEU B 68 -0.20 -1.46 -15.70
N PRO B 69 0.43 -1.23 -16.85
CA PRO B 69 1.34 -2.21 -17.47
C PRO B 69 2.46 -2.65 -16.53
N GLN B 70 3.11 -1.67 -15.92
CA GLN B 70 4.23 -1.92 -15.02
C GLN B 70 3.72 -2.44 -13.68
N THR B 71 4.43 -3.37 -13.09
CA THR B 71 4.06 -3.84 -11.77
C THR B 71 4.50 -2.80 -10.75
N LEU B 72 3.65 -2.58 -9.76
CA LEU B 72 3.80 -1.42 -8.89
C LEU B 72 4.78 -1.65 -7.74
N PRO B 73 4.66 -2.74 -6.96
CA PRO B 73 5.67 -3.06 -5.95
C PRO B 73 7.06 -3.20 -6.55
N GLU B 74 7.13 -3.61 -7.82
CA GLU B 74 8.39 -3.69 -8.54
C GLU B 74 8.93 -2.29 -8.84
N ILE B 75 8.06 -1.41 -9.31
CA ILE B 75 8.40 -0.01 -9.49
C ILE B 75 8.86 0.60 -8.18
N PHE B 76 8.19 0.19 -7.12
CA PHE B 76 8.52 0.65 -5.78
C PHE B 76 9.92 0.20 -5.39
N GLU B 77 10.33 -0.97 -5.90
CA GLU B 77 11.68 -1.47 -5.67
C GLU B 77 12.71 -0.58 -6.36
N ALA B 78 12.42 -0.19 -7.58
CA ALA B 78 13.34 0.59 -8.37
C ALA B 78 13.42 2.03 -7.89
N ALA B 79 12.27 2.69 -7.75
CA ALA B 79 12.24 4.09 -7.38
C ALA B 79 12.40 4.29 -5.88
N ALA B 80 11.45 3.76 -5.12
CA ALA B 80 11.37 4.02 -3.69
C ALA B 80 12.46 3.28 -2.92
N THR B 81 12.80 2.09 -3.39
CA THR B 81 13.80 1.29 -2.73
C THR B 81 15.17 1.48 -3.39
N GLY B 82 15.18 2.19 -4.50
CA GLY B 82 16.42 2.43 -5.22
C GLY B 82 17.07 3.73 -4.82
N LYS B 83 16.26 4.74 -4.55
CA LYS B 83 16.77 6.03 -4.12
C LYS B 83 16.98 6.01 -2.61
N MET A 15 17.52 -5.36 1.94
CA MET A 15 16.50 -4.31 2.17
C MET A 15 15.22 -4.64 1.41
N ASP A 16 14.35 -5.42 2.06
CA ASP A 16 13.09 -5.83 1.45
C ASP A 16 12.24 -4.64 1.09
N ASN A 17 11.79 -4.60 -0.16
CA ASN A 17 10.93 -3.53 -0.64
C ASN A 17 9.58 -3.60 0.03
N LYS A 18 9.13 -4.82 0.32
CA LYS A 18 7.81 -5.04 0.89
C LYS A 18 7.63 -4.30 2.21
N LYS A 19 8.60 -4.45 3.11
CA LYS A 19 8.49 -3.83 4.43
C LYS A 19 8.61 -2.31 4.33
N ARG A 20 9.46 -1.83 3.42
CA ARG A 20 9.64 -0.40 3.23
C ARG A 20 8.41 0.21 2.57
N LEU A 21 7.80 -0.57 1.69
CA LEU A 21 6.57 -0.18 1.03
C LEU A 21 5.46 0.09 2.04
N ALA A 22 5.30 -0.83 2.99
CA ALA A 22 4.22 -0.75 3.96
C ALA A 22 4.29 0.51 4.82
N TYR A 23 5.37 0.67 5.59
CA TYR A 23 5.45 1.73 6.60
C TYR A 23 5.33 3.11 5.95
N ALA A 24 5.94 3.25 4.77
CA ALA A 24 5.95 4.53 4.08
C ALA A 24 4.54 4.97 3.71
N ILE A 25 3.74 4.02 3.25
CA ILE A 25 2.35 4.30 2.92
C ILE A 25 1.55 4.49 4.20
N ILE A 26 1.87 3.69 5.22
CA ILE A 26 1.20 3.79 6.52
C ILE A 26 1.26 5.22 7.07
N GLN A 27 2.46 5.81 7.07
CA GLN A 27 2.64 7.15 7.59
C GLN A 27 1.78 8.16 6.85
N PHE A 28 1.79 8.07 5.52
CA PHE A 28 1.00 8.97 4.69
C PHE A 28 -0.49 8.74 4.90
N LEU A 29 -0.87 7.48 5.07
CA LEU A 29 -2.26 7.12 5.31
C LEU A 29 -2.69 7.55 6.71
N HIS A 30 -1.74 7.60 7.63
CA HIS A 30 -1.99 8.11 8.98
C HIS A 30 -2.44 9.56 8.92
N ASP A 31 -1.74 10.36 8.13
CA ASP A 31 -2.10 11.76 7.94
C ASP A 31 -3.48 11.86 7.31
N GLN A 32 -3.68 11.14 6.21
CA GLN A 32 -4.98 11.08 5.53
C GLN A 32 -6.10 10.71 6.50
N LEU A 33 -5.80 9.76 7.38
CA LEU A 33 -6.78 9.26 8.33
C LEU A 33 -7.30 10.36 9.24
N ARG A 34 -6.37 11.08 9.86
CA ARG A 34 -6.72 12.05 10.89
C ARG A 34 -6.96 13.45 10.31
N HIS A 35 -6.54 13.68 9.08
CA HIS A 35 -6.75 14.97 8.43
C HIS A 35 -8.04 14.97 7.62
N GLY A 36 -8.65 13.80 7.48
CA GLY A 36 -9.90 13.69 6.76
C GLY A 36 -9.71 13.66 5.26
N GLY A 37 -8.72 12.90 4.80
CA GLY A 37 -8.47 12.77 3.38
C GLY A 37 -9.55 11.97 2.70
N LEU A 38 -9.54 10.66 2.92
CA LEU A 38 -10.59 9.79 2.42
C LEU A 38 -11.90 10.05 3.17
N SER A 39 -12.98 9.46 2.69
CA SER A 39 -14.30 9.66 3.30
C SER A 39 -14.37 8.95 4.65
N SER A 40 -15.37 9.28 5.47
CA SER A 40 -15.46 8.74 6.83
C SER A 40 -15.47 7.21 6.84
N ASP A 41 -16.40 6.63 6.08
CA ASP A 41 -16.53 5.17 6.00
C ASP A 41 -15.23 4.56 5.50
N ALA A 42 -14.58 5.25 4.58
CA ALA A 42 -13.30 4.83 4.04
C ALA A 42 -12.23 4.88 5.12
N GLN A 43 -12.17 6.00 5.83
CA GLN A 43 -11.23 6.21 6.93
C GLN A 43 -11.24 5.05 7.91
N GLU A 44 -12.41 4.78 8.45
CA GLU A 44 -12.62 3.67 9.38
C GLU A 44 -11.93 2.40 8.90
N SER A 45 -12.21 1.99 7.67
CA SER A 45 -11.62 0.77 7.12
C SER A 45 -10.15 0.99 6.77
N LEU A 46 -9.81 2.23 6.46
CA LEU A 46 -8.45 2.62 6.09
C LEU A 46 -7.51 2.43 7.27
N GLU A 47 -7.93 2.84 8.46
CA GLU A 47 -7.12 2.70 9.65
C GLU A 47 -6.98 1.23 10.00
N VAL A 48 -8.02 0.45 9.77
CA VAL A 48 -7.97 -0.99 9.95
C VAL A 48 -6.91 -1.58 9.02
N ALA A 49 -6.92 -1.12 7.77
CA ALA A 49 -5.95 -1.56 6.78
C ALA A 49 -4.52 -1.27 7.23
N ILE A 50 -4.33 -0.11 7.85
CA ILE A 50 -3.03 0.30 8.35
C ILE A 50 -2.44 -0.75 9.30
N GLN A 51 -3.17 -1.07 10.35
CA GLN A 51 -2.72 -2.06 11.33
C GLN A 51 -2.59 -3.44 10.70
N CYS A 52 -3.43 -3.74 9.71
CA CYS A 52 -3.36 -5.02 9.03
C CYS A 52 -2.08 -5.11 8.18
N LEU A 53 -1.77 -4.04 7.45
CA LEU A 53 -0.54 -3.98 6.67
C LEU A 53 0.67 -4.07 7.59
N GLU A 54 0.56 -3.40 8.73
CA GLU A 54 1.59 -3.42 9.76
C GLU A 54 1.95 -4.85 10.13
N THR A 55 0.95 -5.63 10.53
CA THR A 55 1.18 -7.00 10.96
C THR A 55 1.52 -7.91 9.78
N ALA A 56 0.92 -7.64 8.63
CA ALA A 56 1.14 -8.42 7.42
C ALA A 56 2.60 -8.38 6.99
N PHE A 57 3.14 -7.17 6.86
CA PHE A 57 4.51 -7.01 6.42
C PHE A 57 5.49 -7.17 7.57
N GLY A 58 4.95 -7.22 8.79
CA GLY A 58 5.78 -7.36 9.97
C GLY A 58 6.53 -6.10 10.29
N VAL A 59 5.96 -4.96 9.91
CA VAL A 59 6.59 -3.68 10.10
C VAL A 59 6.00 -2.97 11.32
N THR A 60 6.77 -2.07 11.89
CA THR A 60 6.33 -1.31 13.04
C THR A 60 6.74 0.16 12.89
N VAL A 61 6.49 0.95 13.92
CA VAL A 61 6.93 2.33 13.94
C VAL A 61 8.47 2.41 13.92
N GLU A 62 9.12 1.32 14.36
CA GLU A 62 10.58 1.24 14.31
C GLU A 62 11.05 1.26 12.85
N ASP A 63 10.30 0.55 12.01
CA ASP A 63 10.59 0.49 10.59
C ASP A 63 10.26 1.82 9.93
N SER A 64 9.59 2.68 10.66
CA SER A 64 9.30 4.02 10.20
C SER A 64 10.45 4.96 10.58
N ASP A 65 11.27 4.53 11.54
CA ASP A 65 12.44 5.29 11.94
C ASP A 65 13.51 5.22 10.86
N LEU A 66 13.60 4.07 10.20
CA LEU A 66 14.54 3.90 9.09
C LEU A 66 14.00 4.54 7.80
N ALA A 67 13.18 5.57 7.99
CA ALA A 67 12.49 6.27 6.91
C ALA A 67 13.44 6.65 5.77
N LEU A 68 13.02 6.31 4.56
CA LEU A 68 13.76 6.65 3.35
C LEU A 68 13.71 8.15 3.08
N PRO A 69 14.66 8.68 2.30
CA PRO A 69 14.76 10.12 2.01
C PRO A 69 13.42 10.76 1.68
N GLN A 70 12.69 10.16 0.75
CA GLN A 70 11.41 10.68 0.32
C GLN A 70 10.32 9.66 0.63
N THR A 71 9.11 10.15 0.83
CA THR A 71 7.98 9.28 1.08
C THR A 71 7.56 8.57 -0.20
N LEU A 72 7.19 7.31 -0.04
CA LEU A 72 6.91 6.45 -1.17
C LEU A 72 5.63 6.83 -1.93
N PRO A 73 4.52 7.17 -1.23
CA PRO A 73 3.33 7.71 -1.91
C PRO A 73 3.66 8.95 -2.77
N GLU A 74 4.66 9.71 -2.34
CA GLU A 74 5.09 10.88 -3.09
C GLU A 74 5.89 10.46 -4.31
N ILE A 75 6.69 9.41 -4.15
CA ILE A 75 7.41 8.81 -5.28
C ILE A 75 6.44 8.43 -6.38
N PHE A 76 5.41 7.69 -6.00
CA PHE A 76 4.41 7.23 -6.94
C PHE A 76 3.68 8.37 -7.62
N GLU A 77 3.45 9.43 -6.87
CA GLU A 77 2.81 10.63 -7.42
C GLU A 77 3.58 11.12 -8.64
N ALA A 78 4.90 10.97 -8.60
CA ALA A 78 5.75 11.37 -9.72
C ALA A 78 5.90 10.25 -10.74
N ALA A 79 6.34 9.09 -10.27
CA ALA A 79 6.69 7.96 -11.15
C ALA A 79 5.45 7.29 -11.74
N ALA A 80 4.56 6.82 -10.88
CA ALA A 80 3.45 5.97 -11.29
C ALA A 80 2.38 6.74 -12.06
N THR A 81 2.34 8.04 -11.87
CA THR A 81 1.35 8.87 -12.53
C THR A 81 1.67 9.06 -14.01
N GLY A 82 2.95 9.01 -14.36
CA GLY A 82 3.32 9.19 -15.75
C GLY A 82 4.79 9.04 -16.00
N LYS A 83 5.14 8.03 -16.77
CA LYS A 83 6.51 7.83 -17.22
C LYS A 83 6.52 7.03 -18.52
N MET B 15 -6.28 11.90 -12.55
CA MET B 15 -5.83 10.52 -12.25
C MET B 15 -5.21 10.46 -10.86
N ASP B 16 -6.07 10.23 -9.86
CA ASP B 16 -5.63 10.16 -8.47
C ASP B 16 -4.62 9.05 -8.26
N ASN B 17 -3.48 9.41 -7.67
CA ASN B 17 -2.42 8.45 -7.38
C ASN B 17 -2.89 7.46 -6.32
N LYS B 18 -3.71 7.95 -5.41
CA LYS B 18 -4.17 7.14 -4.28
C LYS B 18 -4.91 5.88 -4.75
N LYS B 19 -5.84 6.05 -5.67
CA LYS B 19 -6.63 4.92 -6.13
C LYS B 19 -5.78 3.97 -6.97
N ARG B 20 -4.85 4.52 -7.74
CA ARG B 20 -3.98 3.71 -8.58
C ARG B 20 -2.96 2.96 -7.72
N LEU B 21 -2.56 3.61 -6.64
CA LEU B 21 -1.65 3.02 -5.66
C LEU B 21 -2.27 1.76 -5.05
N ALA B 22 -3.53 1.86 -4.64
CA ALA B 22 -4.19 0.77 -3.95
C ALA B 22 -4.28 -0.49 -4.79
N TYR B 23 -4.97 -0.42 -5.93
CA TYR B 23 -5.29 -1.62 -6.71
C TYR B 23 -4.03 -2.33 -7.18
N ALA B 24 -3.03 -1.55 -7.54
CA ALA B 24 -1.76 -2.08 -8.05
C ALA B 24 -1.08 -2.95 -7.00
N ILE B 25 -1.09 -2.47 -5.76
CA ILE B 25 -0.52 -3.22 -4.66
C ILE B 25 -1.42 -4.40 -4.32
N ILE B 26 -2.73 -4.18 -4.38
CA ILE B 26 -3.71 -5.23 -4.12
C ILE B 26 -3.46 -6.46 -4.98
N GLN B 27 -3.28 -6.25 -6.29
CA GLN B 27 -3.06 -7.36 -7.21
C GLN B 27 -1.81 -8.16 -6.84
N PHE B 28 -0.74 -7.44 -6.55
CA PHE B 28 0.52 -8.08 -6.17
C PHE B 28 0.39 -8.79 -4.83
N LEU B 29 -0.36 -8.19 -3.92
CA LEU B 29 -0.60 -8.77 -2.60
C LEU B 29 -1.52 -9.98 -2.72
N HIS B 30 -2.38 -9.97 -3.74
CA HIS B 30 -3.24 -11.11 -4.02
C HIS B 30 -2.40 -12.34 -4.34
N ASP B 31 -1.39 -12.15 -5.19
CA ASP B 31 -0.47 -13.23 -5.54
C ASP B 31 0.26 -13.71 -4.29
N GLN B 32 0.85 -12.76 -3.56
CA GLN B 32 1.53 -13.06 -2.31
C GLN B 32 0.65 -13.86 -1.36
N LEU B 33 -0.63 -13.47 -1.30
CA LEU B 33 -1.58 -14.09 -0.39
C LEU B 33 -1.74 -15.58 -0.69
N ARG B 34 -1.99 -15.91 -1.96
CA ARG B 34 -2.33 -17.27 -2.32
C ARG B 34 -1.10 -18.09 -2.71
N HIS B 35 0.02 -17.43 -2.94
CA HIS B 35 1.26 -18.14 -3.28
C HIS B 35 2.10 -18.40 -2.03
N GLY B 36 1.66 -17.83 -0.91
CA GLY B 36 2.37 -18.06 0.34
C GLY B 36 3.61 -17.20 0.48
N GLY B 37 3.50 -15.93 0.10
CA GLY B 37 4.61 -15.02 0.23
C GLY B 37 4.90 -14.69 1.68
N LEU B 38 4.04 -13.86 2.27
CA LEU B 38 4.13 -13.55 3.68
C LEU B 38 3.78 -14.78 4.53
N SER B 39 4.00 -14.70 5.83
CA SER B 39 3.73 -15.81 6.72
C SER B 39 2.21 -16.01 6.88
N SER B 40 1.79 -17.16 7.41
CA SER B 40 0.38 -17.50 7.49
C SER B 40 -0.42 -16.44 8.26
N ASP B 41 0.03 -16.15 9.48
CA ASP B 41 -0.65 -15.16 10.32
C ASP B 41 -0.67 -13.80 9.62
N ALA B 42 0.40 -13.51 8.90
CA ALA B 42 0.51 -12.28 8.13
C ALA B 42 -0.50 -12.27 6.99
N GLN B 43 -0.53 -13.38 6.26
CA GLN B 43 -1.47 -13.59 5.15
C GLN B 43 -2.89 -13.26 5.54
N GLU B 44 -3.37 -13.94 6.56
CA GLU B 44 -4.71 -13.72 7.11
C GLU B 44 -5.03 -12.23 7.24
N SER B 45 -4.16 -11.49 7.92
CA SER B 45 -4.38 -10.06 8.13
C SER B 45 -4.13 -9.29 6.83
N LEU B 46 -3.26 -9.83 5.99
CA LEU B 46 -2.91 -9.22 4.73
C LEU B 46 -4.11 -9.17 3.80
N GLU B 47 -4.85 -10.26 3.72
CA GLU B 47 -6.04 -10.32 2.87
C GLU B 47 -7.11 -9.38 3.42
N VAL B 48 -7.20 -9.27 4.74
CA VAL B 48 -8.10 -8.32 5.36
C VAL B 48 -7.72 -6.90 4.94
N ALA B 49 -6.42 -6.62 4.96
CA ALA B 49 -5.90 -5.32 4.54
C ALA B 49 -6.29 -5.00 3.10
N ILE B 50 -6.25 -6.02 2.25
CA ILE B 50 -6.61 -5.87 0.83
C ILE B 50 -8.01 -5.29 0.68
N GLN B 51 -9.00 -5.97 1.26
CA GLN B 51 -10.38 -5.52 1.18
C GLN B 51 -10.58 -4.16 1.88
N CYS B 52 -9.80 -3.91 2.92
CA CYS B 52 -9.88 -2.65 3.62
C CYS B 52 -9.34 -1.51 2.75
N LEU B 53 -8.20 -1.73 2.10
CA LEU B 53 -7.63 -0.76 1.17
C LEU B 53 -8.60 -0.51 0.02
N GLU B 54 -9.21 -1.60 -0.44
CA GLU B 54 -10.21 -1.56 -1.50
C GLU B 54 -11.31 -0.55 -1.17
N THR B 55 -11.93 -0.72 -0.02
CA THR B 55 -13.03 0.15 0.39
C THR B 55 -12.52 1.54 0.77
N ALA B 56 -11.34 1.60 1.38
CA ALA B 56 -10.75 2.86 1.80
C ALA B 56 -10.52 3.80 0.62
N PHE B 57 -9.84 3.30 -0.40
CA PHE B 57 -9.53 4.11 -1.56
C PHE B 57 -10.70 4.16 -2.53
N GLY B 58 -11.71 3.33 -2.28
CA GLY B 58 -12.87 3.29 -3.14
C GLY B 58 -12.57 2.62 -4.47
N VAL B 59 -11.61 1.72 -4.46
CA VAL B 59 -11.19 1.05 -5.68
C VAL B 59 -11.80 -0.34 -5.76
N THR B 60 -11.89 -0.85 -6.96
CA THR B 60 -12.43 -2.18 -7.19
C THR B 60 -11.60 -2.93 -8.23
N VAL B 61 -12.04 -4.11 -8.61
CA VAL B 61 -11.40 -4.86 -9.67
C VAL B 61 -11.51 -4.11 -11.02
N GLU B 62 -12.51 -3.22 -11.11
CA GLU B 62 -12.67 -2.38 -12.29
C GLU B 62 -11.48 -1.43 -12.42
N ASP B 63 -11.04 -0.93 -11.27
CA ASP B 63 -9.89 -0.03 -11.21
C ASP B 63 -8.61 -0.80 -11.47
N SER B 64 -8.72 -2.12 -11.47
CA SER B 64 -7.61 -2.99 -11.80
C SER B 64 -7.58 -3.23 -13.31
N ASP B 65 -8.69 -2.97 -13.97
CA ASP B 65 -8.78 -3.10 -15.43
C ASP B 65 -8.01 -1.96 -16.10
N LEU B 66 -8.04 -0.79 -15.47
CA LEU B 66 -7.29 0.36 -15.98
C LEU B 66 -5.80 0.26 -15.60
N ALA B 67 -5.34 -0.98 -15.43
CA ALA B 67 -3.99 -1.29 -15.00
C ALA B 67 -2.93 -0.51 -15.77
N LEU B 68 -2.03 0.09 -15.02
CA LEU B 68 -0.90 0.84 -15.58
C LEU B 68 0.10 -0.11 -16.23
N PRO B 69 0.93 0.40 -17.15
CA PRO B 69 1.91 -0.42 -17.90
C PRO B 69 2.68 -1.41 -17.01
N GLN B 70 3.22 -0.91 -15.92
CA GLN B 70 3.99 -1.73 -15.00
C GLN B 70 3.34 -1.73 -13.64
N THR B 71 3.55 -2.80 -12.88
CA THR B 71 3.00 -2.90 -11.55
C THR B 71 3.77 -1.98 -10.62
N LEU B 72 3.04 -1.39 -9.69
CA LEU B 72 3.58 -0.37 -8.81
C LEU B 72 4.56 -0.94 -7.77
N PRO B 73 4.26 -2.08 -7.12
CA PRO B 73 5.25 -2.76 -6.26
C PRO B 73 6.56 -3.02 -6.98
N GLU B 74 6.49 -3.25 -8.29
CA GLU B 74 7.69 -3.48 -9.11
C GLU B 74 8.43 -2.17 -9.33
N ILE B 75 7.67 -1.09 -9.52
CA ILE B 75 8.25 0.25 -9.63
C ILE B 75 9.09 0.56 -8.40
N PHE B 76 8.50 0.34 -7.23
CA PHE B 76 9.17 0.62 -5.98
C PHE B 76 10.41 -0.24 -5.80
N GLU B 77 10.34 -1.47 -6.27
CA GLU B 77 11.49 -2.37 -6.21
C GLU B 77 12.70 -1.71 -6.88
N ALA B 78 12.45 -0.95 -7.93
CA ALA B 78 13.51 -0.24 -8.63
C ALA B 78 13.79 1.13 -8.00
N ALA B 79 12.74 1.94 -7.90
CA ALA B 79 12.87 3.33 -7.47
C ALA B 79 13.16 3.45 -5.97
N ALA B 80 12.29 2.90 -5.16
CA ALA B 80 12.32 3.12 -3.71
C ALA B 80 13.48 2.41 -3.04
N THR B 81 14.00 1.37 -3.68
CA THR B 81 15.09 0.60 -3.13
C THR B 81 16.42 1.36 -3.21
N GLY B 82 16.56 2.23 -4.21
CA GLY B 82 17.80 2.96 -4.35
C GLY B 82 17.77 3.96 -5.48
N LYS B 83 17.86 5.24 -5.13
CA LYS B 83 17.99 6.29 -6.11
C LYS B 83 18.69 7.49 -5.46
N MET A 15 17.35 -5.03 -0.03
CA MET A 15 16.45 -4.56 1.05
C MET A 15 15.01 -4.71 0.60
N ASP A 16 14.19 -5.32 1.46
CA ASP A 16 12.80 -5.60 1.13
C ASP A 16 12.00 -4.31 0.96
N ASN A 17 11.54 -4.06 -0.26
CA ASN A 17 10.67 -2.92 -0.53
C ASN A 17 9.31 -3.16 0.11
N LYS A 18 9.03 -4.42 0.36
CA LYS A 18 7.76 -4.86 0.93
C LYS A 18 7.50 -4.19 2.28
N LYS A 19 8.43 -4.36 3.21
CA LYS A 19 8.27 -3.81 4.54
C LYS A 19 8.29 -2.28 4.51
N ARG A 20 9.16 -1.71 3.69
CA ARG A 20 9.30 -0.26 3.61
C ARG A 20 8.09 0.36 2.93
N LEU A 21 7.41 -0.44 2.11
CA LEU A 21 6.17 -0.05 1.48
C LEU A 21 5.08 0.16 2.52
N ALA A 22 5.01 -0.76 3.46
CA ALA A 22 3.96 -0.76 4.48
C ALA A 22 4.00 0.51 5.34
N TYR A 23 5.11 0.71 6.06
CA TYR A 23 5.19 1.80 7.01
C TYR A 23 5.05 3.15 6.32
N ALA A 24 5.59 3.23 5.11
CA ALA A 24 5.54 4.45 4.31
C ALA A 24 4.10 4.87 4.05
N ILE A 25 3.28 3.91 3.65
CA ILE A 25 1.87 4.14 3.43
C ILE A 25 1.17 4.43 4.76
N ILE A 26 1.58 3.71 5.79
CA ILE A 26 1.03 3.91 7.13
C ILE A 26 1.18 5.37 7.57
N GLN A 27 2.38 5.91 7.47
CA GLN A 27 2.64 7.29 7.87
C GLN A 27 1.76 8.27 7.12
N PHE A 28 1.78 8.18 5.79
CA PHE A 28 1.01 9.08 4.94
C PHE A 28 -0.48 8.96 5.23
N LEU A 29 -0.97 7.72 5.32
CA LEU A 29 -2.38 7.49 5.58
C LEU A 29 -2.74 7.85 7.01
N HIS A 30 -1.78 7.80 7.92
CA HIS A 30 -2.01 8.16 9.32
C HIS A 30 -2.35 9.64 9.44
N ASP A 31 -1.49 10.48 8.89
CA ASP A 31 -1.71 11.92 8.91
C ASP A 31 -2.95 12.28 8.12
N GLN A 32 -3.04 11.72 6.92
CA GLN A 32 -4.20 11.93 6.04
C GLN A 32 -5.50 11.53 6.74
N LEU A 33 -5.43 10.48 7.56
CA LEU A 33 -6.60 9.96 8.25
C LEU A 33 -7.18 11.00 9.19
N ARG A 34 -6.31 11.73 9.87
CA ARG A 34 -6.75 12.77 10.79
C ARG A 34 -7.16 14.03 10.03
N HIS A 35 -6.57 14.22 8.85
CA HIS A 35 -6.90 15.38 8.01
C HIS A 35 -8.25 15.20 7.34
N GLY A 36 -8.58 13.95 7.04
CA GLY A 36 -9.82 13.65 6.36
C GLY A 36 -9.66 13.61 4.85
N GLY A 37 -8.57 12.99 4.40
CA GLY A 37 -8.29 12.91 2.98
C GLY A 37 -9.33 12.10 2.24
N LEU A 38 -9.56 10.88 2.69
CA LEU A 38 -10.59 10.04 2.12
C LEU A 38 -11.92 10.27 2.83
N SER A 39 -12.96 9.55 2.43
CA SER A 39 -14.28 9.71 3.03
C SER A 39 -14.31 9.09 4.43
N SER A 40 -15.40 9.32 5.16
CA SER A 40 -15.49 8.90 6.56
C SER A 40 -15.32 7.39 6.71
N ASP A 41 -16.09 6.63 5.95
CA ASP A 41 -16.02 5.16 6.02
C ASP A 41 -14.69 4.66 5.47
N ALA A 42 -14.16 5.40 4.50
CA ALA A 42 -12.87 5.06 3.91
C ALA A 42 -11.75 5.27 4.93
N GLN A 43 -11.84 6.35 5.69
CA GLN A 43 -10.88 6.65 6.74
C GLN A 43 -10.68 5.47 7.69
N GLU A 44 -11.73 5.13 8.41
CA GLU A 44 -11.69 4.02 9.36
C GLU A 44 -11.24 2.73 8.68
N SER A 45 -11.55 2.56 7.39
CA SER A 45 -11.11 1.39 6.65
C SER A 45 -9.59 1.40 6.46
N LEU A 46 -9.01 2.59 6.26
CA LEU A 46 -7.57 2.71 6.14
C LEU A 46 -6.90 2.28 7.43
N GLU A 47 -7.48 2.67 8.55
CA GLU A 47 -6.96 2.32 9.86
C GLU A 47 -6.87 0.81 10.01
N VAL A 48 -7.97 0.12 9.75
CA VAL A 48 -8.01 -1.33 9.85
C VAL A 48 -6.95 -1.95 8.94
N ALA A 49 -6.83 -1.40 7.74
CA ALA A 49 -5.81 -1.83 6.79
C ALA A 49 -4.41 -1.61 7.35
N ILE A 50 -4.21 -0.43 7.94
CA ILE A 50 -2.93 -0.07 8.54
C ILE A 50 -2.51 -1.08 9.61
N GLN A 51 -3.41 -1.38 10.53
CA GLN A 51 -3.13 -2.36 11.58
C GLN A 51 -2.78 -3.72 10.97
N CYS A 52 -3.51 -4.10 9.94
CA CYS A 52 -3.28 -5.37 9.26
C CYS A 52 -1.93 -5.38 8.55
N LEU A 53 -1.64 -4.32 7.81
CA LEU A 53 -0.37 -4.19 7.10
C LEU A 53 0.80 -4.21 8.08
N GLU A 54 0.66 -3.47 9.17
CA GLU A 54 1.66 -3.43 10.23
C GLU A 54 1.93 -4.82 10.77
N THR A 55 0.85 -5.52 11.11
CA THR A 55 0.96 -6.86 11.68
C THR A 55 1.46 -7.86 10.63
N ALA A 56 1.14 -7.59 9.37
CA ALA A 56 1.50 -8.49 8.29
C ALA A 56 2.99 -8.42 7.95
N PHE A 57 3.44 -7.24 7.52
CA PHE A 57 4.81 -7.07 7.08
C PHE A 57 5.80 -7.16 8.24
N GLY A 58 5.30 -7.01 9.45
CA GLY A 58 6.14 -7.04 10.62
C GLY A 58 6.85 -5.72 10.85
N VAL A 59 6.23 -4.65 10.39
CA VAL A 59 6.79 -3.32 10.52
C VAL A 59 6.15 -2.58 11.69
N THR A 60 6.89 -1.66 12.29
CA THR A 60 6.39 -0.86 13.39
C THR A 60 6.83 0.58 13.23
N VAL A 61 6.60 1.40 14.25
CA VAL A 61 7.11 2.77 14.25
C VAL A 61 8.64 2.76 14.20
N GLU A 62 9.23 1.68 14.70
CA GLU A 62 10.67 1.49 14.65
C GLU A 62 11.12 1.28 13.21
N ASP A 63 10.33 0.51 12.47
CA ASP A 63 10.59 0.27 11.06
C ASP A 63 10.24 1.51 10.26
N SER A 64 9.45 2.38 10.87
CA SER A 64 9.12 3.66 10.30
C SER A 64 10.21 4.68 10.64
N ASP A 65 11.07 4.30 11.58
CA ASP A 65 12.18 5.15 11.99
C ASP A 65 13.32 5.06 10.97
N LEU A 66 13.42 3.91 10.31
CA LEU A 66 14.37 3.75 9.20
C LEU A 66 13.79 4.33 7.92
N ALA A 67 12.93 5.33 8.07
CA ALA A 67 12.21 5.96 6.96
C ALA A 67 13.14 6.44 5.86
N LEU A 68 12.73 6.21 4.63
CA LEU A 68 13.46 6.65 3.45
C LEU A 68 13.45 8.18 3.36
N PRO A 69 14.45 8.77 2.68
CA PRO A 69 14.62 10.23 2.57
C PRO A 69 13.31 10.98 2.29
N GLN A 70 12.57 10.50 1.30
CA GLN A 70 11.32 11.13 0.93
C GLN A 70 10.17 10.16 1.11
N THR A 71 8.96 10.69 1.18
CA THR A 71 7.78 9.87 1.33
C THR A 71 7.51 9.06 0.05
N LEU A 72 7.05 7.84 0.24
CA LEU A 72 6.89 6.89 -0.86
C LEU A 72 5.62 7.13 -1.67
N PRO A 73 4.46 7.48 -1.04
CA PRO A 73 3.30 7.93 -1.80
C PRO A 73 3.62 9.10 -2.73
N GLU A 74 4.60 9.92 -2.35
CA GLU A 74 5.06 11.02 -3.19
C GLU A 74 5.78 10.45 -4.41
N ILE A 75 6.67 9.47 -4.16
CA ILE A 75 7.30 8.72 -5.24
C ILE A 75 6.25 8.09 -6.14
N PHE A 76 5.20 7.60 -5.51
CA PHE A 76 4.12 6.91 -6.22
C PHE A 76 3.37 7.87 -7.15
N GLU A 77 3.48 9.16 -6.89
CA GLU A 77 2.86 10.16 -7.76
C GLU A 77 3.70 10.36 -9.01
N ALA A 78 5.01 10.29 -8.85
CA ALA A 78 5.95 10.54 -9.93
C ALA A 78 6.26 9.28 -10.73
N ALA A 79 6.78 8.26 -10.06
CA ALA A 79 7.26 7.05 -10.72
C ALA A 79 6.13 6.27 -11.38
N ALA A 80 4.98 6.23 -10.74
CA ALA A 80 3.86 5.45 -11.23
C ALA A 80 3.27 6.06 -12.51
N THR A 81 3.52 7.34 -12.73
CA THR A 81 3.04 8.01 -13.92
C THR A 81 4.13 8.11 -14.97
N GLY A 82 5.26 7.47 -14.70
CA GLY A 82 6.37 7.48 -15.62
C GLY A 82 6.29 6.34 -16.60
N LYS A 83 5.47 6.48 -17.62
CA LYS A 83 5.33 5.46 -18.64
C LYS A 83 6.26 5.75 -19.81
N MET B 15 -4.44 12.49 -12.28
CA MET B 15 -5.02 11.16 -11.95
C MET B 15 -4.57 10.75 -10.57
N ASP B 16 -5.52 10.34 -9.74
CA ASP B 16 -5.24 9.97 -8.36
C ASP B 16 -4.34 8.74 -8.28
N ASN B 17 -3.13 8.92 -7.76
CA ASN B 17 -2.22 7.81 -7.54
C ASN B 17 -2.73 6.97 -6.39
N LYS B 18 -3.57 7.58 -5.58
CA LYS B 18 -4.15 6.96 -4.40
C LYS B 18 -4.91 5.69 -4.77
N LYS B 19 -5.89 5.83 -5.63
CA LYS B 19 -6.72 4.70 -6.03
C LYS B 19 -5.91 3.65 -6.80
N ARG B 20 -5.01 4.12 -7.67
CA ARG B 20 -4.21 3.20 -8.47
C ARG B 20 -3.18 2.48 -7.62
N LEU B 21 -2.83 3.10 -6.50
CA LEU B 21 -1.94 2.49 -5.52
C LEU B 21 -2.61 1.26 -4.89
N ALA B 22 -3.88 1.41 -4.56
CA ALA B 22 -4.63 0.37 -3.86
C ALA B 22 -4.71 -0.92 -4.68
N TYR B 23 -5.33 -0.84 -5.86
CA TYR B 23 -5.59 -2.05 -6.65
C TYR B 23 -4.29 -2.71 -7.07
N ALA B 24 -3.27 -1.89 -7.32
CA ALA B 24 -1.96 -2.38 -7.72
C ALA B 24 -1.37 -3.30 -6.66
N ILE B 25 -1.43 -2.84 -5.42
CA ILE B 25 -0.97 -3.63 -4.30
C ILE B 25 -1.87 -4.84 -4.09
N ILE B 26 -3.17 -4.64 -4.28
CA ILE B 26 -4.14 -5.72 -4.18
C ILE B 26 -3.78 -6.88 -5.09
N GLN B 27 -3.54 -6.59 -6.36
CA GLN B 27 -3.19 -7.63 -7.35
C GLN B 27 -1.94 -8.40 -6.93
N PHE B 28 -0.88 -7.67 -6.64
CA PHE B 28 0.38 -8.27 -6.27
C PHE B 28 0.24 -9.10 -5.00
N LEU B 29 -0.41 -8.52 -4.00
CA LEU B 29 -0.61 -9.22 -2.73
C LEU B 29 -1.60 -10.37 -2.87
N HIS B 30 -2.50 -10.28 -3.85
CA HIS B 30 -3.47 -11.35 -4.09
C HIS B 30 -2.77 -12.62 -4.55
N ASP B 31 -1.96 -12.50 -5.59
CA ASP B 31 -1.22 -13.63 -6.12
C ASP B 31 -0.22 -14.13 -5.07
N GLN B 32 0.52 -13.19 -4.49
CA GLN B 32 1.49 -13.51 -3.46
C GLN B 32 0.83 -14.23 -2.28
N LEU B 33 -0.42 -13.88 -1.99
CA LEU B 33 -1.14 -14.45 -0.87
C LEU B 33 -1.34 -15.95 -1.07
N ARG B 34 -1.63 -16.35 -2.29
CA ARG B 34 -1.82 -17.75 -2.62
C ARG B 34 -0.49 -18.46 -2.73
N HIS B 35 0.55 -17.72 -3.10
CA HIS B 35 1.89 -18.28 -3.23
C HIS B 35 2.52 -18.52 -1.87
N GLY B 36 2.17 -17.67 -0.91
CA GLY B 36 2.72 -17.76 0.43
C GLY B 36 3.96 -16.91 0.58
N GLY B 37 3.90 -15.69 0.04
CA GLY B 37 5.04 -14.79 0.12
C GLY B 37 5.36 -14.40 1.55
N LEU B 38 4.37 -13.88 2.25
CA LEU B 38 4.54 -13.54 3.66
C LEU B 38 4.19 -14.75 4.53
N SER B 39 4.27 -14.57 5.85
CA SER B 39 3.98 -15.66 6.77
C SER B 39 2.49 -15.94 6.84
N SER B 40 2.09 -17.02 7.51
CA SER B 40 0.70 -17.46 7.53
C SER B 40 -0.23 -16.38 8.09
N ASP B 41 0.10 -15.87 9.27
CA ASP B 41 -0.72 -14.85 9.92
C ASP B 41 -0.65 -13.54 9.14
N ALA B 42 0.49 -13.30 8.52
CA ALA B 42 0.69 -12.12 7.70
C ALA B 42 -0.20 -12.18 6.45
N GLN B 43 -0.28 -13.36 5.85
CA GLN B 43 -1.11 -13.60 4.69
C GLN B 43 -2.54 -13.13 4.91
N GLU B 44 -3.22 -13.80 5.83
CA GLU B 44 -4.61 -13.46 6.17
C GLU B 44 -4.76 -11.97 6.54
N SER B 45 -3.71 -11.40 7.13
CA SER B 45 -3.72 -9.98 7.48
C SER B 45 -3.74 -9.11 6.22
N LEU B 46 -3.01 -9.54 5.18
CA LEU B 46 -3.00 -8.82 3.91
C LEU B 46 -4.38 -8.81 3.31
N GLU B 47 -5.07 -9.95 3.39
CA GLU B 47 -6.43 -10.07 2.88
C GLU B 47 -7.34 -9.03 3.51
N VAL B 48 -7.35 -9.00 4.85
CA VAL B 48 -8.19 -8.05 5.57
C VAL B 48 -7.85 -6.62 5.15
N ALA B 49 -6.57 -6.36 5.00
CA ALA B 49 -6.10 -5.06 4.54
C ALA B 49 -6.60 -4.77 3.13
N ILE B 50 -6.51 -5.78 2.26
CA ILE B 50 -6.97 -5.67 0.88
C ILE B 50 -8.44 -5.27 0.82
N GLN B 51 -9.29 -5.98 1.56
CA GLN B 51 -10.72 -5.66 1.60
C GLN B 51 -10.94 -4.23 2.07
N CYS B 52 -10.18 -3.83 3.09
CA CYS B 52 -10.29 -2.49 3.64
C CYS B 52 -9.84 -1.44 2.64
N LEU B 53 -8.69 -1.66 2.00
CA LEU B 53 -8.16 -0.74 1.00
C LEU B 53 -9.13 -0.61 -0.16
N GLU B 54 -9.65 -1.74 -0.62
CA GLU B 54 -10.63 -1.78 -1.70
C GLU B 54 -11.86 -0.93 -1.34
N THR B 55 -12.39 -1.16 -0.16
CA THR B 55 -13.57 -0.45 0.31
C THR B 55 -13.26 1.03 0.58
N ALA B 56 -12.02 1.30 0.95
CA ALA B 56 -11.59 2.64 1.30
C ALA B 56 -11.43 3.53 0.06
N PHE B 57 -10.51 3.15 -0.82
CA PHE B 57 -10.19 3.96 -1.99
C PHE B 57 -11.33 3.95 -3.00
N GLY B 58 -12.22 2.99 -2.88
CA GLY B 58 -13.32 2.87 -3.81
C GLY B 58 -12.91 2.20 -5.09
N VAL B 59 -11.90 1.35 -5.00
CA VAL B 59 -11.38 0.65 -6.16
C VAL B 59 -11.92 -0.77 -6.20
N THR B 60 -12.04 -1.33 -7.40
CA THR B 60 -12.51 -2.69 -7.57
C THR B 60 -11.67 -3.40 -8.63
N VAL B 61 -12.09 -4.60 -9.04
CA VAL B 61 -11.43 -5.29 -10.13
C VAL B 61 -11.56 -4.47 -11.43
N GLU B 62 -12.60 -3.66 -11.50
CA GLU B 62 -12.82 -2.75 -12.62
C GLU B 62 -11.75 -1.67 -12.62
N ASP B 63 -11.43 -1.17 -11.43
CA ASP B 63 -10.39 -0.16 -11.26
C ASP B 63 -9.03 -0.83 -11.42
N SER B 64 -9.02 -2.15 -11.28
CA SER B 64 -7.83 -2.93 -11.53
C SER B 64 -7.71 -3.25 -13.02
N ASP B 65 -8.80 -3.00 -13.76
CA ASP B 65 -8.82 -3.23 -15.20
C ASP B 65 -8.13 -2.08 -15.92
N LEU B 66 -8.18 -0.90 -15.31
CA LEU B 66 -7.43 0.25 -15.83
C LEU B 66 -5.96 0.18 -15.38
N ALA B 67 -5.49 -1.04 -15.15
CA ALA B 67 -4.15 -1.31 -14.65
C ALA B 67 -3.06 -0.62 -15.47
N LEU B 68 -2.08 -0.06 -14.76
CA LEU B 68 -0.94 0.59 -15.38
C LEU B 68 -0.06 -0.44 -16.09
N PRO B 69 0.71 -0.01 -17.11
CA PRO B 69 1.54 -0.90 -17.95
C PRO B 69 2.30 -1.94 -17.15
N GLN B 70 2.98 -1.52 -16.09
CA GLN B 70 3.76 -2.43 -15.27
C GLN B 70 3.22 -2.43 -13.85
N THR B 71 3.57 -3.45 -13.09
CA THR B 71 3.14 -3.55 -11.72
C THR B 71 3.83 -2.49 -10.86
N LEU B 72 3.09 -1.97 -9.89
CA LEU B 72 3.55 -0.85 -9.07
C LEU B 72 4.50 -1.27 -7.97
N PRO B 73 4.28 -2.42 -7.28
CA PRO B 73 5.27 -2.97 -6.36
C PRO B 73 6.64 -3.17 -7.03
N GLU B 74 6.63 -3.42 -8.34
CA GLU B 74 7.86 -3.54 -9.11
C GLU B 74 8.52 -2.16 -9.20
N ILE B 75 7.72 -1.15 -9.52
CA ILE B 75 8.17 0.24 -9.50
C ILE B 75 8.72 0.58 -8.11
N PHE B 76 8.06 0.07 -7.09
CA PHE B 76 8.42 0.35 -5.71
C PHE B 76 9.77 -0.25 -5.37
N GLU B 77 10.21 -1.23 -6.14
CA GLU B 77 11.53 -1.82 -5.94
C GLU B 77 12.61 -0.90 -6.51
N ALA B 78 12.28 -0.27 -7.63
CA ALA B 78 13.24 0.59 -8.34
C ALA B 78 13.23 2.02 -7.82
N ALA B 79 12.08 2.67 -7.90
CA ALA B 79 11.96 4.09 -7.58
C ALA B 79 12.25 4.38 -6.12
N ALA B 80 11.80 3.49 -5.24
CA ALA B 80 11.94 3.70 -3.81
C ALA B 80 13.39 3.61 -3.37
N THR B 81 14.22 2.95 -4.17
CA THR B 81 15.63 2.80 -3.86
C THR B 81 16.46 3.83 -4.64
N GLY B 82 15.77 4.72 -5.34
CA GLY B 82 16.45 5.74 -6.10
C GLY B 82 16.69 6.99 -5.29
N LYS B 83 17.72 6.97 -4.47
CA LYS B 83 18.07 8.11 -3.65
C LYS B 83 19.12 8.96 -4.36
N MET A 15 16.70 -3.40 0.82
CA MET A 15 16.54 -4.83 0.46
C MET A 15 15.08 -5.21 0.40
N ASP A 16 14.47 -5.34 1.56
CA ASP A 16 13.06 -5.70 1.65
C ASP A 16 12.19 -4.50 1.37
N ASN A 17 11.66 -4.44 0.15
CA ASN A 17 10.76 -3.36 -0.24
C ASN A 17 9.45 -3.49 0.52
N LYS A 18 9.07 -4.73 0.81
CA LYS A 18 7.81 -5.03 1.46
C LYS A 18 7.65 -4.25 2.77
N LYS A 19 8.63 -4.40 3.67
CA LYS A 19 8.55 -3.79 4.99
C LYS A 19 8.67 -2.27 4.92
N ARG A 20 9.51 -1.78 4.02
CA ARG A 20 9.69 -0.33 3.88
C ARG A 20 8.47 0.29 3.21
N LEU A 21 7.84 -0.48 2.35
CA LEU A 21 6.60 -0.07 1.70
C LEU A 21 5.50 0.15 2.73
N ALA A 22 5.40 -0.79 3.67
CA ALA A 22 4.35 -0.78 4.67
C ALA A 22 4.36 0.48 5.53
N TYR A 23 5.44 0.68 6.28
CA TYR A 23 5.48 1.77 7.25
C TYR A 23 5.34 3.12 6.56
N ALA A 24 5.89 3.21 5.36
CA ALA A 24 5.82 4.44 4.58
C ALA A 24 4.38 4.77 4.20
N ILE A 25 3.66 3.74 3.79
CA ILE A 25 2.23 3.89 3.48
C ILE A 25 1.46 4.16 4.76
N ILE A 26 1.83 3.47 5.84
CA ILE A 26 1.20 3.67 7.14
C ILE A 26 1.28 5.12 7.60
N GLN A 27 2.49 5.68 7.60
CA GLN A 27 2.70 7.05 8.05
C GLN A 27 1.96 8.04 7.16
N PHE A 28 1.91 7.74 5.87
CA PHE A 28 1.19 8.57 4.93
C PHE A 28 -0.31 8.48 5.21
N LEU A 29 -0.79 7.26 5.43
CA LEU A 29 -2.20 7.02 5.74
C LEU A 29 -2.56 7.61 7.10
N HIS A 30 -1.58 7.69 7.99
CA HIS A 30 -1.80 8.30 9.30
C HIS A 30 -2.02 9.80 9.16
N ASP A 31 -1.19 10.44 8.36
CA ASP A 31 -1.35 11.86 8.05
C ASP A 31 -2.62 12.08 7.24
N GLN A 32 -2.85 11.16 6.31
CA GLN A 32 -4.04 11.15 5.47
C GLN A 32 -5.31 11.04 6.32
N LEU A 33 -5.20 10.25 7.38
CA LEU A 33 -6.29 10.06 8.32
C LEU A 33 -6.55 11.35 9.08
N ARG A 34 -5.47 11.96 9.56
CA ARG A 34 -5.55 13.19 10.33
C ARG A 34 -6.08 14.32 9.45
N HIS A 35 -5.71 14.31 8.19
CA HIS A 35 -6.12 15.36 7.26
C HIS A 35 -7.53 15.11 6.73
N GLY A 36 -8.00 13.88 6.87
CA GLY A 36 -9.32 13.51 6.38
C GLY A 36 -9.34 13.36 4.88
N GLY A 37 -8.30 12.73 4.35
CA GLY A 37 -8.15 12.60 2.91
C GLY A 37 -9.24 11.77 2.25
N LEU A 38 -9.68 10.72 2.92
CA LEU A 38 -10.69 9.84 2.36
C LEU A 38 -12.07 10.12 2.94
N SER A 39 -13.07 9.41 2.42
CA SER A 39 -14.44 9.56 2.86
C SER A 39 -14.66 8.97 4.26
N SER A 40 -15.91 8.90 4.70
CA SER A 40 -16.23 8.46 6.06
C SER A 40 -15.80 7.02 6.32
N ASP A 41 -16.44 6.08 5.63
CA ASP A 41 -16.12 4.66 5.80
C ASP A 41 -14.71 4.38 5.30
N ALA A 42 -14.30 5.14 4.32
CA ALA A 42 -12.96 5.04 3.76
C ALA A 42 -11.91 5.36 4.82
N GLN A 43 -12.17 6.42 5.58
CA GLN A 43 -11.26 6.85 6.64
C GLN A 43 -11.14 5.76 7.71
N GLU A 44 -12.27 5.18 8.09
CA GLU A 44 -12.28 4.11 9.07
C GLU A 44 -11.49 2.92 8.56
N SER A 45 -11.60 2.66 7.28
CA SER A 45 -10.91 1.55 6.64
C SER A 45 -9.40 1.77 6.62
N LEU A 46 -8.96 3.03 6.62
CA LEU A 46 -7.53 3.32 6.63
C LEU A 46 -6.90 2.80 7.92
N GLU A 47 -7.50 3.18 9.05
CA GLU A 47 -6.97 2.78 10.35
C GLU A 47 -6.89 1.26 10.47
N VAL A 48 -7.95 0.59 10.06
CA VAL A 48 -7.99 -0.87 10.07
C VAL A 48 -6.88 -1.45 9.19
N ALA A 49 -6.74 -0.88 8.01
CA ALA A 49 -5.73 -1.34 7.06
C ALA A 49 -4.33 -1.07 7.58
N ILE A 50 -4.15 0.05 8.27
CA ILE A 50 -2.88 0.40 8.88
C ILE A 50 -2.44 -0.71 9.84
N GLN A 51 -3.30 -1.03 10.80
CA GLN A 51 -2.98 -2.04 11.81
C GLN A 51 -2.82 -3.41 11.16
N CYS A 52 -3.62 -3.67 10.13
CA CYS A 52 -3.60 -4.95 9.45
C CYS A 52 -2.32 -5.13 8.65
N LEU A 53 -1.94 -4.13 7.87
CA LEU A 53 -0.73 -4.21 7.05
C LEU A 53 0.51 -4.13 7.93
N GLU A 54 0.42 -3.40 9.03
CA GLU A 54 1.50 -3.35 10.00
C GLU A 54 1.81 -4.76 10.47
N THR A 55 0.77 -5.50 10.82
CA THR A 55 0.89 -6.87 11.24
C THR A 55 1.28 -7.78 10.06
N ALA A 56 0.78 -7.44 8.88
CA ALA A 56 1.04 -8.22 7.68
C ALA A 56 2.51 -8.25 7.31
N PHE A 57 3.12 -7.08 7.20
CA PHE A 57 4.52 -7.00 6.83
C PHE A 57 5.42 -7.23 8.03
N GLY A 58 4.81 -7.33 9.21
CA GLY A 58 5.57 -7.53 10.43
C GLY A 58 6.35 -6.31 10.82
N VAL A 59 5.87 -5.15 10.40
CA VAL A 59 6.57 -3.90 10.66
C VAL A 59 6.01 -3.23 11.91
N THR A 60 6.78 -2.30 12.45
CA THR A 60 6.39 -1.55 13.63
C THR A 60 6.78 -0.09 13.47
N VAL A 61 6.64 0.69 14.53
CA VAL A 61 7.08 2.08 14.50
C VAL A 61 8.61 2.14 14.45
N GLU A 62 9.25 1.05 14.87
CA GLU A 62 10.70 0.93 14.78
C GLU A 62 11.13 0.93 13.32
N ASP A 63 10.32 0.28 12.49
CA ASP A 63 10.56 0.23 11.06
C ASP A 63 10.27 1.59 10.44
N SER A 64 9.56 2.42 11.20
CA SER A 64 9.29 3.78 10.78
C SER A 64 10.39 4.71 11.28
N ASP A 65 11.22 4.21 12.19
CA ASP A 65 12.35 4.97 12.71
C ASP A 65 13.47 5.01 11.68
N LEU A 66 13.59 3.91 10.94
CA LEU A 66 14.56 3.83 9.84
C LEU A 66 14.02 4.52 8.60
N ALA A 67 13.16 5.52 8.82
CA ALA A 67 12.47 6.23 7.76
C ALA A 67 13.41 6.72 6.67
N LEU A 68 12.98 6.50 5.43
CA LEU A 68 13.72 6.95 4.26
C LEU A 68 13.60 8.47 4.13
N PRO A 69 14.51 9.12 3.38
CA PRO A 69 14.53 10.59 3.21
C PRO A 69 13.15 11.20 3.02
N GLN A 70 12.32 10.55 2.22
CA GLN A 70 10.96 11.01 2.00
C GLN A 70 9.99 9.85 2.09
N THR A 71 8.72 10.16 2.29
CA THR A 71 7.68 9.14 2.32
C THR A 71 7.49 8.54 0.93
N LEU A 72 7.26 7.24 0.91
CA LEU A 72 7.23 6.49 -0.33
C LEU A 72 5.96 6.75 -1.16
N PRO A 73 4.75 6.83 -0.57
CA PRO A 73 3.54 7.20 -1.31
C PRO A 73 3.73 8.52 -2.07
N GLU A 74 4.54 9.40 -1.51
CA GLU A 74 4.88 10.67 -2.17
C GLU A 74 5.64 10.37 -3.46
N ILE A 75 6.66 9.53 -3.35
CA ILE A 75 7.39 9.03 -4.51
C ILE A 75 6.44 8.43 -5.52
N PHE A 76 5.51 7.62 -5.01
CA PHE A 76 4.61 6.88 -5.87
C PHE A 76 3.67 7.81 -6.61
N GLU A 77 3.24 8.90 -5.98
CA GLU A 77 2.36 9.84 -6.65
C GLU A 77 3.07 10.48 -7.83
N ALA A 78 4.40 10.53 -7.78
CA ALA A 78 5.18 11.05 -8.89
C ALA A 78 5.50 9.95 -9.91
N ALA A 79 5.56 8.71 -9.45
CA ALA A 79 5.89 7.58 -10.32
C ALA A 79 4.63 6.92 -10.89
N ALA A 80 3.79 6.41 -10.01
CA ALA A 80 2.65 5.59 -10.38
C ALA A 80 1.68 6.33 -11.30
N THR A 81 1.08 7.41 -10.81
CA THR A 81 0.17 8.19 -11.62
C THR A 81 0.93 9.27 -12.38
N GLY A 82 2.24 9.34 -12.17
CA GLY A 82 3.06 10.31 -12.85
C GLY A 82 3.33 9.89 -14.28
N LYS A 83 3.40 8.58 -14.50
CA LYS A 83 3.62 8.04 -15.83
C LYS A 83 2.38 7.31 -16.30
N MET B 15 -4.27 10.58 -12.71
CA MET B 15 -4.69 11.67 -11.82
C MET B 15 -4.68 11.22 -10.37
N ASP B 16 -5.66 10.42 -10.01
CA ASP B 16 -5.77 9.91 -8.66
C ASP B 16 -4.81 8.75 -8.44
N ASN B 17 -3.70 9.04 -7.79
CA ASN B 17 -2.71 8.02 -7.47
C ASN B 17 -3.28 7.06 -6.45
N LYS B 18 -4.14 7.59 -5.58
CA LYS B 18 -4.70 6.82 -4.47
C LYS B 18 -5.40 5.56 -4.98
N LYS B 19 -6.34 5.72 -5.92
CA LYS B 19 -7.13 4.60 -6.40
C LYS B 19 -6.30 3.63 -7.23
N ARG B 20 -5.36 4.16 -8.01
CA ARG B 20 -4.52 3.31 -8.84
C ARG B 20 -3.49 2.58 -7.99
N LEU B 21 -3.10 3.21 -6.90
CA LEU B 21 -2.21 2.62 -5.92
C LEU B 21 -2.85 1.38 -5.30
N ALA B 22 -4.11 1.53 -4.93
CA ALA B 22 -4.84 0.49 -4.23
C ALA B 22 -4.91 -0.81 -5.03
N TYR B 23 -5.57 -0.78 -6.18
CA TYR B 23 -5.83 -2.00 -6.94
C TYR B 23 -4.53 -2.68 -7.34
N ALA B 24 -3.52 -1.86 -7.63
CA ALA B 24 -2.22 -2.37 -8.03
C ALA B 24 -1.58 -3.15 -6.89
N ILE B 25 -1.68 -2.60 -5.68
CA ILE B 25 -1.19 -3.29 -4.50
C ILE B 25 -2.05 -4.52 -4.20
N ILE B 26 -3.36 -4.37 -4.39
CA ILE B 26 -4.30 -5.48 -4.20
C ILE B 26 -3.93 -6.68 -5.07
N GLN B 27 -3.78 -6.44 -6.38
CA GLN B 27 -3.47 -7.52 -7.31
C GLN B 27 -2.13 -8.15 -6.99
N PHE B 28 -1.18 -7.33 -6.56
CA PHE B 28 0.13 -7.82 -6.16
C PHE B 28 0.00 -8.67 -4.90
N LEU B 29 -0.77 -8.17 -3.94
CA LEU B 29 -1.00 -8.88 -2.69
C LEU B 29 -1.81 -10.16 -2.92
N HIS B 30 -2.63 -10.15 -3.97
CA HIS B 30 -3.41 -11.33 -4.33
C HIS B 30 -2.48 -12.43 -4.85
N ASP B 31 -1.54 -12.05 -5.72
CA ASP B 31 -0.54 -12.98 -6.22
C ASP B 31 0.39 -13.38 -5.08
N GLN B 32 0.74 -12.41 -4.26
CA GLN B 32 1.58 -12.60 -3.09
C GLN B 32 0.93 -13.58 -2.13
N LEU B 33 -0.40 -13.50 -2.03
CA LEU B 33 -1.17 -14.39 -1.18
C LEU B 33 -1.12 -15.80 -1.74
N ARG B 34 -1.33 -15.91 -3.04
CA ARG B 34 -1.32 -17.20 -3.73
C ARG B 34 0.06 -17.83 -3.67
N HIS B 35 1.09 -17.01 -3.74
CA HIS B 35 2.47 -17.48 -3.72
C HIS B 35 2.93 -17.79 -2.30
N GLY B 36 2.22 -17.22 -1.32
CA GLY B 36 2.60 -17.41 0.07
C GLY B 36 3.79 -16.56 0.45
N GLY B 37 3.80 -15.33 -0.01
CA GLY B 37 4.93 -14.44 0.19
C GLY B 37 5.19 -14.11 1.65
N LEU B 38 4.11 -13.93 2.41
CA LEU B 38 4.24 -13.55 3.81
C LEU B 38 4.05 -14.75 4.74
N SER B 39 4.22 -14.51 6.04
CA SER B 39 4.08 -15.54 7.05
C SER B 39 2.60 -15.93 7.25
N SER B 40 2.32 -16.74 8.26
CA SER B 40 0.98 -17.27 8.48
C SER B 40 -0.04 -16.17 8.78
N ASP B 41 0.14 -15.48 9.91
CA ASP B 41 -0.79 -14.42 10.30
C ASP B 41 -0.67 -13.25 9.35
N ALA B 42 0.53 -13.09 8.80
CA ALA B 42 0.80 -12.05 7.83
C ALA B 42 -0.04 -12.25 6.57
N GLN B 43 -0.12 -13.50 6.12
CA GLN B 43 -0.89 -13.87 4.94
C GLN B 43 -2.37 -13.56 5.16
N GLU B 44 -2.86 -13.93 6.33
CA GLU B 44 -4.26 -13.68 6.68
C GLU B 44 -4.54 -12.18 6.69
N SER B 45 -3.55 -11.43 7.15
CA SER B 45 -3.67 -9.98 7.23
C SER B 45 -3.69 -9.34 5.84
N LEU B 46 -3.09 -10.00 4.85
CA LEU B 46 -3.11 -9.47 3.50
C LEU B 46 -4.53 -9.43 2.96
N GLU B 47 -5.23 -10.55 3.07
CA GLU B 47 -6.60 -10.65 2.56
C GLU B 47 -7.50 -9.60 3.21
N VAL B 48 -7.39 -9.47 4.54
CA VAL B 48 -8.16 -8.48 5.27
C VAL B 48 -7.82 -7.06 4.78
N ALA B 49 -6.54 -6.80 4.61
CA ALA B 49 -6.08 -5.49 4.16
C ALA B 49 -6.53 -5.21 2.73
N ILE B 50 -6.56 -6.26 1.90
CA ILE B 50 -7.04 -6.15 0.53
C ILE B 50 -8.47 -5.62 0.51
N GLN B 51 -9.35 -6.30 1.22
CA GLN B 51 -10.77 -5.92 1.25
C GLN B 51 -10.95 -4.57 1.91
N CYS B 52 -10.12 -4.30 2.91
CA CYS B 52 -10.21 -3.06 3.66
C CYS B 52 -9.77 -1.86 2.81
N LEU B 53 -8.62 -1.99 2.15
CA LEU B 53 -8.10 -0.91 1.31
C LEU B 53 -8.93 -0.75 0.05
N GLU B 54 -9.48 -1.86 -0.45
CA GLU B 54 -10.39 -1.82 -1.58
C GLU B 54 -11.56 -0.90 -1.24
N THR B 55 -12.12 -1.10 -0.05
CA THR B 55 -13.21 -0.28 0.44
C THR B 55 -12.72 1.14 0.77
N ALA B 56 -11.49 1.23 1.25
CA ALA B 56 -10.91 2.51 1.66
C ALA B 56 -10.76 3.47 0.48
N PHE B 57 -10.14 3.01 -0.59
CA PHE B 57 -9.92 3.86 -1.74
C PHE B 57 -11.16 3.89 -2.64
N GLY B 58 -12.14 3.07 -2.29
CA GLY B 58 -13.37 3.00 -3.07
C GLY B 58 -13.16 2.35 -4.42
N VAL B 59 -12.14 1.50 -4.49
CA VAL B 59 -11.79 0.84 -5.74
C VAL B 59 -12.43 -0.53 -5.84
N THR B 60 -12.49 -1.05 -7.05
CA THR B 60 -13.05 -2.36 -7.30
C THR B 60 -12.21 -3.10 -8.33
N VAL B 61 -12.68 -4.24 -8.79
CA VAL B 61 -11.99 -4.97 -9.84
C VAL B 61 -12.09 -4.20 -11.17
N GLU B 62 -13.08 -3.31 -11.26
CA GLU B 62 -13.21 -2.44 -12.42
C GLU B 62 -12.03 -1.49 -12.50
N ASP B 63 -11.57 -1.04 -11.34
CA ASP B 63 -10.41 -0.19 -11.24
C ASP B 63 -9.15 -0.99 -11.55
N SER B 64 -9.27 -2.30 -11.48
CA SER B 64 -8.19 -3.20 -11.84
C SER B 64 -8.24 -3.52 -13.33
N ASP B 65 -9.37 -3.20 -13.96
CA ASP B 65 -9.54 -3.40 -15.39
C ASP B 65 -8.77 -2.34 -16.16
N LEU B 66 -8.72 -1.14 -15.60
CA LEU B 66 -7.94 -0.05 -16.17
C LEU B 66 -6.45 -0.19 -15.82
N ALA B 67 -6.04 -1.44 -15.60
CA ALA B 67 -4.69 -1.78 -15.16
C ALA B 67 -3.62 -1.09 -15.99
N LEU B 68 -2.64 -0.55 -15.28
CA LEU B 68 -1.49 0.09 -15.90
C LEU B 68 -0.58 -0.97 -16.53
N PRO B 69 0.30 -0.58 -17.48
CA PRO B 69 1.19 -1.52 -18.18
C PRO B 69 1.82 -2.57 -17.27
N GLN B 70 2.25 -2.15 -16.09
CA GLN B 70 2.84 -3.06 -15.12
C GLN B 70 2.26 -2.79 -13.74
N THR B 71 2.38 -3.76 -12.85
CA THR B 71 1.94 -3.58 -11.49
C THR B 71 2.82 -2.57 -10.76
N LEU B 72 2.20 -1.78 -9.90
CA LEU B 72 2.86 -0.66 -9.27
C LEU B 72 3.84 -1.08 -8.16
N PRO B 73 3.49 -2.05 -7.29
CA PRO B 73 4.45 -2.57 -6.31
C PRO B 73 5.76 -3.02 -6.95
N GLU B 74 5.66 -3.50 -8.19
CA GLU B 74 6.83 -3.88 -8.97
C GLU B 74 7.70 -2.66 -9.22
N ILE B 75 7.05 -1.59 -9.71
CA ILE B 75 7.70 -0.29 -9.87
C ILE B 75 8.34 0.14 -8.56
N PHE B 76 7.60 -0.02 -7.47
CA PHE B 76 8.04 0.46 -6.18
C PHE B 76 9.25 -0.31 -5.68
N GLU B 77 9.32 -1.60 -5.97
CA GLU B 77 10.48 -2.39 -5.57
C GLU B 77 11.74 -1.88 -6.25
N ALA B 78 11.58 -1.27 -7.41
CA ALA B 78 12.70 -0.68 -8.12
C ALA B 78 12.97 0.77 -7.66
N ALA B 79 11.92 1.44 -7.20
CA ALA B 79 12.03 2.83 -6.75
C ALA B 79 12.32 2.93 -5.26
N ALA B 80 11.39 2.41 -4.45
CA ALA B 80 11.41 2.59 -3.01
C ALA B 80 12.66 2.02 -2.37
N THR B 81 12.88 0.72 -2.49
CA THR B 81 14.08 0.11 -1.94
C THR B 81 15.20 0.11 -2.97
N GLY B 82 14.90 0.63 -4.16
CA GLY B 82 15.90 0.72 -5.20
C GLY B 82 16.87 1.85 -4.96
N LYS B 83 16.37 2.91 -4.32
CA LYS B 83 17.19 4.06 -3.99
C LYS B 83 17.35 4.16 -2.47
N MET A 15 17.41 -5.26 4.11
CA MET A 15 17.35 -4.39 2.92
C MET A 15 16.20 -4.82 2.01
N ASP A 16 14.98 -4.67 2.49
CA ASP A 16 13.80 -5.09 1.74
C ASP A 16 12.90 -3.91 1.44
N ASN A 17 12.58 -3.73 0.17
CA ASN A 17 11.65 -2.68 -0.24
C ASN A 17 10.25 -2.98 0.28
N LYS A 18 10.01 -4.24 0.59
CA LYS A 18 8.72 -4.69 1.08
C LYS A 18 8.32 -3.94 2.34
N LYS A 19 9.24 -3.86 3.29
CA LYS A 19 8.97 -3.17 4.55
C LYS A 19 8.85 -1.68 4.30
N ARG A 20 9.73 -1.17 3.46
CA ARG A 20 9.82 0.25 3.21
C ARG A 20 8.57 0.75 2.47
N LEU A 21 7.99 -0.13 1.66
CA LEU A 21 6.72 0.15 1.01
C LEU A 21 5.60 0.18 2.04
N ALA A 22 5.66 -0.73 3.00
CA ALA A 22 4.66 -0.80 4.05
C ALA A 22 4.61 0.50 4.84
N TYR A 23 5.77 1.14 5.01
CA TYR A 23 5.81 2.43 5.69
C TYR A 23 4.99 3.43 4.93
N ALA A 24 5.18 3.46 3.62
CA ALA A 24 4.47 4.39 2.75
C ALA A 24 2.97 4.29 2.97
N ILE A 25 2.51 3.08 3.21
CA ILE A 25 1.10 2.80 3.32
C ILE A 25 0.60 3.10 4.72
N ILE A 26 1.29 2.55 5.71
CA ILE A 26 0.94 2.77 7.11
C ILE A 26 1.09 4.25 7.48
N GLN A 27 2.26 4.80 7.22
CA GLN A 27 2.63 6.15 7.64
C GLN A 27 1.74 7.22 7.00
N PHE A 28 1.69 7.24 5.68
CA PHE A 28 1.03 8.35 4.99
C PHE A 28 -0.47 8.23 5.03
N LEU A 29 -0.99 7.04 4.74
CA LEU A 29 -2.42 6.80 4.85
C LEU A 29 -2.93 7.10 6.27
N HIS A 30 -2.08 6.85 7.26
CA HIS A 30 -2.40 7.20 8.66
C HIS A 30 -2.68 8.69 8.80
N ASP A 31 -1.70 9.50 8.41
CA ASP A 31 -1.81 10.95 8.54
C ASP A 31 -2.85 11.50 7.56
N GLN A 32 -3.04 10.77 6.47
CA GLN A 32 -4.08 11.09 5.49
C GLN A 32 -5.45 11.05 6.16
N LEU A 33 -5.65 10.07 7.05
CA LEU A 33 -6.88 9.96 7.82
C LEU A 33 -7.00 11.14 8.77
N ARG A 34 -5.88 11.53 9.37
CA ARG A 34 -5.86 12.64 10.29
C ARG A 34 -6.15 13.95 9.57
N HIS A 35 -5.85 13.98 8.27
CA HIS A 35 -6.12 15.17 7.45
C HIS A 35 -7.53 15.14 6.90
N GLY A 36 -8.19 14.00 7.05
CA GLY A 36 -9.55 13.84 6.54
C GLY A 36 -9.59 13.71 5.04
N GLY A 37 -8.62 13.00 4.47
CA GLY A 37 -8.54 12.85 3.03
C GLY A 37 -9.73 12.12 2.44
N LEU A 38 -10.02 10.95 2.97
CA LEU A 38 -11.12 10.14 2.46
C LEU A 38 -12.40 10.43 3.24
N SER A 39 -13.50 9.81 2.85
CA SER A 39 -14.74 9.90 3.59
C SER A 39 -14.62 9.09 4.87
N SER A 40 -15.44 9.39 5.87
CA SER A 40 -15.32 8.76 7.19
C SER A 40 -15.27 7.24 7.09
N ASP A 41 -16.22 6.66 6.36
CA ASP A 41 -16.30 5.21 6.20
C ASP A 41 -15.01 4.66 5.62
N ALA A 42 -14.47 5.35 4.63
CA ALA A 42 -13.24 4.93 3.99
C ALA A 42 -12.03 5.20 4.89
N GLN A 43 -12.13 6.25 5.69
CA GLN A 43 -11.07 6.63 6.61
C GLN A 43 -10.80 5.55 7.64
N GLU A 44 -11.79 5.31 8.50
CA GLU A 44 -11.71 4.24 9.49
C GLU A 44 -11.32 2.91 8.84
N SER A 45 -11.73 2.71 7.60
CA SER A 45 -11.42 1.49 6.86
C SER A 45 -9.90 1.38 6.62
N LEU A 46 -9.25 2.49 6.31
CA LEU A 46 -7.80 2.50 6.14
C LEU A 46 -7.11 2.13 7.45
N GLU A 47 -7.62 2.67 8.54
CA GLU A 47 -7.03 2.45 9.85
C GLU A 47 -7.04 0.97 10.21
N VAL A 48 -8.14 0.29 9.89
CA VAL A 48 -8.24 -1.16 10.08
C VAL A 48 -7.21 -1.88 9.22
N ALA A 49 -7.09 -1.43 7.97
CA ALA A 49 -6.13 -2.00 7.03
C ALA A 49 -4.71 -1.81 7.54
N ILE A 50 -4.43 -0.61 8.04
CA ILE A 50 -3.11 -0.26 8.55
C ILE A 50 -2.67 -1.21 9.66
N GLN A 51 -3.56 -1.49 10.61
CA GLN A 51 -3.26 -2.39 11.71
C GLN A 51 -2.95 -3.79 11.18
N CYS A 52 -3.69 -4.20 10.17
CA CYS A 52 -3.49 -5.51 9.56
C CYS A 52 -2.19 -5.55 8.76
N LEU A 53 -1.89 -4.46 8.06
CA LEU A 53 -0.66 -4.35 7.29
C LEU A 53 0.55 -4.37 8.21
N GLU A 54 0.43 -3.67 9.34
CA GLU A 54 1.47 -3.66 10.36
C GLU A 54 1.77 -5.07 10.84
N THR A 55 0.72 -5.78 11.20
CA THR A 55 0.84 -7.15 11.67
C THR A 55 1.37 -8.08 10.57
N ALA A 56 1.03 -7.75 9.33
CA ALA A 56 1.41 -8.57 8.19
C ALA A 56 2.87 -8.39 7.82
N PHE A 57 3.25 -7.17 7.47
CA PHE A 57 4.61 -6.88 7.05
C PHE A 57 5.60 -7.01 8.21
N GLY A 58 5.06 -6.98 9.43
CA GLY A 58 5.89 -7.10 10.61
C GLY A 58 6.60 -5.81 10.93
N VAL A 59 6.14 -4.73 10.33
CA VAL A 59 6.76 -3.43 10.53
C VAL A 59 6.00 -2.63 11.56
N THR A 60 6.73 -1.90 12.37
CA THR A 60 6.15 -1.12 13.44
C THR A 60 6.51 0.35 13.29
N VAL A 61 6.21 1.16 14.30
CA VAL A 61 6.58 2.56 14.30
C VAL A 61 8.10 2.71 14.23
N GLU A 62 8.82 1.73 14.77
CA GLU A 62 10.28 1.73 14.74
C GLU A 62 10.79 1.53 13.32
N ASP A 63 10.18 0.58 12.63
CA ASP A 63 10.52 0.31 11.24
C ASP A 63 10.11 1.52 10.40
N SER A 64 8.94 2.05 10.70
CA SER A 64 8.43 3.23 10.00
C SER A 64 9.25 4.47 10.35
N ASP A 65 10.08 4.35 11.37
CA ASP A 65 10.93 5.45 11.80
C ASP A 65 12.14 5.58 10.88
N LEU A 66 12.68 4.45 10.42
CA LEU A 66 13.77 4.50 9.45
C LEU A 66 13.24 5.03 8.13
N ALA A 67 12.11 4.48 7.69
CA ALA A 67 11.37 4.98 6.54
C ALA A 67 12.25 5.29 5.32
N LEU A 68 11.67 6.03 4.41
CA LEU A 68 12.38 6.55 3.25
C LEU A 68 12.25 8.06 3.23
N PRO A 69 13.40 8.76 3.13
CA PRO A 69 13.50 10.22 3.24
C PRO A 69 12.56 10.97 2.32
N GLN A 70 12.45 10.51 1.08
CA GLN A 70 11.52 11.10 0.14
C GLN A 70 10.16 10.45 0.29
N THR A 71 9.11 11.26 0.22
CA THR A 71 7.77 10.77 0.45
C THR A 71 7.35 9.81 -0.66
N LEU A 72 6.74 8.71 -0.25
CA LEU A 72 6.44 7.61 -1.15
C LEU A 72 5.20 7.86 -2.00
N PRO A 73 4.05 8.28 -1.42
CA PRO A 73 2.88 8.64 -2.23
C PRO A 73 3.22 9.64 -3.33
N GLU A 74 4.20 10.51 -3.04
CA GLU A 74 4.68 11.48 -4.02
C GLU A 74 5.47 10.79 -5.13
N ILE A 75 6.34 9.86 -4.75
CA ILE A 75 7.04 9.04 -5.74
C ILE A 75 6.03 8.23 -6.54
N PHE A 76 5.05 7.70 -5.84
CA PHE A 76 4.06 6.86 -6.47
C PHE A 76 3.18 7.69 -7.41
N GLU A 77 3.22 9.00 -7.23
CA GLU A 77 2.53 9.93 -8.10
C GLU A 77 3.27 10.04 -9.43
N ALA A 78 4.59 10.09 -9.35
CA ALA A 78 5.42 10.27 -10.54
C ALA A 78 5.80 8.94 -11.17
N ALA A 79 6.52 8.11 -10.42
CA ALA A 79 7.14 6.91 -10.95
C ALA A 79 6.15 5.77 -11.15
N ALA A 80 5.26 5.58 -10.19
CA ALA A 80 4.37 4.42 -10.21
C ALA A 80 3.47 4.42 -11.44
N THR A 81 2.88 5.57 -11.74
CA THR A 81 1.97 5.68 -12.87
C THR A 81 2.74 6.03 -14.14
N GLY A 82 4.04 5.85 -14.10
CA GLY A 82 4.88 6.14 -15.24
C GLY A 82 5.92 5.07 -15.44
N LYS A 83 6.95 5.37 -16.22
CA LYS A 83 8.01 4.41 -16.50
C LYS A 83 9.36 5.06 -16.30
N MET B 15 -8.07 10.71 -12.95
CA MET B 15 -6.59 10.64 -13.10
C MET B 15 -5.92 10.80 -11.74
N ASP B 16 -6.12 9.82 -10.87
CA ASP B 16 -5.57 9.87 -9.52
C ASP B 16 -4.62 8.72 -9.27
N ASN B 17 -3.41 9.05 -8.85
CA ASN B 17 -2.41 8.04 -8.51
C ASN B 17 -2.85 7.26 -7.28
N LYS B 18 -3.76 7.87 -6.50
CA LYS B 18 -4.25 7.28 -5.27
C LYS B 18 -4.90 5.93 -5.54
N LYS B 19 -5.77 5.88 -6.55
CA LYS B 19 -6.45 4.64 -6.90
C LYS B 19 -5.47 3.65 -7.49
N ARG B 20 -4.59 4.17 -8.32
CA ARG B 20 -3.65 3.33 -9.06
C ARG B 20 -2.63 2.70 -8.10
N LEU B 21 -2.32 3.42 -7.03
CA LEU B 21 -1.49 2.89 -5.96
C LEU B 21 -2.24 1.78 -5.22
N ALA B 22 -3.52 1.98 -5.00
CA ALA B 22 -4.35 0.99 -4.32
C ALA B 22 -4.35 -0.34 -5.08
N TYR B 23 -4.28 -0.27 -6.40
CA TYR B 23 -4.21 -1.48 -7.21
C TYR B 23 -2.94 -2.25 -6.86
N ALA B 24 -1.84 -1.52 -6.78
CA ALA B 24 -0.55 -2.11 -6.47
C ALA B 24 -0.62 -2.93 -5.19
N ILE B 25 -1.40 -2.44 -4.26
CA ILE B 25 -1.48 -3.02 -2.93
C ILE B 25 -2.47 -4.17 -2.94
N ILE B 26 -3.67 -3.93 -3.44
CA ILE B 26 -4.70 -4.95 -3.52
C ILE B 26 -4.27 -6.08 -4.44
N GLN B 27 -3.91 -5.73 -5.67
CA GLN B 27 -3.60 -6.70 -6.71
C GLN B 27 -2.42 -7.59 -6.37
N PHE B 28 -1.27 -7.00 -6.09
CA PHE B 28 -0.04 -7.75 -5.95
C PHE B 28 0.01 -8.48 -4.62
N LEU B 29 -0.30 -7.78 -3.54
CA LEU B 29 -0.34 -8.41 -2.22
C LEU B 29 -1.34 -9.57 -2.21
N HIS B 30 -2.41 -9.45 -3.00
CA HIS B 30 -3.38 -10.53 -3.16
C HIS B 30 -2.71 -11.80 -3.69
N ASP B 31 -2.08 -11.67 -4.85
CA ASP B 31 -1.42 -12.81 -5.49
C ASP B 31 -0.19 -13.24 -4.70
N GLN B 32 0.38 -12.30 -3.97
CA GLN B 32 1.48 -12.58 -3.05
C GLN B 32 1.04 -13.60 -2.01
N LEU B 33 -0.19 -13.45 -1.52
CA LEU B 33 -0.76 -14.38 -0.57
C LEU B 33 -0.95 -15.75 -1.23
N ARG B 34 -1.38 -15.72 -2.48
CA ARG B 34 -1.61 -16.94 -3.23
C ARG B 34 -0.29 -17.66 -3.49
N HIS B 35 0.80 -16.89 -3.52
CA HIS B 35 2.13 -17.45 -3.72
C HIS B 35 2.74 -17.90 -2.40
N GLY B 36 2.10 -17.50 -1.30
CA GLY B 36 2.59 -17.85 0.02
C GLY B 36 3.83 -17.07 0.40
N GLY B 37 3.83 -15.78 0.04
CA GLY B 37 4.98 -14.92 0.32
C GLY B 37 5.23 -14.74 1.80
N LEU B 38 4.21 -14.33 2.53
CA LEU B 38 4.33 -14.08 3.96
C LEU B 38 3.97 -15.34 4.75
N SER B 39 4.10 -15.27 6.07
CA SER B 39 3.65 -16.35 6.94
C SER B 39 2.13 -16.35 6.99
N SER B 40 1.52 -17.47 7.35
CA SER B 40 0.06 -17.61 7.30
C SER B 40 -0.64 -16.48 8.04
N ASP B 41 -0.22 -16.20 9.26
CA ASP B 41 -0.82 -15.15 10.08
C ASP B 41 -0.75 -13.80 9.37
N ALA B 42 0.39 -13.53 8.76
CA ALA B 42 0.60 -12.29 8.03
C ALA B 42 -0.18 -12.29 6.72
N GLN B 43 -0.29 -13.47 6.12
CA GLN B 43 -1.00 -13.64 4.86
C GLN B 43 -2.46 -13.23 4.97
N GLU B 44 -3.20 -14.00 5.76
CA GLU B 44 -4.61 -13.69 6.03
C GLU B 44 -4.79 -12.24 6.49
N SER B 45 -3.78 -11.70 7.17
CA SER B 45 -3.82 -10.34 7.65
C SER B 45 -3.84 -9.35 6.47
N LEU B 46 -3.07 -9.64 5.41
CA LEU B 46 -3.08 -8.81 4.21
C LEU B 46 -4.45 -8.83 3.57
N GLU B 47 -5.05 -10.01 3.52
CA GLU B 47 -6.35 -10.19 2.88
C GLU B 47 -7.41 -9.33 3.56
N VAL B 48 -7.36 -9.26 4.89
CA VAL B 48 -8.26 -8.41 5.65
C VAL B 48 -8.01 -6.94 5.30
N ALA B 49 -6.73 -6.58 5.22
CA ALA B 49 -6.33 -5.23 4.85
C ALA B 49 -6.82 -4.88 3.46
N ILE B 50 -6.67 -5.81 2.53
CA ILE B 50 -7.06 -5.62 1.15
C ILE B 50 -8.54 -5.27 1.03
N GLN B 51 -9.39 -6.01 1.74
CA GLN B 51 -10.82 -5.76 1.73
C GLN B 51 -11.12 -4.35 2.25
N CYS B 52 -10.39 -3.95 3.27
CA CYS B 52 -10.56 -2.64 3.87
C CYS B 52 -10.05 -1.54 2.93
N LEU B 53 -8.92 -1.80 2.28
CA LEU B 53 -8.34 -0.87 1.33
C LEU B 53 -9.27 -0.68 0.13
N GLU B 54 -9.86 -1.78 -0.31
CA GLU B 54 -10.83 -1.75 -1.41
C GLU B 54 -12.00 -0.84 -1.05
N THR B 55 -12.56 -1.06 0.12
CA THR B 55 -13.69 -0.27 0.60
C THR B 55 -13.28 1.19 0.82
N ALA B 56 -12.02 1.39 1.18
CA ALA B 56 -11.51 2.73 1.49
C ALA B 56 -11.26 3.54 0.22
N PHE B 57 -10.39 3.04 -0.64
CA PHE B 57 -10.02 3.76 -1.85
C PHE B 57 -11.18 3.79 -2.84
N GLY B 58 -12.13 2.89 -2.63
CA GLY B 58 -13.29 2.83 -3.50
C GLY B 58 -12.98 2.14 -4.81
N VAL B 59 -11.86 1.44 -4.83
CA VAL B 59 -11.43 0.75 -6.04
C VAL B 59 -11.82 -0.72 -5.99
N THR B 60 -12.21 -1.25 -7.13
CA THR B 60 -12.66 -2.62 -7.23
C THR B 60 -11.81 -3.39 -8.23
N VAL B 61 -12.23 -4.60 -8.55
CA VAL B 61 -11.54 -5.39 -9.57
C VAL B 61 -11.57 -4.67 -10.92
N GLU B 62 -12.61 -3.87 -11.15
CA GLU B 62 -12.74 -3.11 -12.39
C GLU B 62 -11.69 -2.00 -12.44
N ASP B 63 -11.53 -1.31 -11.33
CA ASP B 63 -10.52 -0.28 -11.21
C ASP B 63 -9.14 -0.92 -11.30
N SER B 64 -8.99 -2.04 -10.63
CA SER B 64 -7.74 -2.79 -10.64
C SER B 64 -7.50 -3.41 -12.01
N ASP B 65 -8.51 -3.39 -12.86
CA ASP B 65 -8.41 -3.93 -14.21
C ASP B 65 -7.69 -2.95 -15.12
N LEU B 66 -7.93 -1.65 -14.92
CA LEU B 66 -7.20 -0.66 -15.70
C LEU B 66 -5.75 -0.63 -15.26
N ALA B 67 -5.54 -0.65 -13.94
CA ALA B 67 -4.21 -0.81 -13.35
C ALA B 67 -3.12 0.04 -14.00
N LEU B 68 -1.90 -0.34 -13.71
CA LEU B 68 -0.73 0.23 -14.35
C LEU B 68 0.09 -0.90 -14.98
N PRO B 69 0.40 -0.74 -16.28
CA PRO B 69 1.06 -1.76 -17.11
C PRO B 69 2.33 -2.32 -16.51
N GLN B 70 3.15 -1.46 -15.95
CA GLN B 70 4.37 -1.89 -15.28
C GLN B 70 4.05 -2.22 -13.85
N THR B 71 4.65 -3.28 -13.33
CA THR B 71 4.30 -3.73 -12.00
C THR B 71 4.80 -2.72 -10.97
N LEU B 72 3.98 -2.51 -9.95
CA LEU B 72 4.22 -1.44 -8.99
C LEU B 72 5.20 -1.84 -7.90
N PRO B 73 5.05 -3.01 -7.24
CA PRO B 73 6.05 -3.49 -6.27
C PRO B 73 7.46 -3.46 -6.85
N GLU B 74 7.56 -3.70 -8.16
CA GLU B 74 8.83 -3.66 -8.87
C GLU B 74 9.34 -2.23 -8.99
N ILE B 75 8.45 -1.31 -9.34
CA ILE B 75 8.79 0.12 -9.34
C ILE B 75 9.16 0.55 -7.94
N PHE B 76 8.40 0.08 -6.97
CA PHE B 76 8.61 0.46 -5.59
C PHE B 76 9.93 -0.11 -5.07
N GLU B 77 10.44 -1.10 -5.80
CA GLU B 77 11.74 -1.69 -5.50
C GLU B 77 12.84 -0.72 -5.92
N ALA B 78 12.67 -0.12 -7.10
CA ALA B 78 13.67 0.76 -7.66
C ALA B 78 13.49 2.21 -7.20
N ALA B 79 12.34 2.78 -7.54
CA ALA B 79 12.11 4.22 -7.38
C ALA B 79 11.81 4.61 -5.94
N ALA B 80 10.99 3.81 -5.27
CA ALA B 80 10.50 4.16 -3.93
C ALA B 80 11.65 4.29 -2.93
N THR B 81 12.56 3.33 -2.95
CA THR B 81 13.68 3.33 -2.02
C THR B 81 14.87 4.11 -2.60
N GLY B 82 14.59 4.89 -3.63
CA GLY B 82 15.62 5.68 -4.26
C GLY B 82 15.13 7.08 -4.57
N LYS B 83 15.83 7.78 -5.45
CA LYS B 83 15.45 9.13 -5.82
C LYS B 83 15.48 9.28 -7.32
N MET A 15 16.91 -7.06 -1.25
CA MET A 15 16.40 -6.01 -0.33
C MET A 15 14.88 -6.12 -0.20
N ASP A 16 14.40 -6.03 1.03
CA ASP A 16 12.96 -6.06 1.30
C ASP A 16 12.36 -4.70 1.00
N ASN A 17 12.00 -4.47 -0.26
CA ASN A 17 11.50 -3.17 -0.67
C ASN A 17 9.99 -3.05 -0.47
N LYS A 18 9.31 -4.16 -0.26
CA LYS A 18 7.85 -4.14 -0.15
C LYS A 18 7.41 -3.64 1.22
N LYS A 19 8.21 -3.94 2.23
CA LYS A 19 7.93 -3.47 3.59
C LYS A 19 8.16 -1.96 3.68
N ARG A 20 9.27 -1.47 3.14
CA ARG A 20 9.53 -0.03 3.16
C ARG A 20 8.52 0.68 2.27
N LEU A 21 7.97 -0.08 1.33
CA LEU A 21 6.86 0.38 0.51
C LEU A 21 5.64 0.67 1.38
N ALA A 22 5.15 -0.35 2.07
CA ALA A 22 3.94 -0.24 2.87
C ALA A 22 4.14 0.65 4.09
N TYR A 23 5.33 0.59 4.69
CA TYR A 23 5.63 1.42 5.86
C TYR A 23 5.37 2.89 5.56
N ALA A 24 5.82 3.33 4.40
CA ALA A 24 5.70 4.72 4.01
C ALA A 24 4.26 5.07 3.67
N ILE A 25 3.57 4.12 3.07
CA ILE A 25 2.17 4.29 2.72
C ILE A 25 1.33 4.43 3.98
N ILE A 26 1.61 3.60 4.97
CA ILE A 26 0.92 3.66 6.24
C ILE A 26 1.11 5.04 6.90
N GLN A 27 2.32 5.57 6.81
CA GLN A 27 2.62 6.90 7.35
C GLN A 27 1.75 7.96 6.67
N PHE A 28 1.62 7.86 5.36
CA PHE A 28 0.84 8.83 4.59
C PHE A 28 -0.65 8.65 4.83
N LEU A 29 -1.11 7.40 4.78
CA LEU A 29 -2.52 7.10 4.99
C LEU A 29 -2.96 7.55 6.37
N HIS A 30 -2.16 7.24 7.39
CA HIS A 30 -2.47 7.66 8.75
C HIS A 30 -2.62 9.18 8.82
N ASP A 31 -1.78 9.88 8.05
CA ASP A 31 -1.81 11.33 8.01
C ASP A 31 -3.07 11.83 7.31
N GLN A 32 -3.36 11.26 6.14
CA GLN A 32 -4.52 11.66 5.36
C GLN A 32 -5.81 11.34 6.11
N LEU A 33 -5.80 10.24 6.86
CA LEU A 33 -6.96 9.84 7.64
C LEU A 33 -7.28 10.90 8.69
N ARG A 34 -6.26 11.35 9.41
CA ARG A 34 -6.45 12.34 10.46
C ARG A 34 -6.83 13.70 9.85
N HIS A 35 -6.39 13.94 8.63
CA HIS A 35 -6.72 15.18 7.94
C HIS A 35 -8.05 15.07 7.19
N GLY A 36 -8.73 13.94 7.35
CA GLY A 36 -10.03 13.75 6.76
C GLY A 36 -9.99 13.67 5.24
N GLY A 37 -8.93 13.09 4.71
CA GLY A 37 -8.79 12.92 3.28
C GLY A 37 -9.86 12.02 2.71
N LEU A 38 -9.97 10.83 3.26
CA LEU A 38 -11.01 9.89 2.87
C LEU A 38 -12.24 10.08 3.75
N SER A 39 -13.41 9.76 3.21
CA SER A 39 -14.66 9.92 3.94
C SER A 39 -14.69 8.96 5.12
N SER A 40 -15.51 9.28 6.13
CA SER A 40 -15.51 8.59 7.42
C SER A 40 -15.43 7.06 7.31
N ASP A 41 -16.27 6.46 6.47
CA ASP A 41 -16.26 5.00 6.30
C ASP A 41 -14.92 4.51 5.78
N ALA A 42 -14.48 5.11 4.68
CA ALA A 42 -13.19 4.77 4.07
C ALA A 42 -12.04 5.11 5.00
N GLN A 43 -12.22 6.19 5.74
CA GLN A 43 -11.21 6.71 6.65
C GLN A 43 -10.86 5.66 7.70
N GLU A 44 -11.86 5.24 8.45
CA GLU A 44 -11.66 4.24 9.49
C GLU A 44 -11.22 2.91 8.90
N SER A 45 -11.75 2.61 7.70
CA SER A 45 -11.47 1.36 7.04
C SER A 45 -9.99 1.24 6.67
N LEU A 46 -9.38 2.35 6.23
CA LEU A 46 -7.95 2.35 5.93
C LEU A 46 -7.15 2.04 7.18
N GLU A 47 -7.57 2.61 8.30
CA GLU A 47 -6.87 2.41 9.56
C GLU A 47 -6.99 0.96 10.02
N VAL A 48 -8.17 0.36 9.82
CA VAL A 48 -8.37 -1.06 10.08
C VAL A 48 -7.34 -1.86 9.29
N ALA A 49 -7.29 -1.57 8.00
CA ALA A 49 -6.36 -2.23 7.10
C ALA A 49 -4.92 -2.03 7.57
N ILE A 50 -4.59 -0.79 7.87
CA ILE A 50 -3.26 -0.42 8.33
C ILE A 50 -2.83 -1.26 9.53
N GLN A 51 -3.69 -1.34 10.53
CA GLN A 51 -3.37 -2.10 11.75
C GLN A 51 -3.07 -3.56 11.40
N CYS A 52 -3.90 -4.12 10.54
CA CYS A 52 -3.76 -5.51 10.13
C CYS A 52 -2.46 -5.72 9.35
N LEU A 53 -2.25 -4.92 8.32
CA LEU A 53 -1.11 -5.15 7.44
C LEU A 53 0.21 -4.63 8.03
N GLU A 54 0.14 -3.72 8.99
CA GLU A 54 1.36 -3.23 9.62
C GLU A 54 1.99 -4.35 10.43
N THR A 55 1.13 -5.13 11.07
CA THR A 55 1.56 -6.29 11.84
C THR A 55 1.99 -7.43 10.92
N ALA A 56 1.42 -7.44 9.71
CA ALA A 56 1.62 -8.53 8.76
C ALA A 56 2.85 -8.34 7.88
N PHE A 57 2.99 -7.13 7.39
CA PHE A 57 3.91 -6.84 6.28
C PHE A 57 5.37 -6.77 6.72
N GLY A 58 5.59 -6.62 8.02
CA GLY A 58 6.93 -6.34 8.51
C GLY A 58 7.27 -4.89 8.28
N VAL A 59 6.41 -4.02 8.79
CA VAL A 59 6.43 -2.62 8.42
C VAL A 59 6.23 -1.71 9.62
N THR A 60 5.53 -0.62 9.37
CA THR A 60 5.52 0.62 10.17
C THR A 60 5.50 0.50 11.71
N VAL A 61 5.22 1.65 12.32
CA VAL A 61 5.93 2.22 13.49
C VAL A 61 7.23 1.51 13.93
N GLU A 62 7.30 0.19 13.86
CA GLU A 62 8.56 -0.50 14.15
C GLU A 62 9.52 -0.29 12.98
N ASP A 63 9.10 -0.70 11.81
CA ASP A 63 9.89 -0.51 10.62
C ASP A 63 9.75 0.94 10.14
N SER A 64 9.07 1.75 10.94
CA SER A 64 9.08 3.20 10.75
C SER A 64 10.28 3.78 11.47
N ASP A 65 10.77 3.04 12.47
CA ASP A 65 12.01 3.39 13.12
C ASP A 65 13.15 3.31 12.11
N LEU A 66 13.08 2.33 11.21
CA LEU A 66 14.06 2.26 10.12
C LEU A 66 13.66 3.14 8.93
N ALA A 67 12.98 4.23 9.22
CA ALA A 67 12.43 5.16 8.21
C ALA A 67 13.44 5.57 7.14
N LEU A 68 12.88 5.91 5.98
CA LEU A 68 13.66 6.39 4.83
C LEU A 68 13.61 7.92 4.75
N PRO A 69 14.52 8.56 4.00
CA PRO A 69 14.61 10.03 3.92
C PRO A 69 13.28 10.71 3.56
N GLN A 70 12.65 10.27 2.49
CA GLN A 70 11.39 10.87 2.05
C GLN A 70 10.29 9.83 2.05
N THR A 71 9.06 10.28 1.90
CA THR A 71 7.93 9.38 1.82
C THR A 71 7.84 8.75 0.43
N LEU A 72 7.53 7.47 0.40
CA LEU A 72 7.37 6.75 -0.85
C LEU A 72 6.13 7.23 -1.61
N PRO A 73 4.95 7.42 -0.96
CA PRO A 73 3.78 8.01 -1.61
C PRO A 73 4.09 9.27 -2.41
N GLU A 74 5.04 10.08 -1.93
CA GLU A 74 5.47 11.27 -2.65
C GLU A 74 6.14 10.87 -3.97
N ILE A 75 7.06 9.91 -3.89
CA ILE A 75 7.69 9.34 -5.07
C ILE A 75 6.63 8.75 -5.98
N PHE A 76 5.63 8.13 -5.36
CA PHE A 76 4.56 7.50 -6.10
C PHE A 76 3.69 8.55 -6.78
N GLU A 77 3.63 9.74 -6.22
CA GLU A 77 2.90 10.83 -6.84
C GLU A 77 3.56 11.22 -8.16
N ALA A 78 4.86 10.97 -8.25
CA ALA A 78 5.60 11.22 -9.48
C ALA A 78 5.49 10.02 -10.43
N ALA A 79 5.74 8.83 -9.91
CA ALA A 79 5.80 7.62 -10.73
C ALA A 79 4.42 7.14 -11.18
N ALA A 80 3.47 7.10 -10.26
CA ALA A 80 2.15 6.52 -10.52
C ALA A 80 1.29 7.44 -11.39
N THR A 81 1.73 8.68 -11.57
CA THR A 81 1.04 9.60 -12.47
C THR A 81 1.62 9.50 -13.87
N GLY A 82 2.77 8.84 -13.98
CA GLY A 82 3.41 8.67 -15.27
C GLY A 82 3.05 7.35 -15.90
N LYS A 83 3.14 7.30 -17.22
CA LYS A 83 2.79 6.09 -17.95
C LYS A 83 3.72 5.90 -19.13
N MET B 15 -4.42 14.28 -10.70
CA MET B 15 -4.60 12.83 -10.95
C MET B 15 -4.61 12.06 -9.64
N ASP B 16 -5.55 11.14 -9.51
CA ASP B 16 -5.64 10.29 -8.32
C ASP B 16 -4.61 9.17 -8.41
N ASN B 17 -3.40 9.45 -7.99
CA ASN B 17 -2.31 8.48 -8.12
C ASN B 17 -2.26 7.52 -6.93
N LYS B 18 -2.94 7.85 -5.84
CA LYS B 18 -2.86 7.02 -4.63
C LYS B 18 -3.72 5.77 -4.78
N LYS B 19 -4.83 5.89 -5.50
CA LYS B 19 -5.69 4.75 -5.75
C LYS B 19 -5.02 3.76 -6.70
N ARG B 20 -4.43 4.26 -7.78
CA ARG B 20 -3.74 3.38 -8.70
C ARG B 20 -2.49 2.80 -8.03
N LEU B 21 -2.03 3.51 -7.02
CA LEU B 21 -0.98 3.02 -6.13
C LEU B 21 -1.44 1.76 -5.40
N ALA B 22 -2.50 1.89 -4.62
CA ALA B 22 -2.98 0.78 -3.79
C ALA B 22 -3.59 -0.33 -4.63
N TYR B 23 -4.24 0.02 -5.73
CA TYR B 23 -4.85 -0.97 -6.62
C TYR B 23 -3.80 -2.00 -7.06
N ALA B 24 -2.64 -1.49 -7.43
CA ALA B 24 -1.57 -2.33 -7.95
C ALA B 24 -0.95 -3.16 -6.83
N ILE B 25 -0.86 -2.56 -5.66
CA ILE B 25 -0.32 -3.23 -4.49
C ILE B 25 -1.22 -4.39 -4.08
N ILE B 26 -2.52 -4.14 -4.10
CA ILE B 26 -3.51 -5.16 -3.79
C ILE B 26 -3.38 -6.36 -4.75
N GLN B 27 -3.15 -6.06 -6.03
CA GLN B 27 -2.95 -7.10 -7.03
C GLN B 27 -1.73 -7.96 -6.69
N PHE B 28 -0.65 -7.31 -6.28
CA PHE B 28 0.58 -8.01 -5.94
C PHE B 28 0.45 -8.77 -4.62
N LEU B 29 -0.10 -8.11 -3.62
CA LEU B 29 -0.29 -8.73 -2.31
C LEU B 29 -1.19 -9.95 -2.41
N HIS B 30 -2.29 -9.82 -3.14
CA HIS B 30 -3.20 -10.95 -3.35
C HIS B 30 -2.44 -12.12 -3.98
N ASP B 31 -1.53 -11.80 -4.88
CA ASP B 31 -0.73 -12.82 -5.56
C ASP B 31 0.25 -13.47 -4.60
N GLN B 32 0.97 -12.65 -3.85
CA GLN B 32 1.98 -13.15 -2.92
C GLN B 32 1.32 -13.95 -1.80
N LEU B 33 0.10 -13.54 -1.42
CA LEU B 33 -0.64 -14.25 -0.38
C LEU B 33 -0.95 -15.67 -0.83
N ARG B 34 -1.44 -15.81 -2.06
CA ARG B 34 -1.79 -17.12 -2.59
C ARG B 34 -0.55 -17.97 -2.81
N HIS B 35 0.59 -17.31 -3.05
CA HIS B 35 1.85 -18.01 -3.26
C HIS B 35 2.57 -18.26 -1.94
N GLY B 36 1.92 -17.89 -0.84
CA GLY B 36 2.47 -18.14 0.48
C GLY B 36 3.71 -17.31 0.78
N GLY B 37 3.74 -16.10 0.26
CA GLY B 37 4.86 -15.20 0.49
C GLY B 37 4.99 -14.83 1.96
N LEU B 38 3.90 -14.33 2.53
CA LEU B 38 3.87 -14.02 3.95
C LEU B 38 3.35 -15.21 4.72
N SER B 39 3.77 -15.32 5.98
CA SER B 39 3.37 -16.44 6.83
C SER B 39 1.87 -16.37 7.10
N SER B 40 1.27 -17.51 7.45
CA SER B 40 -0.19 -17.67 7.54
C SER B 40 -0.88 -16.50 8.23
N ASP B 41 -0.40 -16.08 9.41
CA ASP B 41 -1.01 -14.98 10.15
C ASP B 41 -0.96 -13.69 9.34
N ALA B 42 0.23 -13.34 8.90
CA ALA B 42 0.43 -12.14 8.09
C ALA B 42 -0.31 -12.25 6.77
N GLN B 43 -0.35 -13.47 6.24
CA GLN B 43 -0.96 -13.76 4.96
C GLN B 43 -2.44 -13.36 4.96
N GLU B 44 -3.19 -13.93 5.88
CA GLU B 44 -4.61 -13.65 6.00
C GLU B 44 -4.84 -12.20 6.40
N SER B 45 -3.92 -11.68 7.22
CA SER B 45 -4.04 -10.32 7.73
C SER B 45 -3.94 -9.30 6.59
N LEU B 46 -3.06 -9.55 5.62
CA LEU B 46 -2.96 -8.67 4.46
C LEU B 46 -4.27 -8.65 3.70
N GLU B 47 -4.88 -9.82 3.56
CA GLU B 47 -6.12 -9.94 2.81
C GLU B 47 -7.26 -9.21 3.54
N VAL B 48 -7.27 -9.30 4.87
CA VAL B 48 -8.21 -8.54 5.68
C VAL B 48 -8.06 -7.06 5.37
N ALA B 49 -6.83 -6.59 5.42
CA ALA B 49 -6.50 -5.21 5.11
C ALA B 49 -6.95 -4.83 3.72
N ILE B 50 -6.59 -5.68 2.76
CA ILE B 50 -6.93 -5.48 1.37
C ILE B 50 -8.43 -5.27 1.19
N GLN B 51 -9.25 -6.15 1.76
CA GLN B 51 -10.69 -6.05 1.63
C GLN B 51 -11.19 -4.70 2.15
N CYS B 52 -10.66 -4.31 3.30
CA CYS B 52 -11.04 -3.07 3.94
C CYS B 52 -10.64 -1.86 3.09
N LEU B 53 -9.37 -1.80 2.71
CA LEU B 53 -8.86 -0.62 2.03
C LEU B 53 -9.23 -0.61 0.54
N GLU B 54 -9.57 -1.75 -0.03
CA GLU B 54 -9.98 -1.78 -1.43
C GLU B 54 -11.33 -1.06 -1.57
N THR B 55 -12.18 -1.27 -0.59
CA THR B 55 -13.48 -0.62 -0.53
C THR B 55 -13.33 0.86 -0.15
N ALA B 56 -12.26 1.16 0.56
CA ALA B 56 -12.03 2.50 1.11
C ALA B 56 -11.31 3.43 0.14
N PHE B 57 -10.28 2.90 -0.49
CA PHE B 57 -9.30 3.71 -1.19
C PHE B 57 -9.79 4.19 -2.56
N GLY B 58 -10.83 3.56 -3.08
CA GLY B 58 -11.24 3.83 -4.47
C GLY B 58 -10.32 3.11 -5.43
N VAL B 59 -10.23 1.82 -5.24
CA VAL B 59 -9.17 0.97 -5.76
C VAL B 59 -9.73 -0.34 -6.26
N THR B 60 -8.91 -1.38 -6.20
CA THR B 60 -8.89 -2.59 -7.02
C THR B 60 -10.25 -3.31 -7.13
N VAL B 61 -10.30 -4.57 -7.50
CA VAL B 61 -10.88 -5.11 -8.76
C VAL B 61 -11.89 -4.22 -9.53
N GLU B 62 -12.47 -3.20 -8.94
CA GLU B 62 -13.20 -2.22 -9.74
C GLU B 62 -12.19 -1.30 -10.45
N ASP B 63 -11.37 -0.65 -9.67
CA ASP B 63 -10.34 0.22 -10.20
C ASP B 63 -9.17 -0.63 -10.72
N SER B 64 -9.35 -1.94 -10.68
CA SER B 64 -8.44 -2.85 -11.36
C SER B 64 -8.89 -3.01 -12.80
N ASP B 65 -10.18 -2.74 -13.04
CA ASP B 65 -10.68 -2.67 -14.41
C ASP B 65 -9.98 -1.52 -15.14
N LEU B 66 -9.72 -0.43 -14.43
CA LEU B 66 -8.95 0.68 -15.01
C LEU B 66 -7.42 0.44 -14.90
N ALA B 67 -7.04 -0.82 -14.88
CA ALA B 67 -5.65 -1.25 -14.69
C ALA B 67 -4.62 -0.50 -15.54
N LEU B 68 -3.39 -0.45 -15.02
CA LEU B 68 -2.26 0.18 -15.68
C LEU B 68 -1.40 -0.88 -16.38
N PRO B 69 -0.52 -0.48 -17.32
CA PRO B 69 0.29 -1.43 -18.11
C PRO B 69 1.10 -2.42 -17.26
N GLN B 70 1.84 -1.91 -16.28
CA GLN B 70 2.66 -2.76 -15.43
C GLN B 70 2.25 -2.60 -13.98
N THR B 71 2.74 -3.48 -13.12
CA THR B 71 2.44 -3.37 -11.71
C THR B 71 3.31 -2.29 -11.09
N LEU B 72 2.72 -1.58 -10.14
CA LEU B 72 3.42 -0.53 -9.42
C LEU B 72 4.45 -1.11 -8.46
N PRO B 73 4.12 -2.17 -7.69
CA PRO B 73 5.10 -2.87 -6.84
C PRO B 73 6.41 -3.20 -7.58
N GLU B 74 6.32 -3.51 -8.87
CA GLU B 74 7.50 -3.76 -9.69
C GLU B 74 8.34 -2.49 -9.81
N ILE B 75 7.67 -1.39 -10.14
CA ILE B 75 8.30 -0.08 -10.17
C ILE B 75 8.89 0.24 -8.80
N PHE B 76 8.15 -0.15 -7.77
CA PHE B 76 8.56 0.10 -6.40
C PHE B 76 9.79 -0.74 -6.04
N GLU B 77 9.94 -1.89 -6.69
CA GLU B 77 11.11 -2.72 -6.49
C GLU B 77 12.35 -2.00 -6.99
N ALA B 78 12.16 -1.12 -7.95
CA ALA B 78 13.26 -0.30 -8.46
C ALA B 78 13.46 0.95 -7.61
N ALA B 79 12.36 1.66 -7.34
CA ALA B 79 12.42 2.94 -6.64
C ALA B 79 12.71 2.78 -5.14
N ALA B 80 12.00 1.87 -4.49
CA ALA B 80 12.07 1.73 -3.04
C ALA B 80 13.38 1.08 -2.59
N THR B 81 14.12 0.51 -3.53
CA THR B 81 15.43 -0.04 -3.23
C THR B 81 16.51 1.02 -3.40
N GLY B 82 16.14 2.13 -4.03
CA GLY B 82 17.08 3.21 -4.25
C GLY B 82 16.97 4.26 -3.17
N LYS B 83 18.05 5.00 -2.97
CA LYS B 83 18.09 6.03 -1.94
C LYS B 83 18.89 7.21 -2.42
N MET A 15 17.02 -8.16 3.37
CA MET A 15 15.85 -7.46 3.94
C MET A 15 14.76 -7.34 2.88
N ASP A 16 13.52 -7.29 3.34
CA ASP A 16 12.37 -7.20 2.45
C ASP A 16 12.07 -5.74 2.13
N ASN A 17 11.84 -5.46 0.85
CA ASN A 17 11.60 -4.10 0.38
C ASN A 17 10.14 -3.69 0.60
N LYS A 18 9.25 -4.68 0.64
CA LYS A 18 7.83 -4.42 0.69
C LYS A 18 7.42 -3.78 2.02
N LYS A 19 7.90 -4.35 3.11
CA LYS A 19 7.63 -3.81 4.44
C LYS A 19 8.12 -2.37 4.55
N ARG A 20 9.31 -2.11 4.02
CA ARG A 20 9.93 -0.78 4.12
C ARG A 20 9.24 0.22 3.20
N LEU A 21 8.93 -0.21 2.00
CA LEU A 21 8.20 0.61 1.04
C LEU A 21 6.88 1.06 1.65
N ALA A 22 6.15 0.10 2.18
CA ALA A 22 4.83 0.35 2.71
C ALA A 22 4.92 1.01 4.09
N TYR A 23 6.10 0.98 4.69
CA TYR A 23 6.35 1.75 5.90
C TYR A 23 6.16 3.23 5.62
N ALA A 24 6.69 3.68 4.49
CA ALA A 24 6.56 5.08 4.11
C ALA A 24 5.10 5.38 3.78
N ILE A 25 4.39 4.36 3.34
CA ILE A 25 2.95 4.46 3.14
C ILE A 25 2.24 4.73 4.48
N ILE A 26 2.78 4.16 5.56
CA ILE A 26 2.27 4.41 6.91
C ILE A 26 2.26 5.90 7.22
N GLN A 27 3.41 6.53 7.04
CA GLN A 27 3.57 7.95 7.37
C GLN A 27 2.51 8.81 6.72
N PHE A 28 2.29 8.59 5.43
CA PHE A 28 1.31 9.38 4.69
C PHE A 28 -0.11 8.99 5.08
N LEU A 29 -0.41 7.69 5.04
CA LEU A 29 -1.77 7.21 5.30
C LEU A 29 -2.19 7.49 6.74
N HIS A 30 -1.23 7.51 7.66
CA HIS A 30 -1.53 7.81 9.06
C HIS A 30 -2.00 9.24 9.22
N ASP A 31 -1.29 10.16 8.58
CA ASP A 31 -1.65 11.57 8.59
C ASP A 31 -2.95 11.79 7.81
N GLN A 32 -3.01 11.15 6.65
CA GLN A 32 -4.19 11.18 5.79
C GLN A 32 -5.43 10.68 6.51
N LEU A 33 -5.29 9.57 7.22
CA LEU A 33 -6.40 8.95 7.92
C LEU A 33 -6.90 9.86 9.02
N ARG A 34 -5.97 10.47 9.74
CA ARG A 34 -6.31 11.38 10.83
C ARG A 34 -7.03 12.62 10.31
N HIS A 35 -6.72 12.99 9.08
CA HIS A 35 -7.31 14.18 8.47
C HIS A 35 -8.64 13.85 7.81
N GLY A 36 -8.93 12.56 7.69
CA GLY A 36 -10.14 12.12 7.03
C GLY A 36 -10.06 12.28 5.52
N GLY A 37 -8.90 11.93 4.97
CA GLY A 37 -8.68 12.08 3.54
C GLY A 37 -9.66 11.27 2.70
N LEU A 38 -9.90 10.03 3.09
CA LEU A 38 -10.79 9.16 2.34
C LEU A 38 -12.22 9.21 2.87
N SER A 39 -13.08 8.36 2.31
CA SER A 39 -14.47 8.28 2.71
C SER A 39 -14.61 7.71 4.13
N SER A 40 -15.80 7.85 4.70
CA SER A 40 -16.03 7.49 6.10
C SER A 40 -15.71 6.02 6.39
N ASP A 41 -16.34 5.11 5.65
CA ASP A 41 -16.17 3.67 5.88
C ASP A 41 -14.73 3.26 5.61
N ALA A 42 -14.18 3.77 4.51
CA ALA A 42 -12.80 3.50 4.14
C ALA A 42 -11.84 3.96 5.22
N GLN A 43 -12.14 5.11 5.82
CA GLN A 43 -11.30 5.70 6.86
C GLN A 43 -11.07 4.73 8.01
N GLU A 44 -12.17 4.26 8.61
CA GLU A 44 -12.08 3.34 9.73
C GLU A 44 -11.40 2.05 9.30
N SER A 45 -11.63 1.67 8.05
CA SER A 45 -11.10 0.44 7.51
C SER A 45 -9.59 0.53 7.27
N LEU A 46 -9.11 1.66 6.77
CA LEU A 46 -7.68 1.84 6.51
C LEU A 46 -6.89 1.65 7.79
N GLU A 47 -7.47 2.05 8.92
CA GLU A 47 -6.85 1.82 10.21
C GLU A 47 -6.63 0.33 10.43
N VAL A 48 -7.70 -0.44 10.25
CA VAL A 48 -7.63 -1.90 10.36
C VAL A 48 -6.59 -2.45 9.40
N ALA A 49 -6.59 -1.91 8.19
CA ALA A 49 -5.60 -2.28 7.19
C ALA A 49 -4.20 -2.01 7.70
N ILE A 50 -4.01 -0.88 8.35
CA ILE A 50 -2.72 -0.49 8.90
C ILE A 50 -2.25 -1.50 9.96
N GLN A 51 -3.18 -2.07 10.73
CA GLN A 51 -2.81 -3.11 11.68
C GLN A 51 -2.28 -4.34 10.93
N CYS A 52 -3.00 -4.71 9.88
CA CYS A 52 -2.60 -5.80 9.01
C CYS A 52 -1.24 -5.51 8.39
N LEU A 53 -1.08 -4.27 7.95
CA LEU A 53 0.18 -3.80 7.39
C LEU A 53 1.26 -3.83 8.46
N GLU A 54 0.89 -3.46 9.68
CA GLU A 54 1.83 -3.36 10.80
C GLU A 54 2.66 -4.63 10.95
N THR A 55 2.11 -5.75 10.52
CA THR A 55 2.90 -6.97 10.47
C THR A 55 3.73 -7.06 9.17
N ALA A 56 3.10 -6.87 8.01
CA ALA A 56 3.74 -7.17 6.72
C ALA A 56 4.23 -5.94 5.91
N PHE A 57 3.41 -4.90 5.85
CA PHE A 57 3.40 -4.00 4.68
C PHE A 57 2.94 -2.61 5.07
N GLY A 58 3.70 -1.94 5.86
CA GLY A 58 3.15 -0.84 6.63
C GLY A 58 3.20 -1.27 8.05
N VAL A 59 4.39 -1.74 8.30
CA VAL A 59 4.83 -2.48 9.44
C VAL A 59 5.01 -1.64 10.72
N THR A 60 5.67 -2.23 11.71
CA THR A 60 5.91 -1.57 12.98
C THR A 60 6.96 -0.47 12.84
N VAL A 61 7.24 0.22 13.94
CA VAL A 61 8.20 1.31 13.96
C VAL A 61 9.64 0.76 13.92
N GLU A 62 9.77 -0.56 14.00
CA GLU A 62 11.07 -1.21 13.83
C GLU A 62 11.59 -0.94 12.43
N ASP A 63 10.66 -0.92 11.48
CA ASP A 63 10.99 -0.64 10.09
C ASP A 63 11.44 0.81 9.96
N SER A 64 10.96 1.65 10.87
CA SER A 64 11.35 3.06 10.89
C SER A 64 12.83 3.19 11.21
N ASP A 65 13.36 2.21 11.93
CA ASP A 65 14.79 2.16 12.21
C ASP A 65 15.57 1.91 10.92
N LEU A 66 15.07 1.00 10.10
CA LEU A 66 15.69 0.73 8.81
C LEU A 66 14.92 1.40 7.68
N ALA A 67 14.34 2.57 7.97
CA ALA A 67 13.48 3.29 7.03
C ALA A 67 14.16 3.58 5.69
N LEU A 68 13.33 3.83 4.68
CA LEU A 68 13.81 4.19 3.35
C LEU A 68 14.17 5.67 3.28
N PRO A 69 15.16 6.00 2.44
CA PRO A 69 15.70 7.38 2.29
C PRO A 69 14.66 8.39 1.82
N GLN A 70 13.62 7.93 1.16
CA GLN A 70 12.64 8.80 0.55
C GLN A 70 11.24 8.40 0.99
N THR A 71 10.30 9.33 0.93
CA THR A 71 8.91 9.00 1.12
C THR A 71 8.36 8.42 -0.16
N LEU A 72 7.64 7.33 -0.03
CA LEU A 72 7.18 6.58 -1.19
C LEU A 72 5.94 7.21 -1.84
N PRO A 73 4.92 7.64 -1.05
CA PRO A 73 3.76 8.37 -1.61
C PRO A 73 4.17 9.51 -2.55
N GLU A 74 5.28 10.17 -2.24
CA GLU A 74 5.80 11.23 -3.11
C GLU A 74 6.30 10.65 -4.42
N ILE A 75 6.99 9.51 -4.32
CA ILE A 75 7.45 8.78 -5.50
C ILE A 75 6.27 8.33 -6.34
N PHE A 76 5.22 7.89 -5.66
CA PHE A 76 4.03 7.40 -6.34
C PHE A 76 3.40 8.50 -7.19
N GLU A 77 3.50 9.73 -6.72
CA GLU A 77 2.96 10.87 -7.44
C GLU A 77 3.79 11.17 -8.68
N ALA A 78 5.08 10.89 -8.61
CA ALA A 78 5.98 11.22 -9.70
C ALA A 78 6.10 10.08 -10.72
N ALA A 79 6.63 8.95 -10.29
CA ALA A 79 6.95 7.85 -11.19
C ALA A 79 5.70 7.27 -11.84
N ALA A 80 4.63 7.15 -11.06
CA ALA A 80 3.43 6.49 -11.51
C ALA A 80 2.66 7.32 -12.54
N THR A 81 3.01 8.60 -12.66
CA THR A 81 2.34 9.47 -13.62
C THR A 81 3.26 9.78 -14.81
N GLY A 82 4.49 9.30 -14.74
CA GLY A 82 5.45 9.57 -15.78
C GLY A 82 6.73 8.79 -15.58
N LYS A 83 7.08 7.96 -16.56
CA LYS A 83 8.28 7.15 -16.49
C LYS A 83 9.48 7.94 -17.03
N MET B 15 -8.91 12.89 -11.04
CA MET B 15 -8.89 11.51 -10.49
C MET B 15 -7.82 11.37 -9.43
N ASP B 16 -8.05 10.47 -8.48
CA ASP B 16 -7.12 10.24 -7.40
C ASP B 16 -6.06 9.22 -7.79
N ASN B 17 -4.81 9.54 -7.50
CA ASN B 17 -3.69 8.68 -7.87
C ASN B 17 -3.50 7.55 -6.87
N LYS B 18 -3.96 7.76 -5.65
CA LYS B 18 -3.71 6.80 -4.57
C LYS B 18 -4.45 5.50 -4.80
N LYS B 19 -5.73 5.60 -5.13
CA LYS B 19 -6.55 4.43 -5.43
C LYS B 19 -5.96 3.62 -6.58
N ARG B 20 -5.50 4.32 -7.60
CA ARG B 20 -4.97 3.67 -8.81
C ARG B 20 -3.61 3.06 -8.55
N LEU B 21 -2.76 3.79 -7.84
CA LEU B 21 -1.45 3.31 -7.45
C LEU B 21 -1.58 2.01 -6.65
N ALA B 22 -2.46 2.04 -5.66
CA ALA B 22 -2.63 0.93 -4.77
C ALA B 22 -3.46 -0.17 -5.44
N TYR B 23 -4.14 0.17 -6.54
CA TYR B 23 -4.80 -0.83 -7.36
C TYR B 23 -3.77 -1.83 -7.88
N ALA B 24 -2.64 -1.32 -8.34
CA ALA B 24 -1.57 -2.17 -8.84
C ALA B 24 -0.98 -2.99 -7.70
N ILE B 25 -1.06 -2.43 -6.49
CA ILE B 25 -0.69 -3.14 -5.29
C ILE B 25 -1.61 -4.34 -5.08
N ILE B 26 -2.87 -4.21 -5.47
CA ILE B 26 -3.85 -5.31 -5.41
C ILE B 26 -3.33 -6.51 -6.19
N GLN B 27 -2.98 -6.27 -7.45
CA GLN B 27 -2.56 -7.33 -8.36
C GLN B 27 -1.44 -8.17 -7.75
N PHE B 28 -0.43 -7.50 -7.21
CA PHE B 28 0.71 -8.20 -6.63
C PHE B 28 0.34 -8.84 -5.29
N LEU B 29 -0.28 -8.08 -4.40
CA LEU B 29 -0.61 -8.57 -3.07
C LEU B 29 -1.63 -9.69 -3.12
N HIS B 30 -2.50 -9.67 -4.12
CA HIS B 30 -3.51 -10.71 -4.28
C HIS B 30 -2.85 -12.05 -4.62
N ASP B 31 -1.91 -12.00 -5.55
CA ASP B 31 -1.15 -13.19 -5.95
C ASP B 31 -0.24 -13.63 -4.81
N GLN B 32 0.43 -12.65 -4.21
CA GLN B 32 1.30 -12.85 -3.06
C GLN B 32 0.56 -13.51 -1.91
N LEU B 33 -0.63 -12.99 -1.61
CA LEU B 33 -1.43 -13.48 -0.49
C LEU B 33 -1.84 -14.92 -0.74
N ARG B 34 -2.24 -15.22 -1.96
CA ARG B 34 -2.66 -16.57 -2.32
C ARG B 34 -1.50 -17.54 -2.23
N HIS B 35 -0.29 -17.04 -2.44
CA HIS B 35 0.90 -17.89 -2.42
C HIS B 35 1.43 -18.02 -0.98
N GLY B 36 0.90 -17.20 -0.08
CA GLY B 36 1.38 -17.20 1.28
C GLY B 36 2.72 -16.53 1.42
N GLY B 37 2.89 -15.41 0.72
CA GLY B 37 4.16 -14.70 0.75
C GLY B 37 4.56 -14.24 2.13
N LEU B 38 3.61 -13.69 2.87
CA LEU B 38 3.90 -13.17 4.20
C LEU B 38 3.63 -14.21 5.28
N SER B 39 3.75 -13.78 6.53
CA SER B 39 3.53 -14.64 7.67
C SER B 39 2.05 -15.02 7.81
N SER B 40 1.75 -16.00 8.64
CA SER B 40 0.40 -16.55 8.75
C SER B 40 -0.63 -15.51 9.14
N ASP B 41 -0.41 -14.83 10.27
CA ASP B 41 -1.36 -13.85 10.79
C ASP B 41 -1.49 -12.68 9.83
N ALA B 42 -0.35 -12.21 9.32
CA ALA B 42 -0.32 -11.13 8.36
C ALA B 42 -1.12 -11.48 7.11
N GLN B 43 -1.00 -12.74 6.68
CA GLN B 43 -1.66 -13.21 5.47
C GLN B 43 -3.17 -12.98 5.54
N GLU B 44 -3.80 -13.51 6.58
CA GLU B 44 -5.24 -13.38 6.75
C GLU B 44 -5.62 -11.90 6.91
N SER B 45 -4.72 -11.15 7.52
CA SER B 45 -4.95 -9.75 7.78
C SER B 45 -4.87 -8.92 6.49
N LEU B 46 -3.90 -9.22 5.62
CA LEU B 46 -3.75 -8.46 4.37
C LEU B 46 -5.02 -8.55 3.56
N GLU B 47 -5.71 -9.68 3.63
CA GLU B 47 -6.99 -9.84 2.97
C GLU B 47 -7.97 -8.79 3.48
N VAL B 48 -8.11 -8.72 4.80
CA VAL B 48 -8.96 -7.72 5.45
C VAL B 48 -8.54 -6.32 5.02
N ALA B 49 -7.23 -6.10 4.98
CA ALA B 49 -6.68 -4.84 4.52
C ALA B 49 -7.13 -4.55 3.10
N ILE B 50 -7.11 -5.58 2.24
CA ILE B 50 -7.53 -5.44 0.85
C ILE B 50 -9.00 -5.01 0.74
N GLN B 51 -9.84 -5.47 1.67
CA GLN B 51 -11.23 -5.00 1.70
C GLN B 51 -11.27 -3.50 2.00
N CYS B 52 -10.49 -3.11 2.98
CA CYS B 52 -10.37 -1.71 3.36
C CYS B 52 -9.83 -0.90 2.18
N LEU B 53 -8.84 -1.47 1.51
CA LEU B 53 -8.26 -0.87 0.34
C LEU B 53 -9.30 -0.81 -0.78
N GLU B 54 -10.10 -1.86 -0.88
CA GLU B 54 -11.10 -2.00 -1.94
C GLU B 54 -11.97 -0.75 -2.06
N THR B 55 -12.13 -0.05 -0.96
CA THR B 55 -12.79 1.23 -1.02
C THR B 55 -11.82 2.36 -1.45
N ALA B 56 -10.72 2.52 -0.73
CA ALA B 56 -9.79 3.66 -0.90
C ALA B 56 -8.57 3.45 -1.83
N PHE B 57 -7.89 2.32 -1.66
CA PHE B 57 -6.42 2.23 -1.72
C PHE B 57 -5.88 0.92 -2.23
N GLY B 58 -6.35 0.40 -3.33
CA GLY B 58 -6.43 -1.00 -3.55
C GLY B 58 -7.86 -1.36 -3.50
N VAL B 59 -8.44 -0.64 -4.43
CA VAL B 59 -9.84 -0.41 -4.65
C VAL B 59 -10.49 -1.49 -5.52
N THR B 60 -11.73 -1.25 -5.93
CA THR B 60 -12.48 -2.21 -6.72
C THR B 60 -11.90 -2.36 -8.12
N VAL B 61 -12.51 -3.24 -8.90
CA VAL B 61 -12.08 -3.51 -10.26
C VAL B 61 -12.48 -2.36 -11.20
N GLU B 62 -13.24 -1.42 -10.67
CA GLU B 62 -13.58 -0.20 -11.42
C GLU B 62 -12.30 0.56 -11.73
N ASP B 63 -11.38 0.55 -10.77
CA ASP B 63 -10.09 1.19 -10.92
C ASP B 63 -9.29 0.47 -12.01
N SER B 64 -9.57 -0.81 -12.18
CA SER B 64 -8.90 -1.61 -13.20
C SER B 64 -9.27 -1.08 -14.58
N ASP B 65 -10.45 -0.48 -14.70
CA ASP B 65 -10.86 0.15 -15.94
C ASP B 65 -9.98 1.37 -16.23
N LEU B 66 -9.69 2.14 -15.20
CA LEU B 66 -8.81 3.31 -15.34
C LEU B 66 -7.40 2.99 -14.82
N ALA B 67 -7.00 1.72 -14.93
CA ALA B 67 -5.74 1.23 -14.38
C ALA B 67 -4.52 2.04 -14.85
N LEU B 68 -3.44 1.93 -14.08
CA LEU B 68 -2.18 2.58 -14.42
C LEU B 68 -1.40 1.76 -15.43
N PRO B 69 -0.61 2.45 -16.28
CA PRO B 69 0.16 1.84 -17.38
C PRO B 69 1.20 0.82 -16.92
N GLN B 70 1.63 0.93 -15.67
CA GLN B 70 2.71 0.09 -15.17
C GLN B 70 2.29 -0.56 -13.87
N THR B 71 2.92 -1.68 -13.52
CA THR B 71 2.69 -2.23 -12.21
C THR B 71 3.55 -1.44 -11.23
N LEU B 72 2.98 -1.18 -10.07
CA LEU B 72 3.63 -0.32 -9.09
C LEU B 72 4.64 -1.08 -8.23
N PRO B 73 4.30 -2.30 -7.73
CA PRO B 73 5.29 -3.13 -7.01
C PRO B 73 6.62 -3.25 -7.72
N GLU B 74 6.58 -3.30 -9.06
CA GLU B 74 7.80 -3.35 -9.85
C GLU B 74 8.57 -2.03 -9.74
N ILE B 75 7.82 -0.93 -9.78
CA ILE B 75 8.39 0.40 -9.59
C ILE B 75 9.01 0.52 -8.20
N PHE B 76 8.33 -0.05 -7.22
CA PHE B 76 8.78 0.00 -5.83
C PHE B 76 10.13 -0.68 -5.69
N GLU B 77 10.36 -1.72 -6.48
CA GLU B 77 11.61 -2.43 -6.44
C GLU B 77 12.74 -1.61 -7.05
N ALA B 78 12.40 -0.79 -8.03
CA ALA B 78 13.39 -0.01 -8.74
C ALA B 78 13.66 1.34 -8.08
N ALA B 79 12.64 2.19 -8.05
CA ALA B 79 12.81 3.57 -7.61
C ALA B 79 13.19 3.66 -6.14
N ALA B 80 12.59 2.81 -5.33
CA ALA B 80 12.76 2.87 -3.89
C ALA B 80 14.16 2.39 -3.46
N THR B 81 14.88 1.74 -4.36
CA THR B 81 16.21 1.26 -4.04
C THR B 81 17.28 2.10 -4.74
N GLY B 82 16.84 3.04 -5.57
CA GLY B 82 17.76 3.86 -6.31
C GLY B 82 17.06 4.97 -7.05
N LYS B 83 17.41 6.20 -6.74
CA LYS B 83 16.82 7.36 -7.38
C LYS B 83 17.55 7.69 -8.68
N MET A 15 17.45 -7.17 0.52
CA MET A 15 16.90 -6.14 1.43
C MET A 15 15.43 -6.44 1.72
N ASP A 16 14.85 -5.70 2.63
CA ASP A 16 13.44 -5.82 2.93
C ASP A 16 12.73 -4.56 2.48
N ASN A 17 12.50 -4.44 1.18
CA ASN A 17 11.89 -3.24 0.62
C ASN A 17 10.37 -3.35 0.68
N LYS A 18 9.87 -4.57 0.84
CA LYS A 18 8.43 -4.78 0.88
C LYS A 18 7.86 -4.25 2.20
N LYS A 19 8.59 -4.45 3.29
CA LYS A 19 8.20 -3.87 4.57
C LYS A 19 8.35 -2.35 4.53
N ARG A 20 9.17 -1.86 3.60
CA ARG A 20 9.33 -0.42 3.42
C ARG A 20 8.25 0.13 2.52
N LEU A 21 7.55 -0.76 1.84
CA LEU A 21 6.37 -0.36 1.11
C LEU A 21 5.23 -0.11 2.10
N ALA A 22 5.19 -0.89 3.17
CA ALA A 22 4.25 -0.64 4.25
C ALA A 22 4.55 0.72 4.87
N TYR A 23 5.83 1.07 4.88
CA TYR A 23 6.27 2.39 5.30
C TYR A 23 5.47 3.45 4.56
N ALA A 24 5.41 3.29 3.23
CA ALA A 24 4.66 4.19 2.37
C ALA A 24 3.21 4.26 2.79
N ILE A 25 2.63 3.10 3.02
CA ILE A 25 1.19 2.98 3.27
C ILE A 25 0.85 3.63 4.59
N ILE A 26 1.51 3.17 5.65
CA ILE A 26 1.21 3.65 6.98
C ILE A 26 1.54 5.13 7.10
N GLN A 27 2.63 5.57 6.48
CA GLN A 27 3.01 6.98 6.48
C GLN A 27 1.95 7.83 5.78
N PHE A 28 1.53 7.40 4.59
CA PHE A 28 0.53 8.13 3.82
C PHE A 28 -0.80 8.13 4.57
N LEU A 29 -1.27 6.94 4.87
CA LEU A 29 -2.56 6.74 5.51
C LEU A 29 -2.63 7.42 6.87
N HIS A 30 -1.51 7.49 7.58
CA HIS A 30 -1.43 8.15 8.88
C HIS A 30 -1.89 9.60 8.77
N ASP A 31 -1.23 10.36 7.92
CA ASP A 31 -1.54 11.78 7.78
C ASP A 31 -2.83 11.99 7.00
N GLN A 32 -3.05 11.15 6.00
CA GLN A 32 -4.28 11.21 5.21
C GLN A 32 -5.49 10.96 6.10
N LEU A 33 -5.30 10.11 7.10
CA LEU A 33 -6.34 9.81 8.08
C LEU A 33 -6.66 11.07 8.87
N ARG A 34 -5.62 11.70 9.40
CA ARG A 34 -5.77 12.89 10.22
C ARG A 34 -6.34 14.05 9.40
N HIS A 35 -6.03 14.07 8.11
CA HIS A 35 -6.51 15.14 7.23
C HIS A 35 -7.93 14.87 6.76
N GLY A 36 -8.40 13.64 6.99
CA GLY A 36 -9.73 13.25 6.56
C GLY A 36 -9.82 13.11 5.06
N GLY A 37 -8.75 12.60 4.44
CA GLY A 37 -8.70 12.47 2.99
C GLY A 37 -9.79 11.56 2.45
N LEU A 38 -10.15 10.55 3.23
CA LEU A 38 -11.21 9.63 2.84
C LEU A 38 -12.41 9.82 3.76
N SER A 39 -13.59 9.51 3.25
CA SER A 39 -14.82 9.67 4.02
C SER A 39 -14.90 8.60 5.11
N SER A 40 -15.88 8.74 6.01
CA SER A 40 -15.96 7.94 7.24
C SER A 40 -15.63 6.46 7.05
N ASP A 41 -16.36 5.79 6.16
CA ASP A 41 -16.19 4.34 5.96
C ASP A 41 -14.82 4.02 5.41
N ALA A 42 -14.36 4.82 4.45
CA ALA A 42 -13.07 4.61 3.83
C ALA A 42 -11.94 4.98 4.78
N GLN A 43 -12.18 5.99 5.59
CA GLN A 43 -11.19 6.48 6.56
C GLN A 43 -10.89 5.41 7.60
N GLU A 44 -11.93 4.87 8.23
CA GLU A 44 -11.75 3.84 9.25
C GLU A 44 -11.10 2.60 8.64
N SER A 45 -11.33 2.39 7.35
CA SER A 45 -10.74 1.27 6.64
C SER A 45 -9.23 1.42 6.52
N LEU A 46 -8.74 2.65 6.45
CA LEU A 46 -7.31 2.89 6.40
C LEU A 46 -6.68 2.41 7.69
N GLU A 47 -7.30 2.79 8.80
CA GLU A 47 -6.81 2.44 10.13
C GLU A 47 -6.71 0.93 10.29
N VAL A 48 -7.74 0.21 9.86
CA VAL A 48 -7.75 -1.24 9.93
C VAL A 48 -6.65 -1.81 9.03
N ALA A 49 -6.50 -1.25 7.84
CA ALA A 49 -5.47 -1.67 6.90
C ALA A 49 -4.09 -1.47 7.51
N ILE A 50 -3.91 -0.33 8.18
CA ILE A 50 -2.66 -0.03 8.89
C ILE A 50 -2.33 -1.14 9.87
N GLN A 51 -3.32 -1.52 10.68
CA GLN A 51 -3.13 -2.57 11.68
C GLN A 51 -2.79 -3.90 11.02
N CYS A 52 -3.44 -4.18 9.91
CA CYS A 52 -3.22 -5.43 9.18
C CYS A 52 -1.83 -5.46 8.56
N LEU A 53 -1.45 -4.38 7.89
CA LEU A 53 -0.16 -4.31 7.20
C LEU A 53 0.99 -4.28 8.20
N GLU A 54 0.73 -3.74 9.38
CA GLU A 54 1.70 -3.77 10.47
C GLU A 54 2.08 -5.22 10.79
N THR A 55 1.05 -6.05 10.96
CA THR A 55 1.24 -7.47 11.20
C THR A 55 1.79 -8.17 9.95
N ALA A 56 1.35 -7.69 8.79
CA ALA A 56 1.72 -8.27 7.51
C ALA A 56 3.23 -8.27 7.30
N PHE A 57 3.81 -7.08 7.17
CA PHE A 57 5.20 -6.97 6.82
C PHE A 57 6.10 -7.08 8.04
N GLY A 58 5.48 -7.08 9.22
CA GLY A 58 6.22 -7.23 10.45
C GLY A 58 6.96 -5.97 10.83
N VAL A 59 6.29 -4.84 10.74
CA VAL A 59 6.90 -3.57 11.08
C VAL A 59 6.08 -2.81 12.10
N THR A 60 6.66 -1.73 12.55
CA THR A 60 5.93 -0.67 13.17
C THR A 60 5.52 0.30 12.06
N VAL A 61 5.00 1.46 12.40
CA VAL A 61 4.54 2.41 11.38
C VAL A 61 5.62 2.70 10.33
N GLU A 62 6.75 3.23 10.76
CA GLU A 62 7.82 3.56 9.85
C GLU A 62 9.12 3.42 10.60
N ASP A 63 8.90 2.90 11.78
CA ASP A 63 9.50 3.41 12.97
C ASP A 63 10.86 4.03 12.76
N SER A 64 11.91 3.24 12.82
CA SER A 64 13.21 3.75 12.46
C SER A 64 13.82 2.90 11.36
N ASP A 65 13.61 1.59 11.48
CA ASP A 65 14.30 0.63 10.65
C ASP A 65 14.11 0.91 9.18
N LEU A 66 12.99 1.55 8.84
CA LEU A 66 12.67 1.73 7.47
C LEU A 66 12.44 3.19 7.15
N ALA A 67 12.87 4.05 8.07
CA ALA A 67 12.74 5.48 7.89
C ALA A 67 13.59 5.95 6.71
N LEU A 68 12.92 6.53 5.73
CA LEU A 68 13.56 6.89 4.48
C LEU A 68 13.58 8.40 4.31
N PRO A 69 14.56 8.94 3.54
CA PRO A 69 14.74 10.38 3.34
C PRO A 69 13.45 11.14 3.12
N GLN A 70 12.62 10.67 2.20
CA GLN A 70 11.35 11.31 1.93
C GLN A 70 10.22 10.30 2.11
N THR A 71 8.99 10.74 1.93
CA THR A 71 7.86 9.85 2.02
C THR A 71 7.63 9.16 0.68
N LEU A 72 7.28 7.89 0.76
CA LEU A 72 7.01 7.08 -0.41
C LEU A 72 5.71 7.46 -1.11
N PRO A 73 4.63 7.85 -0.38
CA PRO A 73 3.42 8.39 -1.01
C PRO A 73 3.74 9.47 -2.04
N GLU A 74 4.67 10.36 -1.69
CA GLU A 74 5.09 11.42 -2.60
C GLU A 74 5.80 10.84 -3.82
N ILE A 75 6.67 9.87 -3.58
CA ILE A 75 7.36 9.17 -4.65
C ILE A 75 6.35 8.49 -5.57
N PHE A 76 5.28 7.99 -4.98
CA PHE A 76 4.25 7.30 -5.74
C PHE A 76 3.39 8.29 -6.52
N GLU A 77 3.36 9.55 -6.08
CA GLU A 77 2.68 10.58 -6.84
C GLU A 77 3.48 10.90 -8.10
N ALA A 78 4.74 10.52 -8.10
CA ALA A 78 5.55 10.60 -9.31
C ALA A 78 5.45 9.30 -10.11
N ALA A 79 5.56 8.17 -9.42
CA ALA A 79 5.64 6.86 -10.07
C ALA A 79 4.27 6.28 -10.44
N ALA A 80 3.39 6.16 -9.45
CA ALA A 80 2.09 5.49 -9.64
C ALA A 80 1.17 6.30 -10.54
N THR A 81 1.53 7.54 -10.77
CA THR A 81 0.79 8.41 -11.66
C THR A 81 1.17 8.13 -13.11
N GLY A 82 2.29 7.44 -13.30
CA GLY A 82 2.77 7.15 -14.62
C GLY A 82 4.29 7.06 -14.65
N LYS A 83 4.80 5.88 -14.97
CA LYS A 83 6.23 5.66 -15.02
C LYS A 83 6.74 5.86 -16.43
N MET B 15 -6.04 13.77 -11.40
CA MET B 15 -6.23 12.31 -11.61
C MET B 15 -6.47 11.63 -10.27
N ASP B 16 -6.80 10.35 -10.32
CA ASP B 16 -6.96 9.58 -9.11
C ASP B 16 -5.84 8.55 -9.05
N ASN B 17 -4.66 8.99 -8.66
CA ASN B 17 -3.49 8.11 -8.61
C ASN B 17 -3.44 7.36 -7.29
N LYS B 18 -4.15 7.87 -6.30
CA LYS B 18 -4.15 7.27 -4.98
C LYS B 18 -4.92 5.95 -5.00
N LYS B 19 -6.03 5.93 -5.73
CA LYS B 19 -6.77 4.69 -5.93
C LYS B 19 -5.97 3.72 -6.81
N ARG B 20 -5.02 4.25 -7.56
CA ARG B 20 -4.14 3.44 -8.37
C ARG B 20 -2.98 2.93 -7.54
N LEU B 21 -2.78 3.52 -6.38
CA LEU B 21 -1.83 2.99 -5.43
C LEU B 21 -2.41 1.74 -4.79
N ALA B 22 -3.72 1.75 -4.58
CA ALA B 22 -4.41 0.55 -4.11
C ALA B 22 -4.26 -0.55 -5.14
N TYR B 23 -4.24 -0.15 -6.41
CA TYR B 23 -3.95 -1.05 -7.51
C TYR B 23 -2.68 -1.83 -7.21
N ALA B 24 -1.64 -1.10 -6.82
CA ALA B 24 -0.36 -1.70 -6.46
C ALA B 24 -0.52 -2.70 -5.35
N ILE B 25 -1.25 -2.30 -4.33
CA ILE B 25 -1.37 -3.07 -3.10
C ILE B 25 -2.13 -4.37 -3.37
N ILE B 26 -3.32 -4.23 -3.91
CA ILE B 26 -4.17 -5.38 -4.15
C ILE B 26 -3.55 -6.31 -5.19
N GLN B 27 -2.91 -5.72 -6.21
CA GLN B 27 -2.22 -6.52 -7.23
C GLN B 27 -1.08 -7.33 -6.61
N PHE B 28 -0.24 -6.66 -5.82
CA PHE B 28 0.89 -7.30 -5.17
C PHE B 28 0.40 -8.35 -4.18
N LEU B 29 -0.43 -7.91 -3.26
CA LEU B 29 -0.92 -8.76 -2.18
C LEU B 29 -1.72 -9.95 -2.74
N HIS B 30 -2.41 -9.75 -3.85
CA HIS B 30 -3.17 -10.82 -4.49
C HIS B 30 -2.28 -12.03 -4.79
N ASP B 31 -1.24 -11.80 -5.57
CA ASP B 31 -0.35 -12.88 -5.97
C ASP B 31 0.56 -13.31 -4.83
N GLN B 32 1.00 -12.34 -4.03
CA GLN B 32 1.84 -12.63 -2.87
C GLN B 32 1.08 -13.52 -1.89
N LEU B 33 -0.23 -13.31 -1.82
CA LEU B 33 -1.10 -14.13 -0.98
C LEU B 33 -1.10 -15.57 -1.48
N ARG B 34 -1.33 -15.72 -2.78
CA ARG B 34 -1.39 -17.04 -3.40
C ARG B 34 -0.03 -17.75 -3.32
N HIS B 35 1.04 -16.97 -3.35
CA HIS B 35 2.39 -17.54 -3.30
C HIS B 35 2.80 -17.84 -1.86
N GLY B 36 2.02 -17.34 -0.91
CA GLY B 36 2.32 -17.54 0.50
C GLY B 36 3.55 -16.75 0.93
N GLY B 37 3.69 -15.54 0.40
CA GLY B 37 4.84 -14.71 0.70
C GLY B 37 4.94 -14.36 2.16
N LEU B 38 3.80 -14.22 2.81
CA LEU B 38 3.76 -13.94 4.24
C LEU B 38 3.21 -15.14 4.99
N SER B 39 3.62 -15.28 6.25
CA SER B 39 3.18 -16.40 7.07
C SER B 39 1.70 -16.24 7.45
N SER B 40 1.12 -17.28 8.04
CA SER B 40 -0.32 -17.37 8.26
C SER B 40 -0.97 -16.07 8.75
N ASP B 41 -0.49 -15.54 9.87
CA ASP B 41 -1.08 -14.35 10.48
C ASP B 41 -0.92 -13.13 9.57
N ALA B 42 0.25 -13.00 8.99
CA ALA B 42 0.54 -11.87 8.10
C ALA B 42 -0.21 -12.00 6.78
N GLN B 43 -0.34 -13.24 6.32
CA GLN B 43 -1.02 -13.55 5.07
C GLN B 43 -2.49 -13.16 5.13
N GLU B 44 -3.18 -13.63 6.17
CA GLU B 44 -4.60 -13.32 6.32
C GLU B 44 -4.81 -11.81 6.49
N SER B 45 -3.79 -11.15 7.03
CA SER B 45 -3.83 -9.72 7.23
C SER B 45 -3.82 -8.98 5.90
N LEU B 46 -3.16 -9.56 4.89
CA LEU B 46 -3.16 -8.96 3.55
C LEU B 46 -4.57 -8.93 3.01
N GLU B 47 -5.25 -10.07 3.14
CA GLU B 47 -6.61 -10.22 2.64
C GLU B 47 -7.54 -9.19 3.26
N VAL B 48 -7.43 -9.01 4.59
CA VAL B 48 -8.24 -8.03 5.28
C VAL B 48 -7.90 -6.61 4.81
N ALA B 49 -6.61 -6.35 4.65
CA ALA B 49 -6.15 -5.06 4.15
C ALA B 49 -6.71 -4.79 2.75
N ILE B 50 -6.71 -5.83 1.91
CA ILE B 50 -7.28 -5.73 0.57
C ILE B 50 -8.73 -5.27 0.64
N GLN B 51 -9.51 -5.91 1.52
CA GLN B 51 -10.92 -5.58 1.69
C GLN B 51 -11.08 -4.14 2.18
N CYS B 52 -10.22 -3.73 3.09
CA CYS B 52 -10.27 -2.39 3.65
C CYS B 52 -9.90 -1.35 2.61
N LEU B 53 -8.82 -1.58 1.87
CA LEU B 53 -8.34 -0.62 0.89
C LEU B 53 -9.29 -0.54 -0.30
N GLU B 54 -9.99 -1.63 -0.58
CA GLU B 54 -11.03 -1.64 -1.60
C GLU B 54 -12.09 -0.59 -1.26
N THR B 55 -12.56 -0.63 -0.02
CA THR B 55 -13.52 0.36 0.48
C THR B 55 -12.87 1.73 0.60
N ALA B 56 -11.59 1.74 0.95
CA ALA B 56 -10.85 2.97 1.17
C ALA B 56 -10.84 3.86 -0.07
N PHE B 57 -10.17 3.39 -1.12
CA PHE B 57 -9.97 4.19 -2.30
C PHE B 57 -11.16 4.15 -3.24
N GLY B 58 -12.09 3.25 -2.94
CA GLY B 58 -13.31 3.13 -3.73
C GLY B 58 -13.06 2.45 -5.06
N VAL B 59 -12.31 1.35 -5.02
CA VAL B 59 -12.00 0.61 -6.23
C VAL B 59 -12.39 -0.85 -6.10
N THR B 60 -12.27 -1.53 -7.22
CA THR B 60 -12.17 -2.96 -7.24
C THR B 60 -10.69 -3.30 -7.16
N VAL B 61 -10.32 -4.56 -7.34
CA VAL B 61 -8.91 -4.93 -7.21
C VAL B 61 -7.98 -4.08 -8.08
N GLU B 62 -8.19 -4.09 -9.38
CA GLU B 62 -7.38 -3.30 -10.29
C GLU B 62 -8.24 -2.84 -11.44
N ASP B 63 -9.50 -3.14 -11.24
CA ASP B 63 -10.22 -3.90 -12.21
C ASP B 63 -9.94 -3.52 -13.66
N SER B 64 -10.58 -2.52 -14.20
CA SER B 64 -10.13 -1.93 -15.45
C SER B 64 -9.57 -0.54 -15.27
N ASP B 65 -10.35 0.24 -14.53
CA ASP B 65 -10.24 1.70 -14.49
C ASP B 65 -8.83 2.12 -14.18
N LEU B 66 -8.11 1.28 -13.48
CA LEU B 66 -6.81 1.66 -13.03
C LEU B 66 -5.76 0.67 -13.50
N ALA B 67 -6.15 -0.16 -14.47
CA ALA B 67 -5.24 -1.14 -15.03
C ALA B 67 -4.09 -0.46 -15.75
N LEU B 68 -2.89 -0.72 -15.28
CA LEU B 68 -1.71 -0.03 -15.76
C LEU B 68 -0.78 -1.00 -16.49
N PRO B 69 0.05 -0.48 -17.42
CA PRO B 69 0.94 -1.31 -18.26
C PRO B 69 1.67 -2.41 -17.49
N GLN B 70 2.28 -2.04 -16.38
CA GLN B 70 2.99 -3.02 -15.56
C GLN B 70 2.44 -2.98 -14.15
N THR B 71 2.95 -3.84 -13.29
CA THR B 71 2.51 -3.82 -11.91
C THR B 71 3.32 -2.79 -11.13
N LEU B 72 2.64 -2.15 -10.20
CA LEU B 72 3.25 -1.13 -9.35
C LEU B 72 4.18 -1.73 -8.30
N PRO B 73 3.88 -2.92 -7.72
CA PRO B 73 4.81 -3.61 -6.83
C PRO B 73 6.21 -3.69 -7.43
N GLU B 74 6.28 -4.01 -8.73
CA GLU B 74 7.55 -4.09 -9.44
C GLU B 74 8.21 -2.71 -9.52
N ILE B 75 7.41 -1.71 -9.83
CA ILE B 75 7.88 -0.33 -9.86
C ILE B 75 8.42 0.08 -8.49
N PHE B 76 7.78 -0.42 -7.44
CA PHE B 76 8.18 -0.09 -6.08
C PHE B 76 9.45 -0.84 -5.69
N GLU B 77 9.73 -1.94 -6.37
CA GLU B 77 10.99 -2.65 -6.16
C GLU B 77 12.13 -1.85 -6.74
N ALA B 78 11.81 -0.93 -7.64
CA ALA B 78 12.77 0.03 -8.13
C ALA B 78 12.80 1.29 -7.25
N ALA B 79 11.61 1.79 -6.91
CA ALA B 79 11.49 3.08 -6.22
C ALA B 79 11.64 2.95 -4.70
N ALA B 80 10.84 2.08 -4.08
CA ALA B 80 10.79 1.98 -2.63
C ALA B 80 12.06 1.38 -2.05
N THR B 81 12.87 0.81 -2.93
CA THR B 81 14.15 0.26 -2.55
C THR B 81 15.21 1.37 -2.46
N GLY B 82 14.88 2.51 -3.04
CA GLY B 82 15.79 3.64 -3.05
C GLY B 82 15.61 4.50 -4.28
N LYS B 83 15.23 5.74 -4.08
CA LYS B 83 14.99 6.66 -5.18
C LYS B 83 16.24 7.48 -5.45
N MET A 15 17.96 -6.88 0.83
CA MET A 15 17.15 -5.93 1.62
C MET A 15 15.69 -5.97 1.16
N ASP A 16 14.82 -6.45 2.03
CA ASP A 16 13.40 -6.52 1.73
C ASP A 16 12.75 -5.16 1.89
N ASN A 17 12.67 -4.41 0.80
CA ASN A 17 12.04 -3.10 0.82
C ASN A 17 10.52 -3.25 0.95
N LYS A 18 10.08 -4.51 0.88
CA LYS A 18 8.69 -4.88 1.10
C LYS A 18 8.16 -4.20 2.37
N LYS A 19 8.95 -4.28 3.43
CA LYS A 19 8.57 -3.77 4.74
C LYS A 19 8.37 -2.26 4.69
N ARG A 20 9.17 -1.60 3.88
CA ARG A 20 9.20 -0.16 3.83
C ARG A 20 8.13 0.39 2.91
N LEU A 21 7.57 -0.50 2.10
CA LEU A 21 6.36 -0.16 1.37
C LEU A 21 5.24 0.10 2.36
N ALA A 22 5.08 -0.82 3.30
CA ALA A 22 4.10 -0.65 4.37
C ALA A 22 4.42 0.58 5.19
N TYR A 23 5.72 0.83 5.37
CA TYR A 23 6.22 1.99 6.10
C TYR A 23 5.44 3.26 5.75
N ALA A 24 5.45 3.60 4.47
CA ALA A 24 4.87 4.85 4.02
C ALA A 24 3.36 4.79 3.99
N ILE A 25 2.82 3.59 3.82
CA ILE A 25 1.38 3.41 3.88
C ILE A 25 0.90 3.69 5.29
N ILE A 26 1.66 3.20 6.27
CA ILE A 26 1.39 3.47 7.67
C ILE A 26 1.57 4.96 7.97
N GLN A 27 2.72 5.51 7.55
CA GLN A 27 3.04 6.92 7.77
C GLN A 27 1.99 7.84 7.16
N PHE A 28 1.73 7.67 5.87
CA PHE A 28 0.87 8.58 5.13
C PHE A 28 -0.58 8.43 5.55
N LEU A 29 -1.07 7.20 5.60
CA LEU A 29 -2.47 6.95 5.95
C LEU A 29 -2.75 7.37 7.39
N HIS A 30 -1.72 7.37 8.23
CA HIS A 30 -1.83 7.86 9.60
C HIS A 30 -2.29 9.31 9.61
N ASP A 31 -1.55 10.16 8.90
CA ASP A 31 -1.86 11.58 8.86
C ASP A 31 -3.05 11.86 7.95
N GLN A 32 -3.13 11.12 6.85
CA GLN A 32 -4.27 11.20 5.93
C GLN A 32 -5.57 10.91 6.68
N LEU A 33 -5.46 10.02 7.65
CA LEU A 33 -6.57 9.66 8.52
C LEU A 33 -7.06 10.90 9.26
N ARG A 34 -6.14 11.57 9.94
CA ARG A 34 -6.47 12.71 10.77
C ARG A 34 -6.70 13.97 9.95
N HIS A 35 -6.33 13.92 8.66
CA HIS A 35 -6.60 15.03 7.76
C HIS A 35 -7.96 14.88 7.11
N GLY A 36 -8.54 13.68 7.22
CA GLY A 36 -9.82 13.40 6.61
C GLY A 36 -9.71 13.34 5.10
N GLY A 37 -8.63 12.74 4.61
CA GLY A 37 -8.38 12.69 3.18
C GLY A 37 -9.48 11.98 2.41
N LEU A 38 -9.92 10.84 2.93
CA LEU A 38 -10.98 10.07 2.28
C LEU A 38 -12.28 10.22 3.07
N SER A 39 -13.33 9.52 2.62
CA SER A 39 -14.64 9.60 3.25
C SER A 39 -14.64 8.88 4.61
N SER A 40 -15.81 8.84 5.25
CA SER A 40 -15.95 8.30 6.60
C SER A 40 -15.49 6.84 6.68
N ASP A 41 -16.18 5.96 5.95
CA ASP A 41 -15.89 4.53 5.99
C ASP A 41 -14.52 4.25 5.39
N ALA A 42 -14.18 4.99 4.34
CA ALA A 42 -12.88 4.87 3.71
C ALA A 42 -11.76 5.20 4.69
N GLN A 43 -12.00 6.21 5.51
CA GLN A 43 -11.07 6.62 6.55
C GLN A 43 -10.83 5.46 7.52
N GLU A 44 -11.91 4.92 8.06
CA GLU A 44 -11.81 3.81 8.99
C GLU A 44 -11.08 2.62 8.35
N SER A 45 -11.28 2.47 7.04
CA SER A 45 -10.64 1.39 6.29
C SER A 45 -9.13 1.56 6.25
N LEU A 46 -8.65 2.80 6.21
CA LEU A 46 -7.22 3.08 6.19
C LEU A 46 -6.56 2.52 7.44
N GLU A 47 -7.16 2.86 8.58
CA GLU A 47 -6.62 2.49 9.88
C GLU A 47 -6.51 0.98 10.03
N VAL A 48 -7.53 0.26 9.57
CA VAL A 48 -7.51 -1.20 9.63
C VAL A 48 -6.40 -1.73 8.72
N ALA A 49 -6.30 -1.16 7.52
CA ALA A 49 -5.27 -1.56 6.57
C ALA A 49 -3.88 -1.29 7.14
N ILE A 50 -3.73 -0.16 7.83
CA ILE A 50 -2.48 0.20 8.49
C ILE A 50 -2.02 -0.92 9.41
N GLN A 51 -2.90 -1.32 10.33
CA GLN A 51 -2.56 -2.36 11.31
C GLN A 51 -2.30 -3.69 10.63
N CYS A 52 -3.05 -3.98 9.58
CA CYS A 52 -2.89 -5.21 8.84
C CYS A 52 -1.53 -5.27 8.15
N LEU A 53 -1.18 -4.20 7.43
CA LEU A 53 0.09 -4.15 6.71
C LEU A 53 1.27 -4.03 7.66
N GLU A 54 1.06 -3.33 8.77
CA GLU A 54 2.07 -3.22 9.82
C GLU A 54 2.47 -4.60 10.30
N THR A 55 1.46 -5.41 10.60
CA THR A 55 1.67 -6.77 11.06
C THR A 55 2.14 -7.67 9.91
N ALA A 56 1.64 -7.37 8.71
CA ALA A 56 1.96 -8.15 7.52
C ALA A 56 3.46 -8.27 7.29
N PHE A 57 4.15 -7.14 7.23
CA PHE A 57 5.56 -7.12 6.97
C PHE A 57 6.39 -7.20 8.25
N GLY A 58 5.68 -7.29 9.37
CA GLY A 58 6.33 -7.42 10.66
C GLY A 58 7.14 -6.19 11.04
N VAL A 59 6.55 -5.03 10.85
CA VAL A 59 7.22 -3.77 11.16
C VAL A 59 6.37 -2.91 12.07
N THR A 60 6.91 -1.76 12.44
CA THR A 60 6.15 -0.77 13.15
C THR A 60 6.10 0.50 12.32
N VAL A 61 5.57 1.59 12.91
CA VAL A 61 5.31 2.86 12.22
C VAL A 61 6.32 3.18 11.14
N GLU A 62 7.50 3.47 11.61
CA GLU A 62 8.58 3.93 10.78
C GLU A 62 9.84 3.40 11.39
N ASP A 63 9.59 2.50 12.31
CA ASP A 63 10.21 2.53 13.62
C ASP A 63 11.30 3.59 13.65
N SER A 64 12.48 3.23 13.24
CA SER A 64 13.40 4.22 12.72
C SER A 64 14.13 3.70 11.49
N ASP A 65 14.42 2.42 11.48
CA ASP A 65 15.32 1.85 10.50
C ASP A 65 14.75 1.87 9.09
N LEU A 66 13.44 2.09 8.99
CA LEU A 66 12.82 2.10 7.69
C LEU A 66 12.36 3.50 7.33
N ALA A 67 12.81 4.48 8.12
CA ALA A 67 12.49 5.87 7.87
C ALA A 67 13.01 6.31 6.50
N LEU A 68 12.15 6.92 5.70
CA LEU A 68 12.55 7.40 4.38
C LEU A 68 12.31 8.90 4.27
N PRO A 69 13.22 9.63 3.60
CA PRO A 69 13.16 11.10 3.49
C PRO A 69 11.77 11.61 3.09
N GLN A 70 11.23 11.09 2.01
CA GLN A 70 9.92 11.53 1.52
C GLN A 70 8.92 10.40 1.64
N THR A 71 7.63 10.75 1.66
CA THR A 71 6.59 9.74 1.71
C THR A 71 6.45 9.07 0.35
N LEU A 72 6.25 7.76 0.38
CA LEU A 72 6.23 6.95 -0.82
C LEU A 72 4.96 7.16 -1.67
N PRO A 73 3.75 7.30 -1.08
CA PRO A 73 2.54 7.61 -1.86
C PRO A 73 2.74 8.75 -2.86
N GLU A 74 3.54 9.74 -2.48
CA GLU A 74 3.85 10.86 -3.35
C GLU A 74 4.69 10.37 -4.54
N ILE A 75 5.68 9.53 -4.24
CA ILE A 75 6.46 8.86 -5.28
C ILE A 75 5.55 8.02 -6.16
N PHE A 76 4.57 7.40 -5.53
CA PHE A 76 3.68 6.49 -6.23
C PHE A 76 2.81 7.24 -7.23
N GLU A 77 2.42 8.46 -6.90
CA GLU A 77 1.62 9.26 -7.82
C GLU A 77 2.51 9.83 -8.93
N ALA A 78 3.82 9.79 -8.72
CA ALA A 78 4.77 10.27 -9.72
C ALA A 78 5.19 9.13 -10.66
N ALA A 79 5.68 8.04 -10.09
CA ALA A 79 6.19 6.93 -10.88
C ALA A 79 5.10 5.94 -11.24
N ALA A 80 4.37 5.49 -10.23
CA ALA A 80 3.40 4.42 -10.38
C ALA A 80 2.20 4.86 -11.22
N THR A 81 2.11 6.15 -11.51
CA THR A 81 1.04 6.67 -12.34
C THR A 81 1.26 6.28 -13.81
N GLY A 82 2.48 5.85 -14.13
CA GLY A 82 2.81 5.45 -15.48
C GLY A 82 4.26 5.07 -15.62
N LYS A 83 4.52 3.78 -15.66
CA LYS A 83 5.89 3.28 -15.77
C LYS A 83 5.90 1.93 -16.48
N MET B 15 -6.15 13.72 -12.01
CA MET B 15 -6.26 12.24 -11.94
C MET B 15 -5.73 11.74 -10.61
N ASP B 16 -6.63 11.19 -9.79
CA ASP B 16 -6.24 10.67 -8.48
C ASP B 16 -5.62 9.29 -8.64
N ASN B 17 -4.29 9.26 -8.74
CA ASN B 17 -3.56 8.00 -8.85
C ASN B 17 -3.59 7.27 -7.51
N LYS B 18 -4.13 7.95 -6.51
CA LYS B 18 -4.37 7.38 -5.18
C LYS B 18 -5.03 6.01 -5.31
N LYS B 19 -6.06 5.96 -6.14
CA LYS B 19 -6.87 4.76 -6.32
C LYS B 19 -6.03 3.62 -6.88
N ARG B 20 -5.09 3.98 -7.73
CA ARG B 20 -4.31 2.99 -8.46
C ARG B 20 -3.14 2.51 -7.64
N LEU B 21 -2.83 3.23 -6.59
CA LEU B 21 -1.90 2.74 -5.58
C LEU B 21 -2.49 1.49 -4.95
N ALA B 22 -3.75 1.59 -4.53
CA ALA B 22 -4.47 0.44 -3.99
C ALA B 22 -4.58 -0.66 -5.03
N TYR B 23 -4.75 -0.25 -6.29
CA TYR B 23 -4.82 -1.17 -7.42
C TYR B 23 -3.79 -2.28 -7.32
N ALA B 24 -2.52 -1.89 -7.25
CA ALA B 24 -1.44 -2.86 -7.30
C ALA B 24 -1.28 -3.57 -5.97
N ILE B 25 -1.69 -2.94 -4.90
CA ILE B 25 -1.67 -3.58 -3.60
C ILE B 25 -2.69 -4.72 -3.60
N ILE B 26 -3.85 -4.46 -4.18
CA ILE B 26 -4.87 -5.48 -4.35
C ILE B 26 -4.37 -6.57 -5.30
N GLN B 27 -3.87 -6.16 -6.46
CA GLN B 27 -3.36 -7.08 -7.48
C GLN B 27 -2.25 -7.98 -6.93
N PHE B 28 -1.21 -7.36 -6.38
CA PHE B 28 -0.03 -8.09 -5.96
C PHE B 28 -0.30 -8.94 -4.73
N LEU B 29 -0.92 -8.35 -3.71
CA LEU B 29 -1.20 -9.07 -2.47
C LEU B 29 -2.17 -10.22 -2.71
N HIS B 30 -3.00 -10.10 -3.74
CA HIS B 30 -3.90 -11.17 -4.15
C HIS B 30 -3.12 -12.43 -4.49
N ASP B 31 -2.16 -12.29 -5.38
CA ASP B 31 -1.35 -13.42 -5.82
C ASP B 31 -0.32 -13.79 -4.78
N GLN B 32 0.25 -12.78 -4.13
CA GLN B 32 1.20 -12.98 -3.03
C GLN B 32 0.55 -13.82 -1.94
N LEU B 33 -0.75 -13.61 -1.76
CA LEU B 33 -1.55 -14.35 -0.82
C LEU B 33 -1.50 -15.84 -1.15
N ARG B 34 -1.82 -16.16 -2.39
CA ARG B 34 -1.91 -17.55 -2.83
C ARG B 34 -0.53 -18.14 -3.11
N HIS B 35 0.49 -17.29 -3.15
CA HIS B 35 1.86 -17.76 -3.30
C HIS B 35 2.49 -18.04 -1.94
N GLY B 36 1.84 -17.56 -0.89
CA GLY B 36 2.35 -17.72 0.45
C GLY B 36 3.60 -16.88 0.68
N GLY B 37 3.59 -15.67 0.15
CA GLY B 37 4.75 -14.80 0.24
C GLY B 37 5.16 -14.50 1.67
N LEU B 38 4.18 -14.17 2.51
CA LEU B 38 4.44 -13.87 3.91
C LEU B 38 4.00 -15.03 4.80
N SER B 39 4.13 -14.86 6.11
CA SER B 39 3.78 -15.91 7.06
C SER B 39 2.26 -16.08 7.16
N SER B 40 1.81 -16.95 8.06
CA SER B 40 0.41 -17.31 8.18
C SER B 40 -0.46 -16.10 8.51
N ASP B 41 -0.21 -15.47 9.66
CA ASP B 41 -1.01 -14.34 10.10
C ASP B 41 -0.80 -13.14 9.19
N ALA B 42 0.43 -12.97 8.75
CA ALA B 42 0.77 -11.90 7.82
C ALA B 42 -0.02 -12.04 6.52
N GLN B 43 -0.17 -13.28 6.07
CA GLN B 43 -0.95 -13.58 4.88
C GLN B 43 -2.39 -13.12 5.06
N GLU B 44 -3.01 -13.57 6.14
CA GLU B 44 -4.39 -13.18 6.43
C GLU B 44 -4.53 -11.67 6.53
N SER B 45 -3.48 -11.02 7.01
CA SER B 45 -3.46 -9.57 7.15
C SER B 45 -3.50 -8.88 5.79
N LEU B 46 -2.88 -9.49 4.77
CA LEU B 46 -2.88 -8.93 3.43
C LEU B 46 -4.29 -8.82 2.91
N GLU B 47 -5.03 -9.92 3.03
CA GLU B 47 -6.38 -10.02 2.50
C GLU B 47 -7.30 -8.97 3.14
N VAL B 48 -7.17 -8.77 4.44
CA VAL B 48 -7.96 -7.77 5.14
C VAL B 48 -7.59 -6.38 4.62
N ALA B 49 -6.29 -6.14 4.49
CA ALA B 49 -5.80 -4.85 3.98
C ALA B 49 -6.30 -4.60 2.57
N ILE B 50 -6.31 -5.65 1.76
CA ILE B 50 -6.83 -5.59 0.39
C ILE B 50 -8.24 -5.01 0.38
N GLN B 51 -9.12 -5.63 1.14
CA GLN B 51 -10.53 -5.22 1.18
C GLN B 51 -10.67 -3.80 1.75
N CYS B 52 -9.84 -3.48 2.73
CA CYS B 52 -9.86 -2.16 3.34
C CYS B 52 -9.45 -1.10 2.34
N LEU B 53 -8.33 -1.31 1.66
CA LEU B 53 -7.82 -0.34 0.69
C LEU B 53 -8.71 -0.27 -0.55
N GLU B 54 -9.26 -1.41 -0.93
CA GLU B 54 -10.20 -1.49 -2.04
C GLU B 54 -11.37 -0.54 -1.78
N THR B 55 -11.93 -0.64 -0.59
CA THR B 55 -13.05 0.21 -0.18
C THR B 55 -12.58 1.64 0.08
N ALA B 56 -11.35 1.76 0.59
CA ALA B 56 -10.77 3.06 0.93
C ALA B 56 -10.80 4.02 -0.24
N PHE B 57 -10.25 3.61 -1.37
CA PHE B 57 -10.16 4.47 -2.54
C PHE B 57 -11.38 4.32 -3.43
N GLY B 58 -12.32 3.47 -3.00
CA GLY B 58 -13.55 3.27 -3.73
C GLY B 58 -13.32 2.64 -5.10
N VAL B 59 -12.50 1.61 -5.14
CA VAL B 59 -12.19 0.93 -6.40
C VAL B 59 -12.43 -0.57 -6.27
N THR B 60 -12.22 -1.28 -7.36
CA THR B 60 -12.23 -2.73 -7.35
C THR B 60 -10.86 -3.23 -7.79
N VAL B 61 -10.75 -4.55 -8.01
CA VAL B 61 -9.47 -5.23 -8.21
C VAL B 61 -8.49 -4.44 -9.07
N GLU B 62 -8.89 -4.25 -10.29
CA GLU B 62 -8.08 -3.59 -11.27
C GLU B 62 -8.97 -2.85 -12.20
N ASP B 63 -10.18 -2.63 -11.76
CA ASP B 63 -11.29 -3.19 -12.47
C ASP B 63 -10.97 -3.34 -13.93
N SER B 64 -11.06 -2.35 -14.78
CA SER B 64 -10.18 -2.22 -15.92
C SER B 64 -9.32 -0.96 -15.89
N ASP B 65 -10.03 0.13 -15.58
CA ASP B 65 -9.59 1.49 -15.89
C ASP B 65 -8.33 1.87 -15.16
N LEU B 66 -7.99 1.10 -14.15
CA LEU B 66 -6.82 1.40 -13.38
C LEU B 66 -5.75 0.35 -13.61
N ALA B 67 -5.96 -0.48 -14.62
CA ALA B 67 -5.01 -1.51 -15.00
C ALA B 67 -3.67 -0.88 -15.40
N LEU B 68 -2.58 -1.36 -14.82
CA LEU B 68 -1.26 -0.84 -15.14
C LEU B 68 -0.36 -1.96 -15.66
N PRO B 69 0.49 -1.68 -16.67
CA PRO B 69 1.34 -2.69 -17.31
C PRO B 69 2.09 -3.57 -16.32
N GLN B 70 2.79 -2.96 -15.38
CA GLN B 70 3.58 -3.70 -14.41
C GLN B 70 3.02 -3.49 -13.01
N THR B 71 3.32 -4.40 -12.10
CA THR B 71 2.86 -4.25 -10.74
C THR B 71 3.68 -3.17 -10.04
N LEU B 72 3.01 -2.42 -9.20
CA LEU B 72 3.62 -1.26 -8.55
C LEU B 72 4.59 -1.64 -7.43
N PRO B 73 4.29 -2.66 -6.58
CA PRO B 73 5.24 -3.13 -5.56
C PRO B 73 6.66 -3.33 -6.10
N GLU B 74 6.75 -3.79 -7.35
CA GLU B 74 8.05 -3.98 -8.00
C GLU B 74 8.71 -2.63 -8.23
N ILE B 75 7.92 -1.67 -8.71
CA ILE B 75 8.37 -0.29 -8.86
C ILE B 75 8.79 0.26 -7.51
N PHE B 76 8.04 -0.11 -6.48
CA PHE B 76 8.27 0.41 -5.15
C PHE B 76 9.60 -0.08 -4.59
N GLU B 77 9.98 -1.30 -4.92
CA GLU B 77 11.26 -1.82 -4.47
C GLU B 77 12.40 -1.22 -5.29
N ALA B 78 12.06 -0.64 -6.42
CA ALA B 78 13.05 0.02 -7.28
C ALA B 78 13.23 1.49 -6.89
N ALA B 79 12.13 2.24 -6.87
CA ALA B 79 12.18 3.67 -6.60
C ALA B 79 12.10 3.98 -5.12
N ALA B 80 11.08 3.43 -4.48
CA ALA B 80 10.76 3.74 -3.09
C ALA B 80 11.84 3.24 -2.14
N THR B 81 12.74 2.40 -2.65
CA THR B 81 13.84 1.90 -1.84
C THR B 81 14.86 3.01 -1.54
N GLY B 82 14.78 4.10 -2.31
CA GLY B 82 15.69 5.20 -2.14
C GLY B 82 15.45 6.29 -3.15
N LYS B 83 14.80 7.36 -2.72
CA LYS B 83 14.49 8.46 -3.62
C LYS B 83 14.40 9.76 -2.84
N MET A 15 16.95 -7.58 0.96
CA MET A 15 16.29 -6.26 1.06
C MET A 15 14.85 -6.33 0.59
N ASP A 16 13.93 -6.49 1.54
CA ASP A 16 12.52 -6.59 1.23
C ASP A 16 11.92 -5.21 1.05
N ASN A 17 11.69 -4.80 -0.19
CA ASN A 17 11.11 -3.50 -0.47
C ASN A 17 9.62 -3.49 -0.14
N LYS A 18 9.09 -4.67 0.22
CA LYS A 18 7.68 -4.80 0.54
C LYS A 18 7.39 -4.23 1.93
N LYS A 19 8.16 -4.66 2.92
CA LYS A 19 7.97 -4.19 4.28
C LYS A 19 8.25 -2.69 4.38
N ARG A 20 9.28 -2.26 3.67
CA ARG A 20 9.64 -0.85 3.63
C ARG A 20 8.50 -0.05 3.00
N LEU A 21 7.92 -0.62 1.94
CA LEU A 21 6.81 0.04 1.26
C LEU A 21 5.63 0.20 2.21
N ALA A 22 5.41 -0.80 3.05
CA ALA A 22 4.33 -0.76 4.02
C ALA A 22 4.43 0.48 4.90
N TYR A 23 5.65 0.92 5.12
CA TYR A 23 5.88 2.14 5.88
C TYR A 23 5.27 3.33 5.14
N ALA A 24 5.41 3.36 3.83
CA ALA A 24 4.75 4.39 3.01
C ALA A 24 3.26 4.42 3.27
N ILE A 25 2.68 3.23 3.35
CA ILE A 25 1.25 3.10 3.52
C ILE A 25 0.84 3.68 4.87
N ILE A 26 1.54 3.24 5.90
CA ILE A 26 1.29 3.71 7.25
C ILE A 26 1.50 5.22 7.35
N GLN A 27 2.65 5.67 6.88
CA GLN A 27 3.04 7.07 6.97
C GLN A 27 1.94 8.02 6.46
N PHE A 28 1.57 7.87 5.20
CA PHE A 28 0.59 8.77 4.61
C PHE A 28 -0.82 8.43 5.02
N LEU A 29 -1.25 7.24 4.67
CA LEU A 29 -2.64 6.84 4.86
C LEU A 29 -3.10 6.95 6.32
N HIS A 30 -2.17 6.90 7.28
CA HIS A 30 -2.56 7.02 8.68
C HIS A 30 -2.58 8.49 9.12
N ASP A 31 -1.62 9.27 8.62
CA ASP A 31 -1.58 10.70 8.89
C ASP A 31 -2.77 11.40 8.23
N GLN A 32 -2.97 11.08 6.96
CA GLN A 32 -4.10 11.56 6.19
C GLN A 32 -5.42 11.10 6.84
N LEU A 33 -5.39 9.94 7.47
CA LEU A 33 -6.57 9.38 8.11
C LEU A 33 -7.09 10.33 9.19
N ARG A 34 -6.17 10.90 9.95
CA ARG A 34 -6.54 11.82 11.02
C ARG A 34 -6.95 13.17 10.45
N HIS A 35 -6.48 13.47 9.24
CA HIS A 35 -6.78 14.74 8.60
C HIS A 35 -8.12 14.69 7.86
N GLY A 36 -8.44 13.53 7.31
CA GLY A 36 -9.71 13.36 6.62
C GLY A 36 -9.56 13.39 5.11
N GLY A 37 -8.55 12.71 4.60
CA GLY A 37 -8.32 12.69 3.16
C GLY A 37 -9.38 11.91 2.41
N LEU A 38 -9.51 10.63 2.72
CA LEU A 38 -10.51 9.79 2.08
C LEU A 38 -11.88 9.96 2.75
N SER A 39 -12.90 9.31 2.20
CA SER A 39 -14.26 9.42 2.72
C SER A 39 -14.37 8.79 4.11
N SER A 40 -15.48 9.04 4.78
CA SER A 40 -15.69 8.59 6.16
C SER A 40 -15.48 7.08 6.30
N ASP A 41 -16.19 6.30 5.48
CA ASP A 41 -16.08 4.85 5.51
C ASP A 41 -14.69 4.40 5.10
N ALA A 42 -14.13 5.09 4.12
CA ALA A 42 -12.80 4.79 3.63
C ALA A 42 -11.76 4.98 4.72
N GLN A 43 -11.95 6.05 5.50
CA GLN A 43 -11.08 6.34 6.64
C GLN A 43 -10.97 5.14 7.57
N GLU A 44 -12.09 4.78 8.17
CA GLU A 44 -12.18 3.62 9.05
C GLU A 44 -11.56 2.38 8.41
N SER A 45 -11.77 2.22 7.12
CA SER A 45 -11.25 1.07 6.38
C SER A 45 -9.72 1.10 6.30
N LEU A 46 -9.14 2.28 6.09
CA LEU A 46 -7.69 2.39 6.01
C LEU A 46 -7.06 2.08 7.36
N GLU A 47 -7.75 2.49 8.43
CA GLU A 47 -7.30 2.18 9.79
C GLU A 47 -7.10 0.68 9.96
N VAL A 48 -8.16 -0.07 9.65
CA VAL A 48 -8.12 -1.53 9.73
C VAL A 48 -6.95 -2.07 8.93
N ALA A 49 -6.85 -1.61 7.69
CA ALA A 49 -5.82 -2.06 6.77
C ALA A 49 -4.43 -1.78 7.30
N ILE A 50 -4.21 -0.54 7.70
CA ILE A 50 -2.90 -0.10 8.18
C ILE A 50 -2.46 -0.87 9.42
N GLN A 51 -3.38 -1.09 10.34
CA GLN A 51 -3.06 -1.84 11.55
C GLN A 51 -2.67 -3.27 11.20
N CYS A 52 -3.38 -3.85 10.23
CA CYS A 52 -3.08 -5.18 9.77
C CYS A 52 -1.75 -5.22 9.03
N LEU A 53 -1.51 -4.22 8.19
CA LEU A 53 -0.27 -4.12 7.42
C LEU A 53 0.93 -3.98 8.34
N GLU A 54 0.82 -3.08 9.32
CA GLU A 54 1.89 -2.84 10.29
C GLU A 54 2.27 -4.15 10.97
N THR A 55 1.26 -4.90 11.39
CA THR A 55 1.47 -6.17 12.08
C THR A 55 1.93 -7.25 11.10
N ALA A 56 1.40 -7.22 9.88
CA ALA A 56 1.73 -8.19 8.85
C ALA A 56 3.21 -8.14 8.49
N PHE A 57 3.67 -6.96 8.10
CA PHE A 57 5.04 -6.76 7.71
C PHE A 57 5.95 -6.69 8.93
N GLY A 58 5.39 -6.24 10.05
CA GLY A 58 6.16 -6.06 11.25
C GLY A 58 7.07 -4.86 11.16
N VAL A 59 6.54 -3.77 10.61
CA VAL A 59 7.34 -2.58 10.36
C VAL A 59 6.90 -1.41 11.23
N THR A 60 7.83 -0.51 11.50
CA THR A 60 7.56 0.65 12.32
C THR A 60 8.30 1.88 11.79
N VAL A 61 8.34 2.96 12.56
CA VAL A 61 9.03 4.20 12.18
C VAL A 61 10.55 3.97 11.94
N GLU A 62 11.03 2.80 12.34
CA GLU A 62 12.41 2.43 12.09
C GLU A 62 12.74 2.50 10.60
N ASP A 63 11.72 2.40 9.77
CA ASP A 63 11.91 2.49 8.33
C ASP A 63 12.29 3.92 7.92
N SER A 64 11.88 4.91 8.72
CA SER A 64 12.30 6.28 8.50
C SER A 64 13.79 6.41 8.73
N ASP A 65 14.32 5.61 9.65
CA ASP A 65 15.76 5.57 9.86
C ASP A 65 16.49 5.10 8.60
N LEU A 66 15.85 4.23 7.84
CA LEU A 66 16.40 3.76 6.57
C LEU A 66 15.61 4.31 5.38
N ALA A 67 15.03 5.52 5.57
CA ALA A 67 13.97 6.05 4.69
C ALA A 67 14.08 5.59 3.23
N LEU A 68 13.11 4.76 2.90
CA LEU A 68 13.03 3.99 1.70
C LEU A 68 11.67 4.26 1.06
N PRO A 69 11.00 3.28 0.42
CA PRO A 69 9.54 3.12 0.36
C PRO A 69 8.75 3.58 1.60
N GLN A 70 9.34 4.49 2.35
CA GLN A 70 8.66 5.37 3.28
C GLN A 70 7.60 6.15 2.51
N THR A 71 7.00 7.18 3.11
CA THR A 71 5.86 7.82 2.49
C THR A 71 6.09 8.07 1.01
N LEU A 72 5.30 7.39 0.21
CA LEU A 72 5.45 7.51 -1.20
C LEU A 72 4.63 8.60 -1.85
N PRO A 73 3.43 9.01 -1.36
CA PRO A 73 2.55 9.96 -2.08
C PRO A 73 3.27 11.02 -2.97
N GLU A 74 4.42 11.53 -2.55
CA GLU A 74 5.24 12.38 -3.42
C GLU A 74 6.06 11.51 -4.40
N ILE A 75 6.85 10.57 -3.85
CA ILE A 75 7.53 9.52 -4.64
C ILE A 75 6.57 8.91 -5.67
N PHE A 76 5.42 8.50 -5.18
CA PHE A 76 4.39 7.85 -5.96
C PHE A 76 3.87 8.78 -7.03
N GLU A 77 3.62 10.02 -6.66
CA GLU A 77 3.15 11.03 -7.61
C GLU A 77 4.11 11.10 -8.78
N ALA A 78 5.36 10.74 -8.51
CA ALA A 78 6.39 10.72 -9.52
C ALA A 78 6.42 9.38 -10.27
N ALA A 79 6.63 8.29 -9.54
CA ALA A 79 6.70 6.95 -10.13
C ALA A 79 5.44 6.62 -10.91
N ALA A 80 4.32 7.11 -10.41
CA ALA A 80 3.03 6.81 -10.98
C ALA A 80 2.83 7.46 -12.34
N THR A 81 3.30 8.69 -12.48
CA THR A 81 3.11 9.45 -13.70
C THR A 81 4.16 9.08 -14.75
N GLY A 82 5.36 8.74 -14.29
CA GLY A 82 6.42 8.36 -15.21
C GLY A 82 6.31 6.91 -15.66
N LYS A 83 5.16 6.55 -16.19
CA LYS A 83 4.92 5.20 -16.69
C LYS A 83 4.16 5.26 -18.00
N MET B 15 -6.53 13.62 -10.77
CA MET B 15 -5.87 12.31 -10.89
C MET B 15 -5.36 11.85 -9.54
N ASP B 16 -6.14 11.03 -8.87
CA ASP B 16 -5.77 10.51 -7.57
C ASP B 16 -4.84 9.31 -7.71
N ASN B 17 -3.56 9.52 -7.47
CA ASN B 17 -2.59 8.44 -7.58
C ASN B 17 -2.71 7.51 -6.38
N LYS B 18 -3.54 7.88 -5.42
CA LYS B 18 -3.74 7.08 -4.22
C LYS B 18 -4.59 5.85 -4.52
N LYS B 19 -5.75 6.07 -5.14
CA LYS B 19 -6.65 4.97 -5.48
C LYS B 19 -5.99 4.02 -6.48
N ARG B 20 -5.28 4.59 -7.43
CA ARG B 20 -4.55 3.82 -8.42
C ARG B 20 -3.49 2.98 -7.73
N LEU B 21 -2.81 3.58 -6.75
CA LEU B 21 -1.77 2.88 -6.02
C LEU B 21 -2.37 1.69 -5.27
N ALA B 22 -3.58 1.87 -4.76
CA ALA B 22 -4.26 0.80 -4.04
C ALA B 22 -4.38 -0.44 -4.91
N TYR B 23 -4.48 -0.22 -6.21
CA TYR B 23 -4.53 -1.33 -7.14
C TYR B 23 -3.22 -2.12 -7.09
N ALA B 24 -2.10 -1.42 -6.96
CA ALA B 24 -0.80 -2.08 -6.76
C ALA B 24 -0.84 -3.02 -5.56
N ILE B 25 -1.46 -2.52 -4.50
CA ILE B 25 -1.53 -3.25 -3.24
C ILE B 25 -2.32 -4.53 -3.44
N ILE B 26 -3.51 -4.37 -4.02
CA ILE B 26 -4.39 -5.49 -4.29
C ILE B 26 -3.72 -6.48 -5.23
N GLN B 27 -3.21 -5.97 -6.35
CA GLN B 27 -2.61 -6.79 -7.39
C GLN B 27 -1.58 -7.77 -6.83
N PHE B 28 -0.53 -7.25 -6.20
CA PHE B 28 0.55 -8.10 -5.71
C PHE B 28 0.15 -8.80 -4.42
N LEU B 29 -0.10 -8.02 -3.39
CA LEU B 29 -0.32 -8.56 -2.05
C LEU B 29 -1.46 -9.59 -2.01
N HIS B 30 -2.40 -9.53 -2.94
CA HIS B 30 -3.49 -10.50 -2.95
C HIS B 30 -3.10 -11.76 -3.74
N ASP B 31 -2.38 -11.57 -4.83
CA ASP B 31 -1.87 -12.68 -5.63
C ASP B 31 -0.83 -13.46 -4.84
N GLN B 32 0.10 -12.72 -4.28
CA GLN B 32 1.13 -13.27 -3.40
C GLN B 32 0.50 -13.94 -2.19
N LEU B 33 -0.66 -13.43 -1.76
CA LEU B 33 -1.36 -13.96 -0.60
C LEU B 33 -1.73 -15.42 -0.83
N ARG B 34 -2.19 -15.72 -2.04
CA ARG B 34 -2.58 -17.08 -2.39
C ARG B 34 -1.35 -17.95 -2.60
N HIS B 35 -0.22 -17.33 -2.92
CA HIS B 35 1.02 -18.06 -3.17
C HIS B 35 1.76 -18.36 -1.87
N GLY B 36 1.66 -17.45 -0.91
CA GLY B 36 2.29 -17.66 0.37
C GLY B 36 3.58 -16.86 0.53
N GLY B 37 3.56 -15.61 0.10
CA GLY B 37 4.75 -14.77 0.19
C GLY B 37 5.10 -14.41 1.62
N LEU B 38 4.19 -13.73 2.30
CA LEU B 38 4.41 -13.35 3.70
C LEU B 38 4.09 -14.51 4.63
N SER B 39 4.32 -14.30 5.93
CA SER B 39 4.09 -15.33 6.93
C SER B 39 2.59 -15.64 7.06
N SER B 40 2.27 -16.73 7.76
CA SER B 40 0.89 -17.18 7.89
C SER B 40 -0.03 -16.09 8.43
N ASP B 41 0.35 -15.51 9.57
CA ASP B 41 -0.45 -14.46 10.20
C ASP B 41 -0.47 -13.21 9.33
N ALA B 42 0.66 -12.93 8.69
CA ALA B 42 0.78 -11.78 7.80
C ALA B 42 -0.17 -11.92 6.63
N GLN B 43 -0.27 -13.14 6.10
CA GLN B 43 -1.17 -13.46 5.01
C GLN B 43 -2.60 -13.01 5.33
N GLU B 44 -3.18 -13.64 6.34
CA GLU B 44 -4.51 -13.30 6.82
C GLU B 44 -4.67 -11.79 7.03
N SER B 45 -3.62 -11.16 7.54
CA SER B 45 -3.65 -9.73 7.81
C SER B 45 -3.73 -8.91 6.51
N LEU B 46 -3.01 -9.33 5.48
CA LEU B 46 -3.04 -8.62 4.20
C LEU B 46 -4.42 -8.74 3.58
N GLU B 47 -5.05 -9.90 3.74
CA GLU B 47 -6.40 -10.12 3.26
C GLU B 47 -7.34 -9.05 3.80
N VAL B 48 -7.35 -8.92 5.12
CA VAL B 48 -8.17 -7.92 5.80
C VAL B 48 -7.89 -6.54 5.24
N ALA B 49 -6.60 -6.20 5.15
CA ALA B 49 -6.18 -4.90 4.68
C ALA B 49 -6.63 -4.63 3.26
N ILE B 50 -6.36 -5.59 2.38
CA ILE B 50 -6.68 -5.45 0.97
C ILE B 50 -8.18 -5.29 0.73
N GLN B 51 -8.98 -6.06 1.45
CA GLN B 51 -10.43 -5.96 1.33
C GLN B 51 -10.91 -4.58 1.76
N CYS B 52 -10.31 -4.08 2.83
CA CYS B 52 -10.62 -2.75 3.33
C CYS B 52 -10.16 -1.68 2.36
N LEU B 53 -8.95 -1.84 1.82
CA LEU B 53 -8.39 -0.90 0.87
C LEU B 53 -9.23 -0.82 -0.41
N GLU B 54 -9.59 -1.98 -0.94
CA GLU B 54 -10.41 -2.07 -2.14
C GLU B 54 -11.71 -1.29 -1.95
N THR B 55 -12.33 -1.49 -0.79
CA THR B 55 -13.59 -0.83 -0.49
C THR B 55 -13.37 0.65 -0.14
N ALA B 56 -12.25 0.93 0.51
CA ALA B 56 -11.92 2.30 0.91
C ALA B 56 -11.74 3.20 -0.30
N PHE B 57 -10.84 2.80 -1.19
CA PHE B 57 -10.57 3.58 -2.38
C PHE B 57 -11.66 3.40 -3.42
N GLY B 58 -12.33 2.25 -3.38
CA GLY B 58 -13.34 1.93 -4.35
C GLY B 58 -12.74 1.60 -5.70
N VAL B 59 -11.66 0.84 -5.68
CA VAL B 59 -10.92 0.54 -6.90
C VAL B 59 -11.01 -0.93 -7.27
N THR B 60 -10.89 -1.21 -8.56
CA THR B 60 -10.97 -2.57 -9.07
C THR B 60 -9.96 -2.77 -10.20
N VAL B 61 -10.05 -3.90 -10.92
CA VAL B 61 -9.17 -4.22 -12.04
C VAL B 61 -9.25 -3.16 -13.17
N GLU B 62 -10.23 -2.28 -13.07
CA GLU B 62 -10.38 -1.18 -14.02
C GLU B 62 -9.10 -0.32 -14.06
N ASP B 63 -8.33 -0.38 -12.97
CA ASP B 63 -7.08 0.36 -12.90
C ASP B 63 -6.04 -0.25 -13.85
N SER B 64 -6.18 -1.55 -14.13
CA SER B 64 -5.33 -2.19 -15.14
C SER B 64 -5.61 -1.61 -16.51
N ASP B 65 -6.85 -1.22 -16.73
CA ASP B 65 -7.22 -0.54 -17.99
C ASP B 65 -6.46 0.77 -18.14
N LEU B 66 -6.19 1.43 -17.01
CA LEU B 66 -5.42 2.65 -17.01
C LEU B 66 -4.02 2.45 -16.40
N ALA B 67 -3.50 1.21 -16.51
CA ALA B 67 -2.33 0.73 -15.73
C ALA B 67 -1.33 1.83 -15.34
N LEU B 68 -1.38 2.05 -14.07
CA LEU B 68 -0.84 3.13 -13.28
C LEU B 68 -0.05 2.49 -12.14
N PRO B 69 0.16 3.19 -11.02
CA PRO B 69 0.29 2.60 -9.66
C PRO B 69 -0.42 1.23 -9.43
N GLN B 70 -0.68 0.54 -10.52
CA GLN B 70 -1.00 -0.88 -10.59
C GLN B 70 0.21 -1.62 -10.06
N THR B 71 0.37 -2.95 -10.18
CA THR B 71 1.25 -3.59 -9.25
C THR B 71 2.61 -2.95 -9.35
N LEU B 72 3.08 -2.57 -8.18
CA LEU B 72 4.32 -1.87 -8.05
C LEU B 72 5.53 -2.75 -7.83
N PRO B 73 5.45 -3.88 -7.11
CA PRO B 73 6.64 -4.66 -6.68
C PRO B 73 7.86 -4.59 -7.63
N GLU B 74 7.64 -4.55 -8.94
CA GLU B 74 8.72 -4.30 -9.90
C GLU B 74 9.01 -2.76 -9.98
N ILE B 75 7.98 -1.97 -10.29
CA ILE B 75 8.04 -0.50 -10.19
C ILE B 75 8.70 -0.06 -8.88
N PHE B 76 8.19 -0.62 -7.78
CA PHE B 76 8.64 -0.31 -6.45
C PHE B 76 10.08 -0.70 -6.26
N GLU B 77 10.44 -1.90 -6.73
CA GLU B 77 11.81 -2.38 -6.66
C GLU B 77 12.75 -1.36 -7.28
N ALA B 78 12.20 -0.59 -8.21
CA ALA B 78 12.94 0.46 -8.89
C ALA B 78 12.87 1.78 -8.10
N ALA B 79 11.66 2.29 -7.88
CA ALA B 79 11.48 3.56 -7.16
C ALA B 79 12.11 3.52 -5.79
N ALA B 80 12.06 2.35 -5.18
CA ALA B 80 12.53 2.16 -3.82
C ALA B 80 14.04 2.28 -3.71
N THR B 81 14.74 1.71 -4.70
CA THR B 81 16.19 1.69 -4.68
C THR B 81 16.78 3.00 -5.19
N GLY B 82 16.09 3.64 -6.11
CA GLY B 82 16.56 4.91 -6.65
C GLY B 82 16.20 6.08 -5.77
N LYS B 83 16.60 6.01 -4.51
CA LYS B 83 16.35 7.08 -3.54
C LYS B 83 17.58 7.29 -2.67
N MET A 15 18.10 -6.04 1.58
CA MET A 15 17.33 -4.86 2.02
C MET A 15 15.89 -4.95 1.54
N ASP A 16 14.98 -5.11 2.48
CA ASP A 16 13.56 -5.24 2.16
C ASP A 16 12.97 -3.89 1.77
N ASN A 17 12.76 -3.70 0.48
CA ASN A 17 12.13 -2.48 -0.01
C ASN A 17 10.64 -2.49 0.29
N LYS A 18 10.12 -3.67 0.57
CA LYS A 18 8.69 -3.85 0.75
C LYS A 18 8.17 -3.24 2.06
N LYS A 19 9.06 -3.07 3.04
CA LYS A 19 8.68 -2.37 4.28
C LYS A 19 8.87 -0.87 4.12
N ARG A 20 9.70 -0.47 3.16
CA ARG A 20 9.84 0.95 2.82
C ARG A 20 8.62 1.36 2.00
N LEU A 21 8.21 0.46 1.12
CA LEU A 21 6.95 0.56 0.40
C LEU A 21 5.81 0.53 1.41
N ALA A 22 5.94 -0.35 2.38
CA ALA A 22 5.00 -0.45 3.48
C ALA A 22 4.92 0.86 4.25
N TYR A 23 6.09 1.41 4.54
CA TYR A 23 6.21 2.68 5.25
C TYR A 23 5.37 3.75 4.56
N ALA A 24 5.41 3.74 3.24
CA ALA A 24 4.62 4.64 2.42
C ALA A 24 3.14 4.55 2.74
N ILE A 25 2.68 3.33 2.85
CA ILE A 25 1.26 3.04 2.95
C ILE A 25 0.74 3.38 4.34
N ILE A 26 1.47 2.98 5.38
CA ILE A 26 1.07 3.33 6.74
C ILE A 26 1.15 4.85 6.92
N GLN A 27 2.26 5.45 6.48
CA GLN A 27 2.49 6.89 6.68
C GLN A 27 1.44 7.75 6.00
N PHE A 28 1.39 7.69 4.68
CA PHE A 28 0.52 8.55 3.89
C PHE A 28 -0.94 8.37 4.29
N LEU A 29 -1.37 7.12 4.30
CA LEU A 29 -2.73 6.80 4.68
C LEU A 29 -3.04 7.22 6.12
N HIS A 30 -2.03 7.23 6.99
CA HIS A 30 -2.21 7.66 8.37
C HIS A 30 -2.39 9.17 8.44
N ASP A 31 -1.59 9.91 7.67
CA ASP A 31 -1.71 11.36 7.60
C ASP A 31 -3.03 11.74 6.96
N GLN A 32 -3.38 11.06 5.88
CA GLN A 32 -4.67 11.25 5.23
C GLN A 32 -5.80 10.95 6.19
N LEU A 33 -5.58 9.93 7.03
CA LEU A 33 -6.56 9.49 8.00
C LEU A 33 -6.91 10.61 8.97
N ARG A 34 -5.91 11.37 9.36
CA ARG A 34 -6.10 12.45 10.32
C ARG A 34 -6.63 13.71 9.63
N HIS A 35 -6.56 13.73 8.30
CA HIS A 35 -7.02 14.89 7.54
C HIS A 35 -8.42 14.69 7.02
N GLY A 36 -8.79 13.44 6.77
CA GLY A 36 -10.12 13.12 6.28
C GLY A 36 -10.19 13.21 4.77
N GLY A 37 -9.18 12.68 4.10
CA GLY A 37 -9.09 12.78 2.66
C GLY A 37 -10.17 11.99 1.94
N LEU A 38 -10.38 10.75 2.36
CA LEU A 38 -11.34 9.87 1.69
C LEU A 38 -12.74 10.01 2.28
N SER A 39 -13.13 9.09 3.14
CA SER A 39 -14.47 9.09 3.72
C SER A 39 -14.42 8.65 5.19
N SER A 40 -15.49 8.90 5.92
CA SER A 40 -15.52 8.66 7.36
C SER A 40 -15.28 7.18 7.69
N ASP A 41 -16.11 6.30 7.15
CA ASP A 41 -15.99 4.86 7.42
C ASP A 41 -14.68 4.33 6.85
N ALA A 42 -14.28 4.89 5.73
CA ALA A 42 -13.01 4.55 5.10
C ALA A 42 -11.85 4.82 6.04
N GLN A 43 -11.95 5.93 6.77
CA GLN A 43 -10.95 6.32 7.75
C GLN A 43 -10.69 5.20 8.76
N GLU A 44 -11.70 4.93 9.59
CA GLU A 44 -11.61 3.87 10.59
C GLU A 44 -11.20 2.53 9.98
N SER A 45 -11.67 2.27 8.76
CA SER A 45 -11.34 1.03 8.08
C SER A 45 -9.86 0.94 7.73
N LEU A 46 -9.23 2.07 7.43
CA LEU A 46 -7.81 2.08 7.11
C LEU A 46 -6.99 1.77 8.35
N GLU A 47 -7.49 2.12 9.51
CA GLU A 47 -6.83 1.79 10.76
C GLU A 47 -6.74 0.27 10.89
N VAL A 48 -7.83 -0.41 10.49
CA VAL A 48 -7.86 -1.86 10.45
C VAL A 48 -6.87 -2.36 9.41
N ALA A 49 -6.94 -1.76 8.23
CA ALA A 49 -6.07 -2.13 7.11
C ALA A 49 -4.60 -2.01 7.49
N ILE A 50 -4.26 -0.89 8.10
CA ILE A 50 -2.89 -0.61 8.51
C ILE A 50 -2.35 -1.71 9.43
N GLN A 51 -3.14 -2.13 10.40
CA GLN A 51 -2.68 -3.13 11.36
C GLN A 51 -2.70 -4.53 10.76
N CYS A 52 -3.69 -4.83 9.94
CA CYS A 52 -3.73 -6.10 9.23
C CYS A 52 -2.55 -6.18 8.26
N LEU A 53 -2.26 -5.04 7.63
CA LEU A 53 -1.05 -4.91 6.85
C LEU A 53 0.16 -5.21 7.71
N GLU A 54 0.23 -4.55 8.87
CA GLU A 54 1.37 -4.70 9.78
C GLU A 54 1.56 -6.16 10.18
N THR A 55 0.48 -6.93 10.08
CA THR A 55 0.56 -8.36 10.33
C THR A 55 1.46 -9.04 9.31
N ALA A 56 1.29 -8.71 8.04
CA ALA A 56 2.24 -9.16 7.01
C ALA A 56 3.56 -8.44 7.23
N PHE A 57 3.57 -7.17 6.91
CA PHE A 57 4.51 -6.25 7.45
C PHE A 57 3.80 -4.97 7.76
N GLY A 58 3.06 -4.51 6.77
CA GLY A 58 2.54 -3.14 6.71
C GLY A 58 3.60 -2.08 6.85
N VAL A 59 4.63 -2.40 7.67
CA VAL A 59 6.00 -1.85 7.74
C VAL A 59 6.66 -2.69 8.82
N THR A 60 7.75 -2.25 9.34
CA THR A 60 8.03 -2.52 10.73
C THR A 60 8.52 -1.24 11.35
N VAL A 61 8.44 -1.10 12.66
CA VAL A 61 8.75 0.19 13.28
C VAL A 61 10.21 0.59 13.02
N GLU A 62 11.04 -0.40 12.77
CA GLU A 62 12.45 -0.18 12.48
C GLU A 62 12.65 0.54 11.14
N ASP A 63 11.69 0.39 10.23
CA ASP A 63 11.79 1.03 8.93
C ASP A 63 11.40 2.49 9.05
N SER A 64 10.47 2.77 9.95
CA SER A 64 10.08 4.14 10.25
C SER A 64 11.28 4.87 10.86
N ASP A 65 12.18 4.10 11.45
CA ASP A 65 13.39 4.64 12.04
C ASP A 65 14.42 5.01 10.98
N LEU A 66 14.47 4.23 9.89
CA LEU A 66 15.43 4.52 8.83
C LEU A 66 14.92 5.70 7.99
N ALA A 67 13.65 5.64 7.59
CA ALA A 67 12.99 6.69 6.80
C ALA A 67 13.80 7.12 5.58
N LEU A 68 13.24 6.87 4.40
CA LEU A 68 13.89 7.25 3.16
C LEU A 68 13.95 8.76 3.02
N PRO A 69 14.90 9.29 2.23
CA PRO A 69 15.10 10.74 2.05
C PRO A 69 13.79 11.49 1.87
N GLN A 70 12.95 11.01 0.95
CA GLN A 70 11.65 11.60 0.71
C GLN A 70 10.57 10.58 1.01
N THR A 71 9.34 11.04 1.11
CA THR A 71 8.22 10.16 1.31
C THR A 71 7.85 9.47 0.01
N LEU A 72 7.51 8.19 0.12
CA LEU A 72 7.21 7.34 -1.02
C LEU A 72 5.98 7.81 -1.81
N PRO A 73 4.88 8.26 -1.14
CA PRO A 73 3.75 8.89 -1.84
C PRO A 73 4.18 9.92 -2.89
N GLU A 74 5.25 10.65 -2.61
CA GLU A 74 5.77 11.64 -3.55
C GLU A 74 6.40 10.94 -4.76
N ILE A 75 7.09 9.85 -4.50
CA ILE A 75 7.66 9.03 -5.57
C ILE A 75 6.54 8.39 -6.37
N PHE A 76 5.46 8.03 -5.68
CA PHE A 76 4.32 7.40 -6.31
C PHE A 76 3.52 8.43 -7.11
N GLU A 77 3.78 9.70 -6.83
CA GLU A 77 3.17 10.80 -7.56
C GLU A 77 3.91 10.99 -8.90
N ALA A 78 5.22 10.89 -8.85
CA ALA A 78 6.04 11.12 -10.03
C ALA A 78 6.20 9.86 -10.88
N ALA A 79 6.56 8.76 -10.26
CA ALA A 79 6.87 7.53 -10.98
C ALA A 79 5.64 6.63 -11.15
N ALA A 80 4.94 6.38 -10.05
CA ALA A 80 3.84 5.40 -10.04
C ALA A 80 2.64 5.85 -10.88
N THR A 81 2.69 7.08 -11.39
CA THR A 81 1.62 7.58 -12.26
C THR A 81 1.62 6.84 -13.60
N GLY A 82 2.74 6.24 -13.94
CA GLY A 82 2.85 5.50 -15.18
C GLY A 82 4.17 4.75 -15.27
N LYS A 83 4.63 4.49 -16.48
CA LYS A 83 5.93 3.87 -16.67
C LYS A 83 6.91 4.90 -17.23
N MET B 15 -6.43 12.80 -12.71
CA MET B 15 -6.10 11.35 -12.74
C MET B 15 -5.58 10.90 -11.38
N ASP B 16 -6.38 10.09 -10.69
CA ASP B 16 -6.02 9.61 -9.36
C ASP B 16 -4.92 8.55 -9.45
N ASN B 17 -3.71 8.94 -9.11
CA ASN B 17 -2.59 8.00 -9.08
C ASN B 17 -2.69 7.08 -7.87
N LYS B 18 -3.49 7.51 -6.90
CA LYS B 18 -3.58 6.82 -5.63
C LYS B 18 -4.31 5.48 -5.76
N LYS B 19 -5.16 5.33 -6.77
CA LYS B 19 -5.79 4.04 -7.03
C LYS B 19 -4.91 3.16 -7.91
N ARG B 20 -3.98 3.78 -8.62
CA ARG B 20 -2.98 3.02 -9.36
C ARG B 20 -1.93 2.50 -8.38
N LEU B 21 -1.60 3.37 -7.42
CA LEU B 21 -0.81 2.99 -6.26
C LEU B 21 -1.56 1.93 -5.47
N ALA B 22 -2.86 2.14 -5.33
CA ALA B 22 -3.74 1.18 -4.69
C ALA B 22 -3.70 -0.16 -5.41
N TYR B 23 -3.79 -0.09 -6.74
CA TYR B 23 -3.74 -1.27 -7.60
C TYR B 23 -2.51 -2.10 -7.27
N ALA B 24 -1.40 -1.42 -7.05
CA ALA B 24 -0.15 -2.06 -6.68
C ALA B 24 -0.32 -2.92 -5.44
N ILE B 25 -1.00 -2.35 -4.46
CA ILE B 25 -1.07 -2.93 -3.13
C ILE B 25 -2.02 -4.12 -3.12
N ILE B 26 -3.19 -3.98 -3.74
CA ILE B 26 -4.12 -5.10 -3.84
C ILE B 26 -3.50 -6.22 -4.69
N GLN B 27 -2.94 -5.84 -5.84
CA GLN B 27 -2.38 -6.81 -6.78
C GLN B 27 -1.25 -7.64 -6.18
N PHE B 28 -0.14 -6.97 -5.86
CA PHE B 28 1.06 -7.64 -5.39
C PHE B 28 0.78 -8.45 -4.14
N LEU B 29 0.18 -7.81 -3.16
CA LEU B 29 -0.16 -8.48 -1.91
C LEU B 29 -1.13 -9.64 -2.14
N HIS B 30 -1.97 -9.55 -3.16
CA HIS B 30 -2.91 -10.63 -3.49
C HIS B 30 -2.16 -11.82 -4.10
N ASP B 31 -1.21 -11.53 -4.99
CA ASP B 31 -0.40 -12.59 -5.58
C ASP B 31 0.48 -13.22 -4.52
N GLN B 32 1.10 -12.39 -3.69
CA GLN B 32 1.89 -12.87 -2.56
C GLN B 32 1.02 -13.72 -1.64
N LEU B 33 -0.23 -13.30 -1.49
CA LEU B 33 -1.18 -13.97 -0.62
C LEU B 33 -1.39 -15.41 -1.06
N ARG B 34 -1.43 -15.63 -2.37
CA ARG B 34 -1.67 -16.96 -2.90
C ARG B 34 -0.37 -17.77 -2.96
N HIS B 35 0.76 -17.10 -2.77
CA HIS B 35 2.06 -17.77 -2.80
C HIS B 35 2.55 -18.10 -1.39
N GLY B 36 2.15 -17.28 -0.43
CA GLY B 36 2.55 -17.51 0.94
C GLY B 36 3.88 -16.86 1.26
N GLY B 37 4.06 -15.64 0.78
CA GLY B 37 5.34 -14.96 0.94
C GLY B 37 5.64 -14.60 2.38
N LEU B 38 4.67 -14.05 3.08
CA LEU B 38 4.89 -13.61 4.46
C LEU B 38 4.61 -14.73 5.46
N SER B 39 3.44 -14.68 6.10
CA SER B 39 3.10 -15.66 7.12
C SER B 39 1.63 -16.06 7.00
N SER B 40 1.25 -17.15 7.65
CA SER B 40 -0.11 -17.69 7.52
C SER B 40 -1.18 -16.71 7.98
N ASP B 41 -1.09 -16.26 9.22
CA ASP B 41 -2.07 -15.32 9.78
C ASP B 41 -2.01 -13.99 9.04
N ALA B 42 -0.79 -13.62 8.63
CA ALA B 42 -0.58 -12.42 7.84
C ALA B 42 -1.37 -12.47 6.54
N GLN B 43 -1.40 -13.66 5.94
CA GLN B 43 -2.14 -13.89 4.71
C GLN B 43 -3.60 -13.48 4.85
N GLU B 44 -4.34 -14.21 5.68
CA GLU B 44 -5.75 -13.92 5.92
C GLU B 44 -5.96 -12.48 6.37
N SER B 45 -5.01 -11.93 7.11
CA SER B 45 -5.11 -10.56 7.58
C SER B 45 -5.02 -9.55 6.42
N LEU B 46 -4.25 -9.89 5.40
CA LEU B 46 -4.13 -8.99 4.25
C LEU B 46 -5.43 -8.96 3.46
N GLU B 47 -6.17 -10.04 3.50
CA GLU B 47 -7.48 -10.08 2.86
C GLU B 47 -8.39 -9.04 3.51
N VAL B 48 -8.28 -8.93 4.83
CA VAL B 48 -9.00 -7.91 5.58
C VAL B 48 -8.48 -6.53 5.18
N ALA B 49 -7.15 -6.40 5.18
CA ALA B 49 -6.50 -5.14 4.84
C ALA B 49 -6.91 -4.66 3.46
N ILE B 50 -6.89 -5.56 2.50
CA ILE B 50 -7.25 -5.26 1.12
C ILE B 50 -8.64 -4.66 1.02
N GLN B 51 -9.61 -5.26 1.72
CA GLN B 51 -10.98 -4.79 1.63
C GLN B 51 -11.21 -3.52 2.45
N CYS B 52 -10.55 -3.43 3.60
CA CYS B 52 -10.59 -2.20 4.40
C CYS B 52 -9.94 -1.07 3.62
N LEU B 53 -8.86 -1.39 2.93
CA LEU B 53 -8.25 -0.48 1.98
C LEU B 53 -9.26 -0.07 0.95
N GLU B 54 -9.91 -1.07 0.33
CA GLU B 54 -10.88 -0.83 -0.74
C GLU B 54 -12.00 0.10 -0.26
N THR B 55 -12.20 0.14 1.05
CA THR B 55 -13.17 1.05 1.65
C THR B 55 -12.75 2.50 1.41
N ALA B 56 -11.46 2.80 1.64
CA ALA B 56 -10.93 4.12 1.25
C ALA B 56 -10.86 4.20 -0.26
N PHE B 57 -9.94 3.45 -0.84
CA PHE B 57 -10.11 3.00 -2.19
C PHE B 57 -9.59 1.58 -2.33
N GLY B 58 -8.48 1.38 -1.66
CA GLY B 58 -7.52 0.30 -1.89
C GLY B 58 -7.34 -0.14 -3.33
N VAL B 59 -8.25 0.29 -4.24
CA VAL B 59 -8.17 0.55 -5.69
C VAL B 59 -9.58 1.00 -6.03
N THR B 60 -9.92 1.03 -7.28
CA THR B 60 -11.27 0.64 -7.64
C THR B 60 -11.19 -0.33 -8.81
N VAL B 61 -12.23 -1.10 -9.06
CA VAL B 61 -12.13 -2.16 -10.07
C VAL B 61 -11.85 -1.56 -11.46
N GLU B 62 -12.25 -0.30 -11.63
CA GLU B 62 -12.03 0.40 -12.89
C GLU B 62 -10.55 0.65 -13.15
N ASP B 63 -9.76 0.72 -12.09
CA ASP B 63 -8.33 0.96 -12.23
C ASP B 63 -7.63 -0.32 -12.65
N SER B 64 -8.15 -1.44 -12.16
CA SER B 64 -7.66 -2.74 -12.57
C SER B 64 -7.91 -2.93 -14.06
N ASP B 65 -8.91 -2.22 -14.56
CA ASP B 65 -9.27 -2.27 -15.96
C ASP B 65 -8.28 -1.47 -16.80
N LEU B 66 -7.77 -0.37 -16.27
CA LEU B 66 -6.82 0.44 -17.03
C LEU B 66 -5.44 -0.20 -17.01
N ALA B 67 -5.01 -0.66 -15.83
CA ALA B 67 -3.72 -1.34 -15.63
C ALA B 67 -2.54 -0.63 -16.29
N LEU B 68 -1.62 -0.16 -15.47
CA LEU B 68 -0.44 0.54 -15.97
C LEU B 68 0.46 -0.42 -16.74
N PRO B 69 1.31 0.09 -17.65
CA PRO B 69 2.18 -0.74 -18.49
C PRO B 69 2.88 -1.86 -17.72
N GLN B 70 3.48 -1.50 -16.60
CA GLN B 70 4.14 -2.46 -15.73
C GLN B 70 3.48 -2.45 -14.37
N THR B 71 3.77 -3.47 -13.58
CA THR B 71 3.25 -3.51 -12.23
C THR B 71 4.04 -2.55 -11.34
N LEU B 72 3.32 -1.93 -10.41
CA LEU B 72 3.89 -0.93 -9.53
C LEU B 72 4.93 -1.50 -8.57
N PRO B 73 4.72 -2.71 -7.99
CA PRO B 73 5.75 -3.38 -7.20
C PRO B 73 7.13 -3.37 -7.87
N GLU B 74 7.16 -3.46 -9.19
CA GLU B 74 8.42 -3.43 -9.94
C GLU B 74 9.01 -2.02 -9.90
N ILE B 75 8.15 -1.01 -10.00
CA ILE B 75 8.57 0.37 -9.88
C ILE B 75 9.04 0.65 -8.45
N PHE B 76 8.38 0.00 -7.50
CA PHE B 76 8.72 0.16 -6.09
C PHE B 76 10.02 -0.58 -5.77
N GLU B 77 10.40 -1.48 -6.66
CA GLU B 77 11.65 -2.19 -6.55
C GLU B 77 12.81 -1.30 -7.01
N ALA B 78 12.58 -0.57 -8.09
CA ALA B 78 13.61 0.28 -8.68
C ALA B 78 13.67 1.65 -8.03
N ALA B 79 12.52 2.31 -7.92
CA ALA B 79 12.48 3.68 -7.43
C ALA B 79 12.29 3.77 -5.92
N ALA B 80 11.30 3.05 -5.41
CA ALA B 80 10.89 3.14 -3.99
C ALA B 80 11.98 2.65 -3.04
N THR B 81 13.03 2.04 -3.58
CA THR B 81 14.13 1.57 -2.75
C THR B 81 14.91 2.74 -2.13
N GLY B 82 14.75 3.92 -2.72
CA GLY B 82 15.41 5.11 -2.21
C GLY B 82 14.97 6.35 -2.95
N LYS B 83 15.81 7.37 -2.97
CA LYS B 83 15.50 8.56 -3.75
C LYS B 83 16.40 8.62 -4.97
#